data_2DJ1
#
_entry.id   2DJ1
#
_entity_poly.entity_id   1
_entity_poly.type   'polypeptide(L)'
_entity_poly.pdbx_seq_one_letter_code
;GSSGSSGDDDLEVKEENGVWVLNDGNFDNFVADKDTVLLEFYAPWCGHCKQFAPEYEKIASTLKDNDPPIAVAKIDATSA
SMLASKFDVSGYPTIKILKKGQAVDYDGSRTQEEIVAKVREVSQPDWTPPPEVTSGPSSG
;
_entity_poly.pdbx_strand_id   A
#
# COMPACT_ATOMS: atom_id res chain seq x y z
N GLY A 1 16.42 5.18 20.41
CA GLY A 1 15.50 6.25 20.07
C GLY A 1 16.10 7.62 20.27
N SER A 2 15.75 8.56 19.38
CA SER A 2 16.28 9.90 19.45
C SER A 2 17.76 9.93 19.12
N SER A 3 18.15 9.16 18.11
CA SER A 3 19.56 9.09 17.70
C SER A 3 19.91 10.25 16.77
N GLY A 4 19.07 10.46 15.75
CA GLY A 4 19.31 11.53 14.81
C GLY A 4 20.37 11.17 13.78
N SER A 5 20.09 10.15 12.97
CA SER A 5 21.02 9.71 11.95
C SER A 5 20.63 10.24 10.58
N SER A 6 21.07 11.46 10.28
CA SER A 6 20.76 12.09 9.00
C SER A 6 22.01 12.64 8.34
N GLY A 7 22.20 12.30 7.07
CA GLY A 7 23.37 12.77 6.34
C GLY A 7 23.44 12.18 4.94
N ASP A 8 23.49 10.87 4.85
CA ASP A 8 23.57 10.19 3.56
C ASP A 8 22.34 10.50 2.70
N ASP A 9 21.31 11.05 3.34
CA ASP A 9 20.08 11.41 2.64
C ASP A 9 19.54 10.22 1.86
N ASP A 10 19.47 9.07 2.52
CA ASP A 10 18.97 7.85 1.89
C ASP A 10 17.48 7.68 2.16
N LEU A 11 17.11 7.72 3.43
CA LEU A 11 15.70 7.57 3.83
C LEU A 11 14.83 8.64 3.19
N GLU A 12 14.32 8.35 2.00
CA GLU A 12 13.47 9.30 1.28
C GLU A 12 12.34 8.57 0.56
N VAL A 13 11.42 9.35 -0.02
CA VAL A 13 10.30 8.77 -0.74
C VAL A 13 9.72 9.78 -1.74
N LYS A 14 9.49 9.32 -2.97
CA LYS A 14 8.94 10.18 -4.00
C LYS A 14 7.45 9.90 -4.21
N GLU A 15 6.85 10.58 -5.18
CA GLU A 15 5.43 10.40 -5.47
C GLU A 15 5.12 10.82 -6.91
N GLU A 16 3.89 10.54 -7.35
CA GLU A 16 3.47 10.88 -8.70
C GLU A 16 1.99 11.24 -8.74
N ASN A 17 1.71 12.53 -8.87
CA ASN A 17 0.33 13.01 -8.92
C ASN A 17 -0.43 12.59 -7.66
N GLY A 18 0.30 12.44 -6.56
CA GLY A 18 -0.32 12.04 -5.30
C GLY A 18 -0.06 10.59 -4.97
N VAL A 19 0.59 9.87 -5.88
CA VAL A 19 0.90 8.47 -5.67
C VAL A 19 2.34 8.29 -5.18
N TRP A 20 2.50 8.05 -3.90
CA TRP A 20 3.82 7.86 -3.31
C TRP A 20 4.46 6.57 -3.79
N VAL A 21 5.79 6.54 -3.84
CA VAL A 21 6.51 5.35 -4.28
C VAL A 21 7.34 4.76 -3.15
N LEU A 22 6.90 3.63 -2.62
CA LEU A 22 7.60 2.96 -1.53
C LEU A 22 8.43 1.79 -2.06
N ASN A 23 9.44 1.40 -1.29
CA ASN A 23 10.31 0.30 -1.67
C ASN A 23 10.81 -0.46 -0.45
N ASP A 24 11.27 -1.69 -0.66
CA ASP A 24 11.78 -2.52 0.43
C ASP A 24 12.75 -1.72 1.30
N GLY A 25 13.28 -0.63 0.75
CA GLY A 25 14.21 0.20 1.49
C GLY A 25 13.51 1.25 2.35
N ASN A 26 12.40 1.77 1.84
CA ASN A 26 11.64 2.78 2.56
C ASN A 26 10.25 2.27 2.92
N PHE A 27 10.07 0.95 2.84
CA PHE A 27 8.79 0.33 3.16
C PHE A 27 8.40 0.62 4.59
N ASP A 28 9.11 0.02 5.54
CA ASP A 28 8.83 0.23 6.96
C ASP A 28 9.05 1.68 7.35
N ASN A 29 10.17 2.25 6.90
CA ASN A 29 10.50 3.63 7.22
C ASN A 29 9.29 4.55 7.00
N PHE A 30 8.44 4.16 6.04
CA PHE A 30 7.25 4.94 5.74
C PHE A 30 6.09 4.55 6.65
N VAL A 31 5.71 3.27 6.61
CA VAL A 31 4.62 2.77 7.42
C VAL A 31 5.00 2.74 8.90
N ALA A 32 6.23 3.15 9.20
CA ALA A 32 6.73 3.17 10.56
C ALA A 32 5.68 3.75 11.52
N ASP A 33 5.26 4.99 11.24
CA ASP A 33 4.27 5.64 12.07
C ASP A 33 2.96 5.85 11.30
N LYS A 34 2.46 4.78 10.71
CA LYS A 34 1.22 4.84 9.94
C LYS A 34 0.24 3.76 10.39
N ASP A 35 -0.99 4.17 10.68
CA ASP A 35 -2.02 3.24 11.12
C ASP A 35 -2.52 2.40 9.95
N THR A 36 -2.62 3.01 8.79
CA THR A 36 -3.09 2.31 7.59
C THR A 36 -2.41 2.85 6.34
N VAL A 37 -1.75 1.97 5.59
CA VAL A 37 -1.06 2.35 4.37
C VAL A 37 -1.50 1.50 3.20
N LEU A 38 -1.99 2.14 2.15
CA LEU A 38 -2.45 1.44 0.95
C LEU A 38 -1.28 1.14 0.02
N LEU A 39 -1.10 -0.14 -0.29
CA LEU A 39 -0.01 -0.56 -1.18
C LEU A 39 -0.58 -1.13 -2.49
N GLU A 40 -0.15 -0.55 -3.61
CA GLU A 40 -0.62 -1.00 -4.92
C GLU A 40 0.54 -1.60 -5.71
N PHE A 41 0.39 -2.87 -6.08
CA PHE A 41 1.42 -3.58 -6.84
C PHE A 41 1.13 -3.50 -8.33
N TYR A 42 2.18 -3.35 -9.14
CA TYR A 42 2.04 -3.27 -10.58
C TYR A 42 3.30 -3.76 -11.28
N ALA A 43 3.27 -3.78 -12.61
CA ALA A 43 4.41 -4.22 -13.40
C ALA A 43 4.58 -3.36 -14.65
N PRO A 44 5.85 -3.07 -15.01
CA PRO A 44 6.16 -2.26 -16.17
C PRO A 44 5.86 -2.98 -17.48
N TRP A 45 5.85 -4.30 -17.43
CA TRP A 45 5.56 -5.11 -18.62
C TRP A 45 4.08 -5.44 -18.71
N CYS A 46 3.30 -4.92 -17.76
CA CYS A 46 1.86 -5.15 -17.75
C CYS A 46 1.11 -3.95 -18.31
N GLY A 47 0.56 -4.11 -19.51
CA GLY A 47 -0.19 -3.02 -20.13
C GLY A 47 -1.49 -2.74 -19.43
N HIS A 48 -2.15 -3.79 -18.96
CA HIS A 48 -3.43 -3.65 -18.28
C HIS A 48 -3.32 -2.62 -17.15
N CYS A 49 -2.10 -2.37 -16.70
CA CYS A 49 -1.86 -1.41 -15.62
C CYS A 49 -1.94 0.02 -16.14
N LYS A 50 -1.50 0.22 -17.37
CA LYS A 50 -1.51 1.53 -17.99
C LYS A 50 -2.90 2.15 -17.90
N GLN A 51 -3.93 1.35 -18.13
CA GLN A 51 -5.30 1.83 -18.08
C GLN A 51 -5.69 2.21 -16.65
N PHE A 52 -5.01 1.61 -15.68
CA PHE A 52 -5.29 1.89 -14.28
C PHE A 52 -4.41 3.02 -13.76
N ALA A 53 -3.26 3.21 -14.40
CA ALA A 53 -2.34 4.26 -14.01
C ALA A 53 -3.08 5.51 -13.56
N PRO A 54 -3.89 6.09 -14.47
CA PRO A 54 -4.67 7.30 -14.18
C PRO A 54 -5.81 7.03 -13.21
N GLU A 55 -6.37 5.82 -13.27
CA GLU A 55 -7.47 5.44 -12.39
C GLU A 55 -7.03 5.48 -10.93
N TYR A 56 -5.78 5.09 -10.68
CA TYR A 56 -5.25 5.08 -9.32
C TYR A 56 -5.00 6.50 -8.83
N GLU A 57 -4.19 7.25 -9.57
CA GLU A 57 -3.87 8.62 -9.20
C GLU A 57 -5.09 9.34 -8.65
N LYS A 58 -6.19 9.28 -9.40
CA LYS A 58 -7.43 9.92 -8.99
C LYS A 58 -7.81 9.51 -7.57
N ILE A 59 -7.67 8.23 -7.27
CA ILE A 59 -7.99 7.71 -5.95
C ILE A 59 -7.14 8.37 -4.88
N ALA A 60 -5.83 8.37 -5.08
CA ALA A 60 -4.91 8.97 -4.13
C ALA A 60 -5.50 10.23 -3.51
N SER A 61 -5.77 11.23 -4.34
CA SER A 61 -6.34 12.49 -3.88
C SER A 61 -7.55 12.25 -2.99
N THR A 62 -8.48 11.43 -3.48
CA THR A 62 -9.68 11.10 -2.73
C THR A 62 -9.36 10.72 -1.29
N LEU A 63 -8.59 9.64 -1.14
CA LEU A 63 -8.20 9.17 0.19
C LEU A 63 -7.22 10.13 0.85
N LYS A 64 -6.75 11.10 0.08
CA LYS A 64 -5.80 12.10 0.59
C LYS A 64 -6.49 13.04 1.57
N ASP A 65 -7.58 13.66 1.13
CA ASP A 65 -8.33 14.60 1.97
C ASP A 65 -9.42 13.86 2.74
N ASN A 66 -9.30 12.54 2.84
CA ASN A 66 -10.28 11.73 3.54
C ASN A 66 -9.95 11.67 5.03
N ASP A 67 -10.91 11.18 5.83
CA ASP A 67 -10.73 11.08 7.26
C ASP A 67 -11.11 9.68 7.76
N PRO A 68 -10.16 9.01 8.43
CA PRO A 68 -8.83 9.57 8.69
C PRO A 68 -7.99 9.69 7.42
N PRO A 69 -6.91 10.48 7.51
CA PRO A 69 -6.00 10.68 6.38
C PRO A 69 -5.18 9.43 6.04
N ILE A 70 -5.21 9.03 4.77
CA ILE A 70 -4.48 7.86 4.33
C ILE A 70 -3.45 8.22 3.26
N ALA A 71 -2.33 7.51 3.26
CA ALA A 71 -1.28 7.75 2.29
C ALA A 71 -1.25 6.67 1.21
N VAL A 72 -1.71 7.03 0.01
CA VAL A 72 -1.75 6.09 -1.10
C VAL A 72 -0.40 6.01 -1.81
N ALA A 73 0.16 4.81 -1.87
CA ALA A 73 1.44 4.60 -2.52
C ALA A 73 1.44 3.32 -3.35
N LYS A 74 2.39 3.22 -4.28
CA LYS A 74 2.50 2.04 -5.13
C LYS A 74 3.89 1.43 -5.03
N ILE A 75 4.01 0.18 -5.48
CA ILE A 75 5.30 -0.52 -5.44
C ILE A 75 5.45 -1.44 -6.65
N ASP A 76 6.63 -1.45 -7.23
CA ASP A 76 6.92 -2.28 -8.40
C ASP A 76 7.40 -3.66 -7.96
N ALA A 77 6.45 -4.54 -7.64
CA ALA A 77 6.78 -5.90 -7.21
C ALA A 77 7.98 -6.43 -7.98
N THR A 78 7.97 -6.27 -9.30
CA THR A 78 9.06 -6.74 -10.14
C THR A 78 10.41 -6.31 -9.59
N SER A 79 10.50 -5.06 -9.15
CA SER A 79 11.73 -4.52 -8.60
C SER A 79 11.88 -4.90 -7.13
N ALA A 80 10.76 -4.93 -6.42
CA ALA A 80 10.76 -5.29 -5.01
C ALA A 80 10.37 -6.75 -4.80
N SER A 81 11.36 -7.61 -4.63
CA SER A 81 11.12 -9.04 -4.44
C SER A 81 10.65 -9.31 -3.02
N MET A 82 11.41 -8.83 -2.04
CA MET A 82 11.07 -9.02 -0.64
C MET A 82 9.60 -8.71 -0.39
N LEU A 83 9.20 -7.49 -0.71
CA LEU A 83 7.82 -7.06 -0.51
C LEU A 83 6.86 -7.94 -1.31
N ALA A 84 7.23 -8.23 -2.56
CA ALA A 84 6.41 -9.07 -3.42
C ALA A 84 6.08 -10.40 -2.75
N SER A 85 7.09 -11.03 -2.17
CA SER A 85 6.93 -12.31 -1.51
C SER A 85 6.15 -12.14 -0.19
N LYS A 86 6.32 -10.98 0.43
CA LYS A 86 5.64 -10.69 1.69
C LYS A 86 4.14 -10.89 1.55
N PHE A 87 3.55 -10.20 0.58
CA PHE A 87 2.11 -10.30 0.35
C PHE A 87 1.80 -11.33 -0.73
N ASP A 88 2.69 -12.30 -0.86
CA ASP A 88 2.51 -13.37 -1.86
C ASP A 88 1.92 -12.81 -3.15
N VAL A 89 2.45 -11.67 -3.59
CA VAL A 89 1.98 -11.03 -4.81
C VAL A 89 2.34 -11.86 -6.05
N SER A 90 1.49 -12.80 -6.40
CA SER A 90 1.72 -13.66 -7.56
C SER A 90 0.91 -13.19 -8.76
N GLY A 91 0.73 -11.88 -8.86
CA GLY A 91 -0.02 -11.31 -9.97
C GLY A 91 -0.13 -9.80 -9.90
N TYR A 92 -0.64 -9.19 -10.96
CA TYR A 92 -0.80 -7.75 -11.01
C TYR A 92 -1.82 -7.34 -12.07
N PRO A 93 -2.48 -6.20 -11.86
CA PRO A 93 -2.25 -5.37 -10.67
C PRO A 93 -2.78 -6.02 -9.40
N THR A 94 -2.03 -5.88 -8.31
CA THR A 94 -2.41 -6.46 -7.04
C THR A 94 -2.50 -5.39 -5.95
N ILE A 95 -3.70 -5.15 -5.46
CA ILE A 95 -3.93 -4.16 -4.41
C ILE A 95 -3.90 -4.80 -3.02
N LYS A 96 -3.27 -4.11 -2.08
CA LYS A 96 -3.18 -4.61 -0.71
C LYS A 96 -3.25 -3.47 0.29
N ILE A 97 -3.42 -3.81 1.57
CA ILE A 97 -3.50 -2.80 2.62
C ILE A 97 -2.67 -3.22 3.84
N LEU A 98 -2.05 -2.23 4.48
CA LEU A 98 -1.23 -2.49 5.66
C LEU A 98 -1.84 -1.87 6.90
N LYS A 99 -2.18 -2.70 7.87
CA LYS A 99 -2.77 -2.23 9.12
C LYS A 99 -1.83 -2.48 10.30
N LYS A 100 -1.23 -1.41 10.81
CA LYS A 100 -0.31 -1.51 11.95
C LYS A 100 0.63 -2.69 11.76
N GLY A 101 0.89 -3.05 10.52
CA GLY A 101 1.78 -4.17 10.24
C GLY A 101 1.03 -5.44 9.87
N GLN A 102 -0.24 -5.28 9.51
CA GLN A 102 -1.07 -6.44 9.14
C GLN A 102 -1.51 -6.33 7.69
N ALA A 103 -1.09 -7.32 6.88
CA ALA A 103 -1.44 -7.34 5.47
C ALA A 103 -2.89 -7.78 5.27
N VAL A 104 -3.69 -6.93 4.65
CA VAL A 104 -5.09 -7.23 4.40
C VAL A 104 -5.36 -7.40 2.91
N ASP A 105 -5.49 -8.65 2.47
CA ASP A 105 -5.76 -8.94 1.07
C ASP A 105 -7.11 -8.38 0.64
N TYR A 106 -7.13 -7.71 -0.50
CA TYR A 106 -8.36 -7.12 -1.02
C TYR A 106 -9.10 -8.11 -1.92
N ASP A 107 -10.40 -7.91 -2.06
CA ASP A 107 -11.22 -8.78 -2.90
C ASP A 107 -12.46 -8.05 -3.40
N GLY A 108 -12.53 -7.86 -4.71
CA GLY A 108 -13.67 -7.17 -5.30
C GLY A 108 -13.27 -6.32 -6.49
N SER A 109 -14.25 -5.59 -7.04
CA SER A 109 -14.00 -4.73 -8.19
C SER A 109 -13.09 -3.57 -7.81
N ARG A 110 -11.87 -3.59 -8.34
CA ARG A 110 -10.90 -2.54 -8.05
C ARG A 110 -11.33 -1.22 -8.69
N THR A 111 -12.24 -0.52 -8.02
CA THR A 111 -12.73 0.76 -8.53
C THR A 111 -12.49 1.88 -7.53
N GLN A 112 -12.52 3.12 -8.02
CA GLN A 112 -12.29 4.28 -7.16
C GLN A 112 -13.24 4.26 -5.97
N GLU A 113 -14.44 3.71 -6.18
CA GLU A 113 -15.43 3.63 -5.12
C GLU A 113 -15.17 2.44 -4.20
N GLU A 114 -15.03 1.26 -4.80
CA GLU A 114 -14.77 0.04 -4.03
C GLU A 114 -13.43 0.13 -3.31
N ILE A 115 -12.36 0.28 -4.06
CA ILE A 115 -11.02 0.38 -3.49
C ILE A 115 -11.02 1.30 -2.27
N VAL A 116 -11.63 2.46 -2.41
CA VAL A 116 -11.70 3.43 -1.32
C VAL A 116 -12.49 2.86 -0.15
N ALA A 117 -13.66 2.30 -0.43
CA ALA A 117 -14.51 1.73 0.60
C ALA A 117 -13.69 0.88 1.58
N LYS A 118 -13.02 -0.14 1.05
CA LYS A 118 -12.20 -1.02 1.87
C LYS A 118 -11.14 -0.23 2.64
N VAL A 119 -10.27 0.45 1.90
CA VAL A 119 -9.22 1.25 2.50
C VAL A 119 -9.77 2.19 3.58
N ARG A 120 -10.55 3.17 3.15
CA ARG A 120 -11.15 4.12 4.07
C ARG A 120 -11.89 3.40 5.19
N GLU A 121 -12.38 2.20 4.91
CA GLU A 121 -13.10 1.41 5.90
C GLU A 121 -12.14 0.81 6.92
N VAL A 122 -10.97 0.38 6.44
CA VAL A 122 -9.96 -0.23 7.31
C VAL A 122 -9.27 0.83 8.16
N SER A 123 -9.08 2.03 7.58
CA SER A 123 -8.43 3.12 8.29
C SER A 123 -9.10 3.37 9.64
N GLN A 124 -10.39 3.07 9.72
CA GLN A 124 -11.15 3.28 10.95
C GLN A 124 -10.51 2.52 12.11
N PRO A 125 -10.53 3.15 13.30
CA PRO A 125 -9.96 2.55 14.51
C PRO A 125 -10.75 1.36 15.01
N ASP A 126 -12.04 1.34 14.68
CA ASP A 126 -12.92 0.25 15.10
C ASP A 126 -12.74 -0.97 14.20
N TRP A 127 -12.50 -0.72 12.91
CA TRP A 127 -12.31 -1.80 11.95
C TRP A 127 -11.30 -2.82 12.48
N THR A 128 -11.61 -4.11 12.27
CA THR A 128 -10.73 -5.17 12.73
C THR A 128 -10.59 -6.25 11.66
N PRO A 129 -9.41 -6.90 11.62
CA PRO A 129 -9.13 -7.96 10.65
C PRO A 129 -9.91 -9.24 10.93
N PRO A 130 -10.62 -9.73 9.91
CA PRO A 130 -11.43 -10.94 10.02
C PRO A 130 -10.58 -12.20 10.17
N PRO A 131 -11.23 -13.32 10.52
CA PRO A 131 -10.54 -14.60 10.70
C PRO A 131 -10.06 -15.19 9.39
N GLU A 132 -9.63 -16.45 9.42
CA GLU A 132 -9.14 -17.12 8.23
C GLU A 132 -7.96 -16.36 7.62
N VAL A 133 -6.99 -16.03 8.46
CA VAL A 133 -5.81 -15.30 8.02
C VAL A 133 -5.00 -16.13 7.01
N THR A 134 -4.37 -15.45 6.06
CA THR A 134 -3.58 -16.11 5.04
C THR A 134 -2.12 -16.23 5.48
N SER A 135 -1.58 -15.15 6.04
CA SER A 135 -0.20 -15.13 6.49
C SER A 135 -0.06 -14.25 7.74
N GLY A 136 0.74 -14.73 8.70
CA GLY A 136 0.95 -13.98 9.92
C GLY A 136 2.40 -13.96 10.35
N PRO A 137 3.19 -13.04 9.75
CA PRO A 137 4.61 -12.90 10.07
C PRO A 137 4.85 -12.35 11.46
N SER A 138 5.02 -13.25 12.43
CA SER A 138 5.26 -12.85 13.81
C SER A 138 4.46 -11.60 14.17
N SER A 139 3.20 -11.58 13.72
CA SER A 139 2.32 -10.44 13.98
C SER A 139 2.32 -10.08 15.47
N GLY A 140 3.08 -9.06 15.82
CA GLY A 140 3.17 -8.64 17.21
C GLY A 140 4.55 -8.16 17.59
N GLY A 1 29.71 22.87 10.99
CA GLY A 1 29.08 23.56 9.88
C GLY A 1 27.78 24.24 10.28
N SER A 2 27.44 25.32 9.59
CA SER A 2 26.23 26.07 9.88
C SER A 2 25.00 25.16 9.77
N SER A 3 24.93 24.40 8.69
CA SER A 3 23.81 23.48 8.47
C SER A 3 23.58 22.60 9.68
N GLY A 4 24.62 21.84 10.06
CA GLY A 4 24.50 20.95 11.20
C GLY A 4 24.93 19.54 10.87
N SER A 5 24.57 18.60 11.75
CA SER A 5 24.93 17.19 11.54
C SER A 5 23.82 16.46 10.78
N SER A 6 22.59 16.63 11.22
CA SER A 6 21.44 15.98 10.59
C SER A 6 21.38 16.34 9.10
N GLY A 7 20.63 15.55 8.35
CA GLY A 7 20.49 15.80 6.93
C GLY A 7 20.91 14.60 6.08
N ASP A 8 21.40 14.88 4.89
CA ASP A 8 21.83 13.82 3.98
C ASP A 8 20.92 12.61 4.08
N ASP A 9 19.61 12.86 4.11
CA ASP A 9 18.63 11.79 4.20
C ASP A 9 19.02 10.62 3.32
N ASP A 10 18.85 9.41 3.84
CA ASP A 10 19.19 8.19 3.10
C ASP A 10 17.95 7.57 2.47
N LEU A 11 16.95 7.28 3.30
CA LEU A 11 15.71 6.67 2.82
C LEU A 11 14.71 7.75 2.44
N GLU A 12 14.77 8.20 1.19
CA GLU A 12 13.86 9.23 0.69
C GLU A 12 12.67 8.61 -0.03
N VAL A 13 11.59 9.37 -0.14
CA VAL A 13 10.38 8.88 -0.79
C VAL A 13 9.80 9.95 -1.72
N LYS A 14 9.57 9.57 -2.97
CA LYS A 14 9.01 10.49 -3.96
C LYS A 14 7.50 10.32 -4.07
N GLU A 15 6.90 11.04 -5.02
CA GLU A 15 5.46 10.97 -5.22
C GLU A 15 5.10 11.31 -6.67
N GLU A 16 4.00 10.73 -7.15
CA GLU A 16 3.55 10.97 -8.52
C GLU A 16 2.06 11.26 -8.55
N ASN A 17 1.71 12.53 -8.74
CA ASN A 17 0.31 12.94 -8.80
C ASN A 17 -0.44 12.49 -7.55
N GLY A 18 0.27 12.47 -6.42
CA GLY A 18 -0.34 12.05 -5.17
C GLY A 18 -0.02 10.61 -4.81
N VAL A 19 0.54 9.88 -5.76
CA VAL A 19 0.90 8.49 -5.55
C VAL A 19 2.31 8.36 -5.00
N TRP A 20 2.42 8.10 -3.70
CA TRP A 20 3.73 7.96 -3.06
C TRP A 20 4.42 6.68 -3.52
N VAL A 21 5.67 6.81 -3.95
CA VAL A 21 6.45 5.67 -4.42
C VAL A 21 7.22 5.03 -3.28
N LEU A 22 6.82 3.83 -2.88
CA LEU A 22 7.48 3.12 -1.80
C LEU A 22 8.35 1.98 -2.35
N ASN A 23 9.27 1.50 -1.52
CA ASN A 23 10.16 0.41 -1.92
C ASN A 23 10.69 -0.32 -0.70
N ASP A 24 11.29 -1.49 -0.94
CA ASP A 24 11.84 -2.30 0.14
C ASP A 24 12.85 -1.49 0.96
N GLY A 25 13.27 -0.35 0.42
CA GLY A 25 14.22 0.50 1.10
C GLY A 25 13.55 1.52 2.00
N ASN A 26 12.38 2.00 1.58
CA ASN A 26 11.65 2.99 2.35
C ASN A 26 10.28 2.45 2.76
N PHE A 27 10.10 1.14 2.61
CA PHE A 27 8.83 0.50 2.96
C PHE A 27 8.50 0.72 4.43
N ASP A 28 9.32 0.15 5.31
CA ASP A 28 9.11 0.29 6.75
C ASP A 28 9.24 1.74 7.18
N ASN A 29 10.30 2.40 6.72
CA ASN A 29 10.54 3.80 7.06
C ASN A 29 9.29 4.64 6.84
N PHE A 30 8.45 4.20 5.90
CA PHE A 30 7.22 4.91 5.59
C PHE A 30 6.09 4.47 6.51
N VAL A 31 5.77 3.18 6.48
CA VAL A 31 4.71 2.63 7.30
C VAL A 31 5.08 2.67 8.78
N ALA A 32 6.33 3.07 9.06
CA ALA A 32 6.81 3.16 10.43
C ALA A 32 5.95 4.11 11.25
N ASP A 33 5.58 5.23 10.65
CA ASP A 33 4.76 6.23 11.32
C ASP A 33 3.42 6.41 10.61
N LYS A 34 2.78 5.29 10.27
CA LYS A 34 1.50 5.32 9.57
C LYS A 34 0.64 4.13 9.98
N ASP A 35 -0.49 4.41 10.64
CA ASP A 35 -1.39 3.36 11.07
C ASP A 35 -1.93 2.57 9.88
N THR A 36 -2.36 3.29 8.85
CA THR A 36 -2.90 2.65 7.66
C THR A 36 -2.15 3.11 6.41
N VAL A 37 -1.62 2.16 5.65
CA VAL A 37 -0.88 2.48 4.44
C VAL A 37 -1.34 1.60 3.28
N LEU A 38 -1.86 2.23 2.23
CA LEU A 38 -2.33 1.50 1.06
C LEU A 38 -1.19 1.25 0.07
N LEU A 39 -1.00 -0.01 -0.29
CA LEU A 39 0.05 -0.39 -1.24
C LEU A 39 -0.54 -1.10 -2.45
N GLU A 40 -0.03 -0.74 -3.64
CA GLU A 40 -0.51 -1.34 -4.88
C GLU A 40 0.66 -1.84 -5.71
N PHE A 41 0.60 -3.11 -6.10
CA PHE A 41 1.65 -3.72 -6.90
C PHE A 41 1.30 -3.68 -8.38
N TYR A 42 2.30 -3.40 -9.22
CA TYR A 42 2.10 -3.33 -10.66
C TYR A 42 3.31 -3.87 -11.42
N ALA A 43 3.18 -3.97 -12.73
CA ALA A 43 4.27 -4.47 -13.57
C ALA A 43 4.45 -3.60 -14.81
N PRO A 44 5.71 -3.35 -15.17
CA PRO A 44 6.06 -2.54 -16.35
C PRO A 44 5.71 -3.23 -17.66
N TRP A 45 5.74 -4.56 -17.65
CA TRP A 45 5.41 -5.34 -18.84
C TRP A 45 3.92 -5.58 -18.94
N CYS A 46 3.17 -5.11 -17.95
CA CYS A 46 1.72 -5.28 -17.93
C CYS A 46 1.02 -4.01 -18.40
N GLY A 47 0.80 -3.90 -19.70
CA GLY A 47 0.14 -2.74 -20.25
C GLY A 47 -1.23 -2.50 -19.65
N HIS A 48 -1.83 -3.57 -19.12
CA HIS A 48 -3.15 -3.48 -18.51
C HIS A 48 -3.19 -2.40 -17.44
N CYS A 49 -2.13 -2.34 -16.64
CA CYS A 49 -2.04 -1.35 -15.56
C CYS A 49 -2.02 0.07 -16.14
N LYS A 50 -1.70 0.18 -17.42
CA LYS A 50 -1.64 1.47 -18.09
C LYS A 50 -2.99 2.18 -18.02
N GLN A 51 -4.05 1.46 -18.37
CA GLN A 51 -5.40 2.04 -18.35
C GLN A 51 -5.83 2.34 -16.92
N PHE A 52 -5.20 1.67 -15.96
CA PHE A 52 -5.52 1.87 -14.55
C PHE A 52 -4.55 2.86 -13.91
N ALA A 53 -3.40 3.05 -14.55
CA ALA A 53 -2.38 3.98 -14.04
C ALA A 53 -3.01 5.29 -13.62
N PRO A 54 -3.64 5.99 -14.58
CA PRO A 54 -4.29 7.28 -14.33
C PRO A 54 -5.55 7.14 -13.48
N GLU A 55 -6.04 5.91 -13.35
CA GLU A 55 -7.23 5.65 -12.56
C GLU A 55 -6.89 5.53 -11.08
N TYR A 56 -5.64 5.19 -10.79
CA TYR A 56 -5.18 5.04 -9.42
C TYR A 56 -4.85 6.40 -8.80
N GLU A 57 -3.98 7.15 -9.48
CA GLU A 57 -3.57 8.47 -9.00
C GLU A 57 -4.78 9.27 -8.53
N LYS A 58 -5.92 9.04 -9.16
CA LYS A 58 -7.16 9.74 -8.82
C LYS A 58 -7.59 9.39 -7.40
N ILE A 59 -7.44 8.12 -7.03
CA ILE A 59 -7.82 7.66 -5.69
C ILE A 59 -7.00 8.36 -4.62
N ALA A 60 -5.74 8.63 -4.93
CA ALA A 60 -4.85 9.31 -3.99
C ALA A 60 -5.51 10.55 -3.41
N SER A 61 -5.81 11.52 -4.26
CA SER A 61 -6.44 12.76 -3.82
C SER A 61 -7.71 12.47 -3.01
N THR A 62 -8.48 11.49 -3.46
CA THR A 62 -9.71 11.11 -2.78
C THR A 62 -9.45 10.81 -1.31
N LEU A 63 -8.62 9.81 -1.05
CA LEU A 63 -8.29 9.42 0.31
C LEU A 63 -7.48 10.50 1.01
N LYS A 64 -6.72 11.26 0.23
CA LYS A 64 -5.90 12.34 0.77
C LYS A 64 -6.70 13.19 1.76
N ASP A 65 -7.92 13.54 1.35
CA ASP A 65 -8.78 14.36 2.20
C ASP A 65 -9.50 13.50 3.23
N ASN A 66 -9.78 12.26 2.87
CA ASN A 66 -10.46 11.32 3.76
C ASN A 66 -9.92 11.44 5.18
N ASP A 67 -10.73 11.05 6.16
CA ASP A 67 -10.34 11.10 7.56
C ASP A 67 -10.37 9.72 8.20
N PRO A 68 -9.23 9.30 8.75
CA PRO A 68 -8.00 10.11 8.76
C PRO A 68 -7.39 10.24 7.37
N PRO A 69 -6.42 11.16 7.24
CA PRO A 69 -5.74 11.42 5.97
C PRO A 69 -4.83 10.26 5.56
N ILE A 70 -5.35 9.38 4.70
CA ILE A 70 -4.58 8.23 4.23
C ILE A 70 -3.68 8.61 3.05
N ALA A 71 -2.62 7.84 2.85
CA ALA A 71 -1.70 8.09 1.76
C ALA A 71 -1.57 6.88 0.86
N VAL A 72 -1.91 7.05 -0.42
CA VAL A 72 -1.84 5.96 -1.39
C VAL A 72 -0.44 5.86 -1.99
N ALA A 73 0.06 4.63 -2.12
CA ALA A 73 1.38 4.40 -2.69
C ALA A 73 1.38 3.19 -3.60
N LYS A 74 2.48 2.98 -4.32
CA LYS A 74 2.61 1.85 -5.23
C LYS A 74 4.00 1.25 -5.16
N ILE A 75 4.12 -0.02 -5.57
CA ILE A 75 5.40 -0.70 -5.55
C ILE A 75 5.55 -1.62 -6.77
N ASP A 76 6.76 -1.64 -7.34
CA ASP A 76 7.02 -2.47 -8.50
C ASP A 76 7.52 -3.86 -8.08
N ALA A 77 6.58 -4.78 -7.88
CA ALA A 77 6.91 -6.14 -7.48
C ALA A 77 8.17 -6.62 -8.18
N THR A 78 8.23 -6.44 -9.50
CA THR A 78 9.38 -6.86 -10.29
C THR A 78 10.69 -6.43 -9.62
N SER A 79 10.71 -5.22 -9.10
CA SER A 79 11.90 -4.69 -8.44
C SER A 79 11.96 -5.17 -6.99
N ALA A 80 10.81 -5.21 -6.33
CA ALA A 80 10.74 -5.64 -4.94
C ALA A 80 10.32 -7.11 -4.84
N SER A 81 11.28 -7.96 -4.50
CA SER A 81 11.01 -9.40 -4.38
C SER A 81 10.51 -9.75 -2.98
N MET A 82 11.21 -9.23 -1.97
CA MET A 82 10.85 -9.48 -0.58
C MET A 82 9.40 -9.07 -0.32
N LEU A 83 9.12 -7.78 -0.49
CA LEU A 83 7.76 -7.27 -0.27
C LEU A 83 6.74 -8.07 -1.07
N ALA A 84 7.07 -8.39 -2.31
CA ALA A 84 6.18 -9.15 -3.18
C ALA A 84 5.78 -10.47 -2.52
N SER A 85 6.77 -11.24 -2.09
CA SER A 85 6.52 -12.52 -1.45
C SER A 85 5.76 -12.34 -0.14
N LYS A 86 5.99 -11.20 0.52
CA LYS A 86 5.33 -10.89 1.78
C LYS A 86 3.80 -10.97 1.62
N PHE A 87 3.27 -10.23 0.67
CA PHE A 87 1.84 -10.21 0.41
C PHE A 87 1.46 -11.23 -0.65
N ASP A 88 2.25 -12.30 -0.75
CA ASP A 88 2.00 -13.35 -1.73
C ASP A 88 1.53 -12.76 -3.05
N VAL A 89 2.22 -11.72 -3.51
CA VAL A 89 1.88 -11.07 -4.76
C VAL A 89 2.24 -11.94 -5.96
N SER A 90 1.26 -12.66 -6.49
CA SER A 90 1.47 -13.53 -7.63
C SER A 90 0.60 -13.11 -8.81
N GLY A 91 0.51 -11.81 -9.04
CA GLY A 91 -0.29 -11.29 -10.13
C GLY A 91 -0.44 -9.79 -10.09
N TYR A 92 -0.98 -9.21 -11.16
CA TYR A 92 -1.18 -7.78 -11.24
C TYR A 92 -2.21 -7.42 -12.31
N PRO A 93 -2.87 -6.28 -12.13
CA PRO A 93 -2.63 -5.38 -10.99
C PRO A 93 -3.11 -5.98 -9.67
N THR A 94 -2.43 -5.63 -8.58
CA THR A 94 -2.79 -6.13 -7.27
C THR A 94 -2.77 -5.02 -6.22
N ILE A 95 -3.77 -5.02 -5.35
CA ILE A 95 -3.86 -3.99 -4.30
C ILE A 95 -3.83 -4.63 -2.92
N LYS A 96 -3.23 -3.94 -1.96
CA LYS A 96 -3.14 -4.43 -0.60
C LYS A 96 -3.29 -3.29 0.40
N ILE A 97 -3.52 -3.65 1.66
CA ILE A 97 -3.68 -2.65 2.72
C ILE A 97 -2.87 -3.02 3.96
N LEU A 98 -2.07 -2.07 4.44
CA LEU A 98 -1.24 -2.29 5.62
C LEU A 98 -1.85 -1.62 6.84
N LYS A 99 -2.08 -2.41 7.89
CA LYS A 99 -2.65 -1.88 9.14
C LYS A 99 -1.71 -2.11 10.30
N LYS A 100 -0.96 -1.08 10.67
CA LYS A 100 -0.01 -1.16 11.78
C LYS A 100 0.89 -2.39 11.63
N GLY A 101 1.13 -2.80 10.39
CA GLY A 101 1.97 -3.94 10.13
C GLY A 101 1.17 -5.20 9.82
N GLN A 102 -0.12 -5.03 9.57
CA GLN A 102 -0.99 -6.16 9.27
C GLN A 102 -1.41 -6.14 7.80
N ALA A 103 -1.05 -7.21 7.09
CA ALA A 103 -1.38 -7.32 5.67
C ALA A 103 -2.84 -7.75 5.48
N VAL A 104 -3.56 -7.01 4.64
CA VAL A 104 -4.96 -7.32 4.37
C VAL A 104 -5.21 -7.50 2.89
N ASP A 105 -5.29 -8.76 2.46
CA ASP A 105 -5.52 -9.08 1.05
C ASP A 105 -6.86 -8.52 0.59
N TYR A 106 -6.84 -7.80 -0.54
CA TYR A 106 -8.05 -7.20 -1.08
C TYR A 106 -8.68 -8.12 -2.13
N ASP A 107 -9.99 -8.32 -2.01
CA ASP A 107 -10.71 -9.18 -2.95
C ASP A 107 -11.90 -8.44 -3.55
N GLY A 108 -11.78 -8.05 -4.81
CA GLY A 108 -12.87 -7.34 -5.47
C GLY A 108 -12.39 -6.58 -6.70
N SER A 109 -13.29 -5.76 -7.27
CA SER A 109 -12.96 -4.99 -8.45
C SER A 109 -12.18 -3.73 -8.07
N ARG A 110 -11.00 -3.56 -8.66
CA ARG A 110 -10.16 -2.41 -8.39
C ARG A 110 -10.80 -1.13 -8.92
N THR A 111 -11.71 -0.57 -8.14
CA THR A 111 -12.41 0.66 -8.52
C THR A 111 -12.34 1.71 -7.42
N GLN A 112 -12.33 2.97 -7.82
CA GLN A 112 -12.26 4.07 -6.86
C GLN A 112 -13.23 3.84 -5.70
N GLU A 113 -14.49 3.56 -6.04
CA GLU A 113 -15.50 3.32 -5.02
C GLU A 113 -15.13 2.15 -4.13
N GLU A 114 -14.89 0.99 -4.76
CA GLU A 114 -14.53 -0.22 -4.02
C GLU A 114 -13.21 -0.01 -3.27
N ILE A 115 -12.12 0.10 -4.03
CA ILE A 115 -10.80 0.29 -3.44
C ILE A 115 -10.87 1.23 -2.24
N VAL A 116 -11.46 2.41 -2.44
CA VAL A 116 -11.59 3.39 -1.37
C VAL A 116 -12.54 2.90 -0.29
N ALA A 117 -13.62 2.25 -0.70
CA ALA A 117 -14.60 1.72 0.24
C ALA A 117 -13.94 0.81 1.26
N LYS A 118 -13.04 -0.06 0.79
CA LYS A 118 -12.35 -0.99 1.67
C LYS A 118 -11.32 -0.26 2.52
N VAL A 119 -10.53 0.61 1.89
CA VAL A 119 -9.51 1.37 2.59
C VAL A 119 -10.12 2.19 3.72
N ARG A 120 -11.00 3.12 3.36
CA ARG A 120 -11.66 3.97 4.35
C ARG A 120 -12.24 3.14 5.48
N GLU A 121 -12.66 1.92 5.16
CA GLU A 121 -13.25 1.02 6.15
C GLU A 121 -12.18 0.48 7.09
N VAL A 122 -11.16 -0.16 6.52
CA VAL A 122 -10.08 -0.73 7.31
C VAL A 122 -9.40 0.33 8.16
N SER A 123 -9.01 1.44 7.52
CA SER A 123 -8.35 2.54 8.22
C SER A 123 -8.97 2.76 9.59
N GLN A 124 -10.30 2.62 9.66
CA GLN A 124 -11.03 2.82 10.91
C GLN A 124 -10.39 2.00 12.04
N PRO A 125 -10.37 2.59 13.25
CA PRO A 125 -9.79 1.94 14.42
C PRO A 125 -10.63 0.77 14.90
N ASP A 126 -11.93 0.81 14.60
CA ASP A 126 -12.84 -0.26 15.00
C ASP A 126 -12.67 -1.48 14.12
N TRP A 127 -12.50 -1.26 12.82
CA TRP A 127 -12.33 -2.36 11.87
C TRP A 127 -11.21 -3.29 12.32
N THR A 128 -11.39 -4.58 12.09
CA THR A 128 -10.40 -5.58 12.47
C THR A 128 -10.11 -6.54 11.33
N PRO A 129 -8.87 -7.04 11.26
CA PRO A 129 -8.43 -7.98 10.23
C PRO A 129 -9.09 -9.35 10.38
N PRO A 130 -9.89 -9.73 9.37
CA PRO A 130 -10.58 -11.02 9.37
C PRO A 130 -9.63 -12.19 9.19
N PRO A 131 -10.08 -13.40 9.57
CA PRO A 131 -9.29 -14.62 9.45
C PRO A 131 -9.09 -15.05 8.00
N GLU A 132 -7.96 -14.65 7.41
CA GLU A 132 -7.67 -15.00 6.03
C GLU A 132 -6.25 -15.53 5.90
N VAL A 133 -6.07 -16.83 6.15
CA VAL A 133 -4.77 -17.45 6.06
C VAL A 133 -4.86 -18.82 5.37
N THR A 134 -4.09 -18.99 4.31
CA THR A 134 -4.08 -20.25 3.56
C THR A 134 -2.66 -20.79 3.41
N SER A 135 -2.37 -21.89 4.09
CA SER A 135 -1.06 -22.51 4.03
C SER A 135 -0.83 -23.16 2.68
N GLY A 136 0.45 -23.32 2.32
CA GLY A 136 0.78 -23.93 1.03
C GLY A 136 1.66 -23.04 0.18
N PRO A 137 1.04 -22.04 -0.47
CA PRO A 137 1.76 -21.10 -1.34
C PRO A 137 2.65 -20.15 -0.55
N SER A 138 3.90 -20.03 -0.98
CA SER A 138 4.86 -19.16 -0.31
C SER A 138 4.84 -19.38 1.20
N SER A 139 4.64 -20.63 1.60
CA SER A 139 4.59 -20.98 3.02
C SER A 139 5.99 -21.11 3.60
N GLY A 140 6.08 -21.27 4.91
CA GLY A 140 7.36 -21.39 5.57
C GLY A 140 7.24 -21.86 7.01
N GLY A 1 28.40 0.78 22.91
CA GLY A 1 27.43 0.09 23.73
C GLY A 1 26.15 -0.22 22.99
N SER A 2 25.12 0.58 23.22
CA SER A 2 23.83 0.38 22.56
C SER A 2 23.95 0.62 21.06
N SER A 3 24.58 1.71 20.68
CA SER A 3 24.76 2.06 19.27
C SER A 3 25.99 2.94 19.08
N GLY A 4 26.62 2.82 17.91
CA GLY A 4 27.79 3.61 17.62
C GLY A 4 27.48 4.84 16.79
N SER A 5 27.68 4.74 15.48
CA SER A 5 27.42 5.85 14.57
C SER A 5 25.93 5.95 14.27
N SER A 6 25.25 6.83 14.99
CA SER A 6 23.81 7.02 14.80
C SER A 6 23.53 8.35 14.08
N GLY A 7 22.46 8.37 13.28
CA GLY A 7 22.11 9.57 12.55
C GLY A 7 22.50 9.49 11.09
N ASP A 8 21.51 9.45 10.21
CA ASP A 8 21.75 9.38 8.78
C ASP A 8 20.44 9.52 7.99
N ASP A 9 20.31 10.64 7.28
CA ASP A 9 19.12 10.90 6.49
C ASP A 9 19.32 10.48 5.04
N ASP A 10 18.94 9.26 4.72
CA ASP A 10 19.08 8.74 3.36
C ASP A 10 17.75 8.18 2.85
N LEU A 11 16.94 7.67 3.76
CA LEU A 11 15.64 7.10 3.41
C LEU A 11 14.68 8.19 2.95
N GLU A 12 14.54 8.35 1.64
CA GLU A 12 13.65 9.36 1.09
C GLU A 12 12.46 8.71 0.38
N VAL A 13 11.42 9.50 0.12
CA VAL A 13 10.22 9.01 -0.54
C VAL A 13 9.71 10.01 -1.57
N LYS A 14 9.67 9.58 -2.83
CA LYS A 14 9.19 10.43 -3.92
C LYS A 14 7.69 10.26 -4.14
N GLU A 15 7.14 11.03 -5.07
CA GLU A 15 5.72 10.96 -5.37
C GLU A 15 5.47 11.24 -6.85
N GLU A 16 4.36 10.72 -7.36
CA GLU A 16 4.00 10.92 -8.76
C GLU A 16 2.50 11.16 -8.91
N ASN A 17 2.13 12.33 -9.43
CA ASN A 17 0.74 12.68 -9.62
C ASN A 17 -0.04 12.52 -8.33
N GLY A 18 0.64 12.69 -7.21
CA GLY A 18 -0.01 12.56 -5.91
C GLY A 18 0.07 11.16 -5.35
N VAL A 19 0.97 10.35 -5.92
CA VAL A 19 1.13 8.97 -5.47
C VAL A 19 2.56 8.72 -5.00
N TRP A 20 2.72 8.53 -3.69
CA TRP A 20 4.04 8.28 -3.11
C TRP A 20 4.61 6.95 -3.60
N VAL A 21 5.89 6.96 -3.94
CA VAL A 21 6.56 5.76 -4.42
C VAL A 21 7.27 5.02 -3.28
N LEU A 22 6.63 3.98 -2.77
CA LEU A 22 7.20 3.19 -1.68
C LEU A 22 7.99 2.01 -2.22
N ASN A 23 8.91 1.50 -1.41
CA ASN A 23 9.74 0.37 -1.81
C ASN A 23 10.52 -0.18 -0.62
N ASP A 24 10.99 -1.41 -0.74
CA ASP A 24 11.76 -2.04 0.33
C ASP A 24 12.77 -1.08 0.92
N GLY A 25 13.15 -0.06 0.14
CA GLY A 25 14.11 0.92 0.61
C GLY A 25 13.55 1.81 1.71
N ASN A 26 12.33 2.30 1.51
CA ASN A 26 11.67 3.16 2.48
C ASN A 26 10.27 2.67 2.80
N PHE A 27 10.05 1.37 2.65
CA PHE A 27 8.75 0.77 2.91
C PHE A 27 8.46 0.73 4.41
N ASP A 28 9.14 -0.16 5.11
CA ASP A 28 8.96 -0.29 6.55
C ASP A 28 9.07 1.06 7.25
N ASN A 29 9.96 1.90 6.75
CA ASN A 29 10.16 3.23 7.32
C ASN A 29 8.90 4.08 7.17
N PHE A 30 8.24 3.96 6.02
CA PHE A 30 7.03 4.72 5.76
C PHE A 30 5.89 4.25 6.65
N VAL A 31 5.54 2.97 6.55
CA VAL A 31 4.48 2.39 7.35
C VAL A 31 4.83 2.41 8.84
N ALA A 32 6.12 2.48 9.13
CA ALA A 32 6.60 2.51 10.51
C ALA A 32 5.91 3.62 11.30
N ASP A 33 5.68 4.75 10.64
CA ASP A 33 5.03 5.89 11.27
C ASP A 33 3.64 6.12 10.70
N LYS A 34 2.92 5.04 10.43
CA LYS A 34 1.58 5.13 9.87
C LYS A 34 0.75 3.90 10.26
N ASP A 35 -0.49 4.15 10.68
CA ASP A 35 -1.38 3.08 11.07
C ASP A 35 -1.89 2.31 9.85
N THR A 36 -2.37 3.05 8.85
CA THR A 36 -2.89 2.44 7.64
C THR A 36 -2.23 3.05 6.40
N VAL A 37 -1.65 2.19 5.56
CA VAL A 37 -1.00 2.64 4.34
C VAL A 37 -1.40 1.78 3.14
N LEU A 38 -2.02 2.41 2.15
CA LEU A 38 -2.46 1.69 0.96
C LEU A 38 -1.28 1.44 0.02
N LEU A 39 -1.16 0.22 -0.47
CA LEU A 39 -0.08 -0.15 -1.37
C LEU A 39 -0.63 -0.85 -2.61
N GLU A 40 -0.24 -0.37 -3.78
CA GLU A 40 -0.70 -0.95 -5.04
C GLU A 40 0.48 -1.51 -5.84
N PHE A 41 0.43 -2.81 -6.12
CA PHE A 41 1.51 -3.45 -6.88
C PHE A 41 1.23 -3.39 -8.37
N TYR A 42 2.29 -3.20 -9.15
CA TYR A 42 2.16 -3.11 -10.61
C TYR A 42 3.43 -3.57 -11.30
N ALA A 43 3.37 -3.76 -12.61
CA ALA A 43 4.52 -4.21 -13.38
C ALA A 43 4.66 -3.38 -14.66
N PRO A 44 5.92 -3.07 -15.03
CA PRO A 44 6.22 -2.28 -16.22
C PRO A 44 5.94 -3.06 -17.51
N TRP A 45 5.83 -4.38 -17.39
CA TRP A 45 5.56 -5.23 -18.54
C TRP A 45 4.06 -5.43 -18.72
N CYS A 46 3.32 -5.38 -17.63
CA CYS A 46 1.87 -5.55 -17.67
C CYS A 46 1.18 -4.29 -18.18
N GLY A 47 0.98 -4.22 -19.48
CA GLY A 47 0.33 -3.05 -20.06
C GLY A 47 -1.08 -2.86 -19.55
N HIS A 48 -1.69 -3.94 -19.05
CA HIS A 48 -3.04 -3.88 -18.53
C HIS A 48 -3.15 -2.85 -17.41
N CYS A 49 -2.03 -2.54 -16.79
CA CYS A 49 -2.00 -1.57 -15.70
C CYS A 49 -2.09 -0.14 -16.23
N LYS A 50 -1.53 0.08 -17.42
CA LYS A 50 -1.56 1.39 -18.05
C LYS A 50 -2.97 1.97 -18.05
N GLN A 51 -3.96 1.09 -18.15
CA GLN A 51 -5.36 1.52 -18.16
C GLN A 51 -5.80 1.99 -16.79
N PHE A 52 -5.23 1.37 -15.75
CA PHE A 52 -5.56 1.72 -14.38
C PHE A 52 -4.60 2.78 -13.83
N ALA A 53 -3.57 3.09 -14.62
CA ALA A 53 -2.58 4.09 -14.22
C ALA A 53 -3.25 5.38 -13.79
N PRO A 54 -3.99 6.01 -14.71
CA PRO A 54 -4.70 7.27 -14.44
C PRO A 54 -5.88 7.08 -13.49
N GLU A 55 -6.27 5.83 -13.28
CA GLU A 55 -7.38 5.51 -12.40
C GLU A 55 -6.92 5.50 -10.93
N TYR A 56 -5.70 5.04 -10.71
CA TYR A 56 -5.14 4.98 -9.36
C TYR A 56 -4.88 6.37 -8.81
N GLU A 57 -4.24 7.21 -9.61
CA GLU A 57 -3.93 8.57 -9.20
C GLU A 57 -5.18 9.30 -8.74
N LYS A 58 -6.30 8.99 -9.38
CA LYS A 58 -7.57 9.62 -9.04
C LYS A 58 -8.03 9.21 -7.63
N ILE A 59 -7.56 8.05 -7.19
CA ILE A 59 -7.91 7.54 -5.87
C ILE A 59 -7.09 8.22 -4.79
N ALA A 60 -5.84 8.53 -5.11
CA ALA A 60 -4.94 9.19 -4.16
C ALA A 60 -5.54 10.50 -3.67
N SER A 61 -5.87 11.38 -4.61
CA SER A 61 -6.44 12.69 -4.27
C SER A 61 -7.70 12.53 -3.43
N THR A 62 -8.34 11.37 -3.55
CA THR A 62 -9.56 11.09 -2.79
C THR A 62 -9.24 10.75 -1.34
N LEU A 63 -8.54 9.65 -1.13
CA LEU A 63 -8.16 9.22 0.21
C LEU A 63 -7.19 10.19 0.85
N LYS A 64 -6.52 10.98 0.01
CA LYS A 64 -5.56 11.97 0.50
C LYS A 64 -6.20 12.91 1.50
N ASP A 65 -7.34 13.49 1.12
CA ASP A 65 -8.06 14.41 1.99
C ASP A 65 -9.21 13.70 2.70
N ASN A 66 -9.15 12.37 2.71
CA ASN A 66 -10.18 11.57 3.36
C ASN A 66 -9.99 11.54 4.87
N ASP A 67 -11.02 11.12 5.59
CA ASP A 67 -10.96 11.05 7.04
C ASP A 67 -11.25 9.63 7.53
N PRO A 68 -10.27 9.04 8.24
CA PRO A 68 -9.00 9.70 8.54
C PRO A 68 -8.13 9.88 7.31
N PRO A 69 -7.07 10.68 7.44
CA PRO A 69 -6.12 10.94 6.35
C PRO A 69 -5.28 9.73 6.00
N ILE A 70 -5.43 9.24 4.77
CA ILE A 70 -4.69 8.08 4.31
C ILE A 70 -3.75 8.44 3.16
N ALA A 71 -2.58 7.82 3.14
CA ALA A 71 -1.60 8.08 2.09
C ALA A 71 -1.51 6.91 1.12
N VAL A 72 -1.81 7.17 -0.15
CA VAL A 72 -1.77 6.14 -1.18
C VAL A 72 -0.40 6.06 -1.82
N ALA A 73 0.13 4.86 -1.94
CA ALA A 73 1.45 4.65 -2.55
C ALA A 73 1.46 3.39 -3.40
N LYS A 74 2.29 3.39 -4.45
CA LYS A 74 2.40 2.25 -5.35
C LYS A 74 3.80 1.63 -5.26
N ILE A 75 3.88 0.35 -5.60
CA ILE A 75 5.16 -0.36 -5.57
C ILE A 75 5.29 -1.30 -6.76
N ASP A 76 6.53 -1.53 -7.19
CA ASP A 76 6.80 -2.41 -8.32
C ASP A 76 7.31 -3.77 -7.84
N ALA A 77 6.38 -4.68 -7.53
CA ALA A 77 6.74 -6.01 -7.07
C ALA A 77 7.95 -6.54 -7.81
N THR A 78 7.95 -6.38 -9.13
CA THR A 78 9.06 -6.84 -9.96
C THR A 78 10.41 -6.40 -9.38
N SER A 79 10.47 -5.16 -8.93
CA SER A 79 11.70 -4.62 -8.36
C SER A 79 11.84 -5.02 -6.90
N ALA A 80 10.72 -5.03 -6.18
CA ALA A 80 10.72 -5.40 -4.77
C ALA A 80 10.31 -6.86 -4.58
N SER A 81 11.29 -7.71 -4.31
CA SER A 81 11.04 -9.13 -4.13
C SER A 81 10.51 -9.41 -2.73
N MET A 82 11.26 -8.95 -1.72
CA MET A 82 10.86 -9.15 -0.33
C MET A 82 9.39 -8.77 -0.12
N LEU A 83 9.07 -7.51 -0.34
CA LEU A 83 7.71 -7.03 -0.18
C LEU A 83 6.73 -7.87 -0.99
N ALA A 84 7.04 -8.06 -2.27
CA ALA A 84 6.20 -8.85 -3.16
C ALA A 84 5.87 -10.21 -2.53
N SER A 85 6.88 -10.88 -2.01
CA SER A 85 6.71 -12.18 -1.40
C SER A 85 5.96 -12.06 -0.07
N LYS A 86 6.03 -10.88 0.53
CA LYS A 86 5.36 -10.62 1.81
C LYS A 86 3.86 -10.83 1.67
N PHE A 87 3.27 -10.22 0.64
CA PHE A 87 1.83 -10.34 0.42
C PHE A 87 1.54 -11.40 -0.63
N ASP A 88 2.48 -12.32 -0.83
CA ASP A 88 2.33 -13.39 -1.80
C ASP A 88 1.77 -12.86 -3.11
N VAL A 89 2.29 -11.72 -3.57
CA VAL A 89 1.84 -11.11 -4.80
C VAL A 89 2.24 -11.95 -6.02
N SER A 90 1.25 -12.54 -6.68
CA SER A 90 1.50 -13.37 -7.84
C SER A 90 0.64 -12.93 -9.02
N GLY A 91 0.63 -11.62 -9.27
CA GLY A 91 -0.15 -11.08 -10.37
C GLY A 91 -0.33 -9.58 -10.28
N TYR A 92 -1.00 -9.00 -11.27
CA TYR A 92 -1.23 -7.56 -11.30
C TYR A 92 -2.33 -7.21 -12.30
N PRO A 93 -3.02 -6.09 -12.04
CA PRO A 93 -2.76 -5.24 -10.86
C PRO A 93 -3.16 -5.92 -9.57
N THR A 94 -2.40 -5.65 -8.50
CA THR A 94 -2.68 -6.23 -7.19
C THR A 94 -2.63 -5.17 -6.10
N ILE A 95 -3.79 -4.87 -5.53
CA ILE A 95 -3.88 -3.87 -4.47
C ILE A 95 -3.88 -4.53 -3.10
N LYS A 96 -3.18 -3.90 -2.15
CA LYS A 96 -3.09 -4.42 -0.79
C LYS A 96 -3.23 -3.31 0.23
N ILE A 97 -3.45 -3.68 1.49
CA ILE A 97 -3.60 -2.70 2.56
C ILE A 97 -2.81 -3.13 3.80
N LEU A 98 -2.04 -2.20 4.35
CA LEU A 98 -1.25 -2.48 5.54
C LEU A 98 -1.90 -1.89 6.79
N LYS A 99 -2.12 -2.73 7.79
CA LYS A 99 -2.74 -2.29 9.03
C LYS A 99 -1.79 -2.48 10.21
N LYS A 100 -1.08 -1.42 10.57
CA LYS A 100 -0.14 -1.47 11.68
C LYS A 100 0.81 -2.66 11.54
N GLY A 101 1.02 -3.09 10.30
CA GLY A 101 1.90 -4.21 10.05
C GLY A 101 1.15 -5.47 9.70
N GLN A 102 -0.12 -5.33 9.38
CA GLN A 102 -0.96 -6.48 9.02
C GLN A 102 -1.38 -6.42 7.56
N ALA A 103 -1.06 -7.46 6.81
CA ALA A 103 -1.41 -7.52 5.40
C ALA A 103 -2.87 -7.91 5.21
N VAL A 104 -3.65 -7.02 4.61
CA VAL A 104 -5.07 -7.27 4.36
C VAL A 104 -5.35 -7.44 2.88
N ASP A 105 -5.42 -8.69 2.43
CA ASP A 105 -5.69 -8.99 1.02
C ASP A 105 -7.02 -8.38 0.58
N TYR A 106 -7.00 -7.66 -0.53
CA TYR A 106 -8.21 -7.03 -1.05
C TYR A 106 -8.87 -7.92 -2.11
N ASP A 107 -8.15 -8.19 -3.18
CA ASP A 107 -8.66 -9.02 -4.27
C ASP A 107 -10.15 -8.78 -4.47
N GLY A 108 -10.53 -7.51 -4.60
CA GLY A 108 -11.93 -7.17 -4.80
C GLY A 108 -12.16 -6.41 -6.08
N SER A 109 -13.37 -5.89 -6.25
CA SER A 109 -13.71 -5.13 -7.46
C SER A 109 -12.80 -3.93 -7.62
N ARG A 110 -12.12 -3.86 -8.77
CA ARG A 110 -11.21 -2.76 -9.05
C ARG A 110 -11.99 -1.50 -9.43
N THR A 111 -12.27 -0.66 -8.44
CA THR A 111 -13.01 0.57 -8.67
C THR A 111 -12.63 1.64 -7.65
N GLN A 112 -12.34 2.84 -8.13
CA GLN A 112 -11.97 3.94 -7.25
C GLN A 112 -12.84 3.97 -6.00
N GLU A 113 -14.11 3.61 -6.17
CA GLU A 113 -15.05 3.60 -5.05
C GLU A 113 -14.74 2.44 -4.10
N GLU A 114 -14.97 1.22 -4.57
CA GLU A 114 -14.72 0.03 -3.76
C GLU A 114 -13.34 0.10 -3.10
N ILE A 115 -12.31 0.16 -3.93
CA ILE A 115 -10.93 0.24 -3.43
C ILE A 115 -10.83 1.21 -2.26
N VAL A 116 -11.65 2.26 -2.29
CA VAL A 116 -11.65 3.26 -1.23
C VAL A 116 -12.56 2.85 -0.07
N ALA A 117 -13.60 2.08 -0.40
CA ALA A 117 -14.55 1.62 0.61
C ALA A 117 -13.87 0.70 1.62
N LYS A 118 -12.81 0.03 1.18
CA LYS A 118 -12.07 -0.88 2.04
C LYS A 118 -10.92 -0.16 2.74
N VAL A 119 -10.29 0.77 2.03
CA VAL A 119 -9.18 1.54 2.59
C VAL A 119 -9.67 2.50 3.67
N ARG A 120 -10.90 2.98 3.51
CA ARG A 120 -11.49 3.91 4.47
C ARG A 120 -12.05 3.16 5.68
N GLU A 121 -12.59 1.98 5.44
CA GLU A 121 -13.16 1.16 6.50
C GLU A 121 -12.06 0.58 7.40
N VAL A 122 -11.07 -0.04 6.77
CA VAL A 122 -9.97 -0.64 7.51
C VAL A 122 -9.32 0.38 8.45
N SER A 123 -9.07 1.57 7.93
CA SER A 123 -8.45 2.62 8.73
C SER A 123 -9.16 2.79 10.07
N GLN A 124 -10.47 2.56 10.06
CA GLN A 124 -11.27 2.67 11.28
C GLN A 124 -10.76 1.74 12.36
N PRO A 125 -10.75 2.23 13.61
CA PRO A 125 -10.29 1.44 14.76
C PRO A 125 -11.24 0.30 15.11
N ASP A 126 -12.51 0.45 14.73
CA ASP A 126 -13.51 -0.57 14.99
C ASP A 126 -13.37 -1.74 14.01
N TRP A 127 -12.88 -1.44 12.81
CA TRP A 127 -12.71 -2.46 11.78
C TRP A 127 -11.90 -3.64 12.31
N THR A 128 -12.25 -4.84 11.87
CA THR A 128 -11.56 -6.05 12.30
C THR A 128 -11.27 -6.97 11.13
N PRO A 129 -10.17 -7.72 11.21
CA PRO A 129 -9.76 -8.66 10.16
C PRO A 129 -10.69 -9.87 10.08
N PRO A 130 -11.22 -10.14 8.87
CA PRO A 130 -12.12 -11.26 8.63
C PRO A 130 -11.41 -12.60 8.72
N PRO A 131 -12.02 -13.56 9.42
CA PRO A 131 -11.46 -14.91 9.59
C PRO A 131 -11.48 -15.71 8.30
N GLU A 132 -11.15 -17.00 8.40
CA GLU A 132 -11.13 -17.87 7.23
C GLU A 132 -10.40 -17.21 6.07
N VAL A 133 -9.27 -16.57 6.37
CA VAL A 133 -8.48 -15.90 5.34
C VAL A 133 -8.41 -16.72 4.06
N THR A 134 -8.47 -16.04 2.92
CA THR A 134 -8.41 -16.71 1.62
C THR A 134 -7.11 -17.48 1.46
N SER A 135 -6.00 -16.76 1.44
CA SER A 135 -4.69 -17.38 1.29
C SER A 135 -4.53 -18.56 2.22
N GLY A 136 -4.28 -19.74 1.65
CA GLY A 136 -4.11 -20.95 2.44
C GLY A 136 -2.66 -21.39 2.52
N PRO A 137 -1.91 -20.82 3.47
CA PRO A 137 -0.50 -21.16 3.67
C PRO A 137 -0.30 -22.56 4.22
N SER A 138 -1.41 -23.29 4.38
CA SER A 138 -1.37 -24.65 4.90
C SER A 138 -0.83 -24.66 6.33
N SER A 139 -1.45 -23.87 7.20
CA SER A 139 -1.04 -23.79 8.60
C SER A 139 -2.14 -24.28 9.52
N GLY A 140 -3.35 -23.75 9.33
CA GLY A 140 -4.48 -24.14 10.16
C GLY A 140 -4.95 -25.55 9.86
N GLY A 1 4.57 14.35 17.82
CA GLY A 1 5.84 13.73 18.14
C GLY A 1 6.98 14.25 17.28
N SER A 2 7.18 13.62 16.12
CA SER A 2 8.24 14.01 15.20
C SER A 2 9.61 13.86 15.86
N SER A 3 9.79 12.76 16.58
CA SER A 3 11.05 12.49 17.26
C SER A 3 11.66 11.19 16.77
N GLY A 4 12.95 11.24 16.43
CA GLY A 4 13.64 10.05 15.94
C GLY A 4 14.07 10.19 14.50
N SER A 5 14.58 11.36 14.14
CA SER A 5 15.03 11.61 12.78
C SER A 5 16.50 11.26 12.61
N SER A 6 16.78 9.98 12.38
CA SER A 6 18.15 9.51 12.21
C SER A 6 18.59 9.62 10.75
N GLY A 7 19.73 10.27 10.53
CA GLY A 7 20.23 10.43 9.18
C GLY A 7 19.39 11.37 8.35
N ASP A 8 20.03 12.37 7.75
CA ASP A 8 19.32 13.34 6.92
C ASP A 8 19.30 12.90 5.46
N ASP A 9 18.29 13.35 4.73
CA ASP A 9 18.15 13.00 3.32
C ASP A 9 18.53 11.55 3.08
N ASP A 10 17.98 10.67 3.91
CA ASP A 10 18.25 9.23 3.78
C ASP A 10 17.06 8.50 3.16
N LEU A 11 15.97 8.43 3.90
CA LEU A 11 14.76 7.76 3.42
C LEU A 11 13.92 8.70 2.56
N GLU A 12 14.07 8.58 1.25
CA GLU A 12 13.33 9.42 0.31
C GLU A 12 12.14 8.66 -0.27
N VAL A 13 11.13 9.40 -0.73
CA VAL A 13 9.95 8.80 -1.31
C VAL A 13 9.31 9.73 -2.34
N LYS A 14 9.43 9.37 -3.62
CA LYS A 14 8.87 10.17 -4.69
C LYS A 14 7.34 10.13 -4.65
N GLU A 15 6.71 10.74 -5.66
CA GLU A 15 5.25 10.76 -5.75
C GLU A 15 4.80 11.13 -7.15
N GLU A 16 3.73 10.48 -7.60
CA GLU A 16 3.19 10.73 -8.94
C GLU A 16 1.68 10.88 -8.89
N ASN A 17 1.20 12.11 -9.06
CA ASN A 17 -0.24 12.39 -9.03
C ASN A 17 -0.85 11.96 -7.71
N GLY A 18 -0.10 12.16 -6.63
CA GLY A 18 -0.60 11.79 -5.31
C GLY A 18 -0.24 10.36 -4.94
N VAL A 19 0.36 9.64 -5.89
CA VAL A 19 0.76 8.26 -5.65
C VAL A 19 2.22 8.18 -5.19
N TRP A 20 2.41 7.89 -3.91
CA TRP A 20 3.75 7.78 -3.34
C TRP A 20 4.47 6.55 -3.88
N VAL A 21 5.79 6.67 -4.06
CA VAL A 21 6.59 5.57 -4.56
C VAL A 21 7.37 4.90 -3.44
N LEU A 22 6.84 3.79 -2.93
CA LEU A 22 7.48 3.06 -1.85
C LEU A 22 8.42 1.98 -2.41
N ASN A 23 9.34 1.52 -1.57
CA ASN A 23 10.29 0.48 -1.98
C ASN A 23 10.85 -0.24 -0.77
N ASP A 24 11.52 -1.36 -1.01
CA ASP A 24 12.11 -2.15 0.05
C ASP A 24 13.06 -1.32 0.90
N GLY A 25 13.41 -0.13 0.39
CA GLY A 25 14.31 0.75 1.11
C GLY A 25 13.56 1.76 1.97
N ASN A 26 12.32 2.04 1.60
CA ASN A 26 11.51 3.00 2.34
C ASN A 26 10.15 2.41 2.68
N PHE A 27 10.03 1.09 2.56
CA PHE A 27 8.78 0.40 2.86
C PHE A 27 8.45 0.48 4.34
N ASP A 28 9.33 -0.10 5.15
CA ASP A 28 9.14 -0.10 6.61
C ASP A 28 9.25 1.31 7.17
N ASN A 29 10.28 2.02 6.76
CA ASN A 29 10.51 3.39 7.21
C ASN A 29 9.24 4.23 7.07
N PHE A 30 8.60 4.13 5.92
CA PHE A 30 7.37 4.87 5.66
C PHE A 30 6.28 4.47 6.63
N VAL A 31 5.86 3.21 6.56
CA VAL A 31 4.82 2.69 7.44
C VAL A 31 5.26 2.71 8.89
N ALA A 32 6.53 3.04 9.12
CA ALA A 32 7.08 3.09 10.46
C ALA A 32 6.25 4.03 11.34
N ASP A 33 6.07 5.26 10.88
CA ASP A 33 5.31 6.25 11.64
C ASP A 33 3.84 6.22 11.24
N LYS A 34 3.57 5.78 10.01
CA LYS A 34 2.21 5.70 9.50
C LYS A 34 1.54 4.41 9.96
N ASP A 35 0.27 4.52 10.32
CA ASP A 35 -0.50 3.36 10.78
C ASP A 35 -1.20 2.68 9.60
N THR A 36 -2.02 3.43 8.89
CA THR A 36 -2.76 2.90 7.76
C THR A 36 -2.15 3.38 6.44
N VAL A 37 -1.63 2.43 5.65
CA VAL A 37 -1.04 2.76 4.37
C VAL A 37 -1.43 1.74 3.30
N LEU A 38 -1.82 2.25 2.13
CA LEU A 38 -2.22 1.39 1.03
C LEU A 38 -1.02 1.06 0.12
N LEU A 39 -1.06 -0.12 -0.48
CA LEU A 39 0.01 -0.56 -1.37
C LEU A 39 -0.56 -1.20 -2.63
N GLU A 40 -0.01 -0.80 -3.79
CA GLU A 40 -0.47 -1.33 -5.06
C GLU A 40 0.71 -1.85 -5.88
N PHE A 41 0.70 -3.14 -6.18
CA PHE A 41 1.78 -3.76 -6.95
C PHE A 41 1.47 -3.68 -8.45
N TYR A 42 2.49 -3.31 -9.23
CA TYR A 42 2.33 -3.18 -10.67
C TYR A 42 3.58 -3.68 -11.39
N ALA A 43 3.53 -3.68 -12.72
CA ALA A 43 4.65 -4.13 -13.54
C ALA A 43 4.85 -3.24 -14.75
N PRO A 44 6.11 -2.97 -15.10
CA PRO A 44 6.46 -2.13 -16.25
C PRO A 44 6.13 -2.80 -17.58
N TRP A 45 6.05 -4.12 -17.56
CA TRP A 45 5.74 -4.88 -18.77
C TRP A 45 4.24 -5.07 -18.92
N CYS A 46 3.53 -5.11 -17.80
CA CYS A 46 2.08 -5.29 -17.82
C CYS A 46 1.38 -3.99 -18.22
N GLY A 47 1.18 -3.82 -19.52
CA GLY A 47 0.52 -2.62 -20.01
C GLY A 47 -0.83 -2.38 -19.35
N HIS A 48 -1.42 -3.45 -18.82
CA HIS A 48 -2.71 -3.35 -18.16
C HIS A 48 -2.74 -2.18 -17.18
N CYS A 49 -1.69 -2.06 -16.38
CA CYS A 49 -1.60 -0.99 -15.39
C CYS A 49 -1.70 0.37 -16.07
N LYS A 50 -1.25 0.44 -17.32
CA LYS A 50 -1.31 1.69 -18.07
C LYS A 50 -2.67 2.35 -17.95
N GLN A 51 -3.73 1.57 -18.14
CA GLN A 51 -5.09 2.08 -18.06
C GLN A 51 -5.47 2.35 -16.60
N PHE A 52 -4.80 1.67 -15.68
CA PHE A 52 -5.06 1.84 -14.25
C PHE A 52 -4.09 2.84 -13.63
N ALA A 53 -3.18 3.37 -14.45
CA ALA A 53 -2.20 4.33 -13.98
C ALA A 53 -2.87 5.62 -13.53
N PRO A 54 -3.52 6.31 -14.48
CA PRO A 54 -4.22 7.56 -14.21
C PRO A 54 -5.46 7.37 -13.35
N GLU A 55 -5.82 6.12 -13.11
CA GLU A 55 -6.99 5.80 -12.30
C GLU A 55 -6.61 5.66 -10.83
N TYR A 56 -5.47 5.02 -10.58
CA TYR A 56 -5.00 4.82 -9.21
C TYR A 56 -4.66 6.15 -8.55
N GLU A 57 -4.22 7.11 -9.35
CA GLU A 57 -3.86 8.42 -8.84
C GLU A 57 -5.09 9.17 -8.35
N LYS A 58 -6.22 8.96 -9.02
CA LYS A 58 -7.47 9.61 -8.65
C LYS A 58 -7.86 9.26 -7.23
N ILE A 59 -7.64 8.00 -6.86
CA ILE A 59 -7.98 7.53 -5.52
C ILE A 59 -7.12 8.21 -4.46
N ALA A 60 -5.85 8.42 -4.79
CA ALA A 60 -4.92 9.08 -3.87
C ALA A 60 -5.53 10.37 -3.31
N SER A 61 -5.81 11.31 -4.21
CA SER A 61 -6.38 12.59 -3.80
C SER A 61 -7.62 12.39 -2.93
N THR A 62 -8.53 11.54 -3.40
CA THR A 62 -9.76 11.25 -2.68
C THR A 62 -9.46 10.86 -1.24
N LEU A 63 -8.82 9.71 -1.06
CA LEU A 63 -8.47 9.23 0.27
C LEU A 63 -7.61 10.24 1.02
N LYS A 64 -6.95 11.11 0.27
CA LYS A 64 -6.09 12.13 0.86
C LYS A 64 -6.86 12.95 1.90
N ASP A 65 -8.05 13.40 1.53
CA ASP A 65 -8.88 14.19 2.43
C ASP A 65 -9.62 13.29 3.42
N ASN A 66 -9.75 12.01 3.06
CA ASN A 66 -10.44 11.05 3.91
C ASN A 66 -9.87 11.08 5.33
N ASP A 67 -10.71 10.73 6.30
CA ASP A 67 -10.31 10.71 7.70
C ASP A 67 -10.38 9.30 8.28
N PRO A 68 -9.26 8.81 8.80
CA PRO A 68 -8.00 9.57 8.85
C PRO A 68 -7.39 9.75 7.47
N PRO A 69 -6.37 10.62 7.38
CA PRO A 69 -5.67 10.90 6.12
C PRO A 69 -4.83 9.72 5.66
N ILE A 70 -5.27 9.08 4.57
CA ILE A 70 -4.55 7.94 4.03
C ILE A 70 -3.61 8.36 2.91
N ALA A 71 -2.61 7.54 2.63
CA ALA A 71 -1.64 7.83 1.58
C ALA A 71 -1.50 6.64 0.63
N VAL A 72 -1.88 6.85 -0.63
CA VAL A 72 -1.79 5.80 -1.64
C VAL A 72 -0.41 5.76 -2.27
N ALA A 73 0.21 4.57 -2.25
CA ALA A 73 1.54 4.40 -2.83
C ALA A 73 1.56 3.21 -3.78
N LYS A 74 2.63 3.13 -4.58
CA LYS A 74 2.78 2.04 -5.54
C LYS A 74 4.15 1.38 -5.39
N ILE A 75 4.21 0.08 -5.68
CA ILE A 75 5.46 -0.67 -5.60
C ILE A 75 5.61 -1.63 -6.77
N ASP A 76 6.78 -1.61 -7.39
CA ASP A 76 7.06 -2.48 -8.53
C ASP A 76 7.60 -3.83 -8.06
N ALA A 77 6.72 -4.82 -8.00
CA ALA A 77 7.11 -6.16 -7.57
C ALA A 77 8.39 -6.61 -8.28
N THR A 78 8.49 -6.31 -9.57
CA THR A 78 9.66 -6.69 -10.35
C THR A 78 10.93 -6.13 -9.73
N SER A 79 10.83 -4.95 -9.12
CA SER A 79 11.98 -4.31 -8.48
C SER A 79 12.09 -4.72 -7.01
N ALA A 80 10.94 -4.93 -6.37
CA ALA A 80 10.91 -5.33 -4.97
C ALA A 80 10.45 -6.77 -4.82
N SER A 81 11.40 -7.69 -4.71
CA SER A 81 11.09 -9.10 -4.57
C SER A 81 10.67 -9.42 -3.14
N MET A 82 11.54 -9.10 -2.19
CA MET A 82 11.26 -9.35 -0.78
C MET A 82 9.80 -9.05 -0.45
N LEU A 83 9.42 -7.79 -0.59
CA LEU A 83 8.05 -7.37 -0.31
C LEU A 83 7.04 -8.25 -1.04
N ALA A 84 7.34 -8.56 -2.30
CA ALA A 84 6.47 -9.40 -3.11
C ALA A 84 6.07 -10.67 -2.36
N SER A 85 7.07 -11.35 -1.80
CA SER A 85 6.84 -12.59 -1.06
C SER A 85 6.02 -12.31 0.20
N LYS A 86 6.14 -11.10 0.71
CA LYS A 86 5.41 -10.70 1.92
C LYS A 86 3.91 -10.85 1.72
N PHE A 87 3.38 -10.19 0.69
CA PHE A 87 1.96 -10.24 0.39
C PHE A 87 1.67 -11.27 -0.70
N ASP A 88 2.51 -12.30 -0.77
CA ASP A 88 2.35 -13.34 -1.77
C ASP A 88 1.88 -12.76 -3.10
N VAL A 89 2.49 -11.66 -3.50
CA VAL A 89 2.15 -10.99 -4.76
C VAL A 89 2.57 -11.84 -5.95
N SER A 90 1.63 -12.59 -6.51
CA SER A 90 1.90 -13.44 -7.66
C SER A 90 1.03 -13.04 -8.85
N GLY A 91 0.88 -11.74 -9.06
CA GLY A 91 0.08 -11.25 -10.16
C GLY A 91 -0.10 -9.74 -10.13
N TYR A 92 -0.68 -9.21 -11.20
CA TYR A 92 -0.90 -7.77 -11.29
C TYR A 92 -1.92 -7.43 -12.38
N PRO A 93 -2.61 -6.30 -12.22
CA PRO A 93 -2.42 -5.41 -11.07
C PRO A 93 -2.93 -6.02 -9.77
N THR A 94 -2.29 -5.66 -8.66
CA THR A 94 -2.67 -6.17 -7.35
C THR A 94 -2.67 -5.07 -6.30
N ILE A 95 -3.76 -4.99 -5.54
CA ILE A 95 -3.89 -3.97 -4.51
C ILE A 95 -3.94 -4.61 -3.11
N LYS A 96 -3.34 -3.94 -2.14
CA LYS A 96 -3.32 -4.44 -0.77
C LYS A 96 -3.40 -3.29 0.22
N ILE A 97 -3.59 -3.63 1.50
CA ILE A 97 -3.69 -2.62 2.55
C ILE A 97 -2.80 -2.98 3.73
N LEU A 98 -2.26 -1.96 4.39
CA LEU A 98 -1.39 -2.16 5.54
C LEU A 98 -1.98 -1.53 6.80
N LYS A 99 -2.29 -2.35 7.79
CA LYS A 99 -2.86 -1.87 9.04
C LYS A 99 -1.89 -2.07 10.20
N LYS A 100 -1.25 -0.99 10.61
CA LYS A 100 -0.29 -1.03 11.72
C LYS A 100 0.68 -2.19 11.54
N GLY A 101 0.91 -2.58 10.28
CA GLY A 101 1.82 -3.67 10.00
C GLY A 101 1.10 -4.97 9.72
N GLN A 102 -0.21 -4.88 9.46
CA GLN A 102 -1.01 -6.06 9.18
C GLN A 102 -1.47 -6.07 7.72
N ALA A 103 -1.08 -7.11 7.00
CA ALA A 103 -1.44 -7.25 5.59
C ALA A 103 -2.90 -7.66 5.44
N VAL A 104 -3.71 -6.79 4.83
CA VAL A 104 -5.12 -7.07 4.63
C VAL A 104 -5.44 -7.24 3.15
N ASP A 105 -5.70 -8.47 2.73
CA ASP A 105 -6.02 -8.78 1.34
C ASP A 105 -7.21 -7.94 0.88
N TYR A 106 -7.07 -7.32 -0.29
CA TYR A 106 -8.14 -6.50 -0.86
C TYR A 106 -8.86 -7.24 -1.98
N ASP A 107 -10.08 -7.66 -1.70
CA ASP A 107 -10.88 -8.38 -2.69
C ASP A 107 -11.97 -7.49 -3.27
N GLY A 108 -11.60 -6.71 -4.29
CA GLY A 108 -12.56 -5.82 -4.92
C GLY A 108 -12.46 -5.84 -6.44
N SER A 109 -12.87 -4.74 -7.07
CA SER A 109 -12.84 -4.64 -8.52
C SER A 109 -11.87 -3.56 -8.98
N ARG A 110 -10.98 -3.16 -8.08
CA ARG A 110 -10.00 -2.13 -8.38
C ARG A 110 -10.68 -0.84 -8.83
N THR A 111 -11.79 -0.51 -8.18
CA THR A 111 -12.54 0.70 -8.51
C THR A 111 -12.35 1.77 -7.44
N GLN A 112 -12.54 3.02 -7.85
CA GLN A 112 -12.39 4.14 -6.93
C GLN A 112 -13.44 4.09 -5.82
N GLU A 113 -14.64 3.61 -6.17
CA GLU A 113 -15.72 3.50 -5.21
C GLU A 113 -15.50 2.33 -4.26
N GLU A 114 -14.92 1.26 -4.78
CA GLU A 114 -14.65 0.06 -3.99
C GLU A 114 -13.36 0.23 -3.18
N ILE A 115 -12.23 0.30 -3.88
CA ILE A 115 -10.95 0.46 -3.24
C ILE A 115 -11.03 1.44 -2.06
N VAL A 116 -11.83 2.48 -2.22
CA VAL A 116 -12.00 3.48 -1.18
C VAL A 116 -12.93 2.97 -0.09
N ALA A 117 -13.97 2.24 -0.49
CA ALA A 117 -14.94 1.70 0.45
C ALA A 117 -14.26 0.80 1.49
N LYS A 118 -13.37 -0.07 1.02
CA LYS A 118 -12.65 -0.98 1.89
C LYS A 118 -11.61 -0.24 2.71
N VAL A 119 -10.68 0.43 2.03
CA VAL A 119 -9.63 1.19 2.69
C VAL A 119 -10.20 2.07 3.79
N ARG A 120 -11.08 2.99 3.42
CA ARG A 120 -11.71 3.90 4.38
C ARG A 120 -12.40 3.12 5.49
N GLU A 121 -12.75 1.88 5.20
CA GLU A 121 -13.42 1.02 6.18
C GLU A 121 -12.40 0.36 7.11
N VAL A 122 -11.23 0.03 6.55
CA VAL A 122 -10.18 -0.61 7.33
C VAL A 122 -9.45 0.40 8.21
N SER A 123 -9.32 1.63 7.71
CA SER A 123 -8.64 2.68 8.45
C SER A 123 -9.30 2.90 9.81
N GLN A 124 -10.61 2.73 9.85
CA GLN A 124 -11.37 2.91 11.09
C GLN A 124 -10.81 2.04 12.20
N PRO A 125 -10.77 2.60 13.43
CA PRO A 125 -10.26 1.89 14.60
C PRO A 125 -11.17 0.75 15.04
N ASP A 126 -12.45 0.86 14.71
CA ASP A 126 -13.42 -0.16 15.06
C ASP A 126 -13.32 -1.36 14.14
N TRP A 127 -13.12 -1.09 12.85
CA TRP A 127 -13.00 -2.16 11.86
C TRP A 127 -11.93 -3.16 12.26
N THR A 128 -12.14 -4.42 11.90
CA THR A 128 -11.19 -5.48 12.22
C THR A 128 -10.96 -6.39 11.03
N PRO A 129 -9.73 -6.94 10.93
CA PRO A 129 -9.36 -7.84 9.84
C PRO A 129 -10.05 -9.19 9.93
N PRO A 130 -10.36 -9.79 8.77
CA PRO A 130 -11.03 -11.08 8.69
C PRO A 130 -10.14 -12.22 9.15
N PRO A 131 -10.76 -13.35 9.53
CA PRO A 131 -10.04 -14.54 10.00
C PRO A 131 -9.27 -15.23 8.88
N GLU A 132 -8.61 -16.33 9.21
CA GLU A 132 -7.83 -17.08 8.24
C GLU A 132 -6.74 -16.21 7.63
N VAL A 133 -6.11 -15.39 8.46
CA VAL A 133 -5.05 -14.50 8.00
C VAL A 133 -3.84 -15.30 7.54
N THR A 134 -3.08 -14.73 6.60
CA THR A 134 -1.90 -15.39 6.07
C THR A 134 -0.67 -14.49 6.20
N SER A 135 0.08 -14.67 7.28
CA SER A 135 1.28 -13.88 7.53
C SER A 135 2.51 -14.55 6.92
N GLY A 136 3.56 -13.76 6.71
CA GLY A 136 4.78 -14.30 6.14
C GLY A 136 5.86 -14.51 7.18
N PRO A 137 6.71 -15.53 6.95
CA PRO A 137 7.81 -15.86 7.86
C PRO A 137 8.91 -14.80 7.86
N SER A 138 9.32 -14.38 9.05
CA SER A 138 10.36 -13.38 9.19
C SER A 138 11.74 -13.99 8.98
N SER A 139 12.03 -15.04 9.73
CA SER A 139 13.32 -15.72 9.63
C SER A 139 13.30 -17.05 10.37
N GLY A 140 14.20 -17.95 9.99
CA GLY A 140 14.27 -19.25 10.64
C GLY A 140 13.22 -20.21 10.11
N GLY A 1 1.39 16.64 10.99
CA GLY A 1 2.35 17.11 11.97
C GLY A 1 3.78 16.95 11.51
N SER A 2 4.62 17.93 11.84
CA SER A 2 6.02 17.91 11.44
C SER A 2 6.91 17.48 12.61
N SER A 3 7.80 16.53 12.34
CA SER A 3 8.71 16.03 13.38
C SER A 3 9.96 16.90 13.47
N GLY A 4 10.58 17.14 12.32
CA GLY A 4 11.79 17.94 12.29
C GLY A 4 12.49 17.89 10.95
N SER A 5 13.38 18.85 10.70
CA SER A 5 14.11 18.91 9.44
C SER A 5 15.20 17.84 9.40
N SER A 6 14.79 16.60 9.14
CA SER A 6 15.73 15.48 9.07
C SER A 6 15.46 14.62 7.84
N GLY A 7 16.13 14.94 6.74
CA GLY A 7 15.96 14.18 5.52
C GLY A 7 17.26 13.67 4.95
N ASP A 8 17.53 12.39 5.15
CA ASP A 8 18.76 11.79 4.66
C ASP A 8 18.51 11.01 3.37
N ASP A 9 19.52 10.94 2.52
CA ASP A 9 19.40 10.23 1.25
C ASP A 9 19.30 8.73 1.48
N ASP A 10 19.37 8.32 2.73
CA ASP A 10 19.28 6.91 3.08
C ASP A 10 17.87 6.38 2.88
N LEU A 11 16.89 7.13 3.35
CA LEU A 11 15.48 6.74 3.21
C LEU A 11 14.67 7.87 2.60
N GLU A 12 14.63 7.92 1.27
CA GLU A 12 13.87 8.94 0.56
C GLU A 12 12.63 8.36 -0.09
N VAL A 13 11.58 9.16 -0.17
CA VAL A 13 10.31 8.72 -0.77
C VAL A 13 9.86 9.69 -1.85
N LYS A 14 9.65 9.17 -3.05
CA LYS A 14 9.19 9.99 -4.17
C LYS A 14 7.69 9.84 -4.38
N GLU A 15 7.16 10.58 -5.35
CA GLU A 15 5.73 10.54 -5.66
C GLU A 15 5.48 10.81 -7.14
N GLU A 16 4.44 10.20 -7.68
CA GLU A 16 4.10 10.37 -9.08
C GLU A 16 2.60 10.66 -9.24
N ASN A 17 2.24 11.93 -9.22
CA ASN A 17 0.84 12.34 -9.36
C ASN A 17 0.06 12.04 -8.09
N GLY A 18 0.67 12.33 -6.94
CA GLY A 18 0.03 12.10 -5.67
C GLY A 18 0.30 10.71 -5.13
N VAL A 19 0.63 9.78 -6.02
CA VAL A 19 0.93 8.40 -5.62
C VAL A 19 2.38 8.26 -5.16
N TRP A 20 2.56 8.06 -3.86
CA TRP A 20 3.90 7.89 -3.30
C TRP A 20 4.55 6.61 -3.80
N VAL A 21 5.88 6.61 -3.83
CA VAL A 21 6.63 5.45 -4.29
C VAL A 21 7.35 4.76 -3.14
N LEU A 22 6.75 3.67 -2.65
CA LEU A 22 7.33 2.91 -1.55
C LEU A 22 8.18 1.75 -2.05
N ASN A 23 9.04 1.22 -1.20
CA ASN A 23 9.90 0.10 -1.56
C ASN A 23 10.70 -0.39 -0.36
N ASP A 24 11.31 -1.56 -0.50
CA ASP A 24 12.10 -2.15 0.58
C ASP A 24 12.98 -1.08 1.24
N GLY A 25 13.26 -0.01 0.50
CA GLY A 25 14.09 1.06 1.03
C GLY A 25 13.33 1.94 2.01
N ASN A 26 12.09 2.25 1.68
CA ASN A 26 11.26 3.10 2.54
C ASN A 26 9.89 2.48 2.75
N PHE A 27 9.86 1.14 2.84
CA PHE A 27 8.61 0.42 3.06
C PHE A 27 8.23 0.41 4.54
N ASP A 28 9.18 0.04 5.39
CA ASP A 28 8.95 -0.02 6.82
C ASP A 28 9.03 1.38 7.43
N ASN A 29 10.03 2.15 7.02
CA ASN A 29 10.21 3.50 7.53
C ASN A 29 8.94 4.33 7.35
N PHE A 30 8.32 4.20 6.18
CA PHE A 30 7.09 4.93 5.88
C PHE A 30 5.95 4.48 6.78
N VAL A 31 5.62 3.19 6.72
CA VAL A 31 4.55 2.63 7.52
C VAL A 31 4.85 2.78 9.01
N ALA A 32 6.13 2.92 9.34
CA ALA A 32 6.55 3.07 10.73
C ALA A 32 5.75 4.16 11.43
N ASP A 33 5.44 5.22 10.70
CA ASP A 33 4.68 6.34 11.24
C ASP A 33 3.33 6.45 10.56
N LYS A 34 2.72 5.31 10.25
CA LYS A 34 1.42 5.28 9.60
C LYS A 34 0.66 4.02 9.95
N ASP A 35 -0.49 4.18 10.61
CA ASP A 35 -1.31 3.04 11.00
C ASP A 35 -1.80 2.27 9.78
N THR A 36 -2.43 2.97 8.85
CA THR A 36 -2.94 2.35 7.64
C THR A 36 -2.20 2.85 6.41
N VAL A 37 -1.67 1.93 5.61
CA VAL A 37 -0.94 2.29 4.40
C VAL A 37 -1.39 1.45 3.22
N LEU A 38 -1.91 2.11 2.18
CA LEU A 38 -2.38 1.42 0.99
C LEU A 38 -1.23 1.15 0.03
N LEU A 39 -0.99 -0.13 -0.26
CA LEU A 39 0.08 -0.52 -1.16
C LEU A 39 -0.49 -1.16 -2.43
N GLU A 40 0.03 -0.72 -3.58
CA GLU A 40 -0.43 -1.25 -4.86
C GLU A 40 0.74 -1.80 -5.67
N PHE A 41 0.73 -3.10 -5.92
CA PHE A 41 1.79 -3.75 -6.68
C PHE A 41 1.49 -3.72 -8.17
N TYR A 42 2.52 -3.45 -8.96
CA TYR A 42 2.36 -3.38 -10.41
C TYR A 42 3.65 -3.80 -11.12
N ALA A 43 3.60 -3.89 -12.44
CA ALA A 43 4.75 -4.27 -13.23
C ALA A 43 4.96 -3.32 -14.41
N PRO A 44 6.23 -3.01 -14.71
CA PRO A 44 6.59 -2.11 -15.80
C PRO A 44 6.31 -2.72 -17.17
N TRP A 45 6.02 -4.02 -17.19
CA TRP A 45 5.74 -4.72 -18.43
C TRP A 45 4.23 -4.96 -18.59
N CYS A 46 3.51 -4.84 -17.49
CA CYS A 46 2.06 -5.04 -17.51
C CYS A 46 1.35 -3.83 -18.12
N GLY A 47 1.23 -3.85 -19.45
CA GLY A 47 0.57 -2.75 -20.14
C GLY A 47 -0.76 -2.39 -19.52
N HIS A 48 -1.46 -3.39 -19.00
CA HIS A 48 -2.76 -3.17 -18.37
C HIS A 48 -2.71 -1.98 -17.43
N CYS A 49 -1.71 -1.95 -16.55
CA CYS A 49 -1.55 -0.86 -15.60
C CYS A 49 -1.91 0.48 -16.23
N LYS A 50 -1.74 0.57 -17.55
CA LYS A 50 -2.04 1.78 -18.29
C LYS A 50 -3.48 2.23 -18.03
N GLN A 51 -4.42 1.33 -18.25
CA GLN A 51 -5.84 1.63 -18.04
C GLN A 51 -6.12 1.90 -16.57
N PHE A 52 -5.27 1.36 -15.70
CA PHE A 52 -5.44 1.54 -14.26
C PHE A 52 -4.50 2.62 -13.73
N ALA A 53 -3.72 3.20 -14.63
CA ALA A 53 -2.78 4.26 -14.26
C ALA A 53 -3.52 5.51 -13.80
N PRO A 54 -4.34 6.08 -14.69
CA PRO A 54 -5.11 7.28 -14.40
C PRO A 54 -6.24 7.02 -13.40
N GLU A 55 -6.70 5.78 -13.35
CA GLU A 55 -7.77 5.40 -12.43
C GLU A 55 -7.28 5.40 -10.98
N TYR A 56 -6.05 4.94 -10.78
CA TYR A 56 -5.47 4.89 -9.45
C TYR A 56 -5.18 6.30 -8.93
N GLU A 57 -4.41 7.05 -9.70
CA GLU A 57 -4.06 8.42 -9.32
C GLU A 57 -5.26 9.14 -8.70
N LYS A 58 -6.37 9.14 -9.42
CA LYS A 58 -7.59 9.78 -8.95
C LYS A 58 -7.87 9.42 -7.51
N ILE A 59 -7.83 8.13 -7.20
CA ILE A 59 -8.08 7.65 -5.85
C ILE A 59 -7.13 8.30 -4.84
N ALA A 60 -5.85 8.31 -5.18
CA ALA A 60 -4.83 8.92 -4.31
C ALA A 60 -5.35 10.20 -3.68
N SER A 61 -5.72 11.16 -4.52
CA SER A 61 -6.23 12.45 -4.04
C SER A 61 -7.41 12.24 -3.09
N THR A 62 -8.41 11.52 -3.56
CA THR A 62 -9.60 11.25 -2.76
C THR A 62 -9.22 10.86 -1.33
N LEU A 63 -8.45 9.79 -1.21
CA LEU A 63 -8.02 9.31 0.10
C LEU A 63 -7.05 10.30 0.75
N LYS A 64 -6.53 11.22 -0.06
CA LYS A 64 -5.59 12.22 0.44
C LYS A 64 -6.26 13.10 1.50
N ASP A 65 -7.30 13.82 1.10
CA ASP A 65 -8.01 14.70 2.01
C ASP A 65 -9.13 13.95 2.74
N ASN A 66 -8.90 12.66 2.97
CA ASN A 66 -9.89 11.83 3.65
C ASN A 66 -9.56 11.71 5.13
N ASP A 67 -10.58 11.40 5.93
CA ASP A 67 -10.40 11.25 7.37
C ASP A 67 -10.67 9.81 7.81
N PRO A 68 -9.64 9.19 8.42
CA PRO A 68 -8.35 9.84 8.66
C PRO A 68 -7.57 10.06 7.38
N PRO A 69 -6.48 10.85 7.47
CA PRO A 69 -5.62 11.16 6.33
C PRO A 69 -4.83 9.94 5.85
N ILE A 70 -5.35 9.27 4.82
CA ILE A 70 -4.69 8.10 4.26
C ILE A 70 -3.79 8.48 3.09
N ALA A 71 -2.65 7.82 2.99
CA ALA A 71 -1.71 8.08 1.90
C ALA A 71 -1.59 6.87 0.98
N VAL A 72 -1.87 7.07 -0.30
CA VAL A 72 -1.80 6.01 -1.28
C VAL A 72 -0.41 5.95 -1.92
N ALA A 73 0.14 4.74 -2.02
CA ALA A 73 1.46 4.54 -2.61
C ALA A 73 1.51 3.26 -3.43
N LYS A 74 2.52 3.15 -4.28
CA LYS A 74 2.68 1.97 -5.13
C LYS A 74 4.07 1.38 -4.97
N ILE A 75 4.22 0.11 -5.37
CA ILE A 75 5.51 -0.57 -5.27
C ILE A 75 5.73 -1.50 -6.45
N ASP A 76 6.93 -1.49 -6.99
CA ASP A 76 7.27 -2.34 -8.13
C ASP A 76 7.75 -3.71 -7.66
N ALA A 77 6.82 -4.64 -7.51
CA ALA A 77 7.15 -5.99 -7.06
C ALA A 77 8.38 -6.51 -7.78
N THR A 78 8.51 -6.19 -9.06
CA THR A 78 9.64 -6.63 -9.86
C THR A 78 10.95 -6.17 -9.25
N SER A 79 10.96 -4.96 -8.70
CA SER A 79 12.16 -4.41 -8.07
C SER A 79 12.29 -4.89 -6.63
N ALA A 80 11.17 -5.04 -5.95
CA ALA A 80 11.16 -5.49 -4.57
C ALA A 80 10.82 -6.98 -4.48
N SER A 81 11.85 -7.80 -4.33
CA SER A 81 11.66 -9.25 -4.24
C SER A 81 11.30 -9.66 -2.82
N MET A 82 11.63 -8.81 -1.86
CA MET A 82 11.34 -9.08 -0.46
C MET A 82 9.89 -8.78 -0.14
N LEU A 83 9.47 -7.54 -0.40
CA LEU A 83 8.10 -7.13 -0.14
C LEU A 83 7.11 -7.93 -0.98
N ALA A 84 7.50 -8.24 -2.21
CA ALA A 84 6.66 -9.01 -3.12
C ALA A 84 6.32 -10.37 -2.53
N SER A 85 7.34 -11.05 -2.03
CA SER A 85 7.16 -12.38 -1.44
C SER A 85 6.41 -12.29 -0.11
N LYS A 86 6.43 -11.09 0.49
CA LYS A 86 5.75 -10.87 1.76
C LYS A 86 4.24 -11.09 1.62
N PHE A 87 3.63 -10.36 0.69
CA PHE A 87 2.20 -10.47 0.46
C PHE A 87 1.90 -11.48 -0.66
N ASP A 88 2.82 -12.44 -0.83
CA ASP A 88 2.65 -13.47 -1.85
C ASP A 88 2.07 -12.88 -3.13
N VAL A 89 2.63 -11.76 -3.58
CA VAL A 89 2.16 -11.09 -4.78
C VAL A 89 2.49 -11.92 -6.02
N SER A 90 1.47 -12.52 -6.61
CA SER A 90 1.65 -13.34 -7.81
C SER A 90 0.73 -12.88 -8.93
N GLY A 91 0.64 -11.56 -9.12
CA GLY A 91 -0.21 -11.01 -10.16
C GLY A 91 -0.31 -9.51 -10.08
N TYR A 92 -0.88 -8.90 -11.13
CA TYR A 92 -1.04 -7.45 -11.17
C TYR A 92 -2.07 -7.05 -12.22
N PRO A 93 -2.74 -5.91 -11.97
CA PRO A 93 -2.50 -5.09 -10.79
C PRO A 93 -2.99 -5.75 -9.51
N THR A 94 -2.29 -5.49 -8.41
CA THR A 94 -2.66 -6.07 -7.12
C THR A 94 -2.68 -5.00 -6.03
N ILE A 95 -3.86 -4.75 -5.47
CA ILE A 95 -4.01 -3.76 -4.41
C ILE A 95 -4.10 -4.42 -3.05
N LYS A 96 -3.45 -3.81 -2.06
CA LYS A 96 -3.46 -4.34 -0.69
C LYS A 96 -3.50 -3.20 0.33
N ILE A 97 -3.55 -3.57 1.61
CA ILE A 97 -3.60 -2.58 2.68
C ILE A 97 -2.80 -3.05 3.89
N LEU A 98 -1.98 -2.16 4.43
CA LEU A 98 -1.16 -2.49 5.60
C LEU A 98 -1.74 -1.87 6.86
N LYS A 99 -2.08 -2.72 7.82
CA LYS A 99 -2.65 -2.26 9.08
C LYS A 99 -1.74 -2.59 10.25
N LYS A 100 -1.00 -1.60 10.73
CA LYS A 100 -0.08 -1.79 11.85
C LYS A 100 0.80 -3.01 11.62
N GLY A 101 1.02 -3.35 10.35
CA GLY A 101 1.85 -4.50 10.03
C GLY A 101 1.04 -5.71 9.61
N GLN A 102 -0.26 -5.49 9.41
CA GLN A 102 -1.15 -6.57 9.01
C GLN A 102 -1.52 -6.45 7.53
N ALA A 103 -1.14 -7.45 6.75
CA ALA A 103 -1.44 -7.46 5.32
C ALA A 103 -2.90 -7.83 5.06
N VAL A 104 -3.61 -6.97 4.34
CA VAL A 104 -5.01 -7.21 4.02
C VAL A 104 -5.23 -7.27 2.51
N ASP A 105 -5.19 -8.48 1.98
CA ASP A 105 -5.38 -8.69 0.54
C ASP A 105 -6.73 -8.15 0.09
N TYR A 106 -6.75 -7.43 -1.02
CA TYR A 106 -7.97 -6.85 -1.55
C TYR A 106 -8.35 -7.51 -2.88
N ASP A 107 -9.12 -8.58 -2.79
CA ASP A 107 -9.56 -9.30 -3.99
C ASP A 107 -10.96 -8.87 -4.40
N GLY A 108 -11.19 -7.56 -4.45
CA GLY A 108 -12.49 -7.04 -4.83
C GLY A 108 -12.45 -6.29 -6.15
N SER A 109 -13.46 -5.45 -6.37
CA SER A 109 -13.54 -4.66 -7.59
C SER A 109 -12.60 -3.45 -7.53
N ARG A 110 -11.66 -3.40 -8.45
CA ARG A 110 -10.69 -2.30 -8.50
C ARG A 110 -11.36 -1.03 -9.02
N THR A 111 -12.18 -0.42 -8.17
CA THR A 111 -12.88 0.81 -8.54
C THR A 111 -12.67 1.90 -7.49
N GLN A 112 -12.61 3.15 -7.96
CA GLN A 112 -12.41 4.27 -7.06
C GLN A 112 -13.40 4.24 -5.90
N GLU A 113 -14.57 3.64 -6.13
CA GLU A 113 -15.59 3.54 -5.11
C GLU A 113 -15.24 2.45 -4.10
N GLU A 114 -15.13 1.22 -4.58
CA GLU A 114 -14.80 0.08 -3.72
C GLU A 114 -13.45 0.29 -3.04
N ILE A 115 -12.42 0.55 -3.84
CA ILE A 115 -11.08 0.77 -3.31
C ILE A 115 -11.10 1.77 -2.16
N VAL A 116 -11.73 2.91 -2.38
CA VAL A 116 -11.83 3.94 -1.36
C VAL A 116 -12.67 3.48 -0.18
N ALA A 117 -13.66 2.65 -0.47
CA ALA A 117 -14.55 2.13 0.57
C ALA A 117 -13.78 1.25 1.55
N LYS A 118 -13.14 0.21 1.02
CA LYS A 118 -12.37 -0.71 1.85
C LYS A 118 -11.33 0.04 2.67
N VAL A 119 -10.37 0.66 1.99
CA VAL A 119 -9.32 1.42 2.65
C VAL A 119 -9.87 2.22 3.83
N ARG A 120 -10.87 3.05 3.55
CA ARG A 120 -11.49 3.88 4.58
C ARG A 120 -12.13 3.00 5.65
N GLU A 121 -12.68 1.87 5.24
CA GLU A 121 -13.33 0.96 6.18
C GLU A 121 -12.31 0.38 7.16
N VAL A 122 -11.14 0.01 6.63
CA VAL A 122 -10.08 -0.57 7.46
C VAL A 122 -9.48 0.48 8.38
N SER A 123 -9.27 1.68 7.86
CA SER A 123 -8.70 2.77 8.63
C SER A 123 -9.43 2.93 9.97
N GLN A 124 -10.67 2.48 10.01
CA GLN A 124 -11.48 2.57 11.23
C GLN A 124 -10.90 1.69 12.33
N PRO A 125 -10.94 2.18 13.57
CA PRO A 125 -10.42 1.45 14.73
C PRO A 125 -11.28 0.24 15.08
N ASP A 126 -12.56 0.30 14.73
CA ASP A 126 -13.49 -0.78 15.01
C ASP A 126 -13.28 -1.93 14.02
N TRP A 127 -13.04 -1.58 12.76
CA TRP A 127 -12.83 -2.59 11.72
C TRP A 127 -11.75 -3.58 12.15
N THR A 128 -11.97 -4.86 11.81
CA THR A 128 -11.02 -5.90 12.15
C THR A 128 -10.66 -6.74 10.93
N PRO A 129 -9.41 -7.23 10.88
CA PRO A 129 -8.92 -8.04 9.77
C PRO A 129 -9.55 -9.43 9.75
N PRO A 130 -9.75 -9.96 8.54
CA PRO A 130 -10.35 -11.29 8.34
C PRO A 130 -9.43 -12.42 8.80
N PRO A 131 -9.98 -13.64 8.88
CA PRO A 131 -9.22 -14.82 9.31
C PRO A 131 -8.19 -15.25 8.28
N GLU A 132 -8.11 -14.50 7.18
CA GLU A 132 -7.16 -14.81 6.12
C GLU A 132 -5.73 -14.51 6.57
N VAL A 133 -5.16 -15.43 7.34
CA VAL A 133 -3.79 -15.27 7.84
C VAL A 133 -2.81 -16.12 7.02
N THR A 134 -1.63 -15.56 6.77
CA THR A 134 -0.61 -16.25 6.00
C THR A 134 -0.16 -17.52 6.72
N SER A 135 -0.10 -18.62 5.97
CA SER A 135 0.31 -19.90 6.54
C SER A 135 1.75 -19.83 7.04
N GLY A 136 2.66 -19.39 6.16
CA GLY A 136 4.06 -19.28 6.52
C GLY A 136 4.85 -20.52 6.13
N PRO A 137 5.95 -20.30 5.41
CA PRO A 137 6.83 -21.38 4.95
C PRO A 137 7.60 -22.03 6.09
N SER A 138 8.14 -23.22 5.84
CA SER A 138 8.90 -23.95 6.84
C SER A 138 10.07 -24.69 6.22
N SER A 139 11.28 -24.22 6.49
CA SER A 139 12.49 -24.84 5.94
C SER A 139 12.97 -25.97 6.84
N GLY A 140 13.85 -26.81 6.32
CA GLY A 140 14.38 -27.93 7.08
C GLY A 140 15.24 -28.85 6.25
N GLY A 1 9.32 6.30 23.27
CA GLY A 1 9.34 7.70 22.87
C GLY A 1 10.26 7.96 21.70
N SER A 2 11.18 8.90 21.87
CA SER A 2 12.13 9.24 20.80
C SER A 2 13.36 8.34 20.85
N SER A 3 13.59 7.60 19.78
CA SER A 3 14.72 6.69 19.70
C SER A 3 15.68 7.12 18.59
N GLY A 4 16.97 7.16 18.91
CA GLY A 4 17.97 7.55 17.95
C GLY A 4 18.25 9.04 17.98
N SER A 5 19.52 9.40 18.20
CA SER A 5 19.91 10.80 18.26
C SER A 5 20.18 11.35 16.87
N SER A 6 21.14 10.74 16.17
CA SER A 6 21.48 11.18 14.82
C SER A 6 21.53 9.99 13.86
N GLY A 7 21.47 10.27 12.57
CA GLY A 7 21.51 9.22 11.57
C GLY A 7 22.05 9.70 10.23
N ASP A 8 21.23 9.59 9.20
CA ASP A 8 21.63 10.02 7.86
C ASP A 8 20.42 10.14 6.95
N ASP A 9 20.41 11.19 6.13
CA ASP A 9 19.30 11.43 5.20
C ASP A 9 19.43 10.53 3.97
N ASP A 10 18.93 9.31 4.09
CA ASP A 10 18.98 8.35 2.98
C ASP A 10 17.59 7.88 2.62
N LEU A 11 16.79 7.54 3.63
CA LEU A 11 15.43 7.07 3.42
C LEU A 11 14.53 8.19 2.93
N GLU A 12 14.28 8.22 1.62
CA GLU A 12 13.44 9.26 1.03
C GLU A 12 12.30 8.63 0.22
N VAL A 13 11.25 9.40 -0.01
CA VAL A 13 10.10 8.93 -0.76
C VAL A 13 9.62 9.98 -1.76
N LYS A 14 9.41 9.56 -3.00
CA LYS A 14 8.95 10.47 -4.05
C LYS A 14 7.44 10.35 -4.24
N GLU A 15 6.92 11.08 -5.22
CA GLU A 15 5.49 11.06 -5.51
C GLU A 15 5.22 11.39 -6.98
N GLU A 16 4.15 10.80 -7.53
CA GLU A 16 3.79 11.04 -8.92
C GLU A 16 2.29 11.18 -9.07
N ASN A 17 1.84 12.34 -9.54
CA ASN A 17 0.42 12.61 -9.73
C ASN A 17 -0.35 12.41 -8.43
N GLY A 18 0.33 12.64 -7.31
CA GLY A 18 -0.31 12.49 -6.01
C GLY A 18 -0.20 11.08 -5.48
N VAL A 19 0.75 10.31 -6.02
CA VAL A 19 0.95 8.93 -5.59
C VAL A 19 2.38 8.72 -5.10
N TRP A 20 2.51 8.48 -3.80
CA TRP A 20 3.83 8.25 -3.21
C TRP A 20 4.46 6.97 -3.74
N VAL A 21 5.78 6.94 -3.78
CA VAL A 21 6.51 5.76 -4.27
C VAL A 21 7.34 5.13 -3.16
N LEU A 22 6.89 3.98 -2.67
CA LEU A 22 7.58 3.27 -1.61
C LEU A 22 8.50 2.20 -2.19
N ASN A 23 9.38 1.66 -1.35
CA ASN A 23 10.32 0.62 -1.77
C ASN A 23 10.82 -0.18 -0.58
N ASP A 24 11.52 -1.27 -0.85
CA ASP A 24 12.07 -2.12 0.20
C ASP A 24 13.00 -1.33 1.10
N GLY A 25 13.35 -0.12 0.67
CA GLY A 25 14.23 0.72 1.45
C GLY A 25 13.48 1.71 2.32
N ASN A 26 12.26 2.03 1.92
CA ASN A 26 11.43 2.97 2.67
C ASN A 26 10.05 2.40 2.93
N PHE A 27 9.92 1.08 2.75
CA PHE A 27 8.65 0.40 2.98
C PHE A 27 8.23 0.51 4.44
N ASP A 28 9.11 0.08 5.34
CA ASP A 28 8.84 0.14 6.77
C ASP A 28 8.99 1.56 7.30
N ASN A 29 9.99 2.27 6.79
CA ASN A 29 10.24 3.64 7.22
C ASN A 29 9.00 4.50 7.04
N PHE A 30 8.26 4.25 5.97
CA PHE A 30 7.04 5.01 5.69
C PHE A 30 5.88 4.54 6.57
N VAL A 31 5.53 3.27 6.44
CA VAL A 31 4.44 2.69 7.22
C VAL A 31 4.79 2.66 8.70
N ALA A 32 6.03 3.05 9.02
CA ALA A 32 6.48 3.06 10.40
C ALA A 32 5.62 4.00 11.26
N ASP A 33 5.57 5.26 10.86
CA ASP A 33 4.78 6.25 11.58
C ASP A 33 3.31 6.16 11.21
N LYS A 34 3.03 5.68 10.01
CA LYS A 34 1.66 5.54 9.53
C LYS A 34 1.08 4.18 9.94
N ASP A 35 -0.15 4.20 10.43
CA ASP A 35 -0.82 2.98 10.85
C ASP A 35 -1.49 2.28 9.67
N THR A 36 -2.26 3.04 8.90
CA THR A 36 -2.96 2.50 7.74
C THR A 36 -2.42 3.10 6.44
N VAL A 37 -1.75 2.27 5.66
CA VAL A 37 -1.18 2.71 4.39
C VAL A 37 -1.62 1.81 3.23
N LEU A 38 -1.99 2.42 2.12
CA LEU A 38 -2.43 1.67 0.94
C LEU A 38 -1.27 1.38 0.01
N LEU A 39 -1.06 0.11 -0.30
CA LEU A 39 0.02 -0.30 -1.18
C LEU A 39 -0.53 -1.00 -2.43
N GLU A 40 -0.06 -0.58 -3.60
CA GLU A 40 -0.49 -1.16 -4.86
C GLU A 40 0.69 -1.68 -5.67
N PHE A 41 0.68 -2.96 -5.99
CA PHE A 41 1.75 -3.58 -6.76
C PHE A 41 1.42 -3.56 -8.25
N TYR A 42 2.41 -3.15 -9.05
CA TYR A 42 2.23 -3.09 -10.50
C TYR A 42 3.49 -3.54 -11.22
N ALA A 43 3.39 -3.68 -12.54
CA ALA A 43 4.52 -4.11 -13.35
C ALA A 43 4.64 -3.27 -14.62
N PRO A 44 5.88 -2.94 -15.01
CA PRO A 44 6.15 -2.14 -16.21
C PRO A 44 5.82 -2.90 -17.50
N TRP A 45 5.77 -4.22 -17.40
CA TRP A 45 5.47 -5.06 -18.56
C TRP A 45 3.96 -5.28 -18.69
N CYS A 46 3.25 -5.19 -17.58
CA CYS A 46 1.80 -5.38 -17.57
C CYS A 46 1.09 -4.14 -18.10
N GLY A 47 0.64 -4.21 -19.34
CA GLY A 47 -0.06 -3.08 -19.94
C GLY A 47 -1.37 -2.76 -19.23
N HIS A 48 -2.08 -3.81 -18.81
CA HIS A 48 -3.35 -3.64 -18.12
C HIS A 48 -3.26 -2.54 -17.08
N CYS A 49 -2.06 -2.36 -16.51
CA CYS A 49 -1.85 -1.35 -15.49
C CYS A 49 -2.00 0.05 -16.07
N LYS A 50 -1.54 0.24 -17.30
CA LYS A 50 -1.63 1.53 -17.97
C LYS A 50 -3.06 2.07 -17.92
N GLN A 51 -4.01 1.23 -18.33
CA GLN A 51 -5.41 1.63 -18.33
C GLN A 51 -5.89 1.98 -16.92
N PHE A 52 -5.12 1.54 -15.93
CA PHE A 52 -5.46 1.81 -14.54
C PHE A 52 -4.54 2.86 -13.95
N ALA A 53 -3.41 3.10 -14.62
CA ALA A 53 -2.44 4.09 -14.17
C ALA A 53 -3.13 5.37 -13.72
N PRO A 54 -3.84 6.01 -14.66
CA PRO A 54 -4.56 7.26 -14.39
C PRO A 54 -5.77 7.05 -13.47
N GLU A 55 -6.21 5.81 -13.38
CA GLU A 55 -7.36 5.47 -12.53
C GLU A 55 -6.95 5.38 -11.06
N TYR A 56 -5.67 5.08 -10.83
CA TYR A 56 -5.16 4.95 -9.47
C TYR A 56 -4.86 6.33 -8.88
N GLU A 57 -4.00 7.09 -9.56
CA GLU A 57 -3.64 8.42 -9.10
C GLU A 57 -4.87 9.20 -8.64
N LYS A 58 -6.00 8.90 -9.25
CA LYS A 58 -7.26 9.57 -8.90
C LYS A 58 -7.69 9.22 -7.48
N ILE A 59 -7.58 7.94 -7.13
CA ILE A 59 -7.96 7.47 -5.80
C ILE A 59 -7.06 8.10 -4.73
N ALA A 60 -5.81 8.38 -5.10
CA ALA A 60 -4.86 8.98 -4.17
C ALA A 60 -5.35 10.34 -3.69
N SER A 61 -5.59 11.25 -4.63
CA SER A 61 -6.05 12.59 -4.30
C SER A 61 -7.28 12.54 -3.41
N THR A 62 -8.00 11.42 -3.46
CA THR A 62 -9.20 11.24 -2.66
C THR A 62 -8.85 10.76 -1.26
N LEU A 63 -8.23 9.58 -1.17
CA LEU A 63 -7.84 9.01 0.12
C LEU A 63 -6.66 9.77 0.71
N LYS A 64 -6.20 10.80 0.00
CA LYS A 64 -5.08 11.60 0.46
C LYS A 64 -5.56 12.72 1.38
N ASP A 65 -6.78 13.18 1.16
CA ASP A 65 -7.36 14.24 1.98
C ASP A 65 -8.61 13.76 2.70
N ASN A 66 -8.80 12.44 2.74
CA ASN A 66 -9.95 11.84 3.40
C ASN A 66 -9.78 11.87 4.92
N ASP A 67 -10.83 11.46 5.63
CA ASP A 67 -10.80 11.43 7.08
C ASP A 67 -11.29 10.08 7.61
N PRO A 68 -10.38 9.31 8.21
CA PRO A 68 -8.98 9.72 8.38
C PRO A 68 -8.23 9.74 7.06
N PRO A 69 -7.26 10.66 6.94
CA PRO A 69 -6.44 10.80 5.73
C PRO A 69 -5.49 9.63 5.53
N ILE A 70 -5.65 8.93 4.42
CA ILE A 70 -4.80 7.78 4.12
C ILE A 70 -3.71 8.16 3.12
N ALA A 71 -2.59 7.45 3.19
CA ALA A 71 -1.46 7.71 2.29
C ALA A 71 -1.37 6.65 1.21
N VAL A 72 -1.73 7.02 -0.02
CA VAL A 72 -1.68 6.09 -1.14
C VAL A 72 -0.30 6.07 -1.77
N ALA A 73 0.16 4.87 -2.13
CA ALA A 73 1.48 4.71 -2.74
C ALA A 73 1.52 3.47 -3.63
N LYS A 74 2.49 3.44 -4.53
CA LYS A 74 2.63 2.30 -5.44
C LYS A 74 4.02 1.69 -5.33
N ILE A 75 4.11 0.38 -5.52
CA ILE A 75 5.38 -0.33 -5.44
C ILE A 75 5.58 -1.24 -6.65
N ASP A 76 6.81 -1.27 -7.17
CA ASP A 76 7.12 -2.10 -8.32
C ASP A 76 7.57 -3.49 -7.88
N ALA A 77 6.61 -4.40 -7.73
CA ALA A 77 6.90 -5.77 -7.32
C ALA A 77 8.16 -6.29 -8.00
N THR A 78 8.33 -5.95 -9.27
CA THR A 78 9.49 -6.38 -10.04
C THR A 78 10.78 -6.00 -9.33
N SER A 79 10.83 -4.81 -8.77
CA SER A 79 12.01 -4.33 -8.07
C SER A 79 12.03 -4.83 -6.63
N ALA A 80 10.85 -4.92 -6.03
CA ALA A 80 10.73 -5.38 -4.65
C ALA A 80 10.43 -6.87 -4.60
N SER A 81 11.43 -7.66 -4.22
CA SER A 81 11.28 -9.11 -4.14
C SER A 81 10.75 -9.52 -2.77
N MET A 82 11.39 -9.01 -1.72
CA MET A 82 10.98 -9.33 -0.35
C MET A 82 9.52 -8.98 -0.13
N LEU A 83 9.17 -7.72 -0.38
CA LEU A 83 7.80 -7.25 -0.21
C LEU A 83 6.83 -8.10 -1.01
N ALA A 84 7.16 -8.32 -2.28
CA ALA A 84 6.32 -9.12 -3.16
C ALA A 84 5.95 -10.46 -2.51
N SER A 85 6.97 -11.16 -2.01
CA SER A 85 6.77 -12.45 -1.37
C SER A 85 5.93 -12.31 -0.10
N LYS A 86 6.08 -11.17 0.57
CA LYS A 86 5.35 -10.90 1.79
C LYS A 86 3.84 -11.06 1.57
N PHE A 87 3.31 -10.35 0.59
CA PHE A 87 1.89 -10.42 0.28
C PHE A 87 1.63 -11.43 -0.84
N ASP A 88 2.53 -12.39 -0.98
CA ASP A 88 2.40 -13.42 -2.01
C ASP A 88 1.88 -12.83 -3.31
N VAL A 89 2.40 -11.66 -3.67
CA VAL A 89 1.99 -10.98 -4.90
C VAL A 89 2.38 -11.79 -6.13
N SER A 90 1.42 -12.54 -6.67
CA SER A 90 1.66 -13.36 -7.85
C SER A 90 0.77 -12.93 -9.00
N GLY A 91 0.59 -11.62 -9.15
CA GLY A 91 -0.24 -11.09 -10.22
C GLY A 91 -0.38 -9.58 -10.16
N TYR A 92 -1.05 -9.01 -11.16
CA TYR A 92 -1.24 -7.57 -11.22
C TYR A 92 -2.35 -7.22 -12.21
N PRO A 93 -3.03 -6.09 -11.95
CA PRO A 93 -2.75 -5.24 -10.79
C PRO A 93 -3.14 -5.90 -9.47
N THR A 94 -2.43 -5.54 -8.41
CA THR A 94 -2.72 -6.11 -7.08
C THR A 94 -2.72 -5.01 -6.02
N ILE A 95 -3.87 -4.84 -5.37
CA ILE A 95 -4.01 -3.84 -4.32
C ILE A 95 -4.00 -4.48 -2.94
N LYS A 96 -3.31 -3.84 -2.00
CA LYS A 96 -3.22 -4.34 -0.63
C LYS A 96 -3.30 -3.21 0.37
N ILE A 97 -3.64 -3.54 1.61
CA ILE A 97 -3.74 -2.54 2.67
C ILE A 97 -2.95 -2.95 3.90
N LEU A 98 -2.07 -2.06 4.36
CA LEU A 98 -1.25 -2.33 5.54
C LEU A 98 -1.90 -1.79 6.80
N LYS A 99 -2.12 -2.67 7.77
CA LYS A 99 -2.74 -2.28 9.03
C LYS A 99 -1.78 -2.50 10.20
N LYS A 100 -1.13 -1.43 10.63
CA LYS A 100 -0.19 -1.50 11.75
C LYS A 100 0.82 -2.62 11.53
N GLY A 101 1.05 -2.97 10.26
CA GLY A 101 1.99 -4.01 9.94
C GLY A 101 1.31 -5.30 9.50
N GLN A 102 0.01 -5.22 9.29
CA GLN A 102 -0.76 -6.39 8.87
C GLN A 102 -1.14 -6.29 7.39
N ALA A 103 -1.13 -7.44 6.71
CA ALA A 103 -1.46 -7.48 5.29
C ALA A 103 -2.93 -7.87 5.09
N VAL A 104 -3.69 -6.98 4.45
CA VAL A 104 -5.10 -7.23 4.19
C VAL A 104 -5.35 -7.45 2.70
N ASP A 105 -5.47 -8.71 2.30
CA ASP A 105 -5.71 -9.05 0.91
C ASP A 105 -7.01 -8.42 0.41
N TYR A 106 -6.94 -7.76 -0.73
CA TYR A 106 -8.11 -7.10 -1.31
C TYR A 106 -8.69 -7.93 -2.45
N ASP A 107 -10.00 -8.12 -2.43
CA ASP A 107 -10.69 -8.89 -3.47
C ASP A 107 -12.06 -8.30 -3.77
N GLY A 108 -12.22 -7.79 -4.99
CA GLY A 108 -13.49 -7.20 -5.38
C GLY A 108 -13.39 -6.43 -6.68
N SER A 109 -14.43 -5.65 -6.98
CA SER A 109 -14.46 -4.86 -8.20
C SER A 109 -13.53 -3.65 -8.10
N ARG A 110 -12.30 -3.80 -8.59
CA ARG A 110 -11.33 -2.73 -8.56
C ARG A 110 -11.93 -1.42 -9.07
N THR A 111 -12.41 -0.59 -8.15
CA THR A 111 -13.01 0.68 -8.52
C THR A 111 -12.66 1.78 -7.52
N GLN A 112 -12.84 3.03 -7.92
CA GLN A 112 -12.53 4.16 -7.06
C GLN A 112 -13.47 4.19 -5.85
N GLU A 113 -14.66 3.63 -6.02
CA GLU A 113 -15.64 3.60 -4.94
C GLU A 113 -15.41 2.41 -4.01
N GLU A 114 -15.02 1.28 -4.60
CA GLU A 114 -14.76 0.07 -3.83
C GLU A 114 -13.43 0.17 -3.08
N ILE A 115 -12.36 0.41 -3.82
CA ILE A 115 -11.03 0.53 -3.23
C ILE A 115 -11.01 1.58 -2.12
N VAL A 116 -11.77 2.65 -2.32
CA VAL A 116 -11.85 3.73 -1.34
C VAL A 116 -12.74 3.34 -0.16
N ALA A 117 -13.74 2.49 -0.44
CA ALA A 117 -14.65 2.03 0.59
C ALA A 117 -13.96 1.10 1.58
N LYS A 118 -13.37 0.03 1.07
CA LYS A 118 -12.66 -0.93 1.91
C LYS A 118 -11.57 -0.25 2.71
N VAL A 119 -10.58 0.29 2.01
CA VAL A 119 -9.46 0.98 2.66
C VAL A 119 -9.95 1.89 3.78
N ARG A 120 -10.91 2.76 3.44
CA ARG A 120 -11.47 3.69 4.41
C ARG A 120 -12.06 2.94 5.61
N GLU A 121 -12.54 1.74 5.36
CA GLU A 121 -13.13 0.92 6.41
C GLU A 121 -12.05 0.27 7.28
N VAL A 122 -11.06 -0.32 6.63
CA VAL A 122 -9.97 -0.98 7.34
C VAL A 122 -9.22 0.01 8.23
N SER A 123 -8.89 1.17 7.67
CA SER A 123 -8.18 2.20 8.42
C SER A 123 -8.82 2.43 9.78
N GLN A 124 -10.13 2.25 9.85
CA GLN A 124 -10.86 2.45 11.10
C GLN A 124 -10.25 1.61 12.22
N PRO A 125 -10.19 2.19 13.42
CA PRO A 125 -9.63 1.52 14.60
C PRO A 125 -10.51 0.38 15.09
N ASP A 126 -11.79 0.44 14.76
CA ASP A 126 -12.73 -0.60 15.17
C ASP A 126 -12.66 -1.80 14.22
N TRP A 127 -12.49 -1.53 12.93
CA TRP A 127 -12.40 -2.58 11.93
C TRP A 127 -11.45 -3.68 12.38
N THR A 128 -11.73 -4.91 11.95
CA THR A 128 -10.89 -6.05 12.32
C THR A 128 -10.77 -7.03 11.16
N PRO A 129 -9.62 -7.69 11.06
CA PRO A 129 -9.34 -8.68 10.00
C PRO A 129 -10.18 -9.95 10.16
N PRO A 130 -10.55 -10.55 9.03
CA PRO A 130 -11.35 -11.79 9.02
C PRO A 130 -10.56 -12.99 9.52
N PRO A 131 -11.27 -13.93 10.15
CA PRO A 131 -10.65 -15.15 10.69
C PRO A 131 -10.19 -16.10 9.59
N GLU A 132 -9.01 -15.83 9.04
CA GLU A 132 -8.45 -16.65 7.97
C GLU A 132 -7.54 -17.74 8.55
N VAL A 133 -8.13 -18.85 8.95
CA VAL A 133 -7.38 -19.96 9.51
C VAL A 133 -6.27 -20.42 8.56
N THR A 134 -5.08 -20.65 9.11
CA THR A 134 -3.94 -21.08 8.33
C THR A 134 -2.97 -21.90 9.16
N SER A 135 -2.55 -23.04 8.63
CA SER A 135 -1.62 -23.91 9.33
C SER A 135 -0.18 -23.44 9.14
N GLY A 136 0.74 -24.03 9.90
CA GLY A 136 2.14 -23.66 9.80
C GLY A 136 2.89 -24.50 8.79
N PRO A 137 4.13 -24.08 8.47
CA PRO A 137 4.98 -24.79 7.51
C PRO A 137 5.47 -26.13 8.05
N SER A 138 5.22 -27.19 7.29
CA SER A 138 5.64 -28.53 7.69
C SER A 138 6.96 -28.49 8.44
N SER A 139 7.15 -29.42 9.37
CA SER A 139 8.36 -29.49 10.16
C SER A 139 9.58 -29.71 9.27
N GLY A 140 10.27 -28.62 8.93
CA GLY A 140 11.45 -28.71 8.09
C GLY A 140 11.74 -27.41 7.36
N GLY A 1 8.57 10.32 17.11
CA GLY A 1 9.86 9.82 16.63
C GLY A 1 10.95 9.95 17.68
N SER A 2 11.40 8.81 18.20
CA SER A 2 12.45 8.80 19.21
C SER A 2 13.61 7.92 18.79
N SER A 3 14.71 8.56 18.38
CA SER A 3 15.89 7.84 17.94
C SER A 3 17.05 8.80 17.66
N GLY A 4 18.25 8.25 17.55
CA GLY A 4 19.42 9.07 17.29
C GLY A 4 19.80 9.10 15.83
N SER A 5 18.79 9.20 14.95
CA SER A 5 19.03 9.23 13.52
C SER A 5 17.74 9.55 12.77
N SER A 6 17.87 10.28 11.66
CA SER A 6 16.71 10.67 10.86
C SER A 6 16.97 10.38 9.38
N GLY A 7 17.56 9.23 9.09
CA GLY A 7 17.85 8.86 7.72
C GLY A 7 18.69 9.90 7.00
N ASP A 8 20.01 9.84 7.20
CA ASP A 8 20.92 10.78 6.57
C ASP A 8 21.04 10.49 5.09
N ASP A 9 20.19 11.13 4.30
CA ASP A 9 20.20 10.95 2.85
C ASP A 9 20.26 9.47 2.49
N ASP A 10 19.48 8.67 3.19
CA ASP A 10 19.44 7.23 2.95
C ASP A 10 18.02 6.76 2.67
N LEU A 11 17.11 7.11 3.58
CA LEU A 11 15.70 6.72 3.44
C LEU A 11 14.88 7.86 2.85
N GLU A 12 14.83 7.92 1.52
CA GLU A 12 14.07 8.97 0.84
C GLU A 12 12.80 8.39 0.22
N VAL A 13 11.87 9.28 -0.13
CA VAL A 13 10.60 8.87 -0.73
C VAL A 13 10.08 9.93 -1.71
N LYS A 14 9.60 9.48 -2.85
CA LYS A 14 9.07 10.38 -3.87
C LYS A 14 7.57 10.19 -4.03
N GLU A 15 6.98 10.95 -4.96
CA GLU A 15 5.55 10.86 -5.22
C GLU A 15 5.23 11.25 -6.66
N GLU A 16 4.21 10.62 -7.21
CA GLU A 16 3.79 10.89 -8.59
C GLU A 16 2.28 11.12 -8.68
N ASN A 17 1.90 12.37 -8.88
CA ASN A 17 0.49 12.73 -8.98
C ASN A 17 -0.26 12.36 -7.70
N GLY A 18 0.45 12.43 -6.58
CA GLY A 18 -0.17 12.12 -5.30
C GLY A 18 0.16 10.71 -4.83
N VAL A 19 0.55 9.86 -5.78
CA VAL A 19 0.89 8.48 -5.46
C VAL A 19 2.35 8.35 -5.01
N TRP A 20 2.54 8.16 -3.71
CA TRP A 20 3.88 8.03 -3.15
C TRP A 20 4.57 6.77 -3.68
N VAL A 21 5.87 6.88 -3.93
CA VAL A 21 6.65 5.75 -4.43
C VAL A 21 7.34 5.00 -3.30
N LEU A 22 6.79 3.84 -2.94
CA LEU A 22 7.36 3.03 -1.87
C LEU A 22 8.17 1.87 -2.43
N ASN A 23 9.02 1.28 -1.60
CA ASN A 23 9.85 0.16 -2.01
C ASN A 23 10.63 -0.41 -0.83
N ASP A 24 11.21 -1.58 -1.02
CA ASP A 24 11.99 -2.24 0.04
C ASP A 24 12.97 -1.26 0.66
N GLY A 25 13.27 -0.18 -0.07
CA GLY A 25 14.21 0.81 0.43
C GLY A 25 13.59 1.71 1.50
N ASN A 26 12.36 2.14 1.26
CA ASN A 26 11.66 3.01 2.21
C ASN A 26 10.25 2.50 2.46
N PHE A 27 10.08 1.18 2.45
CA PHE A 27 8.78 0.56 2.68
C PHE A 27 8.38 0.69 4.14
N ASP A 28 9.21 0.17 5.04
CA ASP A 28 8.94 0.22 6.47
C ASP A 28 9.13 1.63 7.00
N ASN A 29 10.21 2.28 6.58
CA ASN A 29 10.51 3.64 7.02
C ASN A 29 9.29 4.55 6.85
N PHE A 30 8.54 4.33 5.78
CA PHE A 30 7.34 5.12 5.51
C PHE A 30 6.19 4.68 6.38
N VAL A 31 5.88 3.38 6.32
CA VAL A 31 4.78 2.82 7.11
C VAL A 31 5.15 2.75 8.60
N ALA A 32 6.38 3.15 8.91
CA ALA A 32 6.86 3.14 10.29
C ALA A 32 5.90 3.88 11.21
N ASP A 33 5.61 5.13 10.87
CA ASP A 33 4.71 5.96 11.67
C ASP A 33 3.37 6.14 10.96
N LYS A 34 2.79 5.04 10.51
CA LYS A 34 1.51 5.08 9.82
C LYS A 34 0.65 3.87 10.19
N ASP A 35 -0.61 4.12 10.50
CA ASP A 35 -1.53 3.06 10.88
C ASP A 35 -2.07 2.34 9.63
N THR A 36 -2.68 3.11 8.73
CA THR A 36 -3.23 2.55 7.50
C THR A 36 -2.46 3.03 6.28
N VAL A 37 -1.78 2.11 5.61
CA VAL A 37 -1.01 2.45 4.42
C VAL A 37 -1.44 1.61 3.23
N LEU A 38 -2.00 2.27 2.21
CA LEU A 38 -2.45 1.58 1.02
C LEU A 38 -1.29 1.32 0.05
N LEU A 39 -1.21 0.08 -0.43
CA LEU A 39 -0.14 -0.30 -1.35
C LEU A 39 -0.72 -0.85 -2.65
N GLU A 40 -0.08 -0.50 -3.77
CA GLU A 40 -0.53 -0.97 -5.07
C GLU A 40 0.63 -1.52 -5.89
N PHE A 41 0.61 -2.83 -6.12
CA PHE A 41 1.67 -3.49 -6.89
C PHE A 41 1.36 -3.46 -8.37
N TYR A 42 2.36 -3.08 -9.18
CA TYR A 42 2.20 -3.01 -10.62
C TYR A 42 3.47 -3.47 -11.34
N ALA A 43 3.40 -3.53 -12.66
CA ALA A 43 4.53 -3.95 -13.47
C ALA A 43 4.64 -3.13 -14.74
N PRO A 44 5.88 -2.81 -15.15
CA PRO A 44 6.15 -2.02 -16.35
C PRO A 44 5.82 -2.79 -17.63
N TRP A 45 5.77 -4.12 -17.52
CA TRP A 45 5.46 -4.95 -18.67
C TRP A 45 3.96 -5.19 -18.80
N CYS A 46 3.27 -5.16 -17.66
CA CYS A 46 1.83 -5.36 -17.65
C CYS A 46 1.10 -4.13 -18.18
N GLY A 47 1.04 -4.00 -19.51
CA GLY A 47 0.38 -2.87 -20.11
C GLY A 47 -1.01 -2.64 -19.54
N HIS A 48 -1.71 -3.72 -19.22
CA HIS A 48 -3.05 -3.63 -18.66
C HIS A 48 -3.09 -2.61 -17.52
N CYS A 49 -1.97 -2.47 -16.83
CA CYS A 49 -1.88 -1.54 -15.71
C CYS A 49 -1.97 -0.10 -16.19
N LYS A 50 -1.44 0.17 -17.38
CA LYS A 50 -1.47 1.50 -17.95
C LYS A 50 -2.85 2.13 -17.80
N GLN A 51 -3.88 1.31 -17.93
CA GLN A 51 -5.25 1.79 -17.81
C GLN A 51 -5.58 2.16 -16.37
N PHE A 52 -5.07 1.37 -15.43
CA PHE A 52 -5.30 1.62 -14.01
C PHE A 52 -4.33 2.68 -13.48
N ALA A 53 -3.25 2.91 -14.23
CA ALA A 53 -2.26 3.89 -13.83
C ALA A 53 -2.90 5.22 -13.42
N PRO A 54 -3.63 5.83 -14.36
CA PRO A 54 -4.31 7.11 -14.12
C PRO A 54 -5.50 6.96 -13.18
N GLU A 55 -6.12 5.78 -13.19
CA GLU A 55 -7.27 5.51 -12.34
C GLU A 55 -6.86 5.52 -10.86
N TYR A 56 -5.71 4.91 -10.57
CA TYR A 56 -5.21 4.85 -9.20
C TYR A 56 -4.93 6.24 -8.66
N GLU A 57 -4.31 7.09 -9.48
CA GLU A 57 -3.97 8.44 -9.09
C GLU A 57 -5.19 9.15 -8.49
N LYS A 58 -6.33 9.01 -9.16
CA LYS A 58 -7.57 9.64 -8.69
C LYS A 58 -7.87 9.23 -7.26
N ILE A 59 -7.67 7.95 -6.96
CA ILE A 59 -7.93 7.44 -5.62
C ILE A 59 -6.90 7.95 -4.62
N ALA A 60 -5.68 8.17 -5.10
CA ALA A 60 -4.60 8.67 -4.26
C ALA A 60 -4.98 10.00 -3.61
N SER A 61 -5.37 10.97 -4.44
CA SER A 61 -5.76 12.27 -3.95
C SER A 61 -7.03 12.20 -3.10
N THR A 62 -7.97 11.36 -3.53
CA THR A 62 -9.23 11.19 -2.82
C THR A 62 -8.98 10.82 -1.36
N LEU A 63 -8.25 9.72 -1.15
CA LEU A 63 -7.95 9.26 0.20
C LEU A 63 -6.93 10.19 0.87
N LYS A 64 -6.21 10.96 0.07
CA LYS A 64 -5.22 11.89 0.58
C LYS A 64 -5.88 13.10 1.24
N ASP A 65 -7.21 13.18 1.10
CA ASP A 65 -7.96 14.29 1.68
C ASP A 65 -9.02 13.78 2.66
N ASN A 66 -9.24 12.47 2.65
CA ASN A 66 -10.22 11.85 3.53
C ASN A 66 -9.85 12.07 4.99
N ASP A 67 -10.71 11.62 5.89
CA ASP A 67 -10.47 11.75 7.33
C ASP A 67 -10.76 10.44 8.05
N PRO A 68 -9.70 9.83 8.61
CA PRO A 68 -8.34 10.38 8.52
C PRO A 68 -7.77 10.30 7.11
N PRO A 69 -6.93 11.29 6.76
CA PRO A 69 -6.31 11.36 5.43
C PRO A 69 -5.26 10.26 5.24
N ILE A 70 -5.57 9.31 4.36
CA ILE A 70 -4.66 8.21 4.07
C ILE A 70 -3.70 8.57 2.94
N ALA A 71 -2.53 7.95 2.96
CA ALA A 71 -1.51 8.20 1.94
C ALA A 71 -1.35 7.00 1.01
N VAL A 72 -1.79 7.16 -0.23
CA VAL A 72 -1.70 6.08 -1.22
C VAL A 72 -0.32 6.04 -1.85
N ALA A 73 0.20 4.83 -2.05
CA ALA A 73 1.52 4.64 -2.65
C ALA A 73 1.53 3.45 -3.60
N LYS A 74 2.54 3.39 -4.46
CA LYS A 74 2.67 2.30 -5.41
C LYS A 74 4.04 1.64 -5.31
N ILE A 75 4.11 0.36 -5.66
CA ILE A 75 5.36 -0.38 -5.60
C ILE A 75 5.48 -1.34 -6.79
N ASP A 76 6.69 -1.43 -7.34
CA ASP A 76 6.95 -2.31 -8.48
C ASP A 76 7.44 -3.67 -8.00
N ALA A 77 6.51 -4.60 -7.81
CA ALA A 77 6.84 -5.94 -7.36
C ALA A 77 8.08 -6.47 -8.10
N THR A 78 8.09 -6.31 -9.42
CA THR A 78 9.20 -6.77 -10.24
C THR A 78 10.53 -6.29 -9.67
N SER A 79 10.55 -5.07 -9.13
CA SER A 79 11.75 -4.50 -8.56
C SER A 79 11.95 -4.96 -7.12
N ALA A 80 10.85 -5.09 -6.39
CA ALA A 80 10.89 -5.52 -5.01
C ALA A 80 10.47 -6.98 -4.88
N SER A 81 11.44 -7.85 -4.61
CA SER A 81 11.18 -9.28 -4.46
C SER A 81 10.68 -9.60 -3.05
N MET A 82 11.46 -9.19 -2.06
CA MET A 82 11.12 -9.43 -0.66
C MET A 82 9.67 -9.03 -0.39
N LEU A 83 9.37 -7.75 -0.55
CA LEU A 83 8.03 -7.23 -0.32
C LEU A 83 6.99 -8.07 -1.06
N ALA A 84 7.27 -8.35 -2.33
CA ALA A 84 6.37 -9.14 -3.15
C ALA A 84 5.94 -10.41 -2.43
N SER A 85 6.92 -11.15 -1.91
CA SER A 85 6.64 -12.39 -1.19
C SER A 85 5.81 -12.12 0.07
N LYS A 86 6.05 -10.98 0.69
CA LYS A 86 5.33 -10.59 1.90
C LYS A 86 3.83 -10.74 1.70
N PHE A 87 3.30 -10.09 0.67
CA PHE A 87 1.87 -10.15 0.38
C PHE A 87 1.58 -11.18 -0.70
N ASP A 88 2.44 -12.20 -0.79
CA ASP A 88 2.28 -13.26 -1.78
C ASP A 88 1.72 -12.70 -3.08
N VAL A 89 2.32 -11.60 -3.55
CA VAL A 89 1.90 -10.96 -4.79
C VAL A 89 2.22 -11.84 -6.00
N SER A 90 1.20 -12.51 -6.53
CA SER A 90 1.38 -13.38 -7.68
C SER A 90 0.48 -12.95 -8.84
N GLY A 91 0.38 -11.63 -9.03
CA GLY A 91 -0.43 -11.11 -10.11
C GLY A 91 -0.54 -9.60 -10.07
N TYR A 92 -1.13 -9.02 -11.12
CA TYR A 92 -1.28 -7.57 -11.21
C TYR A 92 -2.39 -7.20 -12.18
N PRO A 93 -3.07 -6.07 -11.90
CA PRO A 93 -2.76 -5.24 -10.73
C PRO A 93 -3.15 -5.91 -9.42
N THR A 94 -2.50 -5.49 -8.33
CA THR A 94 -2.78 -6.07 -7.02
C THR A 94 -2.72 -4.98 -5.93
N ILE A 95 -3.87 -4.72 -5.31
CA ILE A 95 -3.95 -3.73 -4.26
C ILE A 95 -3.99 -4.37 -2.88
N LYS A 96 -3.28 -3.76 -1.92
CA LYS A 96 -3.23 -4.28 -0.56
C LYS A 96 -3.37 -3.15 0.45
N ILE A 97 -3.58 -3.52 1.71
CA ILE A 97 -3.72 -2.53 2.78
C ILE A 97 -2.89 -2.92 4.00
N LEU A 98 -1.96 -2.05 4.39
CA LEU A 98 -1.11 -2.31 5.55
C LEU A 98 -1.72 -1.71 6.81
N LYS A 99 -2.26 -2.58 7.66
CA LYS A 99 -2.87 -2.14 8.91
C LYS A 99 -1.95 -2.42 10.09
N LYS A 100 -1.32 -1.36 10.60
CA LYS A 100 -0.41 -1.48 11.73
C LYS A 100 0.57 -2.64 11.52
N GLY A 101 0.90 -2.90 10.26
CA GLY A 101 1.82 -3.97 9.95
C GLY A 101 1.11 -5.26 9.58
N GLN A 102 -0.18 -5.17 9.28
CA GLN A 102 -0.98 -6.33 8.91
C GLN A 102 -1.34 -6.28 7.43
N ALA A 103 -0.90 -7.30 6.69
CA ALA A 103 -1.17 -7.38 5.26
C ALA A 103 -2.62 -7.83 5.01
N VAL A 104 -3.38 -6.98 4.35
CA VAL A 104 -4.78 -7.29 4.04
C VAL A 104 -5.00 -7.42 2.54
N ASP A 105 -5.59 -8.53 2.12
CA ASP A 105 -5.85 -8.77 0.71
C ASP A 105 -7.14 -8.07 0.27
N TYR A 106 -7.02 -7.24 -0.77
CA TYR A 106 -8.18 -6.51 -1.28
C TYR A 106 -8.86 -7.29 -2.40
N ASP A 107 -10.15 -7.55 -2.23
CA ASP A 107 -10.93 -8.28 -3.23
C ASP A 107 -12.14 -7.47 -3.67
N GLY A 108 -12.00 -6.77 -4.79
CA GLY A 108 -13.09 -5.97 -5.31
C GLY A 108 -13.10 -5.92 -6.83
N SER A 109 -13.51 -4.78 -7.37
CA SER A 109 -13.58 -4.61 -8.82
C SER A 109 -12.65 -3.49 -9.28
N ARG A 110 -11.72 -3.10 -8.40
CA ARG A 110 -10.77 -2.05 -8.71
C ARG A 110 -11.50 -0.77 -9.13
N THR A 111 -12.46 -0.35 -8.31
CA THR A 111 -13.22 0.86 -8.59
C THR A 111 -13.00 1.92 -7.51
N GLN A 112 -12.75 3.14 -7.95
CA GLN A 112 -12.51 4.24 -7.02
C GLN A 112 -13.45 4.16 -5.82
N GLU A 113 -14.66 3.67 -6.07
CA GLU A 113 -15.66 3.54 -5.01
C GLU A 113 -15.33 2.37 -4.09
N GLU A 114 -15.25 1.17 -4.67
CA GLU A 114 -14.94 -0.04 -3.91
C GLU A 114 -13.63 0.13 -3.14
N ILE A 115 -12.53 0.21 -3.90
CA ILE A 115 -11.21 0.36 -3.30
C ILE A 115 -11.26 1.29 -2.09
N VAL A 116 -11.84 2.48 -2.29
CA VAL A 116 -11.94 3.45 -1.21
C VAL A 116 -12.86 2.95 -0.11
N ALA A 117 -13.94 2.29 -0.49
CA ALA A 117 -14.90 1.76 0.47
C ALA A 117 -14.22 0.81 1.45
N LYS A 118 -13.33 -0.03 0.94
CA LYS A 118 -12.60 -0.98 1.77
C LYS A 118 -11.55 -0.27 2.62
N VAL A 119 -10.66 0.47 1.96
CA VAL A 119 -9.61 1.19 2.66
C VAL A 119 -10.16 1.99 3.82
N ARG A 120 -11.00 2.98 3.52
CA ARG A 120 -11.60 3.82 4.54
C ARG A 120 -12.28 2.97 5.61
N GLU A 121 -12.88 1.86 5.18
CA GLU A 121 -13.56 0.96 6.11
C GLU A 121 -12.57 0.34 7.09
N VAL A 122 -11.42 -0.10 6.57
CA VAL A 122 -10.40 -0.71 7.40
C VAL A 122 -9.82 0.30 8.39
N SER A 123 -9.58 1.52 7.91
CA SER A 123 -9.01 2.56 8.76
C SER A 123 -9.74 2.65 10.09
N GLN A 124 -11.06 2.41 10.05
CA GLN A 124 -11.87 2.46 11.26
C GLN A 124 -11.34 1.49 12.31
N PRO A 125 -11.41 1.91 13.58
CA PRO A 125 -10.94 1.10 14.72
C PRO A 125 -11.83 -0.12 14.96
N ASP A 126 -13.09 -0.01 14.56
CA ASP A 126 -14.04 -1.10 14.73
C ASP A 126 -13.76 -2.24 13.75
N TRP A 127 -13.47 -1.88 12.51
CA TRP A 127 -13.17 -2.86 11.47
C TRP A 127 -12.17 -3.89 11.97
N THR A 128 -12.20 -5.08 11.38
CA THR A 128 -11.29 -6.15 11.76
C THR A 128 -10.86 -6.97 10.54
N PRO A 129 -9.64 -7.53 10.61
CA PRO A 129 -9.09 -8.34 9.53
C PRO A 129 -9.81 -9.68 9.38
N PRO A 130 -9.87 -10.18 8.14
CA PRO A 130 -10.53 -11.46 7.83
C PRO A 130 -9.76 -12.65 8.38
N PRO A 131 -10.49 -13.71 8.76
CA PRO A 131 -9.89 -14.93 9.31
C PRO A 131 -9.13 -15.72 8.25
N GLU A 132 -8.69 -16.92 8.62
CA GLU A 132 -7.95 -17.78 7.70
C GLU A 132 -6.73 -17.04 7.13
N VAL A 133 -6.02 -16.32 8.00
CA VAL A 133 -4.84 -15.58 7.58
C VAL A 133 -3.57 -16.17 8.18
N THR A 134 -2.50 -16.15 7.41
CA THR A 134 -1.21 -16.68 7.87
C THR A 134 -0.50 -15.69 8.79
N SER A 135 -0.04 -16.18 9.92
CA SER A 135 0.67 -15.33 10.89
C SER A 135 1.55 -14.31 10.17
N GLY A 136 1.37 -13.05 10.51
CA GLY A 136 2.15 -11.99 9.90
C GLY A 136 2.61 -10.95 10.90
N PRO A 137 3.67 -11.28 11.65
CA PRO A 137 4.24 -10.38 12.66
C PRO A 137 4.93 -9.18 12.04
N SER A 138 5.42 -8.28 12.89
CA SER A 138 6.11 -7.08 12.42
C SER A 138 7.62 -7.23 12.55
N SER A 139 8.23 -7.88 11.57
CA SER A 139 9.67 -8.09 11.57
C SER A 139 10.32 -7.40 10.37
N GLY A 140 10.99 -6.27 10.62
CA GLY A 140 11.65 -5.55 9.55
C GLY A 140 10.70 -5.19 8.43
N GLY A 1 4.55 4.33 27.10
CA GLY A 1 5.99 4.13 26.98
C GLY A 1 6.53 4.58 25.63
N SER A 2 7.13 5.76 25.59
CA SER A 2 7.68 6.29 24.36
C SER A 2 8.50 5.23 23.62
N SER A 3 8.61 5.38 22.30
CA SER A 3 9.36 4.45 21.48
C SER A 3 9.53 4.98 20.06
N GLY A 4 10.74 4.89 19.55
CA GLY A 4 11.03 5.36 18.21
C GLY A 4 11.82 6.66 18.20
N SER A 5 12.92 6.67 17.46
CA SER A 5 13.77 7.84 17.37
C SER A 5 14.19 8.11 15.93
N SER A 6 14.77 9.28 15.69
CA SER A 6 15.22 9.66 14.35
C SER A 6 16.50 10.48 14.42
N GLY A 7 17.28 10.44 13.35
CA GLY A 7 18.53 11.18 13.30
C GLY A 7 18.84 11.69 11.91
N ASP A 8 19.35 10.80 11.05
CA ASP A 8 19.70 11.17 9.69
C ASP A 8 18.75 10.50 8.69
N ASP A 9 18.05 11.31 7.92
CA ASP A 9 17.11 10.78 6.92
C ASP A 9 17.85 10.31 5.67
N ASP A 10 17.91 8.99 5.50
CA ASP A 10 18.59 8.40 4.36
C ASP A 10 17.59 7.84 3.36
N LEU A 11 16.59 7.11 3.87
CA LEU A 11 15.57 6.52 3.02
C LEU A 11 14.49 7.55 2.66
N GLU A 12 14.69 8.24 1.54
CA GLU A 12 13.74 9.25 1.09
C GLU A 12 12.59 8.61 0.33
N VAL A 13 11.55 9.40 0.06
CA VAL A 13 10.39 8.90 -0.67
C VAL A 13 9.83 9.98 -1.60
N LYS A 14 9.55 9.59 -2.84
CA LYS A 14 9.01 10.51 -3.83
C LYS A 14 7.50 10.34 -3.97
N GLU A 15 6.91 11.09 -4.91
CA GLU A 15 5.47 11.00 -5.14
C GLU A 15 5.14 11.33 -6.59
N GLU A 16 4.07 10.72 -7.10
CA GLU A 16 3.65 10.95 -8.48
C GLU A 16 2.14 11.18 -8.56
N ASN A 17 1.75 12.43 -8.75
CA ASN A 17 0.34 12.79 -8.84
C ASN A 17 -0.42 12.33 -7.59
N GLY A 18 0.22 12.51 -6.44
CA GLY A 18 -0.41 12.12 -5.19
C GLY A 18 -0.09 10.68 -4.80
N VAL A 19 0.44 9.93 -5.75
CA VAL A 19 0.79 8.53 -5.50
C VAL A 19 2.23 8.41 -4.98
N TRP A 20 2.36 8.15 -3.69
CA TRP A 20 3.67 8.02 -3.07
C TRP A 20 4.40 6.80 -3.61
N VAL A 21 5.69 6.95 -3.88
CA VAL A 21 6.51 5.86 -4.40
C VAL A 21 7.24 5.14 -3.28
N LEU A 22 6.69 4.01 -2.84
CA LEU A 22 7.29 3.22 -1.77
C LEU A 22 7.98 1.98 -2.33
N ASN A 23 8.90 1.42 -1.55
CA ASN A 23 9.63 0.23 -1.97
C ASN A 23 10.48 -0.32 -0.84
N ASP A 24 11.01 -1.53 -1.02
CA ASP A 24 11.84 -2.15 -0.01
C ASP A 24 12.89 -1.18 0.52
N GLY A 25 13.16 -0.13 -0.25
CA GLY A 25 14.13 0.86 0.16
C GLY A 25 13.59 1.81 1.21
N ASN A 26 12.33 2.20 1.05
CA ASN A 26 11.69 3.11 1.98
C ASN A 26 10.29 2.62 2.36
N PHE A 27 10.13 1.30 2.42
CA PHE A 27 8.85 0.71 2.76
C PHE A 27 8.64 0.71 4.27
N ASP A 28 9.43 -0.09 4.97
CA ASP A 28 9.33 -0.18 6.43
C ASP A 28 9.40 1.20 7.07
N ASN A 29 10.44 1.96 6.71
CA ASN A 29 10.63 3.30 7.25
C ASN A 29 9.36 4.12 7.10
N PHE A 30 8.73 4.06 5.92
CA PHE A 30 7.51 4.80 5.66
C PHE A 30 6.36 4.27 6.51
N VAL A 31 6.00 3.00 6.29
CA VAL A 31 4.90 2.38 7.03
C VAL A 31 5.24 2.31 8.52
N ALA A 32 6.47 2.66 8.87
CA ALA A 32 6.90 2.64 10.26
C ALA A 32 5.96 3.44 11.15
N ASP A 33 5.81 4.73 10.84
CA ASP A 33 4.94 5.60 11.60
C ASP A 33 3.60 5.81 10.89
N LYS A 34 2.99 4.71 10.47
CA LYS A 34 1.71 4.76 9.77
C LYS A 34 0.75 3.70 10.30
N ASP A 35 -0.50 4.09 10.50
CA ASP A 35 -1.51 3.17 11.00
C ASP A 35 -2.09 2.34 9.87
N THR A 36 -2.47 3.00 8.78
CA THR A 36 -3.04 2.32 7.63
C THR A 36 -2.52 2.91 6.32
N VAL A 37 -1.67 2.15 5.62
CA VAL A 37 -1.10 2.61 4.36
C VAL A 37 -1.59 1.74 3.20
N LEU A 38 -2.12 2.39 2.17
CA LEU A 38 -2.63 1.68 1.00
C LEU A 38 -1.52 1.47 -0.02
N LEU A 39 -1.18 0.20 -0.26
CA LEU A 39 -0.13 -0.15 -1.22
C LEU A 39 -0.73 -0.77 -2.46
N GLU A 40 -0.10 -0.52 -3.61
CA GLU A 40 -0.57 -1.06 -4.88
C GLU A 40 0.60 -1.51 -5.74
N PHE A 41 0.66 -2.80 -6.04
CA PHE A 41 1.73 -3.35 -6.86
C PHE A 41 1.39 -3.26 -8.35
N TYR A 42 2.40 -3.03 -9.17
CA TYR A 42 2.21 -2.91 -10.61
C TYR A 42 3.50 -3.22 -11.36
N ALA A 43 3.44 -3.14 -12.69
CA ALA A 43 4.60 -3.40 -13.51
C ALA A 43 4.59 -2.53 -14.77
N PRO A 44 5.78 -2.05 -15.16
CA PRO A 44 5.92 -1.19 -16.35
C PRO A 44 5.71 -1.97 -17.65
N TRP A 45 5.88 -3.29 -17.59
CA TRP A 45 5.71 -4.14 -18.75
C TRP A 45 4.28 -4.66 -18.83
N CYS A 46 3.54 -4.54 -17.73
CA CYS A 46 2.16 -5.00 -17.68
C CYS A 46 1.22 -3.95 -18.25
N GLY A 47 0.33 -4.38 -19.15
CA GLY A 47 -0.61 -3.46 -19.76
C GLY A 47 -1.78 -3.14 -18.84
N HIS A 48 -2.34 -4.16 -18.21
CA HIS A 48 -3.47 -3.98 -17.31
C HIS A 48 -3.24 -2.77 -16.40
N CYS A 49 -1.98 -2.55 -16.03
CA CYS A 49 -1.63 -1.43 -15.16
C CYS A 49 -1.95 -0.10 -15.83
N LYS A 50 -1.58 0.02 -17.10
CA LYS A 50 -1.82 1.24 -17.86
C LYS A 50 -3.27 1.71 -17.70
N GLN A 51 -4.20 0.79 -17.92
CA GLN A 51 -5.62 1.11 -17.81
C GLN A 51 -5.98 1.44 -16.36
N PHE A 52 -5.14 1.01 -15.43
CA PHE A 52 -5.37 1.26 -14.02
C PHE A 52 -4.36 2.27 -13.47
N ALA A 53 -3.58 2.85 -14.36
CA ALA A 53 -2.57 3.84 -13.97
C ALA A 53 -3.22 5.16 -13.60
N PRO A 54 -3.93 5.77 -14.57
CA PRO A 54 -4.62 7.05 -14.36
C PRO A 54 -5.82 6.91 -13.43
N GLU A 55 -6.17 5.68 -13.09
CA GLU A 55 -7.31 5.42 -12.22
C GLU A 55 -6.87 5.43 -10.75
N TYR A 56 -5.68 4.90 -10.49
CA TYR A 56 -5.15 4.85 -9.13
C TYR A 56 -4.80 6.25 -8.64
N GLU A 57 -4.02 6.98 -9.44
CA GLU A 57 -3.61 8.33 -9.09
C GLU A 57 -4.82 9.18 -8.69
N LYS A 58 -5.97 8.84 -9.23
CA LYS A 58 -7.21 9.57 -8.94
C LYS A 58 -7.62 9.38 -7.49
N ILE A 59 -7.51 8.15 -7.01
CA ILE A 59 -7.87 7.82 -5.63
C ILE A 59 -6.96 8.55 -4.64
N ALA A 60 -5.69 8.70 -5.01
CA ALA A 60 -4.73 9.38 -4.15
C ALA A 60 -5.31 10.68 -3.60
N SER A 61 -5.65 11.59 -4.51
CA SER A 61 -6.21 12.89 -4.12
C SER A 61 -7.48 12.69 -3.28
N THR A 62 -8.18 11.60 -3.53
CA THR A 62 -9.41 11.30 -2.80
C THR A 62 -9.13 10.93 -1.36
N LEU A 63 -8.45 9.81 -1.16
CA LEU A 63 -8.11 9.35 0.18
C LEU A 63 -7.18 10.33 0.87
N LYS A 64 -6.50 11.15 0.09
CA LYS A 64 -5.59 12.15 0.63
C LYS A 64 -6.28 13.04 1.65
N ASP A 65 -7.37 13.67 1.23
CA ASP A 65 -8.13 14.56 2.11
C ASP A 65 -9.27 13.79 2.78
N ASN A 66 -9.06 12.50 3.01
CA ASN A 66 -10.07 11.67 3.64
C ASN A 66 -9.77 11.48 5.13
N ASP A 67 -10.79 11.09 5.89
CA ASP A 67 -10.63 10.87 7.32
C ASP A 67 -10.93 9.42 7.69
N PRO A 68 -9.95 8.75 8.30
CA PRO A 68 -8.65 9.36 8.61
C PRO A 68 -7.82 9.62 7.36
N PRO A 69 -6.76 10.43 7.52
CA PRO A 69 -5.87 10.78 6.40
C PRO A 69 -5.03 9.60 5.94
N ILE A 70 -5.48 8.93 4.89
CA ILE A 70 -4.76 7.79 4.34
C ILE A 70 -3.73 8.22 3.31
N ALA A 71 -2.71 7.39 3.11
CA ALA A 71 -1.66 7.67 2.14
C ALA A 71 -1.55 6.58 1.10
N VAL A 72 -2.00 6.89 -0.12
CA VAL A 72 -1.95 5.93 -1.22
C VAL A 72 -0.58 5.90 -1.87
N ALA A 73 0.03 4.73 -1.94
CA ALA A 73 1.35 4.57 -2.55
C ALA A 73 1.36 3.41 -3.54
N LYS A 74 2.45 3.30 -4.29
CA LYS A 74 2.59 2.23 -5.28
C LYS A 74 3.99 1.62 -5.22
N ILE A 75 4.08 0.33 -5.52
CA ILE A 75 5.36 -0.37 -5.50
C ILE A 75 5.52 -1.25 -6.75
N ASP A 76 6.75 -1.39 -7.20
CA ASP A 76 7.04 -2.21 -8.38
C ASP A 76 7.55 -3.59 -7.97
N ALA A 77 6.61 -4.52 -7.75
CA ALA A 77 6.97 -5.88 -7.36
C ALA A 77 8.15 -6.40 -8.18
N THR A 78 8.01 -6.33 -9.50
CA THR A 78 9.07 -6.80 -10.39
C THR A 78 10.44 -6.39 -9.89
N SER A 79 10.50 -5.24 -9.22
CA SER A 79 11.76 -4.73 -8.69
C SER A 79 11.94 -5.12 -7.24
N ALA A 80 10.83 -5.14 -6.49
CA ALA A 80 10.86 -5.51 -5.08
C ALA A 80 10.54 -6.99 -4.90
N SER A 81 11.46 -7.72 -4.27
CA SER A 81 11.26 -9.14 -4.02
C SER A 81 10.75 -9.39 -2.62
N MET A 82 11.29 -8.65 -1.66
CA MET A 82 10.87 -8.79 -0.26
C MET A 82 9.37 -8.59 -0.11
N LEU A 83 8.92 -7.37 -0.32
CA LEU A 83 7.49 -7.04 -0.21
C LEU A 83 6.67 -7.94 -1.11
N ALA A 84 7.13 -8.15 -2.34
CA ALA A 84 6.43 -9.00 -3.29
C ALA A 84 6.10 -10.35 -2.67
N SER A 85 7.04 -10.90 -1.91
CA SER A 85 6.84 -12.20 -1.28
C SER A 85 5.97 -12.06 -0.03
N LYS A 86 6.04 -10.90 0.61
CA LYS A 86 5.26 -10.64 1.81
C LYS A 86 3.77 -10.84 1.55
N PHE A 87 3.25 -10.11 0.56
CA PHE A 87 1.83 -10.22 0.21
C PHE A 87 1.64 -11.21 -0.93
N ASP A 88 2.59 -12.10 -1.10
CA ASP A 88 2.51 -13.12 -2.16
C ASP A 88 1.95 -12.52 -3.44
N VAL A 89 2.48 -11.37 -3.84
CA VAL A 89 2.02 -10.69 -5.05
C VAL A 89 2.46 -11.45 -6.30
N SER A 90 1.53 -12.21 -6.88
CA SER A 90 1.82 -12.98 -8.08
C SER A 90 0.95 -12.53 -9.24
N GLY A 91 0.69 -11.22 -9.31
CA GLY A 91 -0.13 -10.67 -10.38
C GLY A 91 -0.31 -9.18 -10.26
N TYR A 92 -0.95 -8.58 -11.26
CA TYR A 92 -1.19 -7.14 -11.26
C TYR A 92 -2.32 -6.78 -12.22
N PRO A 93 -3.03 -5.69 -11.91
CA PRO A 93 -2.75 -4.88 -10.72
C PRO A 93 -3.11 -5.61 -9.43
N THR A 94 -2.42 -5.27 -8.34
CA THR A 94 -2.66 -5.89 -7.04
C THR A 94 -2.74 -4.84 -5.94
N ILE A 95 -3.93 -4.63 -5.39
CA ILE A 95 -4.12 -3.66 -4.32
C ILE A 95 -4.04 -4.33 -2.96
N LYS A 96 -3.34 -3.69 -2.03
CA LYS A 96 -3.19 -4.21 -0.68
C LYS A 96 -3.35 -3.10 0.36
N ILE A 97 -3.54 -3.50 1.61
CA ILE A 97 -3.71 -2.54 2.70
C ILE A 97 -2.91 -2.97 3.94
N LEU A 98 -1.94 -2.15 4.32
CA LEU A 98 -1.12 -2.43 5.48
C LEU A 98 -1.74 -1.84 6.75
N LYS A 99 -2.25 -2.71 7.61
CA LYS A 99 -2.86 -2.28 8.86
C LYS A 99 -1.93 -2.55 10.04
N LYS A 100 -1.33 -1.48 10.56
CA LYS A 100 -0.42 -1.59 11.69
C LYS A 100 0.55 -2.75 11.50
N GLY A 101 0.79 -3.12 10.24
CA GLY A 101 1.70 -4.20 9.95
C GLY A 101 0.98 -5.47 9.56
N GLN A 102 -0.31 -5.35 9.24
CA GLN A 102 -1.12 -6.50 8.85
C GLN A 102 -1.51 -6.42 7.38
N ALA A 103 -1.05 -7.39 6.59
CA ALA A 103 -1.36 -7.43 5.17
C ALA A 103 -2.82 -7.83 4.94
N VAL A 104 -3.53 -7.00 4.17
CA VAL A 104 -4.94 -7.27 3.87
C VAL A 104 -5.16 -7.37 2.36
N ASP A 105 -5.22 -8.61 1.88
CA ASP A 105 -5.43 -8.84 0.45
C ASP A 105 -6.80 -8.31 0.01
N TYR A 106 -6.80 -7.42 -0.98
CA TYR A 106 -8.03 -6.84 -1.49
C TYR A 106 -8.65 -7.73 -2.57
N ASP A 107 -9.88 -8.17 -2.34
CA ASP A 107 -10.58 -9.02 -3.29
C ASP A 107 -11.82 -8.31 -3.84
N GLY A 108 -11.75 -7.86 -5.08
CA GLY A 108 -12.87 -7.18 -5.69
C GLY A 108 -12.49 -6.47 -6.98
N SER A 109 -13.42 -5.69 -7.52
CA SER A 109 -13.19 -4.97 -8.75
C SER A 109 -12.36 -3.71 -8.49
N ARG A 110 -11.65 -3.25 -9.52
CA ARG A 110 -10.81 -2.06 -9.40
C ARG A 110 -11.61 -0.80 -9.72
N THR A 111 -11.95 -0.03 -8.70
CA THR A 111 -12.71 1.20 -8.87
C THR A 111 -12.47 2.17 -7.73
N GLN A 112 -12.52 3.46 -8.03
CA GLN A 112 -12.30 4.49 -7.02
C GLN A 112 -13.29 4.33 -5.87
N GLU A 113 -14.44 3.73 -6.16
CA GLU A 113 -15.47 3.53 -5.14
C GLU A 113 -15.12 2.34 -4.25
N GLU A 114 -15.05 1.15 -4.85
CA GLU A 114 -14.72 -0.06 -4.10
C GLU A 114 -13.41 0.11 -3.34
N ILE A 115 -12.33 0.33 -4.08
CA ILE A 115 -11.02 0.50 -3.47
C ILE A 115 -11.09 1.45 -2.28
N VAL A 116 -11.75 2.58 -2.46
CA VAL A 116 -11.90 3.56 -1.40
C VAL A 116 -12.84 3.06 -0.30
N ALA A 117 -13.74 2.16 -0.68
CA ALA A 117 -14.70 1.60 0.27
C ALA A 117 -14.00 0.66 1.26
N LYS A 118 -12.92 0.04 0.82
CA LYS A 118 -12.16 -0.88 1.65
C LYS A 118 -11.05 -0.14 2.39
N VAL A 119 -10.39 0.78 1.71
CA VAL A 119 -9.31 1.55 2.30
C VAL A 119 -9.82 2.46 3.41
N ARG A 120 -11.06 2.94 3.26
CA ARG A 120 -11.67 3.81 4.24
C ARG A 120 -12.14 3.01 5.45
N GLU A 121 -12.75 1.86 5.20
CA GLU A 121 -13.25 1.01 6.27
C GLU A 121 -12.11 0.40 7.07
N VAL A 122 -11.11 -0.10 6.36
CA VAL A 122 -9.94 -0.72 7.00
C VAL A 122 -9.22 0.28 7.89
N SER A 123 -8.96 1.48 7.34
CA SER A 123 -8.27 2.52 8.08
C SER A 123 -8.87 2.69 9.48
N GLN A 124 -10.17 2.46 9.57
CA GLN A 124 -10.87 2.60 10.85
C GLN A 124 -10.20 1.75 11.93
N PRO A 125 -10.15 2.28 13.16
CA PRO A 125 -9.54 1.59 14.30
C PRO A 125 -10.35 0.38 14.75
N ASP A 126 -11.65 0.39 14.45
CA ASP A 126 -12.54 -0.70 14.82
C ASP A 126 -12.35 -1.90 13.89
N TRP A 127 -12.16 -1.60 12.60
CA TRP A 127 -11.97 -2.64 11.60
C TRP A 127 -10.97 -3.69 12.08
N THR A 128 -11.10 -4.91 11.58
CA THR A 128 -10.21 -5.99 11.96
C THR A 128 -9.98 -6.95 10.79
N PRO A 129 -8.77 -7.53 10.73
CA PRO A 129 -8.39 -8.47 9.68
C PRO A 129 -9.12 -9.80 9.80
N PRO A 130 -9.42 -10.42 8.64
CA PRO A 130 -10.12 -11.72 8.60
C PRO A 130 -9.26 -12.86 9.12
N PRO A 131 -9.90 -14.00 9.42
CA PRO A 131 -9.22 -15.19 9.92
C PRO A 131 -8.34 -15.84 8.86
N GLU A 132 -8.32 -15.26 7.66
CA GLU A 132 -7.53 -15.80 6.57
C GLU A 132 -6.04 -15.52 6.79
N VAL A 133 -5.41 -16.33 7.64
CA VAL A 133 -3.99 -16.16 7.93
C VAL A 133 -3.13 -16.67 6.78
N THR A 134 -2.59 -15.74 6.01
CA THR A 134 -1.74 -16.09 4.87
C THR A 134 -0.29 -16.23 5.29
N SER A 135 -0.06 -16.83 6.45
CA SER A 135 1.29 -17.02 6.96
C SER A 135 1.75 -18.46 6.76
N GLY A 136 3.00 -18.63 6.35
CA GLY A 136 3.55 -19.96 6.13
C GLY A 136 4.98 -19.92 5.63
N PRO A 137 5.92 -19.64 6.54
CA PRO A 137 7.34 -19.57 6.21
C PRO A 137 7.94 -20.94 5.88
N SER A 138 7.11 -21.97 6.02
CA SER A 138 7.55 -23.33 5.74
C SER A 138 8.80 -23.68 6.54
N SER A 139 8.77 -23.35 7.83
CA SER A 139 9.89 -23.63 8.72
C SER A 139 11.21 -23.48 7.98
N GLY A 140 11.41 -22.31 7.35
CA GLY A 140 12.64 -22.07 6.62
C GLY A 140 12.42 -22.11 5.12
N GLY A 1 7.25 17.90 17.82
CA GLY A 1 8.55 18.06 17.22
C GLY A 1 8.55 19.08 16.09
N SER A 2 9.28 20.18 16.28
CA SER A 2 9.35 21.23 15.27
C SER A 2 10.34 20.86 14.17
N SER A 3 11.28 19.98 14.49
CA SER A 3 12.28 19.55 13.53
C SER A 3 12.37 18.02 13.50
N GLY A 4 12.13 17.45 12.32
CA GLY A 4 12.19 16.01 12.17
C GLY A 4 13.54 15.44 12.56
N SER A 5 13.57 14.14 12.83
CA SER A 5 14.80 13.47 13.21
C SER A 5 15.96 13.92 12.33
N SER A 6 17.12 14.16 12.96
CA SER A 6 18.30 14.59 12.24
C SER A 6 18.88 13.46 11.40
N GLY A 7 18.61 13.51 10.09
CA GLY A 7 19.11 12.49 9.20
C GLY A 7 19.32 13.00 7.79
N ASP A 8 20.32 12.45 7.10
CA ASP A 8 20.62 12.86 5.74
C ASP A 8 19.69 12.18 4.74
N ASP A 9 19.82 12.54 3.47
CA ASP A 9 18.99 11.96 2.42
C ASP A 9 19.34 10.50 2.18
N ASP A 10 18.75 9.62 2.97
CA ASP A 10 19.01 8.18 2.84
C ASP A 10 17.75 7.45 2.38
N LEU A 11 16.63 7.73 3.04
CA LEU A 11 15.37 7.09 2.70
C LEU A 11 14.37 8.11 2.15
N GLU A 12 14.48 8.39 0.85
CA GLU A 12 13.59 9.35 0.20
C GLU A 12 12.35 8.66 -0.33
N VAL A 13 11.33 9.45 -0.66
CA VAL A 13 10.08 8.92 -1.19
C VAL A 13 9.47 9.85 -2.22
N LYS A 14 9.42 9.39 -3.48
CA LYS A 14 8.87 10.18 -4.56
C LYS A 14 7.35 10.03 -4.62
N GLU A 15 6.74 10.69 -5.60
CA GLU A 15 5.29 10.63 -5.77
C GLU A 15 4.89 10.93 -7.21
N GLU A 16 3.71 10.46 -7.61
CA GLU A 16 3.22 10.68 -8.96
C GLU A 16 1.70 10.86 -8.96
N ASN A 17 1.27 12.09 -9.23
CA ASN A 17 -0.16 12.41 -9.26
C ASN A 17 -0.81 12.10 -7.92
N GLY A 18 -0.02 12.17 -6.85
CA GLY A 18 -0.54 11.90 -5.52
C GLY A 18 -0.21 10.50 -5.04
N VAL A 19 0.31 9.67 -5.94
CA VAL A 19 0.67 8.30 -5.61
C VAL A 19 2.12 8.20 -5.14
N TRP A 20 2.31 7.96 -3.86
CA TRP A 20 3.66 7.85 -3.29
C TRP A 20 4.34 6.56 -3.76
N VAL A 21 5.62 6.65 -4.06
CA VAL A 21 6.39 5.51 -4.52
C VAL A 21 7.22 4.92 -3.38
N LEU A 22 6.73 3.83 -2.81
CA LEU A 22 7.42 3.16 -1.71
C LEU A 22 8.30 2.02 -2.24
N ASN A 23 9.22 1.55 -1.40
CA ASN A 23 10.12 0.47 -1.77
C ASN A 23 10.67 -0.23 -0.53
N ASP A 24 11.28 -1.39 -0.75
CA ASP A 24 11.86 -2.16 0.35
C ASP A 24 12.84 -1.31 1.16
N GLY A 25 13.22 -0.17 0.59
CA GLY A 25 14.16 0.70 1.28
C GLY A 25 13.46 1.77 2.10
N ASN A 26 12.24 2.11 1.70
CA ASN A 26 11.46 3.12 2.41
C ASN A 26 10.09 2.57 2.82
N PHE A 27 9.94 1.24 2.73
CA PHE A 27 8.69 0.59 3.08
C PHE A 27 8.38 0.77 4.57
N ASP A 28 9.21 0.16 5.41
CA ASP A 28 9.04 0.25 6.86
C ASP A 28 9.12 1.70 7.33
N ASN A 29 10.13 2.41 6.86
CA ASN A 29 10.33 3.80 7.24
C ASN A 29 9.04 4.59 7.08
N PHE A 30 8.40 4.45 5.91
CA PHE A 30 7.16 5.15 5.64
C PHE A 30 6.04 4.67 6.56
N VAL A 31 5.72 3.38 6.47
CA VAL A 31 4.68 2.78 7.30
C VAL A 31 5.07 2.81 8.77
N ALA A 32 6.29 3.24 9.05
CA ALA A 32 6.78 3.31 10.43
C ALA A 32 5.78 4.01 11.33
N ASP A 33 5.42 5.25 10.98
CA ASP A 33 4.48 6.03 11.76
C ASP A 33 3.14 6.16 11.02
N LYS A 34 2.60 5.03 10.59
CA LYS A 34 1.33 5.01 9.87
C LYS A 34 0.43 3.89 10.38
N ASP A 35 -0.79 4.25 10.78
CA ASP A 35 -1.75 3.27 11.28
C ASP A 35 -2.27 2.39 10.16
N THR A 36 -2.49 2.99 8.99
CA THR A 36 -2.99 2.26 7.83
C THR A 36 -2.44 2.83 6.54
N VAL A 37 -1.65 2.03 5.82
CA VAL A 37 -1.06 2.47 4.56
C VAL A 37 -1.53 1.59 3.40
N LEU A 38 -2.00 2.22 2.33
CA LEU A 38 -2.47 1.48 1.16
C LEU A 38 -1.33 1.21 0.20
N LEU A 39 -1.15 -0.05 -0.17
CA LEU A 39 -0.09 -0.45 -1.10
C LEU A 39 -0.67 -1.06 -2.36
N GLU A 40 -0.06 -0.74 -3.51
CA GLU A 40 -0.52 -1.26 -4.79
C GLU A 40 0.65 -1.76 -5.62
N PHE A 41 0.67 -3.06 -5.90
CA PHE A 41 1.74 -3.65 -6.69
C PHE A 41 1.42 -3.58 -8.18
N TYR A 42 2.43 -3.29 -8.98
CA TYR A 42 2.26 -3.19 -10.43
C TYR A 42 3.52 -3.62 -11.16
N ALA A 43 3.44 -3.67 -12.49
CA ALA A 43 4.58 -4.06 -13.31
C ALA A 43 4.65 -3.22 -14.57
N PRO A 44 5.89 -2.89 -14.99
CA PRO A 44 6.14 -2.08 -16.19
C PRO A 44 5.79 -2.83 -17.47
N TRP A 45 5.53 -4.13 -17.35
CA TRP A 45 5.19 -4.95 -18.50
C TRP A 45 3.68 -5.15 -18.60
N CYS A 46 2.99 -4.97 -17.48
CA CYS A 46 1.54 -5.12 -17.45
C CYS A 46 0.85 -3.95 -18.15
N GLY A 47 0.37 -4.20 -19.36
CA GLY A 47 -0.30 -3.16 -20.12
C GLY A 47 -1.55 -2.65 -19.42
N HIS A 48 -2.26 -3.55 -18.75
CA HIS A 48 -3.49 -3.18 -18.04
C HIS A 48 -3.28 -1.90 -17.23
N CYS A 49 -2.20 -1.87 -16.46
CA CYS A 49 -1.89 -0.70 -15.64
C CYS A 49 -2.17 0.59 -16.39
N LYS A 50 -2.02 0.54 -17.71
CA LYS A 50 -2.26 1.71 -18.55
C LYS A 50 -3.59 2.38 -18.19
N GLN A 51 -4.66 1.60 -18.19
CA GLN A 51 -5.98 2.11 -17.86
C GLN A 51 -6.14 2.27 -16.35
N PHE A 52 -5.31 1.57 -15.60
CA PHE A 52 -5.35 1.62 -14.14
C PHE A 52 -4.36 2.65 -13.60
N ALA A 53 -3.66 3.32 -14.51
CA ALA A 53 -2.68 4.33 -14.13
C ALA A 53 -3.35 5.59 -13.61
N PRO A 54 -4.16 6.23 -14.46
CA PRO A 54 -4.88 7.45 -14.11
C PRO A 54 -5.99 7.20 -13.10
N GLU A 55 -6.38 5.94 -12.95
CA GLU A 55 -7.43 5.56 -12.01
C GLU A 55 -6.89 5.49 -10.59
N TYR A 56 -5.68 4.98 -10.45
CA TYR A 56 -5.04 4.85 -9.14
C TYR A 56 -4.70 6.22 -8.57
N GLU A 57 -4.15 7.09 -9.41
CA GLU A 57 -3.78 8.43 -8.99
C GLU A 57 -4.99 9.20 -8.44
N LYS A 58 -6.10 9.12 -9.17
CA LYS A 58 -7.32 9.80 -8.76
C LYS A 58 -7.73 9.38 -7.36
N ILE A 59 -7.40 8.15 -6.98
CA ILE A 59 -7.73 7.63 -5.66
C ILE A 59 -6.81 8.21 -4.60
N ALA A 60 -5.53 8.39 -4.95
CA ALA A 60 -4.55 8.94 -4.03
C ALA A 60 -5.07 10.22 -3.38
N SER A 61 -5.33 11.23 -4.21
CA SER A 61 -5.82 12.51 -3.72
C SER A 61 -7.11 12.33 -2.92
N THR A 62 -8.03 11.54 -3.45
CA THR A 62 -9.30 11.28 -2.79
C THR A 62 -9.09 10.80 -1.36
N LEU A 63 -8.28 9.77 -1.20
CA LEU A 63 -7.98 9.23 0.12
C LEU A 63 -7.02 10.12 0.89
N LYS A 64 -6.44 11.09 0.19
CA LYS A 64 -5.50 12.02 0.79
C LYS A 64 -6.21 12.94 1.79
N ASP A 65 -7.24 13.64 1.31
CA ASP A 65 -8.00 14.56 2.15
C ASP A 65 -9.20 13.85 2.77
N ASN A 66 -9.06 12.54 3.00
CA ASN A 66 -10.14 11.75 3.59
C ASN A 66 -9.90 11.55 5.08
N ASP A 67 -10.96 11.16 5.79
CA ASP A 67 -10.86 10.93 7.23
C ASP A 67 -11.25 9.49 7.58
N PRO A 68 -10.32 8.77 8.22
CA PRO A 68 -9.00 9.32 8.59
C PRO A 68 -8.11 9.55 7.37
N PRO A 69 -7.04 10.34 7.57
CA PRO A 69 -6.09 10.65 6.50
C PRO A 69 -5.26 9.45 6.08
N ILE A 70 -5.54 8.93 4.88
CA ILE A 70 -4.82 7.77 4.36
C ILE A 70 -3.86 8.18 3.26
N ALA A 71 -2.75 7.45 3.14
CA ALA A 71 -1.75 7.73 2.13
C ALA A 71 -1.60 6.55 1.17
N VAL A 72 -1.93 6.78 -0.10
CA VAL A 72 -1.83 5.74 -1.11
C VAL A 72 -0.44 5.72 -1.74
N ALA A 73 0.11 4.52 -1.88
CA ALA A 73 1.44 4.37 -2.46
C ALA A 73 1.50 3.14 -3.37
N LYS A 74 2.48 3.12 -4.27
CA LYS A 74 2.64 2.01 -5.21
C LYS A 74 3.99 1.33 -5.02
N ILE A 75 4.08 0.08 -5.46
CA ILE A 75 5.32 -0.68 -5.33
C ILE A 75 5.55 -1.55 -6.56
N ASP A 76 6.79 -1.56 -7.04
CA ASP A 76 7.15 -2.36 -8.21
C ASP A 76 7.62 -3.75 -7.80
N ALA A 77 6.68 -4.66 -7.65
CA ALA A 77 7.00 -6.04 -7.26
C ALA A 77 8.22 -6.54 -8.02
N THR A 78 8.31 -6.20 -9.30
CA THR A 78 9.42 -6.64 -10.14
C THR A 78 10.75 -6.20 -9.53
N SER A 79 10.79 -4.98 -9.01
CA SER A 79 12.00 -4.44 -8.41
C SER A 79 12.12 -4.86 -6.95
N ALA A 80 10.97 -5.05 -6.30
CA ALA A 80 10.94 -5.45 -4.90
C ALA A 80 10.59 -6.93 -4.76
N SER A 81 11.58 -7.75 -4.43
CA SER A 81 11.38 -9.18 -4.27
C SER A 81 10.86 -9.50 -2.87
N MET A 82 11.63 -9.10 -1.86
CA MET A 82 11.25 -9.34 -0.47
C MET A 82 9.79 -8.96 -0.24
N LEU A 83 9.47 -7.69 -0.40
CA LEU A 83 8.11 -7.20 -0.21
C LEU A 83 7.11 -8.08 -0.94
N ALA A 84 7.38 -8.34 -2.21
CA ALA A 84 6.50 -9.16 -3.02
C ALA A 84 6.18 -10.48 -2.33
N SER A 85 7.22 -11.19 -1.91
CA SER A 85 7.05 -12.47 -1.23
C SER A 85 6.25 -12.30 0.06
N LYS A 86 6.35 -11.10 0.65
CA LYS A 86 5.63 -10.81 1.89
C LYS A 86 4.13 -11.03 1.72
N PHE A 87 3.55 -10.35 0.74
CA PHE A 87 2.12 -10.47 0.47
C PHE A 87 1.86 -11.47 -0.65
N ASP A 88 2.75 -12.45 -0.79
CA ASP A 88 2.61 -13.46 -1.83
C ASP A 88 2.11 -12.85 -3.13
N VAL A 89 2.69 -11.70 -3.49
CA VAL A 89 2.30 -11.02 -4.72
C VAL A 89 2.70 -11.82 -5.95
N SER A 90 1.74 -12.56 -6.50
CA SER A 90 2.00 -13.38 -7.69
C SER A 90 1.09 -12.95 -8.84
N GLY A 91 0.84 -11.65 -8.94
CA GLY A 91 0.00 -11.15 -10.00
C GLY A 91 -0.15 -9.63 -9.95
N TYR A 92 -0.72 -9.06 -11.00
CA TYR A 92 -0.92 -7.62 -11.07
C TYR A 92 -1.93 -7.26 -12.15
N PRO A 93 -2.60 -6.10 -11.97
CA PRO A 93 -2.38 -5.23 -10.81
C PRO A 93 -2.90 -5.85 -9.52
N THR A 94 -2.16 -5.64 -8.43
CA THR A 94 -2.54 -6.17 -7.14
C THR A 94 -2.63 -5.07 -6.09
N ILE A 95 -3.72 -5.06 -5.33
CA ILE A 95 -3.92 -4.06 -4.29
C ILE A 95 -3.91 -4.69 -2.91
N LYS A 96 -3.25 -4.02 -1.96
CA LYS A 96 -3.17 -4.51 -0.59
C LYS A 96 -3.28 -3.37 0.41
N ILE A 97 -3.41 -3.72 1.68
CA ILE A 97 -3.52 -2.72 2.74
C ILE A 97 -2.75 -3.14 3.98
N LEU A 98 -1.97 -2.20 4.52
CA LEU A 98 -1.17 -2.48 5.72
C LEU A 98 -1.84 -1.90 6.97
N LYS A 99 -2.31 -2.78 7.84
CA LYS A 99 -2.97 -2.36 9.08
C LYS A 99 -2.07 -2.60 10.28
N LYS A 100 -1.50 -1.53 10.83
CA LYS A 100 -0.63 -1.63 11.98
C LYS A 100 0.35 -2.79 11.83
N GLY A 101 0.64 -3.15 10.57
CA GLY A 101 1.56 -4.24 10.31
C GLY A 101 0.85 -5.52 9.92
N GLN A 102 -0.40 -5.40 9.52
CA GLN A 102 -1.20 -6.55 9.12
C GLN A 102 -1.57 -6.46 7.63
N ALA A 103 -1.10 -7.43 6.86
CA ALA A 103 -1.38 -7.46 5.42
C ALA A 103 -2.82 -7.89 5.16
N VAL A 104 -3.65 -6.95 4.73
CA VAL A 104 -5.05 -7.22 4.44
C VAL A 104 -5.27 -7.44 2.95
N ASP A 105 -5.50 -8.69 2.57
CA ASP A 105 -5.74 -9.02 1.17
C ASP A 105 -7.01 -8.36 0.65
N TYR A 106 -6.91 -7.73 -0.51
CA TYR A 106 -8.05 -7.05 -1.11
C TYR A 106 -8.62 -7.86 -2.28
N ASP A 107 -9.87 -8.26 -2.15
CA ASP A 107 -10.54 -9.04 -3.19
C ASP A 107 -11.79 -8.32 -3.70
N GLY A 108 -11.65 -7.67 -4.84
CA GLY A 108 -12.76 -6.94 -5.43
C GLY A 108 -12.40 -6.27 -6.74
N SER A 109 -13.37 -5.56 -7.32
CA SER A 109 -13.15 -4.88 -8.59
C SER A 109 -12.35 -3.59 -8.37
N ARG A 110 -11.07 -3.64 -8.71
CA ARG A 110 -10.19 -2.48 -8.55
C ARG A 110 -10.83 -1.24 -9.15
N THR A 111 -11.46 -0.43 -8.30
CA THR A 111 -12.11 0.80 -8.74
C THR A 111 -11.97 1.91 -7.71
N GLN A 112 -12.17 3.15 -8.14
CA GLN A 112 -12.06 4.29 -7.25
C GLN A 112 -13.14 4.25 -6.18
N GLU A 113 -14.27 3.63 -6.50
CA GLU A 113 -15.38 3.52 -5.56
C GLU A 113 -15.17 2.34 -4.62
N GLU A 114 -14.73 1.22 -5.16
CA GLU A 114 -14.50 0.02 -4.37
C GLU A 114 -13.24 0.16 -3.53
N ILE A 115 -12.08 0.22 -4.19
CA ILE A 115 -10.81 0.36 -3.50
C ILE A 115 -10.90 1.38 -2.37
N VAL A 116 -11.56 2.50 -2.65
CA VAL A 116 -11.72 3.55 -1.66
C VAL A 116 -12.73 3.15 -0.58
N ALA A 117 -13.69 2.32 -0.96
CA ALA A 117 -14.71 1.85 -0.02
C ALA A 117 -14.09 0.98 1.06
N LYS A 118 -12.99 0.32 0.72
CA LYS A 118 -12.30 -0.56 1.66
C LYS A 118 -11.20 0.19 2.40
N VAL A 119 -10.26 0.75 1.66
CA VAL A 119 -9.16 1.50 2.25
C VAL A 119 -9.67 2.53 3.26
N ARG A 120 -10.94 2.89 3.13
CA ARG A 120 -11.55 3.87 4.03
C ARG A 120 -12.10 3.18 5.27
N GLU A 121 -12.64 1.98 5.10
CA GLU A 121 -13.20 1.23 6.22
C GLU A 121 -12.09 0.64 7.08
N VAL A 122 -11.10 0.02 6.42
CA VAL A 122 -9.97 -0.58 7.13
C VAL A 122 -9.15 0.46 7.86
N SER A 123 -9.18 1.69 7.36
CA SER A 123 -8.43 2.79 7.96
C SER A 123 -9.01 3.15 9.32
N GLN A 124 -10.28 2.85 9.52
CA GLN A 124 -10.96 3.15 10.78
C GLN A 124 -10.36 2.33 11.92
N PRO A 125 -10.28 2.95 13.11
CA PRO A 125 -9.73 2.31 14.30
C PRO A 125 -10.64 1.19 14.83
N ASP A 126 -11.94 1.33 14.57
CA ASP A 126 -12.91 0.35 15.03
C ASP A 126 -12.87 -0.89 14.14
N TRP A 127 -12.61 -0.69 12.86
CA TRP A 127 -12.54 -1.80 11.90
C TRP A 127 -11.74 -2.97 12.47
N THR A 128 -12.19 -4.18 12.18
CA THR A 128 -11.51 -5.38 12.67
C THR A 128 -11.39 -6.43 11.57
N PRO A 129 -10.32 -7.23 11.64
CA PRO A 129 -10.06 -8.29 10.65
C PRO A 129 -11.05 -9.44 10.77
N PRO A 130 -11.66 -9.81 9.64
CA PRO A 130 -12.65 -10.90 9.58
C PRO A 130 -11.99 -12.26 9.80
N PRO A 131 -12.83 -13.30 10.00
CA PRO A 131 -12.36 -14.67 10.22
C PRO A 131 -11.76 -15.28 8.96
N GLU A 132 -11.35 -16.54 9.06
CA GLU A 132 -10.75 -17.24 7.93
C GLU A 132 -9.61 -16.43 7.33
N VAL A 133 -8.78 -15.87 8.19
CA VAL A 133 -7.64 -15.07 7.74
C VAL A 133 -6.44 -15.95 7.42
N THR A 134 -5.71 -15.59 6.36
CA THR A 134 -4.54 -16.35 5.95
C THR A 134 -4.80 -17.85 6.03
N SER A 135 -6.03 -18.25 5.72
CA SER A 135 -6.41 -19.66 5.75
C SER A 135 -5.32 -20.52 5.12
N GLY A 136 -4.96 -20.19 3.88
CA GLY A 136 -3.95 -20.96 3.18
C GLY A 136 -2.75 -21.29 4.06
N PRO A 137 -1.73 -20.42 4.02
CA PRO A 137 -0.52 -20.60 4.81
C PRO A 137 -0.76 -20.41 6.30
N SER A 138 -1.03 -21.49 7.01
CA SER A 138 -1.28 -21.43 8.45
C SER A 138 0.03 -21.30 9.22
N SER A 139 -0.06 -20.67 10.39
CA SER A 139 1.12 -20.47 11.23
C SER A 139 0.73 -20.35 12.70
N GLY A 140 1.60 -20.81 13.58
CA GLY A 140 1.33 -20.75 15.01
C GLY A 140 0.91 -22.09 15.57
N GLY A 1 6.34 1.17 21.21
CA GLY A 1 7.76 0.98 20.98
C GLY A 1 8.35 2.08 20.12
N SER A 2 9.62 1.93 19.76
CA SER A 2 10.31 2.91 18.93
C SER A 2 9.91 2.77 17.46
N SER A 3 8.82 3.44 17.09
CA SER A 3 8.33 3.37 15.71
C SER A 3 9.43 3.78 14.73
N GLY A 4 10.11 4.88 15.03
CA GLY A 4 11.17 5.35 14.16
C GLY A 4 11.85 6.60 14.70
N SER A 5 13.03 6.43 15.27
CA SER A 5 13.77 7.56 15.83
C SER A 5 15.27 7.29 15.80
N SER A 6 16.06 8.35 15.80
CA SER A 6 17.51 8.24 15.76
C SER A 6 17.97 7.53 14.48
N GLY A 7 17.36 7.90 13.36
CA GLY A 7 17.72 7.29 12.09
C GLY A 7 18.63 8.18 11.26
N ASP A 8 18.34 8.24 9.96
CA ASP A 8 19.14 9.07 9.06
C ASP A 8 18.36 9.38 7.78
N ASP A 9 18.76 10.44 7.09
CA ASP A 9 18.09 10.85 5.86
C ASP A 9 18.58 10.02 4.68
N ASP A 10 18.69 8.71 4.89
CA ASP A 10 19.14 7.80 3.84
C ASP A 10 17.96 7.31 3.02
N LEU A 11 16.98 6.69 3.68
CA LEU A 11 15.80 6.17 3.00
C LEU A 11 14.84 7.29 2.65
N GLU A 12 14.80 7.65 1.37
CA GLU A 12 13.92 8.72 0.91
C GLU A 12 12.76 8.15 0.08
N VAL A 13 11.69 8.93 -0.05
CA VAL A 13 10.53 8.50 -0.81
C VAL A 13 10.13 9.55 -1.84
N LYS A 14 9.66 9.09 -2.99
CA LYS A 14 9.24 9.99 -4.06
C LYS A 14 7.73 9.93 -4.26
N GLU A 15 7.22 10.73 -5.19
CA GLU A 15 5.79 10.77 -5.47
C GLU A 15 5.53 11.01 -6.95
N GLU A 16 4.48 10.38 -7.47
CA GLU A 16 4.14 10.52 -8.88
C GLU A 16 2.65 10.83 -9.04
N ASN A 17 2.34 12.01 -9.57
CA ASN A 17 0.96 12.42 -9.78
C ASN A 17 0.12 12.17 -8.54
N GLY A 18 0.70 12.47 -7.37
CA GLY A 18 0.00 12.28 -6.12
C GLY A 18 0.01 10.83 -5.66
N VAL A 19 1.12 10.13 -5.96
CA VAL A 19 1.25 8.74 -5.58
C VAL A 19 2.65 8.45 -5.04
N TRP A 20 2.75 8.23 -3.74
CA TRP A 20 4.04 7.94 -3.11
C TRP A 20 4.61 6.61 -3.61
N VAL A 21 5.89 6.61 -3.93
CA VAL A 21 6.55 5.41 -4.42
C VAL A 21 7.39 4.76 -3.32
N LEU A 22 6.85 3.70 -2.73
CA LEU A 22 7.56 2.98 -1.66
C LEU A 22 8.30 1.77 -2.22
N ASN A 23 9.12 1.16 -1.38
CA ASN A 23 9.89 -0.02 -1.78
C ASN A 23 10.68 -0.58 -0.61
N ASP A 24 11.18 -1.80 -0.77
CA ASP A 24 11.95 -2.46 0.28
C ASP A 24 12.92 -1.49 0.93
N GLY A 25 13.26 -0.43 0.20
CA GLY A 25 14.18 0.56 0.73
C GLY A 25 13.52 1.51 1.72
N ASN A 26 12.36 2.02 1.34
CA ASN A 26 11.62 2.94 2.21
C ASN A 26 10.21 2.43 2.47
N PHE A 27 10.08 1.11 2.59
CA PHE A 27 8.78 0.49 2.84
C PHE A 27 8.41 0.58 4.32
N ASP A 28 9.31 0.11 5.17
CA ASP A 28 9.08 0.14 6.61
C ASP A 28 9.20 1.57 7.16
N ASN A 29 10.24 2.28 6.72
CA ASN A 29 10.46 3.65 7.16
C ASN A 29 9.22 4.50 6.95
N PHE A 30 8.54 4.27 5.84
CA PHE A 30 7.33 5.03 5.52
C PHE A 30 6.20 4.65 6.47
N VAL A 31 5.81 3.38 6.46
CA VAL A 31 4.73 2.90 7.31
C VAL A 31 5.07 3.12 8.79
N ALA A 32 6.36 3.27 9.08
CA ALA A 32 6.81 3.49 10.45
C ALA A 32 6.02 4.63 11.11
N ASP A 33 5.84 5.72 10.38
CA ASP A 33 5.11 6.87 10.89
C ASP A 33 3.71 6.94 10.29
N LYS A 34 3.09 5.78 10.11
CA LYS A 34 1.74 5.71 9.55
C LYS A 34 1.03 4.44 9.98
N ASP A 35 -0.20 4.58 10.46
CA ASP A 35 -0.99 3.44 10.91
C ASP A 35 -1.51 2.64 9.72
N THR A 36 -2.21 3.32 8.82
CA THR A 36 -2.77 2.68 7.63
C THR A 36 -2.14 3.22 6.36
N VAL A 37 -1.56 2.33 5.56
CA VAL A 37 -0.92 2.73 4.31
C VAL A 37 -1.38 1.84 3.16
N LEU A 38 -1.95 2.47 2.14
CA LEU A 38 -2.44 1.73 0.96
C LEU A 38 -1.29 1.36 0.05
N LEU A 39 -1.06 0.04 -0.11
CA LEU A 39 0.01 -0.45 -0.96
C LEU A 39 -0.56 -1.10 -2.23
N GLU A 40 -0.07 -0.65 -3.38
CA GLU A 40 -0.53 -1.18 -4.66
C GLU A 40 0.65 -1.69 -5.49
N PHE A 41 0.63 -2.98 -5.79
CA PHE A 41 1.70 -3.59 -6.57
C PHE A 41 1.36 -3.56 -8.06
N TYR A 42 2.33 -3.12 -8.87
CA TYR A 42 2.14 -3.04 -10.31
C TYR A 42 3.38 -3.50 -11.05
N ALA A 43 3.25 -3.69 -12.36
CA ALA A 43 4.37 -4.13 -13.19
C ALA A 43 4.46 -3.30 -14.47
N PRO A 44 5.70 -2.98 -14.87
CA PRO A 44 5.95 -2.18 -16.08
C PRO A 44 5.63 -2.95 -17.36
N TRP A 45 5.77 -4.28 -17.30
CA TRP A 45 5.49 -5.12 -18.46
C TRP A 45 4.04 -5.55 -18.47
N CYS A 46 3.20 -4.84 -17.73
CA CYS A 46 1.77 -5.14 -17.65
C CYS A 46 0.93 -4.01 -18.22
N GLY A 47 0.17 -4.30 -19.26
CA GLY A 47 -0.67 -3.28 -19.88
C GLY A 47 -1.82 -2.87 -18.99
N HIS A 48 -2.38 -3.82 -18.25
CA HIS A 48 -3.50 -3.55 -17.35
C HIS A 48 -3.22 -2.30 -16.52
N CYS A 49 -1.95 -2.05 -16.23
CA CYS A 49 -1.57 -0.89 -15.43
C CYS A 49 -1.70 0.40 -16.24
N LYS A 50 -1.43 0.30 -17.54
CA LYS A 50 -1.53 1.46 -18.43
C LYS A 50 -2.93 2.06 -18.38
N GLN A 51 -3.94 1.20 -18.42
CA GLN A 51 -5.33 1.65 -18.39
C GLN A 51 -5.73 2.04 -16.97
N PHE A 52 -5.07 1.45 -15.99
CA PHE A 52 -5.37 1.73 -14.58
C PHE A 52 -4.34 2.70 -13.99
N ALA A 53 -3.49 3.24 -14.86
CA ALA A 53 -2.46 4.18 -14.42
C ALA A 53 -3.09 5.47 -13.91
N PRO A 54 -3.84 6.16 -14.78
CA PRO A 54 -4.50 7.42 -14.43
C PRO A 54 -5.65 7.22 -13.44
N GLU A 55 -6.24 6.02 -13.46
CA GLU A 55 -7.34 5.70 -12.57
C GLU A 55 -6.88 5.68 -11.11
N TYR A 56 -5.70 5.12 -10.89
CA TYR A 56 -5.13 5.04 -9.54
C TYR A 56 -4.90 6.42 -8.95
N GLU A 57 -4.18 7.25 -9.70
CA GLU A 57 -3.87 8.60 -9.25
C GLU A 57 -5.09 9.26 -8.61
N LYS A 58 -6.22 9.21 -9.32
CA LYS A 58 -7.46 9.79 -8.82
C LYS A 58 -7.75 9.32 -7.40
N ILE A 59 -7.62 8.01 -7.18
CA ILE A 59 -7.88 7.43 -5.87
C ILE A 59 -7.03 8.11 -4.79
N ALA A 60 -5.76 8.34 -5.11
CA ALA A 60 -4.85 8.99 -4.17
C ALA A 60 -5.53 10.15 -3.46
N SER A 61 -5.94 11.16 -4.22
CA SER A 61 -6.60 12.32 -3.66
C SER A 61 -7.77 11.91 -2.77
N THR A 62 -8.68 11.12 -3.33
CA THR A 62 -9.85 10.65 -2.59
C THR A 62 -9.48 10.27 -1.16
N LEU A 63 -8.65 9.23 -1.02
CA LEU A 63 -8.22 8.77 0.29
C LEU A 63 -7.43 9.85 1.01
N LYS A 64 -6.61 10.58 0.27
CA LYS A 64 -5.81 11.66 0.84
C LYS A 64 -6.63 12.50 1.80
N ASP A 65 -7.80 12.94 1.36
CA ASP A 65 -8.68 13.76 2.18
C ASP A 65 -9.46 12.90 3.16
N ASN A 66 -9.82 11.69 2.72
CA ASN A 66 -10.57 10.76 3.56
C ASN A 66 -10.14 10.87 5.01
N ASP A 67 -11.05 10.55 5.92
CA ASP A 67 -10.76 10.61 7.35
C ASP A 67 -10.80 9.22 7.97
N PRO A 68 -9.67 8.82 8.59
CA PRO A 68 -8.48 9.66 8.69
C PRO A 68 -7.78 9.84 7.34
N PRO A 69 -6.83 10.79 7.28
CA PRO A 69 -6.08 11.07 6.05
C PRO A 69 -5.12 9.94 5.69
N ILE A 70 -5.53 9.12 4.73
CA ILE A 70 -4.70 8.00 4.28
C ILE A 70 -3.77 8.42 3.16
N ALA A 71 -2.60 7.79 3.09
CA ALA A 71 -1.62 8.10 2.06
C ALA A 71 -1.45 6.93 1.10
N VAL A 72 -1.83 7.14 -0.16
CA VAL A 72 -1.72 6.10 -1.18
C VAL A 72 -0.31 6.03 -1.74
N ALA A 73 0.17 4.81 -1.97
CA ALA A 73 1.51 4.61 -2.52
C ALA A 73 1.55 3.41 -3.45
N LYS A 74 2.47 3.43 -4.40
CA LYS A 74 2.61 2.34 -5.36
C LYS A 74 3.99 1.68 -5.24
N ILE A 75 4.04 0.38 -5.54
CA ILE A 75 5.29 -0.36 -5.47
C ILE A 75 5.42 -1.34 -6.63
N ASP A 76 6.61 -1.43 -7.19
CA ASP A 76 6.88 -2.33 -8.31
C ASP A 76 7.34 -3.69 -7.81
N ALA A 77 6.39 -4.52 -7.38
CA ALA A 77 6.70 -5.84 -6.88
C ALA A 77 7.81 -6.50 -7.70
N THR A 78 7.60 -6.56 -9.01
CA THR A 78 8.58 -7.17 -9.91
C THR A 78 10.00 -6.81 -9.49
N SER A 79 10.19 -5.55 -9.07
CA SER A 79 11.51 -5.09 -8.65
C SER A 79 11.77 -5.48 -7.20
N ALA A 80 10.75 -5.39 -6.37
CA ALA A 80 10.87 -5.73 -4.96
C ALA A 80 10.47 -7.18 -4.71
N SER A 81 11.46 -8.06 -4.59
CA SER A 81 11.21 -9.47 -4.34
C SER A 81 10.69 -9.70 -2.93
N MET A 82 11.42 -9.20 -1.95
CA MET A 82 11.03 -9.34 -0.55
C MET A 82 9.56 -8.96 -0.36
N LEU A 83 9.25 -7.70 -0.65
CA LEU A 83 7.88 -7.20 -0.50
C LEU A 83 6.91 -8.06 -1.29
N ALA A 84 7.28 -8.39 -2.53
CA ALA A 84 6.44 -9.20 -3.40
C ALA A 84 5.98 -10.47 -2.68
N SER A 85 6.94 -11.19 -2.08
CA SER A 85 6.64 -12.42 -1.36
C SER A 85 5.81 -12.14 -0.12
N LYS A 86 6.14 -11.03 0.56
CA LYS A 86 5.42 -10.65 1.78
C LYS A 86 3.92 -10.74 1.58
N PHE A 87 3.41 -10.05 0.56
CA PHE A 87 1.99 -10.06 0.26
C PHE A 87 1.66 -11.06 -0.84
N ASP A 88 2.47 -12.11 -0.93
CA ASP A 88 2.27 -13.15 -1.94
C ASP A 88 1.73 -12.55 -3.23
N VAL A 89 2.32 -11.42 -3.65
CA VAL A 89 1.90 -10.75 -4.87
C VAL A 89 2.14 -11.62 -6.09
N SER A 90 1.11 -12.37 -6.49
CA SER A 90 1.21 -13.25 -7.64
C SER A 90 0.36 -12.73 -8.80
N GLY A 91 0.35 -11.42 -8.98
CA GLY A 91 -0.44 -10.82 -10.04
C GLY A 91 -0.33 -9.31 -10.06
N TYR A 92 -0.91 -8.70 -11.09
CA TYR A 92 -0.87 -7.24 -11.23
C TYR A 92 -1.94 -6.76 -12.21
N PRO A 93 -2.58 -5.64 -11.88
CA PRO A 93 -2.31 -4.91 -10.65
C PRO A 93 -2.78 -5.66 -9.41
N THR A 94 -2.32 -5.23 -8.24
CA THR A 94 -2.70 -5.86 -6.98
C THR A 94 -2.74 -4.85 -5.84
N ILE A 95 -3.95 -4.53 -5.39
CA ILE A 95 -4.13 -3.58 -4.29
C ILE A 95 -4.15 -4.28 -2.94
N LYS A 96 -3.52 -3.67 -1.95
CA LYS A 96 -3.46 -4.23 -0.61
C LYS A 96 -3.56 -3.12 0.45
N ILE A 97 -3.82 -3.52 1.69
CA ILE A 97 -3.95 -2.58 2.78
C ILE A 97 -3.05 -2.98 3.96
N LEU A 98 -2.32 -2.01 4.49
CA LEU A 98 -1.42 -2.27 5.62
C LEU A 98 -1.96 -1.61 6.90
N LYS A 99 -2.43 -2.44 7.83
CA LYS A 99 -2.96 -1.96 9.09
C LYS A 99 -1.98 -2.18 10.23
N LYS A 100 -1.32 -1.11 10.67
CA LYS A 100 -0.35 -1.20 11.75
C LYS A 100 0.63 -2.34 11.52
N GLY A 101 0.80 -2.72 10.25
CA GLY A 101 1.71 -3.80 9.92
C GLY A 101 0.99 -5.09 9.58
N GLN A 102 -0.32 -4.97 9.34
CA GLN A 102 -1.13 -6.15 9.00
C GLN A 102 -1.53 -6.12 7.53
N ALA A 103 -1.24 -7.21 6.82
CA ALA A 103 -1.58 -7.32 5.41
C ALA A 103 -3.02 -7.78 5.22
N VAL A 104 -3.82 -6.94 4.58
CA VAL A 104 -5.21 -7.25 4.32
C VAL A 104 -5.50 -7.37 2.83
N ASP A 105 -5.44 -8.60 2.32
CA ASP A 105 -5.69 -8.85 0.90
C ASP A 105 -6.97 -8.17 0.46
N TYR A 106 -6.94 -7.59 -0.73
CA TYR A 106 -8.10 -6.90 -1.29
C TYR A 106 -8.79 -7.76 -2.34
N ASP A 107 -9.85 -8.45 -1.92
CA ASP A 107 -10.61 -9.31 -2.82
C ASP A 107 -11.88 -8.62 -3.29
N GLY A 108 -11.76 -7.81 -4.35
CA GLY A 108 -12.91 -7.09 -4.87
C GLY A 108 -12.66 -6.55 -6.26
N SER A 109 -13.62 -5.77 -6.77
CA SER A 109 -13.50 -5.18 -8.10
C SER A 109 -12.46 -4.07 -8.11
N ARG A 110 -12.15 -3.58 -9.31
CA ARG A 110 -11.18 -2.50 -9.45
C ARG A 110 -11.86 -1.17 -9.74
N THR A 111 -12.32 -0.51 -8.67
CA THR A 111 -13.01 0.77 -8.81
C THR A 111 -12.58 1.72 -7.70
N GLN A 112 -12.67 3.02 -7.98
CA GLN A 112 -12.29 4.05 -7.01
C GLN A 112 -13.22 4.00 -5.79
N GLU A 113 -14.48 3.66 -6.03
CA GLU A 113 -15.47 3.58 -4.96
C GLU A 113 -15.16 2.41 -4.03
N GLU A 114 -15.04 1.22 -4.61
CA GLU A 114 -14.75 0.03 -3.83
C GLU A 114 -13.42 0.15 -3.10
N ILE A 115 -12.34 0.15 -3.87
CA ILE A 115 -11.00 0.26 -3.30
C ILE A 115 -10.98 1.25 -2.13
N VAL A 116 -11.44 2.47 -2.39
CA VAL A 116 -11.48 3.50 -1.36
C VAL A 116 -12.42 3.11 -0.23
N ALA A 117 -13.55 2.52 -0.59
CA ALA A 117 -14.54 2.09 0.40
C ALA A 117 -13.94 1.07 1.37
N LYS A 118 -13.06 0.23 0.85
CA LYS A 118 -12.42 -0.80 1.66
C LYS A 118 -11.27 -0.21 2.47
N VAL A 119 -10.44 0.59 1.82
CA VAL A 119 -9.29 1.23 2.47
C VAL A 119 -9.75 2.11 3.62
N ARG A 120 -10.92 2.73 3.45
CA ARG A 120 -11.47 3.62 4.48
C ARG A 120 -12.08 2.81 5.62
N GLU A 121 -12.80 1.76 5.27
CA GLU A 121 -13.45 0.91 6.27
C GLU A 121 -12.40 0.15 7.08
N VAL A 122 -11.35 -0.30 6.41
CA VAL A 122 -10.28 -1.05 7.08
C VAL A 122 -9.58 -0.18 8.12
N SER A 123 -9.08 0.97 7.68
CA SER A 123 -8.37 1.88 8.58
C SER A 123 -9.10 1.99 9.92
N GLN A 124 -10.42 1.90 9.88
CA GLN A 124 -11.23 1.99 11.09
C GLN A 124 -10.79 0.95 12.11
N PRO A 125 -10.81 1.33 13.39
CA PRO A 125 -10.42 0.46 14.50
C PRO A 125 -11.42 -0.68 14.72
N ASP A 126 -12.67 -0.45 14.31
CA ASP A 126 -13.72 -1.46 14.45
C ASP A 126 -13.56 -2.57 13.43
N TRP A 127 -13.24 -2.19 12.20
CA TRP A 127 -13.07 -3.15 11.12
C TRP A 127 -12.09 -4.25 11.53
N THR A 128 -12.42 -5.49 11.15
CA THR A 128 -11.58 -6.63 11.49
C THR A 128 -11.24 -7.44 10.25
N PRO A 129 -10.04 -8.06 10.25
CA PRO A 129 -9.57 -8.87 9.13
C PRO A 129 -10.34 -10.18 9.00
N PRO A 130 -10.68 -10.54 7.75
CA PRO A 130 -11.43 -11.77 7.46
C PRO A 130 -10.59 -13.02 7.70
N PRO A 131 -11.27 -14.18 7.79
CA PRO A 131 -10.60 -15.47 8.02
C PRO A 131 -9.80 -15.92 6.80
N GLU A 132 -9.23 -17.12 6.89
CA GLU A 132 -8.44 -17.67 5.81
C GLU A 132 -7.23 -16.78 5.51
N VAL A 133 -6.58 -16.30 6.56
CA VAL A 133 -5.41 -15.43 6.41
C VAL A 133 -4.13 -16.25 6.38
N THR A 134 -3.35 -16.07 5.31
CA THR A 134 -2.09 -16.79 5.15
C THR A 134 -0.90 -15.85 5.30
N SER A 135 0.16 -16.34 5.92
CA SER A 135 1.37 -15.56 6.12
C SER A 135 1.06 -14.30 6.95
N GLY A 136 0.27 -14.47 8.00
CA GLY A 136 -0.09 -13.36 8.85
C GLY A 136 1.11 -12.76 9.56
N PRO A 137 1.30 -13.14 10.83
CA PRO A 137 2.41 -12.65 11.65
C PRO A 137 3.76 -13.20 11.19
N SER A 138 4.73 -12.30 11.00
CA SER A 138 6.06 -12.70 10.56
C SER A 138 7.02 -11.52 10.61
N SER A 139 8.03 -11.62 11.46
CA SER A 139 9.02 -10.56 11.61
C SER A 139 9.78 -10.34 10.31
N GLY A 140 9.98 -11.43 9.55
CA GLY A 140 10.69 -11.34 8.29
C GLY A 140 9.91 -10.61 7.22
N GLY A 1 15.74 3.60 12.63
CA GLY A 1 15.14 2.42 13.24
C GLY A 1 15.44 2.32 14.72
N SER A 2 16.68 2.03 15.05
CA SER A 2 17.09 1.90 16.45
C SER A 2 17.50 3.25 17.03
N SER A 3 18.46 3.90 16.38
CA SER A 3 18.94 5.19 16.82
C SER A 3 18.38 6.32 15.96
N GLY A 4 18.54 6.18 14.64
CA GLY A 4 18.04 7.18 13.73
C GLY A 4 18.92 8.43 13.68
N SER A 5 19.44 8.73 12.49
CA SER A 5 20.30 9.90 12.32
C SER A 5 19.93 10.67 11.06
N SER A 6 19.50 11.92 11.25
CA SER A 6 19.10 12.76 10.12
C SER A 6 20.33 13.33 9.42
N GLY A 7 20.20 13.58 8.13
CA GLY A 7 21.30 14.12 7.35
C GLY A 7 21.77 13.19 6.26
N ASP A 8 20.84 12.79 5.39
CA ASP A 8 21.15 11.89 4.29
C ASP A 8 20.00 11.82 3.29
N ASP A 9 20.34 11.78 2.00
CA ASP A 9 19.33 11.72 0.95
C ASP A 9 19.18 10.29 0.44
N ASP A 10 19.07 9.34 1.36
CA ASP A 10 18.92 7.94 1.00
C ASP A 10 17.55 7.41 1.43
N LEU A 11 17.15 7.76 2.65
CA LEU A 11 15.86 7.32 3.18
C LEU A 11 14.74 8.26 2.75
N GLU A 12 14.88 8.84 1.57
CA GLU A 12 13.88 9.76 1.04
C GLU A 12 12.81 9.01 0.25
N VAL A 13 11.68 9.65 0.04
CA VAL A 13 10.57 9.05 -0.71
C VAL A 13 9.96 10.04 -1.68
N LYS A 14 9.74 9.60 -2.91
CA LYS A 14 9.15 10.44 -3.94
C LYS A 14 7.69 10.11 -4.15
N GLU A 15 7.03 10.82 -5.07
CA GLU A 15 5.63 10.61 -5.36
C GLU A 15 5.35 10.78 -6.84
N GLU A 16 4.20 10.27 -7.29
CA GLU A 16 3.82 10.38 -8.70
C GLU A 16 2.35 10.79 -8.83
N ASN A 17 2.11 12.09 -8.92
CA ASN A 17 0.76 12.62 -9.04
C ASN A 17 -0.08 12.27 -7.81
N GLY A 18 0.53 12.37 -6.64
CA GLY A 18 -0.17 12.06 -5.41
C GLY A 18 0.14 10.67 -4.89
N VAL A 19 0.45 9.77 -5.81
CA VAL A 19 0.76 8.38 -5.45
C VAL A 19 2.22 8.25 -5.03
N TRP A 20 2.44 8.10 -3.73
CA TRP A 20 3.80 7.95 -3.20
C TRP A 20 4.43 6.65 -3.69
N VAL A 21 5.72 6.73 -4.00
CA VAL A 21 6.46 5.57 -4.49
C VAL A 21 7.26 4.91 -3.37
N LEU A 22 6.80 3.74 -2.93
CA LEU A 22 7.47 3.01 -1.86
C LEU A 22 8.18 1.78 -2.40
N ASN A 23 9.06 1.21 -1.59
CA ASN A 23 9.81 0.01 -1.99
C ASN A 23 10.65 -0.52 -0.83
N ASP A 24 11.20 -1.72 -1.00
CA ASP A 24 12.02 -2.34 0.02
C ASP A 24 13.01 -1.33 0.61
N GLY A 25 13.29 -0.27 -0.16
CA GLY A 25 14.21 0.75 0.31
C GLY A 25 13.57 1.69 1.31
N ASN A 26 12.33 2.08 1.06
CA ASN A 26 11.62 2.99 1.95
C ASN A 26 10.20 2.49 2.20
N PHE A 27 10.06 1.18 2.36
CA PHE A 27 8.76 0.58 2.61
C PHE A 27 8.37 0.70 4.08
N ASP A 28 9.27 0.25 4.96
CA ASP A 28 9.02 0.31 6.40
C ASP A 28 9.11 1.75 6.90
N ASN A 29 10.11 2.48 6.42
CA ASN A 29 10.32 3.86 6.83
C ASN A 29 9.03 4.67 6.66
N PHE A 30 8.34 4.43 5.55
CA PHE A 30 7.09 5.14 5.27
C PHE A 30 5.98 4.67 6.19
N VAL A 31 5.66 3.38 6.10
CA VAL A 31 4.60 2.80 6.93
C VAL A 31 5.00 2.78 8.40
N ALA A 32 6.23 3.22 8.68
CA ALA A 32 6.74 3.26 10.05
C ALA A 32 5.87 4.17 10.93
N ASP A 33 5.61 5.38 10.45
CA ASP A 33 4.80 6.34 11.18
C ASP A 33 3.44 6.53 10.52
N LYS A 34 2.81 5.42 10.13
CA LYS A 34 1.51 5.47 9.47
C LYS A 34 0.64 4.30 9.92
N ASP A 35 -0.42 4.60 10.65
CA ASP A 35 -1.33 3.57 11.14
C ASP A 35 -1.82 2.69 9.99
N THR A 36 -2.21 3.32 8.90
CA THR A 36 -2.69 2.59 7.73
C THR A 36 -2.14 3.19 6.44
N VAL A 37 -1.60 2.33 5.58
CA VAL A 37 -1.03 2.76 4.31
C VAL A 37 -1.51 1.87 3.16
N LEU A 38 -1.96 2.51 2.08
CA LEU A 38 -2.43 1.78 0.92
C LEU A 38 -1.28 1.47 -0.05
N LEU A 39 -1.13 0.20 -0.37
CA LEU A 39 -0.07 -0.23 -1.29
C LEU A 39 -0.65 -0.91 -2.52
N GLU A 40 -0.08 -0.61 -3.68
CA GLU A 40 -0.54 -1.20 -4.93
C GLU A 40 0.63 -1.72 -5.76
N PHE A 41 0.64 -3.02 -6.04
CA PHE A 41 1.69 -3.64 -6.82
C PHE A 41 1.37 -3.60 -8.31
N TYR A 42 2.39 -3.40 -9.13
CA TYR A 42 2.20 -3.34 -10.58
C TYR A 42 3.44 -3.86 -11.31
N ALA A 43 3.31 -4.05 -12.61
CA ALA A 43 4.43 -4.53 -13.42
C ALA A 43 4.65 -3.63 -14.63
N PRO A 44 5.94 -3.37 -14.94
CA PRO A 44 6.32 -2.53 -16.07
C PRO A 44 6.03 -3.18 -17.42
N TRP A 45 6.05 -4.51 -17.43
CA TRP A 45 5.78 -5.26 -18.66
C TRP A 45 4.29 -5.57 -18.79
N CYS A 46 3.48 -4.92 -17.97
CA CYS A 46 2.04 -5.12 -18.00
C CYS A 46 1.32 -3.89 -18.55
N GLY A 47 0.19 -4.11 -19.20
CA GLY A 47 -0.57 -3.01 -19.77
C GLY A 47 -1.62 -2.47 -18.81
N HIS A 48 -2.27 -3.39 -18.09
CA HIS A 48 -3.30 -3.00 -17.14
C HIS A 48 -2.87 -1.78 -16.32
N CYS A 49 -1.62 -1.80 -15.85
CA CYS A 49 -1.09 -0.70 -15.06
C CYS A 49 -1.21 0.62 -15.81
N LYS A 50 -1.06 0.55 -17.13
CA LYS A 50 -1.14 1.74 -17.96
C LYS A 50 -2.55 2.33 -17.93
N GLN A 51 -3.54 1.51 -18.27
CA GLN A 51 -4.93 1.95 -18.27
C GLN A 51 -5.39 2.31 -16.86
N PHE A 52 -4.85 1.60 -15.87
CA PHE A 52 -5.21 1.83 -14.47
C PHE A 52 -4.32 2.91 -13.87
N ALA A 53 -3.21 3.21 -14.54
CA ALA A 53 -2.27 4.21 -14.06
C ALA A 53 -3.00 5.50 -13.66
N PRO A 54 -3.74 6.08 -14.62
CA PRO A 54 -4.49 7.32 -14.39
C PRO A 54 -5.68 7.11 -13.46
N GLU A 55 -6.19 5.88 -13.42
CA GLU A 55 -7.32 5.56 -12.58
C GLU A 55 -6.93 5.57 -11.11
N TYR A 56 -5.73 5.07 -10.82
CA TYR A 56 -5.23 5.03 -9.44
C TYR A 56 -4.99 6.43 -8.91
N GLU A 57 -4.30 7.25 -9.69
CA GLU A 57 -4.00 8.62 -9.29
C GLU A 57 -5.23 9.30 -8.70
N LYS A 58 -6.37 9.13 -9.36
CA LYS A 58 -7.62 9.71 -8.89
C LYS A 58 -7.87 9.39 -7.42
N ILE A 59 -7.81 8.10 -7.09
CA ILE A 59 -8.03 7.67 -5.71
C ILE A 59 -7.06 8.36 -4.76
N ALA A 60 -5.81 8.51 -5.19
CA ALA A 60 -4.79 9.15 -4.37
C ALA A 60 -5.37 10.35 -3.62
N SER A 61 -5.88 11.33 -4.37
CA SER A 61 -6.46 12.52 -3.78
C SER A 61 -7.66 12.16 -2.91
N THR A 62 -8.57 11.36 -3.45
CA THR A 62 -9.75 10.95 -2.73
C THR A 62 -9.41 10.52 -1.30
N LEU A 63 -8.60 9.47 -1.20
CA LEU A 63 -8.19 8.95 0.11
C LEU A 63 -7.27 9.93 0.82
N LYS A 64 -6.47 10.65 0.04
CA LYS A 64 -5.54 11.64 0.60
C LYS A 64 -6.25 12.57 1.58
N ASP A 65 -7.23 13.31 1.06
CA ASP A 65 -7.99 14.25 1.89
C ASP A 65 -9.16 13.54 2.57
N ASN A 66 -9.00 12.25 2.84
CA ASN A 66 -10.03 11.45 3.48
C ASN A 66 -9.80 11.39 4.99
N ASP A 67 -10.78 10.86 5.70
CA ASP A 67 -10.69 10.72 7.16
C ASP A 67 -10.87 9.27 7.58
N PRO A 68 -9.83 8.69 8.20
CA PRO A 68 -8.58 9.41 8.47
C PRO A 68 -7.79 9.69 7.20
N PRO A 69 -6.74 10.52 7.32
CA PRO A 69 -5.89 10.88 6.19
C PRO A 69 -5.04 9.71 5.71
N ILE A 70 -5.56 8.95 4.76
CA ILE A 70 -4.85 7.81 4.21
C ILE A 70 -3.90 8.23 3.09
N ALA A 71 -2.82 7.46 2.93
CA ALA A 71 -1.84 7.77 1.90
C ALA A 71 -1.72 6.62 0.90
N VAL A 72 -1.93 6.92 -0.38
CA VAL A 72 -1.85 5.91 -1.43
C VAL A 72 -0.44 5.82 -2.00
N ALA A 73 0.06 4.60 -2.16
CA ALA A 73 1.40 4.39 -2.70
C ALA A 73 1.43 3.16 -3.60
N LYS A 74 2.41 3.11 -4.49
CA LYS A 74 2.56 1.99 -5.41
C LYS A 74 3.96 1.39 -5.33
N ILE A 75 4.06 0.09 -5.58
CA ILE A 75 5.35 -0.60 -5.54
C ILE A 75 5.49 -1.55 -6.71
N ASP A 76 6.72 -1.72 -7.18
CA ASP A 76 7.00 -2.60 -8.30
C ASP A 76 7.47 -3.97 -7.80
N ALA A 77 6.50 -4.87 -7.61
CA ALA A 77 6.82 -6.22 -7.13
C ALA A 77 7.96 -6.83 -7.93
N THR A 78 7.87 -6.74 -9.25
CA THR A 78 8.91 -7.29 -10.12
C THR A 78 10.29 -6.96 -9.60
N SER A 79 10.45 -5.76 -9.05
CA SER A 79 11.74 -5.32 -8.51
C SER A 79 11.88 -5.74 -7.05
N ALA A 80 10.78 -5.63 -6.30
CA ALA A 80 10.78 -5.99 -4.89
C ALA A 80 10.34 -7.44 -4.69
N SER A 81 11.31 -8.30 -4.38
CA SER A 81 11.02 -9.72 -4.17
C SER A 81 10.52 -9.97 -2.75
N MET A 82 11.20 -9.38 -1.78
CA MET A 82 10.83 -9.52 -0.38
C MET A 82 9.38 -9.10 -0.15
N LEU A 83 9.10 -7.82 -0.40
CA LEU A 83 7.76 -7.29 -0.22
C LEU A 83 6.73 -8.10 -1.02
N ALA A 84 7.08 -8.42 -2.27
CA ALA A 84 6.20 -9.20 -3.13
C ALA A 84 5.70 -10.46 -2.42
N SER A 85 6.64 -11.20 -1.82
CA SER A 85 6.30 -12.43 -1.11
C SER A 85 5.45 -12.13 0.12
N LYS A 86 5.78 -11.04 0.81
CA LYS A 86 5.05 -10.63 2.00
C LYS A 86 3.54 -10.75 1.79
N PHE A 87 3.05 -10.06 0.76
CA PHE A 87 1.62 -10.08 0.44
C PHE A 87 1.33 -11.09 -0.66
N ASP A 88 2.14 -12.14 -0.72
CA ASP A 88 1.96 -13.19 -1.73
C ASP A 88 1.45 -12.59 -3.04
N VAL A 89 2.06 -11.50 -3.46
CA VAL A 89 1.67 -10.84 -4.70
C VAL A 89 1.96 -11.72 -5.91
N SER A 90 0.94 -12.42 -6.39
CA SER A 90 1.10 -13.30 -7.54
C SER A 90 0.23 -12.84 -8.70
N GLY A 91 0.19 -11.52 -8.91
CA GLY A 91 -0.60 -10.96 -9.98
C GLY A 91 -0.50 -9.46 -10.07
N TYR A 92 -1.03 -8.89 -11.14
CA TYR A 92 -0.97 -7.44 -11.34
C TYR A 92 -1.99 -7.00 -12.39
N PRO A 93 -2.62 -5.84 -12.16
CA PRO A 93 -2.35 -5.02 -10.97
C PRO A 93 -2.87 -5.67 -9.70
N THR A 94 -2.38 -5.21 -8.56
CA THR A 94 -2.79 -5.75 -7.26
C THR A 94 -2.78 -4.66 -6.19
N ILE A 95 -3.82 -4.66 -5.36
CA ILE A 95 -3.93 -3.68 -4.29
C ILE A 95 -3.98 -4.35 -2.92
N LYS A 96 -3.37 -3.72 -1.93
CA LYS A 96 -3.35 -4.26 -0.57
C LYS A 96 -3.38 -3.13 0.46
N ILE A 97 -3.61 -3.50 1.72
CA ILE A 97 -3.66 -2.52 2.80
C ILE A 97 -2.80 -2.96 3.97
N LEU A 98 -2.01 -2.02 4.51
CA LEU A 98 -1.14 -2.31 5.64
C LEU A 98 -1.67 -1.66 6.92
N LYS A 99 -2.06 -2.49 7.87
CA LYS A 99 -2.60 -1.99 9.15
C LYS A 99 -1.60 -2.25 10.28
N LYS A 100 -0.92 -1.18 10.72
CA LYS A 100 0.05 -1.29 11.79
C LYS A 100 0.99 -2.47 11.56
N GLY A 101 1.15 -2.86 10.30
CA GLY A 101 2.03 -3.96 9.96
C GLY A 101 1.26 -5.22 9.60
N GLN A 102 -0.04 -5.07 9.40
CA GLN A 102 -0.90 -6.21 9.06
C GLN A 102 -1.29 -6.16 7.59
N ALA A 103 -1.18 -7.30 6.91
CA ALA A 103 -1.53 -7.38 5.50
C ALA A 103 -3.01 -7.73 5.32
N VAL A 104 -3.71 -6.97 4.49
CA VAL A 104 -5.12 -7.20 4.23
C VAL A 104 -5.39 -7.35 2.74
N ASP A 105 -5.60 -8.58 2.30
CA ASP A 105 -5.88 -8.87 0.90
C ASP A 105 -7.13 -8.15 0.43
N TYR A 106 -6.97 -7.17 -0.45
CA TYR A 106 -8.10 -6.41 -0.97
C TYR A 106 -8.93 -7.24 -1.93
N ASP A 107 -10.24 -7.27 -1.70
CA ASP A 107 -11.14 -8.05 -2.56
C ASP A 107 -12.26 -7.16 -3.08
N GLY A 108 -12.07 -6.61 -4.27
CA GLY A 108 -13.07 -5.75 -4.87
C GLY A 108 -13.00 -5.73 -6.39
N SER A 109 -13.36 -4.59 -6.97
CA SER A 109 -13.33 -4.44 -8.42
C SER A 109 -12.38 -3.32 -8.85
N ARG A 110 -11.25 -3.22 -8.16
CA ARG A 110 -10.26 -2.20 -8.45
C ARG A 110 -10.94 -0.89 -8.87
N THR A 111 -12.03 -0.55 -8.18
CA THR A 111 -12.76 0.67 -8.47
C THR A 111 -12.53 1.72 -7.40
N GLN A 112 -12.61 2.99 -7.79
CA GLN A 112 -12.41 4.10 -6.86
C GLN A 112 -13.34 3.97 -5.66
N GLU A 113 -14.58 3.55 -5.91
CA GLU A 113 -15.56 3.38 -4.84
C GLU A 113 -15.16 2.24 -3.91
N GLU A 114 -14.97 1.06 -4.48
CA GLU A 114 -14.58 -0.11 -3.70
C GLU A 114 -13.25 0.10 -3.02
N ILE A 115 -12.19 0.22 -3.81
CA ILE A 115 -10.84 0.44 -3.28
C ILE A 115 -10.87 1.38 -2.09
N VAL A 116 -11.47 2.56 -2.29
CA VAL A 116 -11.56 3.56 -1.24
C VAL A 116 -12.42 3.06 -0.08
N ALA A 117 -13.50 2.36 -0.42
CA ALA A 117 -14.41 1.83 0.59
C ALA A 117 -13.68 0.88 1.53
N LYS A 118 -12.91 -0.03 0.96
CA LYS A 118 -12.16 -1.00 1.75
C LYS A 118 -11.06 -0.32 2.56
N VAL A 119 -10.22 0.45 1.87
CA VAL A 119 -9.13 1.17 2.52
C VAL A 119 -9.66 2.09 3.62
N ARG A 120 -10.87 2.58 3.44
CA ARG A 120 -11.49 3.48 4.42
C ARG A 120 -12.09 2.68 5.58
N GLU A 121 -12.80 1.61 5.25
CA GLU A 121 -13.42 0.77 6.26
C GLU A 121 -12.36 0.08 7.12
N VAL A 122 -11.26 -0.30 6.50
CA VAL A 122 -10.17 -0.97 7.22
C VAL A 122 -9.46 0.00 8.15
N SER A 123 -8.93 1.07 7.60
CA SER A 123 -8.22 2.08 8.38
C SER A 123 -8.88 2.26 9.75
N GLN A 124 -10.19 2.12 9.78
CA GLN A 124 -10.95 2.27 11.02
C GLN A 124 -10.37 1.39 12.12
N PRO A 125 -10.32 1.92 13.35
CA PRO A 125 -9.80 1.20 14.51
C PRO A 125 -10.70 0.05 14.93
N ASP A 126 -11.94 0.08 14.47
CA ASP A 126 -12.90 -0.97 14.80
C ASP A 126 -12.76 -2.17 13.88
N TRP A 127 -12.50 -1.89 12.60
CA TRP A 127 -12.34 -2.95 11.61
C TRP A 127 -11.33 -3.98 12.09
N THR A 128 -11.51 -5.23 11.65
CA THR A 128 -10.61 -6.31 12.03
C THR A 128 -10.52 -7.36 10.94
N PRO A 129 -9.39 -8.08 10.90
CA PRO A 129 -9.15 -9.14 9.91
C PRO A 129 -10.03 -10.36 10.13
N PRO A 130 -10.63 -10.88 9.04
CA PRO A 130 -11.50 -12.05 9.11
C PRO A 130 -10.74 -13.33 9.41
N PRO A 131 -11.44 -14.32 9.99
CA PRO A 131 -10.85 -15.61 10.34
C PRO A 131 -10.50 -16.44 9.12
N GLU A 132 -10.07 -17.68 9.35
CA GLU A 132 -9.70 -18.58 8.27
C GLU A 132 -8.55 -18.00 7.45
N VAL A 133 -7.57 -17.42 8.15
CA VAL A 133 -6.41 -16.83 7.50
C VAL A 133 -5.20 -16.86 8.42
N THR A 134 -4.02 -17.01 7.82
CA THR A 134 -2.77 -17.05 8.58
C THR A 134 -2.85 -16.14 9.81
N SER A 135 -2.36 -16.64 10.94
CA SER A 135 -2.37 -15.87 12.18
C SER A 135 -1.06 -15.12 12.37
N GLY A 136 -1.07 -14.14 13.26
CA GLY A 136 0.12 -13.35 13.53
C GLY A 136 0.54 -13.40 14.98
N PRO A 137 1.25 -12.36 15.43
CA PRO A 137 1.72 -12.25 16.81
C PRO A 137 0.58 -12.02 17.80
N SER A 138 0.75 -12.52 19.01
CA SER A 138 -0.27 -12.38 20.06
C SER A 138 0.30 -11.67 21.28
N SER A 139 -0.50 -10.81 21.89
CA SER A 139 -0.07 -10.07 23.08
C SER A 139 0.54 -11.01 24.11
N GLY A 140 1.86 -11.05 24.16
CA GLY A 140 2.54 -11.91 25.11
C GLY A 140 3.95 -12.28 24.66
N GLY A 1 17.67 8.34 27.93
CA GLY A 1 16.86 9.02 26.94
C GLY A 1 16.97 8.38 25.58
N SER A 2 15.97 8.60 24.73
CA SER A 2 15.96 8.03 23.39
C SER A 2 17.18 8.49 22.60
N SER A 3 17.38 9.80 22.51
CA SER A 3 18.50 10.37 21.79
C SER A 3 18.63 9.74 20.40
N GLY A 4 17.48 9.57 19.73
CA GLY A 4 17.48 8.99 18.40
C GLY A 4 17.12 9.99 17.33
N SER A 5 18.14 10.61 16.74
CA SER A 5 17.93 11.59 15.68
C SER A 5 18.50 11.12 14.36
N SER A 6 17.85 11.50 13.27
CA SER A 6 18.28 11.10 11.93
C SER A 6 18.69 12.33 11.11
N GLY A 7 19.84 12.24 10.46
CA GLY A 7 20.32 13.35 9.65
C GLY A 7 20.95 12.88 8.35
N ASP A 8 20.25 12.01 7.64
CA ASP A 8 20.75 11.48 6.36
C ASP A 8 19.63 11.46 5.32
N ASP A 9 20.03 11.49 4.05
CA ASP A 9 19.07 11.47 2.96
C ASP A 9 19.20 10.19 2.13
N ASP A 10 19.34 9.07 2.83
CA ASP A 10 19.49 7.78 2.16
C ASP A 10 18.12 7.16 1.87
N LEU A 11 17.24 7.19 2.87
CA LEU A 11 15.90 6.63 2.72
C LEU A 11 14.91 7.71 2.27
N GLU A 12 14.80 7.91 0.97
CA GLU A 12 13.90 8.91 0.42
C GLU A 12 12.67 8.25 -0.20
N VAL A 13 11.72 9.07 -0.63
CA VAL A 13 10.49 8.56 -1.25
C VAL A 13 9.99 9.51 -2.32
N LYS A 14 9.66 8.97 -3.49
CA LYS A 14 9.16 9.77 -4.60
C LYS A 14 7.63 9.77 -4.62
N GLU A 15 7.06 10.45 -5.61
CA GLU A 15 5.61 10.53 -5.74
C GLU A 15 5.21 10.83 -7.18
N GLU A 16 4.05 10.31 -7.59
CA GLU A 16 3.56 10.53 -8.94
C GLU A 16 2.08 10.90 -8.94
N ASN A 17 1.80 12.19 -8.98
CA ASN A 17 0.43 12.68 -8.97
C ASN A 17 -0.31 12.21 -7.72
N GLY A 18 0.39 12.23 -6.59
CA GLY A 18 -0.22 11.81 -5.34
C GLY A 18 0.14 10.37 -4.98
N VAL A 19 0.59 9.61 -5.97
CA VAL A 19 0.95 8.21 -5.75
C VAL A 19 2.40 8.10 -5.29
N TRP A 20 2.57 7.92 -3.98
CA TRP A 20 3.91 7.79 -3.40
C TRP A 20 4.59 6.52 -3.88
N VAL A 21 5.92 6.56 -3.94
CA VAL A 21 6.70 5.41 -4.39
C VAL A 21 7.41 4.74 -3.22
N LEU A 22 6.98 3.54 -2.86
CA LEU A 22 7.59 2.80 -1.77
C LEU A 22 8.45 1.65 -2.29
N ASN A 23 9.32 1.13 -1.43
CA ASN A 23 10.20 0.03 -1.80
C ASN A 23 10.95 -0.50 -0.59
N ASP A 24 11.53 -1.69 -0.73
CA ASP A 24 12.29 -2.30 0.35
C ASP A 24 13.25 -1.31 0.99
N GLY A 25 13.55 -0.24 0.25
CA GLY A 25 14.45 0.78 0.77
C GLY A 25 13.78 1.73 1.73
N ASN A 26 12.55 2.11 1.40
CA ASN A 26 11.79 3.03 2.25
C ASN A 26 10.35 2.54 2.43
N PHE A 27 10.20 1.23 2.61
CA PHE A 27 8.88 0.65 2.80
C PHE A 27 8.45 0.72 4.26
N ASP A 28 9.29 0.18 5.15
CA ASP A 28 8.99 0.19 6.57
C ASP A 28 9.06 1.60 7.14
N ASN A 29 10.12 2.33 6.78
CA ASN A 29 10.30 3.70 7.25
C ASN A 29 9.03 4.52 7.04
N PHE A 30 8.40 4.35 5.88
CA PHE A 30 7.18 5.07 5.55
C PHE A 30 6.03 4.65 6.47
N VAL A 31 5.63 3.38 6.35
CA VAL A 31 4.54 2.85 7.16
C VAL A 31 4.90 2.88 8.65
N ALA A 32 6.16 3.22 8.94
CA ALA A 32 6.63 3.29 10.31
C ALA A 32 5.67 4.10 11.19
N ASP A 33 5.32 5.28 10.71
CA ASP A 33 4.41 6.16 11.45
C ASP A 33 3.10 6.32 10.70
N LYS A 34 2.50 5.20 10.30
CA LYS A 34 1.24 5.21 9.58
C LYS A 34 0.38 4.02 9.98
N ASP A 35 -0.80 4.31 10.52
CA ASP A 35 -1.73 3.26 10.94
C ASP A 35 -2.33 2.56 9.73
N THR A 36 -2.46 3.29 8.63
CA THR A 36 -3.05 2.75 7.41
C THR A 36 -2.25 3.18 6.18
N VAL A 37 -1.63 2.22 5.52
CA VAL A 37 -0.83 2.50 4.33
C VAL A 37 -1.28 1.64 3.15
N LEU A 38 -1.86 2.28 2.15
CA LEU A 38 -2.33 1.57 0.95
C LEU A 38 -1.18 1.28 0.01
N LEU A 39 -1.03 0.01 -0.36
CA LEU A 39 0.03 -0.40 -1.27
C LEU A 39 -0.56 -1.06 -2.52
N GLU A 40 -0.07 -0.65 -3.68
CA GLU A 40 -0.54 -1.20 -4.95
C GLU A 40 0.64 -1.71 -5.78
N PHE A 41 0.64 -3.01 -6.05
CA PHE A 41 1.70 -3.62 -6.84
C PHE A 41 1.38 -3.56 -8.34
N TYR A 42 2.38 -3.28 -9.14
CA TYR A 42 2.21 -3.18 -10.59
C TYR A 42 3.39 -3.83 -11.33
N ALA A 43 3.26 -3.93 -12.64
CA ALA A 43 4.31 -4.51 -13.47
C ALA A 43 4.58 -3.67 -14.71
N PRO A 44 5.87 -3.51 -15.05
CA PRO A 44 6.29 -2.73 -16.21
C PRO A 44 5.92 -3.40 -17.54
N TRP A 45 5.92 -4.73 -17.53
CA TRP A 45 5.58 -5.50 -18.72
C TRP A 45 4.08 -5.71 -18.83
N CYS A 46 3.34 -5.08 -17.93
CA CYS A 46 1.88 -5.21 -17.92
C CYS A 46 1.22 -3.91 -18.37
N GLY A 47 0.43 -4.00 -19.44
CA GLY A 47 -0.24 -2.82 -19.95
C GLY A 47 -1.49 -2.47 -19.16
N HIS A 48 -2.15 -3.49 -18.63
CA HIS A 48 -3.36 -3.29 -17.85
C HIS A 48 -3.16 -2.20 -16.80
N CYS A 49 -1.92 -2.06 -16.34
CA CYS A 49 -1.59 -1.06 -15.34
C CYS A 49 -1.73 0.35 -15.90
N LYS A 50 -1.32 0.53 -17.16
CA LYS A 50 -1.41 1.83 -17.81
C LYS A 50 -2.82 2.39 -17.72
N GLN A 51 -3.78 1.66 -18.30
CA GLN A 51 -5.17 2.09 -18.28
C GLN A 51 -5.64 2.40 -16.85
N PHE A 52 -4.91 1.85 -15.88
CA PHE A 52 -5.25 2.06 -14.47
C PHE A 52 -4.38 3.16 -13.86
N ALA A 53 -3.22 3.39 -14.47
CA ALA A 53 -2.30 4.41 -13.99
C ALA A 53 -3.04 5.66 -13.55
N PRO A 54 -3.83 6.24 -14.46
CA PRO A 54 -4.61 7.45 -14.19
C PRO A 54 -5.77 7.19 -13.22
N GLU A 55 -6.32 5.98 -13.29
CA GLU A 55 -7.44 5.60 -12.43
C GLU A 55 -7.02 5.62 -10.96
N TYR A 56 -5.84 5.07 -10.68
CA TYR A 56 -5.32 5.03 -9.33
C TYR A 56 -5.10 6.43 -8.77
N GLU A 57 -4.31 7.23 -9.48
CA GLU A 57 -4.01 8.59 -9.07
C GLU A 57 -5.22 9.22 -8.39
N LYS A 58 -6.39 9.11 -9.04
CA LYS A 58 -7.62 9.67 -8.51
C LYS A 58 -7.83 9.23 -7.06
N ILE A 59 -7.75 7.92 -6.84
CA ILE A 59 -7.93 7.38 -5.50
C ILE A 59 -7.04 8.08 -4.48
N ALA A 60 -5.80 8.33 -4.88
CA ALA A 60 -4.84 9.00 -4.00
C ALA A 60 -5.44 10.28 -3.42
N SER A 61 -5.88 11.18 -4.29
CA SER A 61 -6.46 12.44 -3.86
C SER A 61 -7.70 12.20 -3.00
N THR A 62 -8.52 11.25 -3.42
CA THR A 62 -9.75 10.92 -2.70
C THR A 62 -9.45 10.62 -1.24
N LEU A 63 -8.61 9.62 -1.00
CA LEU A 63 -8.26 9.22 0.36
C LEU A 63 -7.39 10.29 1.02
N LYS A 64 -6.57 10.97 0.22
CA LYS A 64 -5.70 12.01 0.73
C LYS A 64 -6.43 12.88 1.75
N ASP A 65 -7.64 13.31 1.41
CA ASP A 65 -8.44 14.13 2.30
C ASP A 65 -9.20 13.28 3.30
N ASN A 66 -9.57 12.07 2.89
CA ASN A 66 -10.30 11.16 3.76
C ASN A 66 -9.75 11.21 5.19
N ASP A 67 -10.62 10.90 6.15
CA ASP A 67 -10.23 10.92 7.56
C ASP A 67 -10.30 9.52 8.16
N PRO A 68 -9.16 9.06 8.70
CA PRO A 68 -7.92 9.84 8.75
C PRO A 68 -7.30 10.01 7.36
N PRO A 69 -6.34 10.94 7.26
CA PRO A 69 -5.64 11.22 5.99
C PRO A 69 -4.72 10.08 5.58
N ILE A 70 -5.19 9.25 4.65
CA ILE A 70 -4.40 8.13 4.16
C ILE A 70 -3.52 8.53 2.99
N ALA A 71 -2.40 7.83 2.83
CA ALA A 71 -1.47 8.11 1.75
C ALA A 71 -1.34 6.93 0.81
N VAL A 72 -1.75 7.12 -0.44
CA VAL A 72 -1.68 6.06 -1.45
C VAL A 72 -0.29 5.98 -2.07
N ALA A 73 0.25 4.77 -2.16
CA ALA A 73 1.57 4.56 -2.73
C ALA A 73 1.61 3.29 -3.57
N LYS A 74 2.49 3.26 -4.56
CA LYS A 74 2.63 2.09 -5.42
C LYS A 74 4.03 1.49 -5.32
N ILE A 75 4.14 0.20 -5.60
CA ILE A 75 5.42 -0.49 -5.53
C ILE A 75 5.56 -1.50 -6.66
N ASP A 76 6.69 -1.44 -7.36
CA ASP A 76 6.95 -2.36 -8.46
C ASP A 76 7.48 -3.70 -7.95
N ALA A 77 6.57 -4.63 -7.68
CA ALA A 77 6.96 -5.94 -7.19
C ALA A 77 8.21 -6.44 -7.89
N THR A 78 8.25 -6.30 -9.21
CA THR A 78 9.39 -6.74 -10.00
C THR A 78 10.71 -6.32 -9.35
N SER A 79 10.75 -5.08 -8.86
CA SER A 79 11.94 -4.55 -8.22
C SER A 79 12.04 -5.04 -6.77
N ALA A 80 10.91 -5.06 -6.08
CA ALA A 80 10.87 -5.50 -4.70
C ALA A 80 10.49 -6.98 -4.60
N SER A 81 11.50 -7.82 -4.37
CA SER A 81 11.28 -9.26 -4.25
C SER A 81 10.78 -9.63 -2.86
N MET A 82 11.43 -9.07 -1.85
CA MET A 82 11.06 -9.34 -0.46
C MET A 82 9.59 -9.00 -0.22
N LEU A 83 9.26 -7.72 -0.35
CA LEU A 83 7.89 -7.26 -0.14
C LEU A 83 6.91 -8.12 -0.92
N ALA A 84 7.24 -8.39 -2.17
CA ALA A 84 6.39 -9.22 -3.03
C ALA A 84 5.98 -10.51 -2.33
N SER A 85 6.97 -11.21 -1.78
CA SER A 85 6.72 -12.46 -1.08
C SER A 85 5.89 -12.23 0.18
N LYS A 86 6.15 -11.11 0.85
CA LYS A 86 5.43 -10.77 2.06
C LYS A 86 3.92 -10.86 1.85
N PHE A 87 3.42 -10.16 0.84
CA PHE A 87 2.00 -10.16 0.53
C PHE A 87 1.67 -11.22 -0.51
N ASP A 88 2.49 -12.27 -0.56
CA ASP A 88 2.29 -13.35 -1.51
C ASP A 88 1.81 -12.82 -2.86
N VAL A 89 2.39 -11.70 -3.28
CA VAL A 89 2.02 -11.09 -4.55
C VAL A 89 2.43 -11.97 -5.73
N SER A 90 1.46 -12.67 -6.30
CA SER A 90 1.72 -13.56 -7.43
C SER A 90 0.89 -13.14 -8.65
N GLY A 91 0.73 -11.84 -8.83
CA GLY A 91 -0.04 -11.33 -9.95
C GLY A 91 -0.10 -9.83 -9.98
N TYR A 92 -0.71 -9.28 -11.04
CA TYR A 92 -0.83 -7.84 -11.18
C TYR A 92 -1.88 -7.48 -12.23
N PRO A 93 -2.59 -6.36 -12.00
CA PRO A 93 -2.37 -5.51 -10.82
C PRO A 93 -2.84 -6.18 -9.53
N THR A 94 -2.27 -5.75 -8.41
CA THR A 94 -2.62 -6.31 -7.11
C THR A 94 -2.59 -5.23 -6.03
N ILE A 95 -3.75 -4.97 -5.43
CA ILE A 95 -3.85 -3.96 -4.38
C ILE A 95 -3.85 -4.61 -3.00
N LYS A 96 -3.24 -3.92 -2.04
CA LYS A 96 -3.16 -4.43 -0.66
C LYS A 96 -3.26 -3.29 0.35
N ILE A 97 -3.50 -3.64 1.61
CA ILE A 97 -3.61 -2.64 2.66
C ILE A 97 -2.75 -3.04 3.87
N LEU A 98 -2.03 -2.06 4.42
CA LEU A 98 -1.18 -2.30 5.57
C LEU A 98 -1.80 -1.69 6.84
N LYS A 99 -2.23 -2.55 7.75
CA LYS A 99 -2.83 -2.10 9.00
C LYS A 99 -1.88 -2.31 10.17
N LYS A 100 -1.21 -1.23 10.58
CA LYS A 100 -0.26 -1.29 11.69
C LYS A 100 0.71 -2.47 11.51
N GLY A 101 0.91 -2.88 10.26
CA GLY A 101 1.82 -3.98 9.98
C GLY A 101 1.08 -5.23 9.55
N GLN A 102 -0.22 -5.11 9.32
CA GLN A 102 -1.04 -6.24 8.90
C GLN A 102 -1.35 -6.16 7.40
N ALA A 103 -1.18 -7.29 6.71
CA ALA A 103 -1.45 -7.35 5.28
C ALA A 103 -2.87 -7.83 5.00
N VAL A 104 -3.71 -6.91 4.55
CA VAL A 104 -5.10 -7.23 4.25
C VAL A 104 -5.31 -7.44 2.75
N ASP A 105 -5.53 -8.68 2.35
CA ASP A 105 -5.74 -9.02 0.95
C ASP A 105 -7.08 -8.49 0.46
N TYR A 106 -7.05 -7.78 -0.67
CA TYR A 106 -8.27 -7.21 -1.24
C TYR A 106 -8.83 -8.12 -2.34
N ASP A 107 -10.11 -8.45 -2.21
CA ASP A 107 -10.77 -9.31 -3.19
C ASP A 107 -12.14 -8.74 -3.58
N GLY A 108 -12.12 -7.74 -4.46
CA GLY A 108 -13.35 -7.13 -4.90
C GLY A 108 -13.22 -6.50 -6.27
N SER A 109 -13.94 -5.39 -6.48
CA SER A 109 -13.90 -4.70 -7.76
C SER A 109 -12.89 -3.56 -7.74
N ARG A 110 -12.06 -3.50 -8.78
CA ARG A 110 -11.04 -2.46 -8.88
C ARG A 110 -11.65 -1.13 -9.28
N THR A 111 -12.41 -0.53 -8.37
CA THR A 111 -13.05 0.76 -8.63
C THR A 111 -12.71 1.78 -7.56
N GLN A 112 -12.49 3.02 -7.97
CA GLN A 112 -12.16 4.09 -7.05
C GLN A 112 -13.16 4.15 -5.90
N GLU A 113 -14.37 3.68 -6.16
CA GLU A 113 -15.43 3.69 -5.15
C GLU A 113 -15.27 2.51 -4.20
N GLU A 114 -14.93 1.35 -4.74
CA GLU A 114 -14.75 0.15 -3.94
C GLU A 114 -13.45 0.20 -3.16
N ILE A 115 -12.33 0.21 -3.87
CA ILE A 115 -11.01 0.27 -3.24
C ILE A 115 -10.98 1.31 -2.13
N VAL A 116 -11.52 2.49 -2.41
CA VAL A 116 -11.56 3.57 -1.43
C VAL A 116 -12.40 3.19 -0.23
N ALA A 117 -13.46 2.42 -0.46
CA ALA A 117 -14.34 1.98 0.61
C ALA A 117 -13.62 1.04 1.56
N LYS A 118 -12.97 0.02 1.00
CA LYS A 118 -12.24 -0.96 1.80
C LYS A 118 -11.11 -0.29 2.57
N VAL A 119 -10.52 0.74 1.98
CA VAL A 119 -9.43 1.47 2.61
C VAL A 119 -9.94 2.35 3.75
N ARG A 120 -11.11 2.94 3.55
CA ARG A 120 -11.71 3.81 4.56
C ARG A 120 -12.42 2.99 5.63
N GLU A 121 -12.90 1.81 5.25
CA GLU A 121 -13.60 0.92 6.18
C GLU A 121 -12.61 0.23 7.11
N VAL A 122 -11.47 -0.16 6.56
CA VAL A 122 -10.44 -0.84 7.35
C VAL A 122 -9.75 0.12 8.30
N SER A 123 -9.33 1.27 7.77
CA SER A 123 -8.65 2.28 8.58
C SER A 123 -9.31 2.41 9.94
N GLN A 124 -10.64 2.43 9.96
CA GLN A 124 -11.38 2.56 11.20
C GLN A 124 -10.85 1.62 12.26
N PRO A 125 -10.79 2.09 13.52
CA PRO A 125 -10.29 1.29 14.65
C PRO A 125 -11.24 0.16 15.01
N ASP A 126 -12.52 0.32 14.65
CA ASP A 126 -13.52 -0.70 14.94
C ASP A 126 -13.38 -1.89 14.00
N TRP A 127 -13.03 -1.60 12.76
CA TRP A 127 -12.87 -2.66 11.75
C TRP A 127 -11.82 -3.68 12.19
N THR A 128 -11.98 -4.91 11.74
CA THR A 128 -11.05 -5.98 12.08
C THR A 128 -10.79 -6.89 10.89
N PRO A 129 -9.60 -7.51 10.87
CA PRO A 129 -9.19 -8.42 9.80
C PRO A 129 -9.99 -9.72 9.79
N PRO A 130 -10.37 -10.18 8.60
CA PRO A 130 -11.15 -11.42 8.43
C PRO A 130 -10.33 -12.66 8.75
N PRO A 131 -11.01 -13.77 9.05
CA PRO A 131 -10.37 -15.04 9.38
C PRO A 131 -9.68 -15.67 8.17
N GLU A 132 -9.72 -14.97 7.05
CA GLU A 132 -9.11 -15.46 5.82
C GLU A 132 -7.58 -15.37 5.90
N VAL A 133 -7.00 -16.13 6.83
CA VAL A 133 -5.55 -16.13 7.01
C VAL A 133 -4.89 -17.17 6.10
N THR A 134 -4.66 -16.78 4.85
CA THR A 134 -4.03 -17.67 3.87
C THR A 134 -2.52 -17.47 3.85
N SER A 135 -1.79 -18.58 3.79
CA SER A 135 -0.32 -18.53 3.76
C SER A 135 0.16 -17.34 2.95
N GLY A 136 1.31 -16.78 3.34
CA GLY A 136 1.86 -15.65 2.64
C GLY A 136 3.09 -15.08 3.32
N PRO A 137 2.88 -14.11 4.22
CA PRO A 137 3.96 -13.47 4.96
C PRO A 137 4.61 -14.41 5.97
N SER A 138 5.55 -15.22 5.51
CA SER A 138 6.23 -16.17 6.37
C SER A 138 7.55 -16.63 5.74
N SER A 139 8.64 -16.46 6.48
CA SER A 139 9.96 -16.85 5.99
C SER A 139 10.29 -18.28 6.42
N GLY A 140 10.14 -18.56 7.71
CA GLY A 140 10.43 -19.87 8.23
C GLY A 140 10.48 -19.90 9.75
N GLY A 1 6.25 17.06 25.71
CA GLY A 1 6.52 17.23 24.30
C GLY A 1 7.92 16.80 23.91
N SER A 2 8.02 16.03 22.83
CA SER A 2 9.31 15.55 22.36
C SER A 2 9.77 16.33 21.13
N SER A 3 10.53 17.40 21.36
CA SER A 3 11.02 18.23 20.26
C SER A 3 12.51 17.96 20.01
N GLY A 4 12.83 17.57 18.79
CA GLY A 4 14.20 17.28 18.44
C GLY A 4 14.34 16.05 17.57
N SER A 5 14.07 16.20 16.28
CA SER A 5 14.16 15.07 15.35
C SER A 5 14.85 15.50 14.06
N SER A 6 15.95 14.82 13.74
CA SER A 6 16.71 15.12 12.53
C SER A 6 17.78 14.06 12.27
N GLY A 7 18.36 14.10 11.08
CA GLY A 7 19.37 13.12 10.73
C GLY A 7 19.83 13.25 9.29
N ASP A 8 20.48 12.21 8.78
CA ASP A 8 20.95 12.20 7.40
C ASP A 8 19.82 11.90 6.42
N ASP A 9 19.90 12.48 5.23
CA ASP A 9 18.89 12.27 4.20
C ASP A 9 19.25 11.09 3.31
N ASP A 10 18.72 9.92 3.63
CA ASP A 10 18.99 8.71 2.85
C ASP A 10 17.69 8.06 2.39
N LEU A 11 16.87 7.66 3.34
CA LEU A 11 15.59 7.03 3.03
C LEU A 11 14.55 8.06 2.61
N GLU A 12 14.52 8.36 1.32
CA GLU A 12 13.56 9.34 0.79
C GLU A 12 12.44 8.64 0.04
N VAL A 13 11.35 9.37 -0.18
CA VAL A 13 10.19 8.82 -0.89
C VAL A 13 9.59 9.85 -1.84
N LYS A 14 9.55 9.52 -3.12
CA LYS A 14 8.99 10.42 -4.12
C LYS A 14 7.48 10.23 -4.25
N GLU A 15 6.87 10.99 -5.15
CA GLU A 15 5.43 10.91 -5.36
C GLU A 15 5.05 11.37 -6.77
N GLU A 16 4.03 10.75 -7.34
CA GLU A 16 3.58 11.10 -8.68
C GLU A 16 2.07 11.32 -8.70
N ASN A 17 1.66 12.56 -8.93
CA ASN A 17 0.24 12.90 -8.97
C ASN A 17 -0.45 12.55 -7.65
N GLY A 18 0.32 12.56 -6.56
CA GLY A 18 -0.23 12.25 -5.27
C GLY A 18 0.03 10.81 -4.86
N VAL A 19 0.62 10.04 -5.77
CA VAL A 19 0.93 8.64 -5.50
C VAL A 19 2.37 8.47 -5.03
N TRP A 20 2.54 8.22 -3.74
CA TRP A 20 3.87 8.03 -3.17
C TRP A 20 4.54 6.77 -3.73
N VAL A 21 5.87 6.81 -3.83
CA VAL A 21 6.62 5.68 -4.36
C VAL A 21 7.47 5.03 -3.26
N LEU A 22 6.97 3.96 -2.69
CA LEU A 22 7.68 3.25 -1.62
C LEU A 22 8.51 2.10 -2.19
N ASN A 23 9.43 1.59 -1.39
CA ASN A 23 10.29 0.49 -1.82
C ASN A 23 10.83 -0.28 -0.61
N ASP A 24 11.40 -1.45 -0.88
CA ASP A 24 11.95 -2.28 0.19
C ASP A 24 12.96 -1.50 1.02
N GLY A 25 13.38 -0.35 0.50
CA GLY A 25 14.35 0.48 1.20
C GLY A 25 13.69 1.53 2.06
N ASN A 26 12.47 1.90 1.70
CA ASN A 26 11.72 2.92 2.44
C ASN A 26 10.33 2.42 2.80
N PHE A 27 10.13 1.11 2.69
CA PHE A 27 8.84 0.50 2.99
C PHE A 27 8.56 0.53 4.49
N ASP A 28 9.36 -0.23 5.25
CA ASP A 28 9.20 -0.30 6.70
C ASP A 28 9.33 1.10 7.32
N ASN A 29 10.30 1.86 6.84
CA ASN A 29 10.54 3.21 7.35
C ASN A 29 9.30 4.08 7.15
N PHE A 30 8.65 3.94 6.01
CA PHE A 30 7.46 4.71 5.69
C PHE A 30 6.29 4.27 6.57
N VAL A 31 5.87 3.02 6.40
CA VAL A 31 4.77 2.48 7.18
C VAL A 31 5.06 2.52 8.68
N ALA A 32 6.31 2.82 9.02
CA ALA A 32 6.72 2.90 10.42
C ALA A 32 5.98 4.00 11.15
N ASP A 33 5.94 5.18 10.56
CA ASP A 33 5.25 6.31 11.16
C ASP A 33 3.86 6.49 10.56
N LYS A 34 3.18 5.38 10.29
CA LYS A 34 1.84 5.41 9.72
C LYS A 34 1.03 4.20 10.17
N ASP A 35 -0.22 4.44 10.55
CA ASP A 35 -1.10 3.37 10.99
C ASP A 35 -1.63 2.57 9.82
N THR A 36 -2.26 3.27 8.87
CA THR A 36 -2.81 2.61 7.68
C THR A 36 -2.21 3.19 6.41
N VAL A 37 -1.50 2.34 5.67
CA VAL A 37 -0.87 2.77 4.42
C VAL A 37 -1.35 1.91 3.25
N LEU A 38 -1.86 2.57 2.21
CA LEU A 38 -2.34 1.87 1.03
C LEU A 38 -1.20 1.56 0.07
N LEU A 39 -1.06 0.28 -0.27
CA LEU A 39 0.00 -0.15 -1.18
C LEU A 39 -0.60 -0.86 -2.39
N GLU A 40 -0.05 -0.56 -3.57
CA GLU A 40 -0.52 -1.17 -4.81
C GLU A 40 0.65 -1.68 -5.64
N PHE A 41 0.66 -2.98 -5.89
CA PHE A 41 1.73 -3.59 -6.68
C PHE A 41 1.39 -3.58 -8.17
N TYR A 42 2.35 -3.19 -8.99
CA TYR A 42 2.14 -3.13 -10.43
C TYR A 42 3.38 -3.65 -11.18
N ALA A 43 3.27 -3.70 -12.50
CA ALA A 43 4.38 -4.17 -13.34
C ALA A 43 4.48 -3.36 -14.62
N PRO A 44 5.73 -3.05 -15.03
CA PRO A 44 5.99 -2.27 -16.24
C PRO A 44 5.67 -3.05 -17.51
N TRP A 45 5.37 -4.34 -17.35
CA TRP A 45 5.04 -5.19 -18.49
C TRP A 45 3.54 -5.45 -18.56
N CYS A 46 2.83 -5.11 -17.49
CA CYS A 46 1.39 -5.29 -17.43
C CYS A 46 0.66 -4.16 -18.15
N GLY A 47 -0.19 -4.53 -19.09
CA GLY A 47 -0.93 -3.53 -19.84
C GLY A 47 -2.07 -2.92 -19.04
N HIS A 48 -2.68 -3.72 -18.17
CA HIS A 48 -3.78 -3.27 -17.34
C HIS A 48 -3.40 -1.99 -16.59
N CYS A 49 -2.12 -1.86 -16.28
CA CYS A 49 -1.63 -0.69 -15.57
C CYS A 49 -1.78 0.58 -16.41
N LYS A 50 -1.79 0.41 -17.72
CA LYS A 50 -1.93 1.53 -18.65
C LYS A 50 -3.25 2.25 -18.42
N GLN A 51 -4.34 1.50 -18.43
CA GLN A 51 -5.67 2.07 -18.22
C GLN A 51 -5.96 2.26 -16.73
N PHE A 52 -5.21 1.55 -15.89
CA PHE A 52 -5.39 1.64 -14.45
C PHE A 52 -4.41 2.65 -13.85
N ALA A 53 -3.49 3.14 -14.68
CA ALA A 53 -2.51 4.12 -14.23
C ALA A 53 -3.18 5.38 -13.73
N PRO A 54 -3.94 6.05 -14.62
CA PRO A 54 -4.65 7.28 -14.29
C PRO A 54 -5.82 7.06 -13.34
N GLU A 55 -6.19 5.79 -13.16
CA GLU A 55 -7.29 5.42 -12.28
C GLU A 55 -6.81 5.36 -10.83
N TYR A 56 -5.62 4.83 -10.62
CA TYR A 56 -5.05 4.72 -9.28
C TYR A 56 -4.70 6.08 -8.71
N GLU A 57 -4.03 6.91 -9.52
CA GLU A 57 -3.65 8.24 -9.09
C GLU A 57 -4.84 9.01 -8.52
N LYS A 58 -5.95 8.99 -9.26
CA LYS A 58 -7.16 9.68 -8.84
C LYS A 58 -7.54 9.29 -7.41
N ILE A 59 -7.40 8.01 -7.09
CA ILE A 59 -7.72 7.52 -5.76
C ILE A 59 -6.85 8.21 -4.69
N ALA A 60 -5.59 8.43 -5.03
CA ALA A 60 -4.66 9.09 -4.12
C ALA A 60 -5.24 10.39 -3.58
N SER A 61 -5.68 11.25 -4.49
CA SER A 61 -6.26 12.54 -4.11
C SER A 61 -7.62 12.35 -3.44
N THR A 62 -8.33 11.30 -3.85
CA THR A 62 -9.65 11.02 -3.29
C THR A 62 -9.57 10.80 -1.79
N LEU A 63 -8.91 9.72 -1.38
CA LEU A 63 -8.76 9.40 0.03
C LEU A 63 -8.03 10.51 0.77
N LYS A 64 -7.34 11.36 0.02
CA LYS A 64 -6.59 12.47 0.60
C LYS A 64 -7.40 13.17 1.67
N ASP A 65 -8.65 13.49 1.37
CA ASP A 65 -9.53 14.15 2.32
C ASP A 65 -10.02 13.18 3.38
N ASN A 66 -10.22 11.92 2.98
CA ASN A 66 -10.69 10.90 3.90
C ASN A 66 -10.08 11.08 5.28
N ASP A 67 -10.87 10.84 6.31
CA ASP A 67 -10.42 10.98 7.69
C ASP A 67 -10.45 9.63 8.41
N PRO A 68 -9.29 9.22 8.94
CA PRO A 68 -8.06 10.00 8.85
C PRO A 68 -7.50 10.03 7.43
N PRO A 69 -6.57 10.97 7.17
CA PRO A 69 -5.95 11.13 5.86
C PRO A 69 -5.01 9.97 5.51
N ILE A 70 -5.42 9.17 4.54
CA ILE A 70 -4.62 8.03 4.11
C ILE A 70 -3.61 8.43 3.04
N ALA A 71 -2.57 7.62 2.87
CA ALA A 71 -1.54 7.88 1.89
C ALA A 71 -1.44 6.75 0.87
N VAL A 72 -1.81 7.04 -0.37
CA VAL A 72 -1.76 6.04 -1.44
C VAL A 72 -0.40 6.01 -2.10
N ALA A 73 0.21 4.83 -2.12
CA ALA A 73 1.53 4.67 -2.73
C ALA A 73 1.56 3.45 -3.64
N LYS A 74 2.57 3.38 -4.50
CA LYS A 74 2.73 2.26 -5.42
C LYS A 74 4.10 1.62 -5.29
N ILE A 75 4.18 0.33 -5.61
CA ILE A 75 5.44 -0.39 -5.53
C ILE A 75 5.59 -1.37 -6.70
N ASP A 76 6.81 -1.49 -7.21
CA ASP A 76 7.09 -2.39 -8.33
C ASP A 76 7.48 -3.77 -7.82
N ALA A 77 6.48 -4.58 -7.50
CA ALA A 77 6.71 -5.93 -7.01
C ALA A 77 7.88 -6.59 -7.75
N THR A 78 7.83 -6.53 -9.08
CA THR A 78 8.89 -7.13 -9.90
C THR A 78 10.27 -6.84 -9.32
N SER A 79 10.47 -5.59 -8.90
CA SER A 79 11.75 -5.18 -8.33
C SER A 79 11.81 -5.51 -6.84
N ALA A 80 10.69 -5.33 -6.15
CA ALA A 80 10.61 -5.61 -4.72
C ALA A 80 10.13 -7.03 -4.47
N SER A 81 11.06 -7.98 -4.47
CA SER A 81 10.73 -9.39 -4.24
C SER A 81 10.30 -9.60 -2.80
N MET A 82 11.12 -9.14 -1.86
CA MET A 82 10.82 -9.30 -0.43
C MET A 82 9.38 -8.88 -0.14
N LEU A 83 9.07 -7.62 -0.42
CA LEU A 83 7.73 -7.11 -0.18
C LEU A 83 6.68 -7.94 -0.90
N ALA A 84 6.90 -8.19 -2.19
CA ALA A 84 5.98 -8.98 -2.99
C ALA A 84 5.65 -10.30 -2.30
N SER A 85 6.69 -10.99 -1.84
CA SER A 85 6.51 -12.28 -1.17
C SER A 85 5.74 -12.10 0.13
N LYS A 86 5.86 -10.92 0.73
CA LYS A 86 5.18 -10.63 1.98
C LYS A 86 3.67 -10.79 1.83
N PHE A 87 3.11 -10.16 0.80
CA PHE A 87 1.68 -10.23 0.54
C PHE A 87 1.38 -11.28 -0.52
N ASP A 88 2.30 -12.22 -0.70
CA ASP A 88 2.12 -13.28 -1.70
C ASP A 88 1.50 -12.73 -2.97
N VAL A 89 2.08 -11.66 -3.51
CA VAL A 89 1.58 -11.04 -4.72
C VAL A 89 1.87 -11.92 -5.94
N SER A 90 0.84 -12.62 -6.41
CA SER A 90 0.97 -13.50 -7.56
C SER A 90 0.20 -12.95 -8.75
N GLY A 91 0.30 -11.65 -8.97
CA GLY A 91 -0.39 -11.01 -10.07
C GLY A 91 -0.35 -9.50 -10.01
N TYR A 92 -0.92 -8.84 -11.01
CA TYR A 92 -0.95 -7.38 -11.06
C TYR A 92 -1.96 -6.89 -12.10
N PRO A 93 -2.57 -5.73 -11.82
CA PRO A 93 -2.30 -4.97 -10.59
C PRO A 93 -2.83 -5.67 -9.34
N THR A 94 -2.11 -5.52 -8.24
CA THR A 94 -2.52 -6.14 -6.98
C THR A 94 -2.53 -5.12 -5.84
N ILE A 95 -3.73 -4.70 -5.45
CA ILE A 95 -3.87 -3.73 -4.37
C ILE A 95 -3.86 -4.41 -3.01
N LYS A 96 -3.25 -3.75 -2.03
CA LYS A 96 -3.17 -4.29 -0.67
C LYS A 96 -3.29 -3.18 0.36
N ILE A 97 -3.53 -3.56 1.61
CA ILE A 97 -3.64 -2.60 2.69
C ILE A 97 -2.86 -3.04 3.92
N LEU A 98 -2.10 -2.11 4.50
CA LEU A 98 -1.30 -2.40 5.67
C LEU A 98 -1.93 -1.82 6.93
N LYS A 99 -2.10 -2.65 7.95
CA LYS A 99 -2.70 -2.22 9.21
C LYS A 99 -1.75 -2.45 10.37
N LYS A 100 -1.08 -1.39 10.81
CA LYS A 100 -0.15 -1.48 11.93
C LYS A 100 0.82 -2.64 11.73
N GLY A 101 1.04 -3.01 10.47
CA GLY A 101 1.94 -4.11 10.17
C GLY A 101 1.21 -5.37 9.76
N GLN A 102 -0.09 -5.24 9.52
CA GLN A 102 -0.91 -6.39 9.11
C GLN A 102 -1.27 -6.29 7.64
N ALA A 103 -1.27 -7.44 6.96
CA ALA A 103 -1.61 -7.49 5.54
C ALA A 103 -3.07 -7.84 5.34
N VAL A 104 -3.77 -7.00 4.57
CA VAL A 104 -5.19 -7.22 4.30
C VAL A 104 -5.45 -7.35 2.81
N ASP A 105 -5.61 -8.59 2.34
CA ASP A 105 -5.86 -8.84 0.93
C ASP A 105 -7.07 -8.06 0.44
N TYR A 106 -6.95 -7.45 -0.74
CA TYR A 106 -8.03 -6.67 -1.31
C TYR A 106 -8.78 -7.47 -2.36
N ASP A 107 -9.98 -7.92 -2.01
CA ASP A 107 -10.81 -8.70 -2.92
C ASP A 107 -11.99 -7.87 -3.43
N GLY A 108 -11.69 -6.81 -4.17
CA GLY A 108 -12.73 -5.96 -4.71
C GLY A 108 -12.74 -5.92 -6.22
N SER A 109 -13.24 -4.82 -6.78
CA SER A 109 -13.30 -4.67 -8.23
C SER A 109 -12.34 -3.58 -8.70
N ARG A 110 -11.23 -3.42 -7.97
CA ARG A 110 -10.24 -2.42 -8.32
C ARG A 110 -10.90 -1.15 -8.85
N THR A 111 -11.88 -0.65 -8.12
CA THR A 111 -12.60 0.56 -8.52
C THR A 111 -12.47 1.65 -7.47
N GLN A 112 -12.40 2.90 -7.93
CA GLN A 112 -12.27 4.04 -7.03
C GLN A 112 -13.24 3.92 -5.86
N GLU A 113 -14.44 3.42 -6.14
CA GLU A 113 -15.47 3.27 -5.12
C GLU A 113 -15.11 2.14 -4.17
N GLU A 114 -14.79 0.97 -4.73
CA GLU A 114 -14.43 -0.19 -3.93
C GLU A 114 -13.11 0.03 -3.20
N ILE A 115 -12.03 0.12 -3.97
CA ILE A 115 -10.70 0.33 -3.38
C ILE A 115 -10.77 1.29 -2.21
N VAL A 116 -11.39 2.44 -2.42
CA VAL A 116 -11.53 3.45 -1.37
C VAL A 116 -12.45 2.97 -0.27
N ALA A 117 -13.52 2.29 -0.66
CA ALA A 117 -14.48 1.77 0.30
C ALA A 117 -13.81 0.86 1.33
N LYS A 118 -12.96 -0.04 0.83
CA LYS A 118 -12.25 -0.97 1.70
C LYS A 118 -11.17 -0.25 2.50
N VAL A 119 -10.21 0.33 1.80
CA VAL A 119 -9.11 1.06 2.45
C VAL A 119 -9.62 1.87 3.63
N ARG A 120 -10.57 2.77 3.35
CA ARG A 120 -11.15 3.61 4.39
C ARG A 120 -11.79 2.77 5.48
N GLU A 121 -12.44 1.68 5.08
CA GLU A 121 -13.10 0.79 6.02
C GLU A 121 -12.10 0.15 6.97
N VAL A 122 -10.92 -0.19 6.44
CA VAL A 122 -9.87 -0.81 7.23
C VAL A 122 -9.11 0.23 8.06
N SER A 123 -9.16 1.48 7.60
CA SER A 123 -8.46 2.57 8.28
C SER A 123 -9.08 2.82 9.66
N GLN A 124 -10.35 2.44 9.80
CA GLN A 124 -11.06 2.64 11.07
C GLN A 124 -10.51 1.70 12.14
N PRO A 125 -10.44 2.19 13.38
CA PRO A 125 -9.94 1.41 14.53
C PRO A 125 -10.88 0.29 14.92
N ASP A 126 -12.17 0.48 14.67
CA ASP A 126 -13.18 -0.53 14.99
C ASP A 126 -13.07 -1.72 14.05
N TRP A 127 -12.87 -1.44 12.77
CA TRP A 127 -12.75 -2.49 11.77
C TRP A 127 -11.74 -3.55 12.21
N THR A 128 -11.97 -4.79 11.77
CA THR A 128 -11.08 -5.89 12.12
C THR A 128 -10.78 -6.75 10.90
N PRO A 129 -9.58 -7.35 10.88
CA PRO A 129 -9.14 -8.21 9.78
C PRO A 129 -9.90 -9.54 9.74
N PRO A 130 -9.95 -10.16 8.55
CA PRO A 130 -10.64 -11.43 8.35
C PRO A 130 -9.93 -12.59 9.05
N PRO A 131 -10.65 -13.69 9.25
CA PRO A 131 -10.11 -14.89 9.91
C PRO A 131 -9.09 -15.62 9.03
N GLU A 132 -8.83 -15.07 7.85
CA GLU A 132 -7.88 -15.65 6.92
C GLU A 132 -6.46 -15.19 7.23
N VAL A 133 -5.99 -15.49 8.43
CA VAL A 133 -4.65 -15.10 8.85
C VAL A 133 -3.60 -16.02 8.27
N THR A 134 -2.54 -15.44 7.71
CA THR A 134 -1.46 -16.22 7.11
C THR A 134 -0.13 -15.93 7.79
N SER A 135 0.24 -16.79 8.74
CA SER A 135 1.49 -16.62 9.47
C SER A 135 2.69 -16.64 8.53
N GLY A 136 3.85 -16.26 9.04
CA GLY A 136 5.06 -16.24 8.22
C GLY A 136 6.31 -16.12 9.05
N PRO A 137 7.38 -15.62 8.43
CA PRO A 137 8.68 -15.44 9.10
C PRO A 137 8.64 -14.33 10.14
N SER A 138 7.62 -13.48 10.06
CA SER A 138 7.46 -12.37 11.01
C SER A 138 7.49 -12.88 12.44
N SER A 139 8.39 -12.32 13.25
CA SER A 139 8.52 -12.72 14.64
C SER A 139 7.29 -12.30 15.44
N GLY A 140 6.97 -11.01 15.39
CA GLY A 140 5.81 -10.49 16.11
C GLY A 140 6.21 -9.59 17.25
N GLY A 1 20.63 27.49 13.24
CA GLY A 1 20.03 27.42 14.56
C GLY A 1 19.88 25.99 15.06
N SER A 2 20.99 25.25 15.06
CA SER A 2 20.98 23.87 15.51
C SER A 2 22.12 23.61 16.50
N SER A 3 21.98 22.56 17.28
CA SER A 3 23.00 22.20 18.27
C SER A 3 24.25 21.65 17.60
N GLY A 4 24.07 20.61 16.79
CA GLY A 4 25.19 20.01 16.10
C GLY A 4 24.97 19.93 14.60
N SER A 5 24.71 18.73 14.10
CA SER A 5 24.48 18.52 12.68
C SER A 5 23.98 17.11 12.41
N SER A 6 23.22 16.96 11.33
CA SER A 6 22.67 15.65 10.96
C SER A 6 22.26 15.63 9.49
N GLY A 7 22.59 14.53 8.81
CA GLY A 7 22.26 14.41 7.40
C GLY A 7 21.28 13.27 7.14
N ASP A 8 20.19 13.59 6.46
CA ASP A 8 19.18 12.58 6.14
C ASP A 8 18.79 12.66 4.66
N ASP A 9 19.79 12.78 3.80
CA ASP A 9 19.54 12.86 2.36
C ASP A 9 19.49 11.46 1.74
N ASP A 10 18.81 10.54 2.42
CA ASP A 10 18.70 9.17 1.93
C ASP A 10 17.25 8.69 2.04
N LEU A 11 16.79 8.50 3.27
CA LEU A 11 15.43 8.04 3.52
C LEU A 11 14.40 9.03 2.98
N GLU A 12 14.08 8.88 1.70
CA GLU A 12 13.10 9.77 1.06
C GLU A 12 12.12 8.97 0.20
N VAL A 13 11.03 9.62 -0.20
CA VAL A 13 10.02 8.97 -1.01
C VAL A 13 9.45 9.94 -2.06
N LYS A 14 9.35 9.47 -3.29
CA LYS A 14 8.83 10.28 -4.38
C LYS A 14 7.31 10.20 -4.44
N GLU A 15 6.72 10.91 -5.40
CA GLU A 15 5.27 10.91 -5.55
C GLU A 15 4.88 11.26 -6.99
N GLU A 16 3.77 10.69 -7.45
CA GLU A 16 3.29 10.94 -8.81
C GLU A 16 1.80 11.29 -8.80
N ASN A 17 1.52 12.58 -8.91
CA ASN A 17 0.14 13.05 -8.91
C ASN A 17 -0.61 12.60 -7.67
N GLY A 18 0.14 12.35 -6.59
CA GLY A 18 -0.47 11.90 -5.35
C GLY A 18 -0.08 10.48 -4.99
N VAL A 19 0.44 9.75 -5.98
CA VAL A 19 0.84 8.37 -5.77
C VAL A 19 2.28 8.27 -5.30
N TRP A 20 2.46 8.05 -4.00
CA TRP A 20 3.80 7.94 -3.42
C TRP A 20 4.53 6.72 -3.96
N VAL A 21 5.84 6.85 -4.13
CA VAL A 21 6.67 5.75 -4.63
C VAL A 21 7.39 5.04 -3.50
N LEU A 22 6.87 3.88 -3.10
CA LEU A 22 7.48 3.10 -2.02
C LEU A 22 8.40 2.02 -2.58
N ASN A 23 9.24 1.47 -1.71
CA ASN A 23 10.18 0.43 -2.12
C ASN A 23 10.79 -0.26 -0.90
N ASP A 24 11.43 -1.40 -1.13
CA ASP A 24 12.05 -2.16 -0.06
C ASP A 24 13.05 -1.30 0.71
N GLY A 25 13.39 -0.15 0.13
CA GLY A 25 14.33 0.75 0.77
C GLY A 25 13.64 1.81 1.61
N ASN A 26 12.37 2.06 1.33
CA ASN A 26 11.60 3.05 2.07
C ASN A 26 10.26 2.48 2.49
N PHE A 27 10.12 1.15 2.43
CA PHE A 27 8.88 0.49 2.81
C PHE A 27 8.67 0.56 4.32
N ASP A 28 9.48 -0.19 5.06
CA ASP A 28 9.38 -0.21 6.52
C ASP A 28 9.46 1.20 7.09
N ASN A 29 10.38 1.99 6.55
CA ASN A 29 10.56 3.37 7.01
C ASN A 29 9.26 4.16 6.89
N PHE A 30 8.59 4.00 5.75
CA PHE A 30 7.33 4.70 5.51
C PHE A 30 6.26 4.25 6.51
N VAL A 31 5.94 2.96 6.48
CA VAL A 31 4.94 2.41 7.37
C VAL A 31 5.36 2.54 8.83
N ALA A 32 6.66 2.71 9.05
CA ALA A 32 7.19 2.86 10.40
C ALA A 32 6.43 3.93 11.17
N ASP A 33 6.02 4.98 10.48
CA ASP A 33 5.29 6.07 11.10
C ASP A 33 3.91 6.24 10.47
N LYS A 34 3.24 5.11 10.21
CA LYS A 34 1.92 5.13 9.61
C LYS A 34 1.14 3.87 9.97
N ASP A 35 -0.05 4.05 10.53
CA ASP A 35 -0.89 2.92 10.92
C ASP A 35 -1.46 2.22 9.69
N THR A 36 -2.07 3.01 8.80
CA THR A 36 -2.67 2.47 7.59
C THR A 36 -1.98 3.02 6.34
N VAL A 37 -1.44 2.11 5.52
CA VAL A 37 -0.75 2.51 4.30
C VAL A 37 -1.21 1.67 3.12
N LEU A 38 -1.74 2.35 2.10
CA LEU A 38 -2.21 1.67 0.90
C LEU A 38 -1.06 1.33 -0.03
N LEU A 39 -0.91 0.04 -0.34
CA LEU A 39 0.16 -0.42 -1.22
C LEU A 39 -0.42 -1.02 -2.50
N GLU A 40 0.15 -0.65 -3.64
CA GLU A 40 -0.31 -1.14 -4.93
C GLU A 40 0.88 -1.57 -5.79
N PHE A 41 0.96 -2.86 -6.08
CA PHE A 41 2.05 -3.40 -6.89
C PHE A 41 1.69 -3.34 -8.38
N TYR A 42 2.71 -3.25 -9.22
CA TYR A 42 2.50 -3.18 -10.66
C TYR A 42 3.74 -3.67 -11.42
N ALA A 43 3.65 -3.66 -12.74
CA ALA A 43 4.77 -4.09 -13.57
C ALA A 43 4.86 -3.25 -14.84
N PRO A 44 6.10 -2.93 -15.25
CA PRO A 44 6.36 -2.14 -16.46
C PRO A 44 6.03 -2.89 -17.73
N TRP A 45 5.97 -4.22 -17.64
CA TRP A 45 5.66 -5.05 -18.80
C TRP A 45 4.17 -5.40 -18.82
N CYS A 46 3.40 -4.79 -17.94
CA CYS A 46 1.96 -5.03 -17.86
C CYS A 46 1.19 -3.89 -18.50
N GLY A 47 0.20 -4.23 -19.33
CA GLY A 47 -0.60 -3.23 -20.00
C GLY A 47 -1.76 -2.76 -19.13
N HIS A 48 -2.48 -3.72 -18.55
CA HIS A 48 -3.62 -3.41 -17.71
C HIS A 48 -3.32 -2.22 -16.79
N CYS A 49 -2.06 -2.08 -16.41
CA CYS A 49 -1.64 -0.99 -15.54
C CYS A 49 -1.75 0.35 -16.26
N LYS A 50 -1.27 0.40 -17.50
CA LYS A 50 -1.30 1.62 -18.29
C LYS A 50 -2.67 2.30 -18.17
N GLN A 51 -3.71 1.49 -18.04
CA GLN A 51 -5.07 2.01 -17.92
C GLN A 51 -5.40 2.35 -16.47
N PHE A 52 -4.82 1.58 -15.55
CA PHE A 52 -5.05 1.79 -14.12
C PHE A 52 -4.19 2.93 -13.59
N ALA A 53 -3.27 3.40 -14.43
CA ALA A 53 -2.37 4.48 -14.05
C ALA A 53 -3.15 5.70 -13.55
N PRO A 54 -4.00 6.26 -14.43
CA PRO A 54 -4.83 7.42 -14.11
C PRO A 54 -5.93 7.08 -13.10
N GLU A 55 -6.47 5.88 -13.20
CA GLU A 55 -7.53 5.44 -12.31
C GLU A 55 -7.05 5.43 -10.86
N TYR A 56 -5.79 5.06 -10.67
CA TYR A 56 -5.20 5.00 -9.33
C TYR A 56 -4.94 6.39 -8.79
N GLU A 57 -4.29 7.23 -9.60
CA GLU A 57 -3.97 8.60 -9.19
C GLU A 57 -5.19 9.28 -8.58
N LYS A 58 -6.33 9.17 -9.26
CA LYS A 58 -7.57 9.78 -8.79
C LYS A 58 -7.83 9.41 -7.32
N ILE A 59 -7.84 8.11 -7.04
CA ILE A 59 -8.07 7.62 -5.69
C ILE A 59 -7.08 8.24 -4.71
N ALA A 60 -5.83 8.37 -5.12
CA ALA A 60 -4.80 8.95 -4.28
C ALA A 60 -5.31 10.20 -3.57
N SER A 61 -5.67 11.21 -4.36
CA SER A 61 -6.16 12.47 -3.79
C SER A 61 -7.49 12.25 -3.08
N THR A 62 -8.33 11.38 -3.64
CA THR A 62 -9.64 11.09 -3.07
C THR A 62 -9.51 10.75 -1.58
N LEU A 63 -8.71 9.74 -1.27
CA LEU A 63 -8.50 9.31 0.10
C LEU A 63 -7.81 10.40 0.92
N LYS A 64 -7.08 11.27 0.22
CA LYS A 64 -6.37 12.37 0.87
C LYS A 64 -7.25 13.04 1.92
N ASP A 65 -8.49 13.31 1.56
CA ASP A 65 -9.44 13.96 2.47
C ASP A 65 -9.88 12.98 3.55
N ASN A 66 -9.92 11.69 3.21
CA ASN A 66 -10.34 10.65 4.15
C ASN A 66 -9.63 10.84 5.50
N ASP A 67 -10.35 10.55 6.57
CA ASP A 67 -9.81 10.67 7.92
C ASP A 67 -9.77 9.32 8.62
N PRO A 68 -8.57 8.93 9.07
CA PRO A 68 -7.35 9.73 8.91
C PRO A 68 -6.89 9.80 7.46
N PRO A 69 -5.96 10.72 7.17
CA PRO A 69 -5.42 10.92 5.82
C PRO A 69 -4.54 9.75 5.38
N ILE A 70 -5.07 8.91 4.51
CA ILE A 70 -4.32 7.76 4.01
C ILE A 70 -3.43 8.14 2.83
N ALA A 71 -2.21 7.62 2.83
CA ALA A 71 -1.26 7.91 1.77
C ALA A 71 -1.16 6.74 0.78
N VAL A 72 -1.63 6.98 -0.43
CA VAL A 72 -1.60 5.94 -1.47
C VAL A 72 -0.24 5.90 -2.16
N ALA A 73 0.39 4.72 -2.15
CA ALA A 73 1.69 4.55 -2.77
C ALA A 73 1.74 3.25 -3.57
N LYS A 74 2.71 3.15 -4.48
CA LYS A 74 2.88 1.96 -5.30
C LYS A 74 4.26 1.36 -5.12
N ILE A 75 4.42 0.11 -5.55
CA ILE A 75 5.69 -0.58 -5.43
C ILE A 75 5.98 -1.43 -6.68
N ASP A 76 7.22 -1.38 -7.14
CA ASP A 76 7.62 -2.15 -8.31
C ASP A 76 8.12 -3.53 -7.92
N ALA A 77 7.24 -4.51 -7.96
CA ALA A 77 7.59 -5.88 -7.61
C ALA A 77 8.87 -6.32 -8.32
N THR A 78 9.12 -5.73 -9.49
CA THR A 78 10.30 -6.06 -10.26
C THR A 78 11.58 -5.77 -9.48
N SER A 79 11.56 -4.68 -8.72
CA SER A 79 12.72 -4.28 -7.92
C SER A 79 12.61 -4.82 -6.50
N ALA A 80 11.38 -4.97 -6.02
CA ALA A 80 11.13 -5.48 -4.68
C ALA A 80 10.87 -6.97 -4.70
N SER A 81 11.70 -7.73 -3.98
CA SER A 81 11.56 -9.18 -3.92
C SER A 81 11.08 -9.62 -2.54
N MET A 82 11.27 -8.75 -1.55
CA MET A 82 10.85 -9.06 -0.18
C MET A 82 9.37 -8.78 0.01
N LEU A 83 8.97 -7.54 -0.27
CA LEU A 83 7.57 -7.14 -0.12
C LEU A 83 6.66 -8.08 -0.91
N ALA A 84 7.13 -8.52 -2.07
CA ALA A 84 6.36 -9.42 -2.92
C ALA A 84 5.90 -10.65 -2.13
N SER A 85 6.81 -11.20 -1.34
CA SER A 85 6.50 -12.39 -0.54
C SER A 85 5.53 -12.05 0.58
N LYS A 86 5.65 -10.85 1.13
CA LYS A 86 4.79 -10.40 2.20
C LYS A 86 3.33 -10.47 1.79
N PHE A 87 2.99 -9.77 0.71
CA PHE A 87 1.63 -9.74 0.21
C PHE A 87 1.44 -10.76 -0.93
N ASP A 88 2.23 -11.82 -0.88
CA ASP A 88 2.16 -12.86 -1.90
C ASP A 88 1.87 -12.27 -3.27
N VAL A 89 2.45 -11.10 -3.55
CA VAL A 89 2.25 -10.43 -4.82
C VAL A 89 2.69 -11.30 -5.98
N SER A 90 1.77 -12.14 -6.47
CA SER A 90 2.06 -13.02 -7.58
C SER A 90 1.28 -12.62 -8.83
N GLY A 91 1.14 -11.31 -9.03
CA GLY A 91 0.42 -10.80 -10.18
C GLY A 91 0.25 -9.31 -10.15
N TYR A 92 -0.39 -8.76 -11.18
CA TYR A 92 -0.61 -7.32 -11.27
C TYR A 92 -1.70 -7.00 -12.29
N PRO A 93 -2.45 -5.91 -12.02
CA PRO A 93 -2.24 -5.08 -10.83
C PRO A 93 -2.64 -5.78 -9.55
N THR A 94 -2.03 -5.37 -8.44
CA THR A 94 -2.33 -5.97 -7.14
C THR A 94 -2.45 -4.90 -6.06
N ILE A 95 -3.65 -4.75 -5.51
CA ILE A 95 -3.89 -3.76 -4.48
C ILE A 95 -4.03 -4.43 -3.10
N LYS A 96 -3.39 -3.84 -2.10
CA LYS A 96 -3.44 -4.36 -0.75
C LYS A 96 -3.48 -3.24 0.28
N ILE A 97 -3.78 -3.59 1.53
CA ILE A 97 -3.84 -2.61 2.60
C ILE A 97 -3.02 -3.05 3.81
N LEU A 98 -2.21 -2.14 4.34
CA LEU A 98 -1.37 -2.44 5.49
C LEU A 98 -1.98 -1.87 6.77
N LYS A 99 -2.26 -2.74 7.73
CA LYS A 99 -2.84 -2.33 9.00
C LYS A 99 -1.88 -2.60 10.16
N LYS A 100 -1.17 -1.55 10.59
CA LYS A 100 -0.22 -1.69 11.69
C LYS A 100 0.72 -2.88 11.47
N GLY A 101 0.90 -3.24 10.21
CA GLY A 101 1.77 -4.36 9.88
C GLY A 101 0.99 -5.62 9.55
N GLN A 102 -0.31 -5.47 9.30
CA GLN A 102 -1.15 -6.60 8.97
C GLN A 102 -1.63 -6.52 7.52
N ALA A 103 -1.11 -7.40 6.69
CA ALA A 103 -1.48 -7.43 5.27
C ALA A 103 -2.94 -7.83 5.10
N VAL A 104 -3.76 -6.90 4.62
CA VAL A 104 -5.18 -7.17 4.41
C VAL A 104 -5.49 -7.30 2.93
N ASP A 105 -5.67 -8.54 2.48
CA ASP A 105 -5.98 -8.81 1.07
C ASP A 105 -7.19 -7.99 0.62
N TYR A 106 -7.05 -7.34 -0.53
CA TYR A 106 -8.12 -6.52 -1.08
C TYR A 106 -9.06 -7.35 -1.95
N ASP A 107 -10.32 -7.46 -1.54
CA ASP A 107 -11.30 -8.22 -2.28
C ASP A 107 -12.35 -7.30 -2.89
N GLY A 108 -12.10 -6.85 -4.11
CA GLY A 108 -13.04 -5.96 -4.79
C GLY A 108 -12.72 -5.81 -6.26
N SER A 109 -13.45 -4.91 -6.92
CA SER A 109 -13.25 -4.67 -8.35
C SER A 109 -12.21 -3.58 -8.57
N ARG A 110 -11.28 -3.45 -7.63
CA ARG A 110 -10.23 -2.44 -7.72
C ARG A 110 -10.75 -1.17 -8.39
N THR A 111 -11.83 -0.63 -7.83
CA THR A 111 -12.42 0.59 -8.37
C THR A 111 -12.31 1.74 -7.38
N GLN A 112 -12.60 2.95 -7.86
CA GLN A 112 -12.53 4.14 -7.01
C GLN A 112 -13.55 4.06 -5.88
N GLU A 113 -14.67 3.39 -6.14
CA GLU A 113 -15.72 3.24 -5.14
C GLU A 113 -15.38 2.13 -4.15
N GLU A 114 -14.90 1.00 -4.68
CA GLU A 114 -14.54 -0.14 -3.85
C GLU A 114 -13.25 0.14 -3.07
N ILE A 115 -12.15 0.24 -3.80
CA ILE A 115 -10.85 0.49 -3.19
C ILE A 115 -10.97 1.49 -2.04
N VAL A 116 -11.71 2.57 -2.28
CA VAL A 116 -11.92 3.60 -1.26
C VAL A 116 -12.86 3.11 -0.17
N ALA A 117 -13.90 2.38 -0.57
CA ALA A 117 -14.88 1.85 0.38
C ALA A 117 -14.20 0.93 1.40
N LYS A 118 -13.29 0.09 0.92
CA LYS A 118 -12.58 -0.85 1.78
C LYS A 118 -11.48 -0.14 2.55
N VAL A 119 -10.52 0.43 1.82
CA VAL A 119 -9.40 1.13 2.43
C VAL A 119 -9.87 1.98 3.60
N ARG A 120 -10.87 2.83 3.35
CA ARG A 120 -11.41 3.70 4.39
C ARG A 120 -12.05 2.89 5.51
N GLU A 121 -12.66 1.76 5.14
CA GLU A 121 -13.31 0.89 6.11
C GLU A 121 -12.28 0.25 7.04
N VAL A 122 -11.12 -0.08 6.50
CA VAL A 122 -10.06 -0.70 7.28
C VAL A 122 -9.30 0.35 8.10
N SER A 123 -9.00 1.48 7.48
CA SER A 123 -8.29 2.55 8.15
C SER A 123 -8.86 2.80 9.53
N GLN A 124 -10.19 2.78 9.64
CA GLN A 124 -10.85 3.00 10.91
C GLN A 124 -10.16 2.25 12.04
N PRO A 125 -10.01 2.91 13.20
CA PRO A 125 -9.37 2.31 14.37
C PRO A 125 -10.21 1.21 14.99
N ASP A 126 -11.50 1.23 14.73
CA ASP A 126 -12.41 0.22 15.27
C ASP A 126 -12.44 -1.02 14.37
N TRP A 127 -12.29 -0.80 13.07
CA TRP A 127 -12.30 -1.89 12.11
C TRP A 127 -11.34 -3.01 12.53
N THR A 128 -11.75 -4.24 12.32
CA THR A 128 -10.92 -5.40 12.68
C THR A 128 -10.91 -6.44 11.58
N PRO A 129 -9.79 -7.17 11.46
CA PRO A 129 -9.64 -8.21 10.44
C PRO A 129 -10.51 -9.43 10.72
N PRO A 130 -11.32 -9.82 9.72
CA PRO A 130 -12.23 -10.97 9.83
C PRO A 130 -11.48 -12.29 9.86
N PRO A 131 -12.12 -13.32 10.44
CA PRO A 131 -11.52 -14.66 10.55
C PRO A 131 -11.41 -15.34 9.19
N GLU A 132 -10.18 -15.53 8.72
CA GLU A 132 -9.94 -16.18 7.44
C GLU A 132 -8.85 -17.24 7.57
N VAL A 133 -9.27 -18.51 7.63
CA VAL A 133 -8.33 -19.61 7.75
C VAL A 133 -8.67 -20.74 6.78
N THR A 134 -7.71 -21.09 5.93
CA THR A 134 -7.91 -22.15 4.94
C THR A 134 -6.72 -23.10 4.91
N SER A 135 -7.01 -24.40 5.00
CA SER A 135 -5.96 -25.41 4.98
C SER A 135 -6.22 -26.44 3.88
N GLY A 136 -5.25 -26.61 3.00
CA GLY A 136 -5.39 -27.56 1.91
C GLY A 136 -4.30 -27.41 0.86
N PRO A 137 -4.18 -28.42 -0.02
CA PRO A 137 -3.17 -28.43 -1.09
C PRO A 137 -3.47 -27.39 -2.16
N SER A 138 -4.52 -26.60 -1.95
CA SER A 138 -4.91 -25.57 -2.90
C SER A 138 -3.69 -24.97 -3.59
N SER A 139 -2.67 -24.65 -2.80
CA SER A 139 -1.45 -24.07 -3.32
C SER A 139 -1.04 -24.75 -4.63
N GLY A 140 -0.78 -26.05 -4.54
CA GLY A 140 -0.38 -26.81 -5.72
C GLY A 140 -0.99 -28.19 -5.76
N GLY A 1 30.60 0.35 25.50
CA GLY A 1 30.15 1.48 24.71
C GLY A 1 28.84 1.19 23.98
N SER A 2 28.30 2.21 23.33
CA SER A 2 27.04 2.06 22.61
C SER A 2 27.21 2.43 21.14
N SER A 3 27.65 3.67 20.89
CA SER A 3 27.85 4.15 19.53
C SER A 3 26.60 3.93 18.68
N GLY A 4 25.44 4.21 19.26
CA GLY A 4 24.19 4.03 18.55
C GLY A 4 23.58 5.35 18.12
N SER A 5 23.59 5.62 16.82
CA SER A 5 23.03 6.86 16.29
C SER A 5 22.87 6.77 14.77
N SER A 6 22.08 7.69 14.22
CA SER A 6 21.83 7.71 12.78
C SER A 6 21.50 9.12 12.30
N GLY A 7 21.78 9.40 11.04
CA GLY A 7 21.50 10.71 10.48
C GLY A 7 22.08 10.88 9.10
N ASP A 8 21.48 10.23 8.11
CA ASP A 8 21.95 10.32 6.73
C ASP A 8 20.77 10.38 5.77
N ASP A 9 20.81 11.34 4.86
CA ASP A 9 19.75 11.52 3.88
C ASP A 9 19.82 10.44 2.80
N ASP A 10 19.17 9.30 3.05
CA ASP A 10 19.17 8.20 2.12
C ASP A 10 17.74 7.71 1.85
N LEU A 11 17.08 7.23 2.90
CA LEU A 11 15.72 6.73 2.78
C LEU A 11 14.77 7.86 2.36
N GLU A 12 14.72 8.14 1.07
CA GLU A 12 13.85 9.18 0.55
C GLU A 12 12.63 8.59 -0.14
N VAL A 13 11.61 9.41 -0.35
CA VAL A 13 10.38 8.97 -1.01
C VAL A 13 9.92 9.99 -2.05
N LYS A 14 9.52 9.49 -3.21
CA LYS A 14 9.05 10.36 -4.29
C LYS A 14 7.52 10.35 -4.36
N GLU A 15 6.98 11.12 -5.30
CA GLU A 15 5.53 11.20 -5.47
C GLU A 15 5.16 11.37 -6.93
N GLU A 16 4.45 10.38 -7.48
CA GLU A 16 4.05 10.43 -8.88
C GLU A 16 2.55 10.70 -9.00
N ASN A 17 2.20 11.77 -9.70
CA ASN A 17 0.80 12.14 -9.88
C ASN A 17 0.02 11.98 -8.59
N GLY A 18 0.60 12.45 -7.49
CA GLY A 18 -0.06 12.35 -6.20
C GLY A 18 -0.04 10.94 -5.65
N VAL A 19 1.07 10.23 -5.87
CA VAL A 19 1.21 8.86 -5.38
C VAL A 19 2.60 8.62 -4.84
N TRP A 20 2.71 8.45 -3.53
CA TRP A 20 3.99 8.21 -2.88
C TRP A 20 4.58 6.87 -3.32
N VAL A 21 5.77 6.93 -3.90
CA VAL A 21 6.45 5.72 -4.37
C VAL A 21 7.26 5.08 -3.25
N LEU A 22 6.81 3.92 -2.79
CA LEU A 22 7.49 3.21 -1.72
C LEU A 22 8.32 2.05 -2.28
N ASN A 23 9.16 1.47 -1.44
CA ASN A 23 10.00 0.35 -1.85
C ASN A 23 10.69 -0.29 -0.64
N ASP A 24 11.16 -1.53 -0.81
CA ASP A 24 11.84 -2.24 0.26
C ASP A 24 12.83 -1.34 0.97
N GLY A 25 13.25 -0.28 0.29
CA GLY A 25 14.21 0.64 0.87
C GLY A 25 13.57 1.60 1.87
N ASN A 26 12.37 2.06 1.56
CA ASN A 26 11.65 2.98 2.42
C ASN A 26 10.26 2.44 2.76
N PHE A 27 10.08 1.14 2.61
CA PHE A 27 8.81 0.49 2.88
C PHE A 27 8.47 0.57 4.37
N ASP A 28 9.33 -0.01 5.19
CA ASP A 28 9.13 0.00 6.64
C ASP A 28 9.18 1.42 7.19
N ASN A 29 10.17 2.19 6.75
CA ASN A 29 10.33 3.56 7.19
C ASN A 29 9.04 4.35 7.00
N PHE A 30 8.39 4.15 5.86
CA PHE A 30 7.15 4.84 5.56
C PHE A 30 6.03 4.40 6.52
N VAL A 31 5.69 3.12 6.47
CA VAL A 31 4.66 2.57 7.33
C VAL A 31 5.07 2.60 8.80
N ALA A 32 6.31 3.03 9.04
CA ALA A 32 6.83 3.10 10.40
C ALA A 32 5.85 3.80 11.33
N ASP A 33 5.41 4.99 10.95
CA ASP A 33 4.46 5.75 11.75
C ASP A 33 3.12 5.90 11.02
N LYS A 34 2.59 4.78 10.55
CA LYS A 34 1.31 4.79 9.83
C LYS A 34 0.51 3.53 10.14
N ASP A 35 -0.63 3.70 10.78
CA ASP A 35 -1.50 2.57 11.12
C ASP A 35 -2.15 1.97 9.88
N THR A 36 -2.42 2.83 8.90
CA THR A 36 -3.04 2.39 7.66
C THR A 36 -2.28 2.92 6.45
N VAL A 37 -1.73 2.01 5.65
CA VAL A 37 -0.98 2.39 4.46
C VAL A 37 -1.45 1.59 3.24
N LEU A 38 -1.91 2.30 2.22
CA LEU A 38 -2.38 1.66 1.00
C LEU A 38 -1.21 1.30 0.09
N LEU A 39 -1.12 0.02 -0.27
CA LEU A 39 -0.05 -0.45 -1.14
C LEU A 39 -0.61 -1.05 -2.43
N GLU A 40 -0.13 -0.57 -3.56
CA GLU A 40 -0.59 -1.06 -4.86
C GLU A 40 0.58 -1.59 -5.68
N PHE A 41 0.57 -2.90 -5.94
CA PHE A 41 1.63 -3.53 -6.71
C PHE A 41 1.32 -3.47 -8.21
N TYR A 42 2.33 -3.13 -9.00
CA TYR A 42 2.16 -3.03 -10.44
C TYR A 42 3.40 -3.59 -11.17
N ALA A 43 3.28 -3.72 -12.49
CA ALA A 43 4.38 -4.25 -13.30
C ALA A 43 4.55 -3.42 -14.57
N PRO A 44 5.81 -3.16 -14.94
CA PRO A 44 6.14 -2.38 -16.14
C PRO A 44 5.82 -3.14 -17.42
N TRP A 45 5.88 -4.47 -17.35
CA TRP A 45 5.59 -5.31 -18.52
C TRP A 45 4.10 -5.58 -18.63
N CYS A 46 3.32 -4.97 -17.74
CA CYS A 46 1.87 -5.16 -17.75
C CYS A 46 1.17 -3.96 -18.39
N GLY A 47 0.69 -4.15 -19.61
CA GLY A 47 0.00 -3.08 -20.31
C GLY A 47 -1.35 -2.75 -19.69
N HIS A 48 -2.05 -3.78 -19.24
CA HIS A 48 -3.37 -3.60 -18.64
C HIS A 48 -3.32 -2.55 -17.54
N CYS A 49 -2.18 -2.46 -16.85
CA CYS A 49 -2.01 -1.49 -15.77
C CYS A 49 -2.06 -0.07 -16.31
N LYS A 50 -1.56 0.12 -17.53
CA LYS A 50 -1.56 1.44 -18.15
C LYS A 50 -2.94 2.08 -18.09
N GLN A 51 -3.98 1.26 -18.23
CA GLN A 51 -5.35 1.74 -18.18
C GLN A 51 -5.71 2.20 -16.77
N PHE A 52 -5.08 1.59 -15.78
CA PHE A 52 -5.35 1.94 -14.39
C PHE A 52 -4.45 3.09 -13.92
N ALA A 53 -3.27 3.19 -14.54
CA ALA A 53 -2.32 4.24 -14.20
C ALA A 53 -3.04 5.52 -13.79
N PRO A 54 -3.84 6.06 -14.73
CA PRO A 54 -4.60 7.29 -14.49
C PRO A 54 -5.73 7.10 -13.49
N GLU A 55 -6.22 5.86 -13.38
CA GLU A 55 -7.30 5.55 -12.46
C GLU A 55 -6.83 5.64 -11.02
N TYR A 56 -5.68 5.04 -10.74
CA TYR A 56 -5.12 5.06 -9.39
C TYR A 56 -4.90 6.49 -8.90
N GLU A 57 -4.13 7.27 -9.65
CA GLU A 57 -3.86 8.65 -9.30
C GLU A 57 -5.10 9.32 -8.72
N LYS A 58 -6.23 9.18 -9.42
CA LYS A 58 -7.48 9.76 -8.96
C LYS A 58 -7.80 9.36 -7.53
N ILE A 59 -7.71 8.06 -7.26
CA ILE A 59 -7.99 7.54 -5.93
C ILE A 59 -7.09 8.19 -4.88
N ALA A 60 -5.80 8.30 -5.20
CA ALA A 60 -4.83 8.91 -4.30
C ALA A 60 -5.39 10.20 -3.69
N SER A 61 -5.78 11.13 -4.55
CA SER A 61 -6.32 12.40 -4.10
C SER A 61 -7.53 12.19 -3.19
N THR A 62 -8.42 11.30 -3.61
CA THR A 62 -9.62 11.01 -2.84
C THR A 62 -9.29 10.75 -1.38
N LEU A 63 -8.53 9.68 -1.12
CA LEU A 63 -8.14 9.32 0.23
C LEU A 63 -7.22 10.38 0.83
N LYS A 64 -6.62 11.19 -0.04
CA LYS A 64 -5.72 12.25 0.41
C LYS A 64 -6.43 13.19 1.38
N ASP A 65 -7.58 13.70 0.97
CA ASP A 65 -8.36 14.61 1.80
C ASP A 65 -9.48 13.86 2.51
N ASN A 66 -9.27 12.59 2.76
CA ASN A 66 -10.27 11.76 3.44
C ASN A 66 -10.01 11.72 4.94
N ASP A 67 -10.96 11.16 5.69
CA ASP A 67 -10.84 11.07 7.13
C ASP A 67 -11.11 9.64 7.60
N PRO A 68 -10.13 9.04 8.28
CA PRO A 68 -8.86 9.69 8.58
C PRO A 68 -8.00 9.89 7.33
N PRO A 69 -6.95 10.70 7.47
CA PRO A 69 -6.02 10.99 6.36
C PRO A 69 -5.18 9.78 5.98
N ILE A 70 -5.42 9.24 4.79
CA ILE A 70 -4.67 8.08 4.32
C ILE A 70 -3.73 8.46 3.19
N ALA A 71 -2.54 7.85 3.18
CA ALA A 71 -1.54 8.12 2.15
C ALA A 71 -1.44 6.95 1.18
N VAL A 72 -1.77 7.22 -0.09
CA VAL A 72 -1.70 6.20 -1.12
C VAL A 72 -0.29 6.09 -1.71
N ALA A 73 0.18 4.86 -1.89
CA ALA A 73 1.50 4.63 -2.44
C ALA A 73 1.51 3.41 -3.36
N LYS A 74 2.49 3.36 -4.26
CA LYS A 74 2.61 2.25 -5.18
C LYS A 74 3.99 1.61 -5.12
N ILE A 75 4.06 0.31 -5.35
CA ILE A 75 5.32 -0.41 -5.31
C ILE A 75 5.46 -1.36 -6.49
N ASP A 76 6.64 -1.38 -7.10
CA ASP A 76 6.90 -2.25 -8.24
C ASP A 76 7.37 -3.63 -7.79
N ALA A 77 6.42 -4.48 -7.42
CA ALA A 77 6.74 -5.82 -6.96
C ALA A 77 7.90 -6.41 -7.76
N THR A 78 7.79 -6.37 -9.08
CA THR A 78 8.83 -6.90 -9.95
C THR A 78 10.22 -6.55 -9.43
N SER A 79 10.38 -5.29 -8.99
CA SER A 79 11.66 -4.83 -8.47
C SER A 79 11.84 -5.26 -7.02
N ALA A 80 10.76 -5.25 -6.25
CA ALA A 80 10.80 -5.64 -4.85
C ALA A 80 10.44 -7.11 -4.68
N SER A 81 11.46 -7.96 -4.64
CA SER A 81 11.26 -9.40 -4.49
C SER A 81 10.82 -9.73 -3.06
N MET A 82 11.59 -9.25 -2.09
CA MET A 82 11.29 -9.49 -0.69
C MET A 82 9.84 -9.12 -0.37
N LEU A 83 9.52 -7.84 -0.49
CA LEU A 83 8.19 -7.35 -0.21
C LEU A 83 7.14 -8.15 -1.00
N ALA A 84 7.41 -8.36 -2.28
CA ALA A 84 6.50 -9.12 -3.13
C ALA A 84 6.07 -10.42 -2.46
N SER A 85 7.05 -11.18 -1.97
CA SER A 85 6.77 -12.44 -1.32
C SER A 85 5.99 -12.22 -0.02
N LYS A 86 6.31 -11.14 0.68
CA LYS A 86 5.64 -10.82 1.93
C LYS A 86 4.13 -10.90 1.78
N PHE A 87 3.59 -10.16 0.83
CA PHE A 87 2.15 -10.14 0.58
C PHE A 87 1.78 -11.17 -0.49
N ASP A 88 2.56 -12.25 -0.57
CA ASP A 88 2.31 -13.30 -1.55
C ASP A 88 1.79 -12.72 -2.85
N VAL A 89 2.44 -11.66 -3.33
CA VAL A 89 2.03 -11.00 -4.57
C VAL A 89 2.40 -11.85 -5.78
N SER A 90 1.40 -12.47 -6.39
CA SER A 90 1.61 -13.33 -7.55
C SER A 90 0.69 -12.91 -8.70
N GLY A 91 0.53 -11.60 -8.89
CA GLY A 91 -0.31 -11.10 -9.96
C GLY A 91 -0.38 -9.59 -9.98
N TYR A 92 -1.00 -9.04 -11.03
CA TYR A 92 -1.13 -7.60 -11.17
C TYR A 92 -2.22 -7.25 -12.17
N PRO A 93 -2.93 -6.12 -11.90
CA PRO A 93 -2.68 -5.29 -10.73
C PRO A 93 -3.09 -5.99 -9.43
N THR A 94 -2.51 -5.54 -8.32
CA THR A 94 -2.82 -6.11 -7.02
C THR A 94 -2.78 -5.04 -5.92
N ILE A 95 -3.92 -4.82 -5.28
CA ILE A 95 -4.01 -3.83 -4.22
C ILE A 95 -4.09 -4.50 -2.85
N LYS A 96 -3.46 -3.87 -1.85
CA LYS A 96 -3.46 -4.40 -0.50
C LYS A 96 -3.51 -3.27 0.53
N ILE A 97 -3.73 -3.64 1.79
CA ILE A 97 -3.79 -2.65 2.86
C ILE A 97 -2.91 -3.06 4.03
N LEU A 98 -2.12 -2.11 4.54
CA LEU A 98 -1.23 -2.38 5.66
C LEU A 98 -1.81 -1.81 6.95
N LYS A 99 -2.29 -2.70 7.81
CA LYS A 99 -2.87 -2.30 9.09
C LYS A 99 -1.94 -2.64 10.25
N LYS A 100 -1.41 -1.62 10.90
CA LYS A 100 -0.51 -1.83 12.03
C LYS A 100 0.61 -2.79 11.66
N GLY A 101 0.91 -2.89 10.37
CA GLY A 101 1.96 -3.78 9.91
C GLY A 101 1.42 -5.13 9.50
N GLN A 102 0.12 -5.19 9.22
CA GLN A 102 -0.51 -6.43 8.80
C GLN A 102 -0.99 -6.35 7.36
N ALA A 103 -0.78 -7.42 6.60
CA ALA A 103 -1.20 -7.47 5.21
C ALA A 103 -2.65 -7.92 5.08
N VAL A 104 -3.49 -7.06 4.51
CA VAL A 104 -4.89 -7.38 4.32
C VAL A 104 -5.24 -7.54 2.85
N ASP A 105 -5.62 -8.75 2.46
CA ASP A 105 -5.98 -9.04 1.08
C ASP A 105 -7.23 -8.28 0.67
N TYR A 106 -7.09 -7.39 -0.31
CA TYR A 106 -8.22 -6.60 -0.79
C TYR A 106 -8.99 -7.34 -1.87
N ASP A 107 -10.25 -7.64 -1.59
CA ASP A 107 -11.11 -8.35 -2.54
C ASP A 107 -12.18 -7.43 -3.10
N GLY A 108 -11.85 -6.74 -4.19
CA GLY A 108 -12.80 -5.83 -4.80
C GLY A 108 -12.79 -5.91 -6.32
N SER A 109 -13.40 -4.92 -6.96
CA SER A 109 -13.46 -4.89 -8.42
C SER A 109 -12.43 -3.92 -9.00
N ARG A 110 -11.57 -3.41 -8.12
CA ARG A 110 -10.54 -2.46 -8.54
C ARG A 110 -11.16 -1.17 -9.04
N THR A 111 -12.03 -0.57 -8.22
CA THR A 111 -12.70 0.68 -8.57
C THR A 111 -12.51 1.73 -7.50
N GLN A 112 -12.50 2.99 -7.90
CA GLN A 112 -12.34 4.10 -6.96
C GLN A 112 -13.36 4.01 -5.84
N GLU A 113 -14.53 3.48 -6.15
CA GLU A 113 -15.59 3.35 -5.16
C GLU A 113 -15.25 2.27 -4.14
N GLU A 114 -15.06 1.04 -4.61
CA GLU A 114 -14.73 -0.07 -3.74
C GLU A 114 -13.39 0.16 -3.04
N ILE A 115 -12.33 0.29 -3.83
CA ILE A 115 -10.99 0.52 -3.28
C ILE A 115 -11.03 1.54 -2.16
N VAL A 116 -11.74 2.64 -2.39
CA VAL A 116 -11.86 3.70 -1.39
C VAL A 116 -12.77 3.27 -0.24
N ALA A 117 -13.72 2.39 -0.54
CA ALA A 117 -14.66 1.90 0.46
C ALA A 117 -13.95 1.01 1.48
N LYS A 118 -13.14 0.08 0.98
CA LYS A 118 -12.41 -0.83 1.84
C LYS A 118 -11.38 -0.09 2.68
N VAL A 119 -10.42 0.55 2.00
CA VAL A 119 -9.38 1.30 2.68
C VAL A 119 -9.94 2.11 3.85
N ARG A 120 -10.86 3.02 3.54
CA ARG A 120 -11.48 3.85 4.56
C ARG A 120 -12.20 2.99 5.60
N GLU A 121 -12.76 1.87 5.15
CA GLU A 121 -13.49 0.97 6.04
C GLU A 121 -12.54 0.32 7.04
N VAL A 122 -11.33 0.00 6.57
CA VAL A 122 -10.33 -0.64 7.43
C VAL A 122 -9.73 0.38 8.40
N SER A 123 -9.50 1.60 7.92
CA SER A 123 -8.93 2.65 8.75
C SER A 123 -9.73 2.82 10.03
N GLN A 124 -11.03 2.61 9.95
CA GLN A 124 -11.91 2.74 11.10
C GLN A 124 -11.38 1.92 12.29
N PRO A 125 -11.52 2.49 13.50
CA PRO A 125 -11.07 1.83 14.72
C PRO A 125 -11.91 0.61 15.08
N ASP A 126 -13.16 0.61 14.63
CA ASP A 126 -14.07 -0.49 14.89
C ASP A 126 -13.80 -1.67 13.95
N TRP A 127 -13.49 -1.35 12.70
CA TRP A 127 -13.21 -2.37 11.70
C TRP A 127 -12.25 -3.42 12.26
N THR A 128 -12.25 -4.60 11.63
CA THR A 128 -11.38 -5.69 12.06
C THR A 128 -11.02 -6.59 10.88
N PRO A 129 -9.80 -7.16 10.93
CA PRO A 129 -9.30 -8.06 9.88
C PRO A 129 -10.03 -9.39 9.87
N PRO A 130 -10.63 -9.73 8.72
CA PRO A 130 -11.37 -10.99 8.55
C PRO A 130 -10.46 -12.20 8.53
N PRO A 131 -11.02 -13.37 8.85
CA PRO A 131 -10.27 -14.63 8.89
C PRO A 131 -9.85 -15.10 7.49
N GLU A 132 -8.58 -14.90 7.16
CA GLU A 132 -8.06 -15.30 5.86
C GLU A 132 -7.63 -16.76 5.87
N VAL A 133 -8.53 -17.64 5.41
CA VAL A 133 -8.24 -19.06 5.36
C VAL A 133 -7.90 -19.51 3.95
N THR A 134 -6.70 -20.09 3.78
CA THR A 134 -6.26 -20.56 2.48
C THR A 134 -5.92 -22.04 2.52
N SER A 135 -6.26 -22.74 1.44
CA SER A 135 -6.00 -24.18 1.34
C SER A 135 -4.62 -24.45 0.78
N GLY A 136 -3.87 -25.30 1.46
CA GLY A 136 -2.52 -25.63 1.01
C GLY A 136 -1.65 -24.40 0.82
N PRO A 137 -1.09 -23.90 1.93
CA PRO A 137 -0.23 -22.72 1.93
C PRO A 137 1.11 -22.99 1.25
N SER A 138 1.87 -21.91 1.02
CA SER A 138 3.17 -22.03 0.38
C SER A 138 4.26 -21.42 1.24
N SER A 139 5.26 -22.23 1.59
CA SER A 139 6.37 -21.76 2.42
C SER A 139 7.54 -21.30 1.56
N GLY A 140 8.47 -20.58 2.18
CA GLY A 140 9.63 -20.08 1.46
C GLY A 140 10.94 -20.53 2.09
N GLY A 1 11.70 1.73 16.01
CA GLY A 1 13.08 1.39 16.25
C GLY A 1 14.01 2.56 16.03
N SER A 2 13.84 3.61 16.83
CA SER A 2 14.67 4.80 16.72
C SER A 2 16.03 4.58 17.36
N SER A 3 17.09 4.97 16.66
CA SER A 3 18.44 4.81 17.16
C SER A 3 19.41 5.72 16.40
N GLY A 4 20.66 5.76 16.87
CA GLY A 4 21.67 6.60 16.24
C GLY A 4 22.03 6.12 14.85
N SER A 5 21.60 6.86 13.84
CA SER A 5 21.88 6.49 12.45
C SER A 5 22.47 7.68 11.68
N SER A 6 23.54 7.42 10.95
CA SER A 6 24.21 8.47 10.17
C SER A 6 23.49 8.70 8.85
N GLY A 7 23.53 9.93 8.36
CA GLY A 7 22.88 10.26 7.11
C GLY A 7 21.37 10.27 7.23
N ASP A 8 20.77 11.44 7.05
CA ASP A 8 19.32 11.58 7.13
C ASP A 8 18.69 11.48 5.76
N ASP A 9 19.51 11.56 4.72
CA ASP A 9 19.02 11.48 3.35
C ASP A 9 19.20 10.08 2.80
N ASP A 10 18.78 9.09 3.57
CA ASP A 10 18.89 7.68 3.16
C ASP A 10 17.54 7.16 2.66
N LEU A 11 16.56 7.12 3.56
CA LEU A 11 15.23 6.64 3.21
C LEU A 11 14.46 7.69 2.43
N GLU A 12 14.71 7.77 1.13
CA GLU A 12 14.04 8.72 0.27
C GLU A 12 12.72 8.16 -0.26
N VAL A 13 11.81 9.05 -0.63
CA VAL A 13 10.51 8.63 -1.15
C VAL A 13 10.02 9.58 -2.24
N LYS A 14 9.61 9.01 -3.36
CA LYS A 14 9.12 9.80 -4.48
C LYS A 14 7.60 9.72 -4.60
N GLU A 15 7.02 10.57 -5.43
CA GLU A 15 5.58 10.58 -5.63
C GLU A 15 5.22 10.84 -7.09
N GLU A 16 4.09 10.30 -7.53
CA GLU A 16 3.65 10.47 -8.91
C GLU A 16 2.16 10.82 -8.95
N ASN A 17 1.86 12.08 -9.25
CA ASN A 17 0.48 12.54 -9.33
C ASN A 17 -0.25 12.28 -8.02
N GLY A 18 0.49 12.24 -6.92
CA GLY A 18 -0.11 11.99 -5.62
C GLY A 18 0.17 10.59 -5.11
N VAL A 19 0.57 9.70 -6.01
CA VAL A 19 0.87 8.32 -5.64
C VAL A 19 2.31 8.18 -5.15
N TRP A 20 2.46 7.96 -3.85
CA TRP A 20 3.78 7.80 -3.25
C TRP A 20 4.50 6.56 -3.80
N VAL A 21 5.82 6.56 -3.72
CA VAL A 21 6.62 5.44 -4.20
C VAL A 21 7.31 4.72 -3.06
N LEU A 22 6.71 3.61 -2.61
CA LEU A 22 7.27 2.83 -1.51
C LEU A 22 8.09 1.67 -2.04
N ASN A 23 8.99 1.15 -1.21
CA ASN A 23 9.84 0.04 -1.58
C ASN A 23 10.63 -0.49 -0.39
N ASP A 24 11.25 -1.65 -0.56
CA ASP A 24 12.04 -2.26 0.52
C ASP A 24 12.92 -1.22 1.19
N GLY A 25 13.21 -0.14 0.48
CA GLY A 25 14.04 0.91 1.03
C GLY A 25 13.30 1.81 2.00
N ASN A 26 12.07 2.17 1.63
CA ASN A 26 11.25 3.03 2.47
C ASN A 26 9.87 2.43 2.69
N PHE A 27 9.82 1.10 2.82
CA PHE A 27 8.55 0.40 3.03
C PHE A 27 8.14 0.45 4.51
N ASP A 28 8.96 -0.13 5.37
CA ASP A 28 8.69 -0.15 6.80
C ASP A 28 8.88 1.23 7.41
N ASN A 29 9.93 1.92 6.98
CA ASN A 29 10.23 3.25 7.48
C ASN A 29 9.04 4.19 7.28
N PHE A 30 8.47 4.16 6.09
CA PHE A 30 7.32 5.01 5.77
C PHE A 30 6.11 4.63 6.62
N VAL A 31 5.71 3.36 6.53
CA VAL A 31 4.57 2.87 7.30
C VAL A 31 4.88 2.82 8.79
N ALA A 32 6.11 3.20 9.15
CA ALA A 32 6.53 3.20 10.54
C ALA A 32 5.68 4.16 11.37
N ASP A 33 5.56 5.40 10.88
CA ASP A 33 4.77 6.41 11.59
C ASP A 33 3.30 6.31 11.20
N LYS A 34 3.04 5.88 9.97
CA LYS A 34 1.68 5.75 9.47
C LYS A 34 1.06 4.42 9.91
N ASP A 35 -0.16 4.48 10.41
CA ASP A 35 -0.86 3.28 10.86
C ASP A 35 -1.41 2.49 9.68
N THR A 36 -2.23 3.14 8.87
CA THR A 36 -2.83 2.50 7.71
C THR A 36 -2.27 3.08 6.41
N VAL A 37 -1.53 2.27 5.67
CA VAL A 37 -0.95 2.70 4.40
C VAL A 37 -1.38 1.80 3.25
N LEU A 38 -1.94 2.41 2.21
CA LEU A 38 -2.40 1.66 1.04
C LEU A 38 -1.23 1.35 0.11
N LEU A 39 -1.13 0.09 -0.30
CA LEU A 39 -0.07 -0.35 -1.20
C LEU A 39 -0.64 -0.89 -2.50
N GLU A 40 0.02 -0.57 -3.61
CA GLU A 40 -0.42 -1.04 -4.92
C GLU A 40 0.76 -1.53 -5.75
N PHE A 41 0.80 -2.84 -5.98
CA PHE A 41 1.88 -3.45 -6.76
C PHE A 41 1.55 -3.42 -8.25
N TYR A 42 2.56 -3.16 -9.06
CA TYR A 42 2.39 -3.10 -10.51
C TYR A 42 3.63 -3.60 -11.23
N ALA A 43 3.54 -3.71 -12.55
CA ALA A 43 4.67 -4.18 -13.36
C ALA A 43 4.87 -3.27 -14.57
N PRO A 44 6.15 -3.00 -14.89
CA PRO A 44 6.51 -2.15 -16.03
C PRO A 44 6.22 -2.82 -17.38
N TRP A 45 6.30 -4.14 -17.40
CA TRP A 45 6.03 -4.90 -18.61
C TRP A 45 4.55 -5.21 -18.76
N CYS A 46 3.77 -4.83 -17.75
CA CYS A 46 2.33 -5.07 -17.76
C CYS A 46 1.59 -3.84 -18.28
N GLY A 47 1.00 -3.97 -19.47
CA GLY A 47 0.26 -2.86 -20.05
C GLY A 47 -1.03 -2.57 -19.31
N HIS A 48 -1.69 -3.62 -18.83
CA HIS A 48 -2.94 -3.47 -18.09
C HIS A 48 -2.79 -2.44 -16.97
N CYS A 49 -1.54 -2.18 -16.57
CA CYS A 49 -1.27 -1.22 -15.51
C CYS A 49 -1.42 0.21 -16.02
N LYS A 50 -1.02 0.43 -17.27
CA LYS A 50 -1.11 1.76 -17.88
C LYS A 50 -2.53 2.32 -17.78
N GLN A 51 -3.52 1.44 -17.98
CA GLN A 51 -4.91 1.84 -17.91
C GLN A 51 -5.32 2.16 -16.48
N PHE A 52 -4.68 1.50 -15.52
CA PHE A 52 -4.97 1.71 -14.11
C PHE A 52 -4.20 2.92 -13.57
N ALA A 53 -3.05 3.21 -14.19
CA ALA A 53 -2.23 4.33 -13.78
C ALA A 53 -3.08 5.51 -13.33
N PRO A 54 -3.91 6.03 -14.25
CA PRO A 54 -4.80 7.16 -13.98
C PRO A 54 -5.93 6.80 -13.03
N GLU A 55 -6.39 5.55 -13.12
CA GLU A 55 -7.48 5.07 -12.27
C GLU A 55 -7.07 5.11 -10.80
N TYR A 56 -5.79 4.85 -10.54
CA TYR A 56 -5.28 4.85 -9.17
C TYR A 56 -5.03 6.27 -8.68
N GLU A 57 -4.30 7.04 -9.48
CA GLU A 57 -4.00 8.43 -9.12
C GLU A 57 -5.23 9.14 -8.57
N LYS A 58 -6.33 9.08 -9.32
CA LYS A 58 -7.57 9.71 -8.91
C LYS A 58 -7.89 9.38 -7.45
N ILE A 59 -7.83 8.11 -7.11
CA ILE A 59 -8.11 7.67 -5.74
C ILE A 59 -7.23 8.41 -4.74
N ALA A 60 -5.95 8.54 -5.08
CA ALA A 60 -5.00 9.23 -4.20
C ALA A 60 -5.60 10.52 -3.65
N SER A 61 -6.06 11.39 -4.54
CA SER A 61 -6.66 12.65 -4.15
C SER A 61 -7.87 12.43 -3.25
N THR A 62 -8.65 11.41 -3.58
CA THR A 62 -9.86 11.08 -2.80
C THR A 62 -9.49 10.66 -1.39
N LEU A 63 -8.83 9.50 -1.26
CA LEU A 63 -8.43 8.99 0.03
C LEU A 63 -7.52 9.98 0.76
N LYS A 64 -6.85 10.83 -0.01
CA LYS A 64 -5.94 11.82 0.55
C LYS A 64 -6.66 12.68 1.59
N ASP A 65 -7.85 13.16 1.24
CA ASP A 65 -8.64 14.00 2.14
C ASP A 65 -9.44 13.14 3.11
N ASN A 66 -9.79 11.94 2.67
CA ASN A 66 -10.57 11.02 3.49
C ASN A 66 -10.10 11.06 4.94
N ASP A 67 -10.98 10.68 5.86
CA ASP A 67 -10.65 10.67 7.28
C ASP A 67 -10.73 9.26 7.85
N PRO A 68 -9.61 8.79 8.42
CA PRO A 68 -8.37 9.58 8.51
C PRO A 68 -7.72 9.77 7.15
N PRO A 69 -6.72 10.67 7.09
CA PRO A 69 -5.99 10.96 5.86
C PRO A 69 -5.10 9.81 5.42
N ILE A 70 -5.59 9.01 4.47
CA ILE A 70 -4.84 7.88 3.96
C ILE A 70 -3.87 8.30 2.87
N ALA A 71 -2.72 7.64 2.83
CA ALA A 71 -1.70 7.94 1.82
C ALA A 71 -1.53 6.79 0.84
N VAL A 72 -1.85 7.05 -0.43
CA VAL A 72 -1.75 6.04 -1.46
C VAL A 72 -0.32 5.97 -2.02
N ALA A 73 0.18 4.75 -2.19
CA ALA A 73 1.53 4.56 -2.71
C ALA A 73 1.56 3.40 -3.70
N LYS A 74 2.68 3.25 -4.40
CA LYS A 74 2.85 2.17 -5.37
C LYS A 74 4.18 1.46 -5.17
N ILE A 75 4.24 0.20 -5.60
CA ILE A 75 5.45 -0.60 -5.47
C ILE A 75 5.67 -1.47 -6.70
N ASP A 76 6.90 -1.49 -7.19
CA ASP A 76 7.25 -2.29 -8.36
C ASP A 76 7.72 -3.67 -7.95
N ALA A 77 6.79 -4.62 -7.89
CA ALA A 77 7.12 -5.99 -7.52
C ALA A 77 8.44 -6.43 -8.13
N THR A 78 8.70 -5.99 -9.35
CA THR A 78 9.93 -6.33 -10.05
C THR A 78 11.15 -5.83 -9.29
N SER A 79 11.06 -4.60 -8.78
CA SER A 79 12.16 -4.00 -8.03
C SER A 79 12.18 -4.50 -6.59
N ALA A 80 10.99 -4.80 -6.06
CA ALA A 80 10.86 -5.29 -4.70
C ALA A 80 10.46 -6.75 -4.67
N SER A 81 11.44 -7.63 -4.57
CA SER A 81 11.18 -9.07 -4.54
C SER A 81 10.70 -9.51 -3.15
N MET A 82 11.37 -9.03 -2.12
CA MET A 82 11.00 -9.36 -0.75
C MET A 82 9.55 -9.01 -0.47
N LEU A 83 9.24 -7.72 -0.53
CA LEU A 83 7.88 -7.24 -0.29
C LEU A 83 6.88 -8.02 -1.13
N ALA A 84 7.22 -8.26 -2.39
CA ALA A 84 6.34 -8.99 -3.29
C ALA A 84 5.95 -10.34 -2.70
N SER A 85 6.95 -11.10 -2.25
CA SER A 85 6.72 -12.41 -1.67
C SER A 85 5.91 -12.30 -0.37
N LYS A 86 6.02 -11.14 0.28
CA LYS A 86 5.30 -10.90 1.53
C LYS A 86 3.79 -10.98 1.32
N PHE A 87 3.29 -10.19 0.37
CA PHE A 87 1.87 -10.17 0.06
C PHE A 87 1.54 -11.13 -1.08
N ASP A 88 2.38 -12.14 -1.25
CA ASP A 88 2.18 -13.13 -2.31
C ASP A 88 1.71 -12.46 -3.60
N VAL A 89 2.35 -11.36 -3.96
CA VAL A 89 1.98 -10.62 -5.16
C VAL A 89 2.36 -11.40 -6.42
N SER A 90 1.43 -12.21 -6.91
CA SER A 90 1.66 -13.01 -8.10
C SER A 90 0.83 -12.50 -9.28
N GLY A 91 0.53 -11.20 -9.26
CA GLY A 91 -0.24 -10.60 -10.32
C GLY A 91 -0.37 -9.11 -10.18
N TYR A 92 -0.92 -8.46 -11.21
CA TYR A 92 -1.09 -7.00 -11.18
C TYR A 92 -2.11 -6.57 -12.24
N PRO A 93 -2.76 -5.43 -11.98
CA PRO A 93 -2.52 -4.63 -10.77
C PRO A 93 -3.04 -5.31 -9.52
N THR A 94 -2.35 -5.09 -8.40
CA THR A 94 -2.74 -5.68 -7.13
C THR A 94 -2.81 -4.64 -6.02
N ILE A 95 -4.01 -4.42 -5.49
CA ILE A 95 -4.20 -3.46 -4.42
C ILE A 95 -4.28 -4.13 -3.06
N LYS A 96 -3.44 -3.68 -2.13
CA LYS A 96 -3.41 -4.25 -0.79
C LYS A 96 -3.42 -3.14 0.27
N ILE A 97 -3.66 -3.52 1.51
CA ILE A 97 -3.69 -2.57 2.62
C ILE A 97 -2.78 -3.01 3.75
N LEU A 98 -2.20 -2.03 4.44
CA LEU A 98 -1.29 -2.31 5.56
C LEU A 98 -1.86 -1.75 6.86
N LYS A 99 -1.95 -2.61 7.87
CA LYS A 99 -2.47 -2.20 9.17
C LYS A 99 -1.46 -2.51 10.27
N LYS A 100 -0.70 -1.50 10.67
CA LYS A 100 0.30 -1.66 11.72
C LYS A 100 1.16 -2.90 11.46
N GLY A 101 1.39 -3.19 10.19
CA GLY A 101 2.20 -4.35 9.84
C GLY A 101 1.37 -5.55 9.45
N GLN A 102 0.06 -5.37 9.40
CA GLN A 102 -0.86 -6.44 9.05
C GLN A 102 -1.40 -6.27 7.63
N ALA A 103 -1.10 -7.24 6.77
CA ALA A 103 -1.56 -7.19 5.39
C ALA A 103 -3.01 -7.63 5.27
N VAL A 104 -3.84 -6.75 4.69
CA VAL A 104 -5.25 -7.04 4.52
C VAL A 104 -5.60 -7.22 3.05
N ASP A 105 -5.56 -8.47 2.59
CA ASP A 105 -5.89 -8.78 1.20
C ASP A 105 -7.20 -8.12 0.78
N TYR A 106 -7.14 -7.38 -0.32
CA TYR A 106 -8.33 -6.68 -0.83
C TYR A 106 -9.10 -7.58 -1.79
N ASP A 107 -10.32 -7.93 -1.41
CA ASP A 107 -11.17 -8.78 -2.24
C ASP A 107 -12.39 -8.00 -2.75
N GLY A 108 -12.22 -7.35 -3.90
CA GLY A 108 -13.31 -6.58 -4.48
C GLY A 108 -12.93 -5.91 -5.79
N SER A 109 -13.91 -5.33 -6.45
CA SER A 109 -13.67 -4.66 -7.73
C SER A 109 -12.76 -3.44 -7.54
N ARG A 110 -11.69 -3.39 -8.32
CA ARG A 110 -10.74 -2.28 -8.24
C ARG A 110 -11.36 -1.00 -8.80
N THR A 111 -12.23 -0.38 -8.01
CA THR A 111 -12.89 0.86 -8.44
C THR A 111 -12.65 1.98 -7.42
N GLN A 112 -12.82 3.21 -7.87
CA GLN A 112 -12.63 4.37 -7.01
C GLN A 112 -13.59 4.33 -5.83
N GLU A 113 -14.72 3.68 -6.01
CA GLU A 113 -15.73 3.58 -4.97
C GLU A 113 -15.44 2.39 -4.05
N GLU A 114 -15.12 1.25 -4.66
CA GLU A 114 -14.83 0.04 -3.90
C GLU A 114 -13.50 0.16 -3.17
N ILE A 115 -12.42 0.27 -3.95
CA ILE A 115 -11.08 0.38 -3.37
C ILE A 115 -11.06 1.39 -2.22
N VAL A 116 -11.81 2.47 -2.38
CA VAL A 116 -11.89 3.52 -1.36
C VAL A 116 -12.72 3.04 -0.17
N ALA A 117 -13.79 2.32 -0.45
CA ALA A 117 -14.67 1.82 0.59
C ALA A 117 -13.89 1.01 1.63
N LYS A 118 -13.18 -0.02 1.15
CA LYS A 118 -12.39 -0.86 2.03
C LYS A 118 -11.23 -0.08 2.65
N VAL A 119 -10.32 0.39 1.80
CA VAL A 119 -9.17 1.16 2.27
C VAL A 119 -9.59 2.18 3.33
N ARG A 120 -10.85 2.57 3.30
CA ARG A 120 -11.38 3.54 4.26
C ARG A 120 -11.81 2.85 5.55
N GLU A 121 -12.42 1.68 5.42
CA GLU A 121 -12.88 0.93 6.58
C GLU A 121 -11.69 0.40 7.39
N VAL A 122 -10.67 -0.08 6.68
CA VAL A 122 -9.48 -0.61 7.34
C VAL A 122 -8.66 0.50 7.98
N SER A 123 -8.72 1.69 7.39
CA SER A 123 -7.97 2.83 7.90
C SER A 123 -8.46 3.21 9.30
N GLN A 124 -9.74 2.97 9.56
CA GLN A 124 -10.32 3.28 10.86
C GLN A 124 -9.62 2.52 11.98
N PRO A 125 -9.41 3.18 13.11
CA PRO A 125 -8.75 2.58 14.28
C PRO A 125 -9.62 1.52 14.95
N ASP A 126 -10.92 1.66 14.80
CA ASP A 126 -11.87 0.70 15.39
C ASP A 126 -11.99 -0.55 14.53
N TRP A 127 -11.97 -0.36 13.22
CA TRP A 127 -12.07 -1.48 12.29
C TRP A 127 -11.14 -2.62 12.69
N THR A 128 -11.48 -3.84 12.29
CA THR A 128 -10.67 -5.01 12.62
C THR A 128 -10.52 -5.92 11.41
N PRO A 129 -9.38 -6.61 11.31
CA PRO A 129 -9.08 -7.53 10.21
C PRO A 129 -9.94 -8.79 10.27
N PRO A 130 -10.16 -9.42 9.11
CA PRO A 130 -10.96 -10.64 9.00
C PRO A 130 -10.27 -11.84 9.64
N PRO A 131 -11.09 -12.79 10.13
CA PRO A 131 -10.59 -14.01 10.78
C PRO A 131 -9.91 -14.96 9.79
N GLU A 132 -9.87 -14.54 8.52
CA GLU A 132 -9.25 -15.35 7.48
C GLU A 132 -7.77 -15.55 7.73
N VAL A 133 -7.44 -16.45 8.65
CA VAL A 133 -6.05 -16.73 8.99
C VAL A 133 -5.57 -18.01 8.32
N THR A 134 -4.38 -17.96 7.73
CA THR A 134 -3.81 -19.11 7.06
C THR A 134 -2.30 -19.18 7.27
N SER A 135 -1.79 -20.39 7.44
CA SER A 135 -0.36 -20.60 7.66
C SER A 135 0.46 -19.62 6.83
N GLY A 136 1.44 -18.98 7.47
CA GLY A 136 2.28 -18.03 6.78
C GLY A 136 3.01 -17.10 7.73
N PRO A 137 3.90 -16.26 7.18
CA PRO A 137 4.69 -15.31 7.97
C PRO A 137 3.82 -14.17 8.51
N SER A 138 3.64 -14.15 9.83
CA SER A 138 2.83 -13.12 10.46
C SER A 138 3.46 -12.68 11.78
N SER A 139 3.92 -11.43 11.83
CA SER A 139 4.54 -10.90 13.04
C SER A 139 3.81 -9.64 13.51
N GLY A 140 2.75 -9.27 12.79
CA GLY A 140 1.99 -8.09 13.15
C GLY A 140 0.96 -8.38 14.22
N GLY A 1 12.14 8.02 24.48
CA GLY A 1 11.73 8.09 23.09
C GLY A 1 11.70 6.74 22.42
N SER A 2 10.55 6.07 22.46
CA SER A 2 10.40 4.76 21.85
C SER A 2 10.05 4.86 20.38
N SER A 3 10.22 6.06 19.83
CA SER A 3 9.92 6.31 18.42
C SER A 3 11.04 7.09 17.75
N GLY A 4 11.46 8.18 18.38
CA GLY A 4 12.52 9.00 17.83
C GLY A 4 12.00 10.24 17.14
N SER A 5 12.31 11.40 17.68
CA SER A 5 11.87 12.67 17.11
C SER A 5 12.56 12.94 15.78
N SER A 6 11.97 12.42 14.70
CA SER A 6 12.54 12.60 13.37
C SER A 6 11.54 12.17 12.30
N GLY A 7 11.60 12.84 11.15
CA GLY A 7 10.70 12.52 10.06
C GLY A 7 11.31 12.78 8.70
N ASP A 8 12.60 12.48 8.57
CA ASP A 8 13.31 12.68 7.30
C ASP A 8 14.70 12.06 7.36
N ASP A 9 15.06 11.33 6.31
CA ASP A 9 16.35 10.69 6.23
C ASP A 9 16.67 10.25 4.81
N ASP A 10 17.88 9.74 4.59
CA ASP A 10 18.30 9.29 3.27
C ASP A 10 17.15 8.58 2.55
N LEU A 11 16.47 7.69 3.26
CA LEU A 11 15.36 6.94 2.70
C LEU A 11 14.24 7.88 2.26
N GLU A 12 14.35 8.38 1.03
CA GLU A 12 13.34 9.29 0.49
C GLU A 12 12.29 8.52 -0.31
N VAL A 13 11.22 9.21 -0.69
CA VAL A 13 10.13 8.59 -1.45
C VAL A 13 9.64 9.53 -2.54
N LYS A 14 9.35 8.96 -3.71
CA LYS A 14 8.87 9.74 -4.84
C LYS A 14 7.35 9.83 -4.84
N GLU A 15 6.79 10.54 -5.80
CA GLU A 15 5.35 10.71 -5.91
C GLU A 15 4.93 11.01 -7.35
N GLU A 16 3.86 10.36 -7.80
CA GLU A 16 3.36 10.56 -9.14
C GLU A 16 1.89 10.94 -9.13
N ASN A 17 1.54 11.97 -9.90
CA ASN A 17 0.16 12.43 -9.98
C ASN A 17 -0.54 12.29 -8.63
N GLY A 18 0.22 12.42 -7.55
CA GLY A 18 -0.33 12.29 -6.22
C GLY A 18 -0.31 10.87 -5.71
N VAL A 19 0.76 10.15 -6.02
CA VAL A 19 0.89 8.77 -5.59
C VAL A 19 2.33 8.44 -5.20
N TRP A 20 2.55 8.21 -3.90
CA TRP A 20 3.88 7.90 -3.40
C TRP A 20 4.38 6.58 -3.96
N VAL A 21 5.70 6.42 -4.01
CA VAL A 21 6.31 5.20 -4.52
C VAL A 21 7.13 4.50 -3.44
N LEU A 22 6.53 3.51 -2.80
CA LEU A 22 7.21 2.77 -1.74
C LEU A 22 7.99 1.59 -2.33
N ASN A 23 8.91 1.06 -1.54
CA ASN A 23 9.73 -0.07 -1.98
C ASN A 23 10.62 -0.57 -0.85
N ASP A 24 11.14 -1.78 -1.00
CA ASP A 24 12.01 -2.38 0.01
C ASP A 24 13.02 -1.35 0.53
N GLY A 25 13.29 -0.32 -0.28
CA GLY A 25 14.23 0.70 0.11
C GLY A 25 13.66 1.66 1.12
N ASN A 26 12.40 2.05 0.93
CA ASN A 26 11.73 2.98 1.83
C ASN A 26 10.32 2.50 2.15
N PHE A 27 10.17 1.20 2.39
CA PHE A 27 8.88 0.62 2.70
C PHE A 27 8.60 0.68 4.20
N ASP A 28 9.38 -0.07 4.97
CA ASP A 28 9.23 -0.10 6.42
C ASP A 28 9.40 1.29 7.01
N ASN A 29 10.46 1.98 6.61
CA ASN A 29 10.74 3.32 7.10
C ASN A 29 9.52 4.22 6.95
N PHE A 30 8.83 4.08 5.82
CA PHE A 30 7.64 4.88 5.55
C PHE A 30 6.50 4.51 6.49
N VAL A 31 6.07 3.24 6.40
CA VAL A 31 4.98 2.75 7.25
C VAL A 31 5.37 2.80 8.73
N ALA A 32 6.64 3.09 8.99
CA ALA A 32 7.13 3.17 10.36
C ALA A 32 6.34 4.18 11.17
N ASP A 33 6.08 5.35 10.57
CA ASP A 33 5.34 6.40 11.24
C ASP A 33 3.95 6.56 10.62
N LYS A 34 3.30 5.43 10.35
CA LYS A 34 1.97 5.43 9.76
C LYS A 34 1.20 4.16 10.14
N ASP A 35 -0.04 4.35 10.59
CA ASP A 35 -0.87 3.22 10.98
C ASP A 35 -1.49 2.54 9.75
N THR A 36 -2.18 3.33 8.93
CA THR A 36 -2.82 2.81 7.73
C THR A 36 -2.14 3.35 6.47
N VAL A 37 -1.64 2.44 5.64
CA VAL A 37 -0.98 2.83 4.40
C VAL A 37 -1.39 1.93 3.24
N LEU A 38 -1.98 2.53 2.22
CA LEU A 38 -2.42 1.78 1.05
C LEU A 38 -1.25 1.44 0.14
N LEU A 39 -1.15 0.18 -0.25
CA LEU A 39 -0.07 -0.28 -1.13
C LEU A 39 -0.62 -0.98 -2.36
N GLU A 40 -0.10 -0.63 -3.53
CA GLU A 40 -0.53 -1.24 -4.78
C GLU A 40 0.65 -1.72 -5.60
N PHE A 41 0.67 -3.02 -5.92
CA PHE A 41 1.74 -3.60 -6.70
C PHE A 41 1.45 -3.53 -8.19
N TYR A 42 2.49 -3.34 -9.00
CA TYR A 42 2.33 -3.25 -10.45
C TYR A 42 3.60 -3.70 -11.16
N ALA A 43 3.52 -3.80 -12.48
CA ALA A 43 4.67 -4.20 -13.28
C ALA A 43 4.91 -3.22 -14.43
N PRO A 44 6.19 -2.92 -14.68
CA PRO A 44 6.60 -1.99 -15.73
C PRO A 44 6.38 -2.58 -17.13
N TRP A 45 6.46 -3.90 -17.22
CA TRP A 45 6.26 -4.59 -18.50
C TRP A 45 4.79 -4.88 -18.75
N CYS A 46 3.96 -4.55 -17.76
CA CYS A 46 2.52 -4.77 -17.87
C CYS A 46 1.80 -3.49 -18.28
N GLY A 47 1.52 -3.36 -19.57
CA GLY A 47 0.84 -2.18 -20.07
C GLY A 47 -0.56 -2.03 -19.48
N HIS A 48 -1.16 -3.14 -19.11
CA HIS A 48 -2.50 -3.12 -18.53
C HIS A 48 -2.62 -2.03 -17.47
N CYS A 49 -1.61 -1.92 -16.62
CA CYS A 49 -1.60 -0.92 -15.56
C CYS A 49 -1.65 0.49 -16.15
N LYS A 50 -1.10 0.65 -17.34
CA LYS A 50 -1.09 1.95 -18.01
C LYS A 50 -2.46 2.61 -17.95
N GLN A 51 -3.49 1.85 -18.31
CA GLN A 51 -4.86 2.36 -18.29
C GLN A 51 -5.32 2.64 -16.86
N PHE A 52 -4.69 1.96 -15.90
CA PHE A 52 -5.03 2.14 -14.50
C PHE A 52 -4.15 3.19 -13.85
N ALA A 53 -3.04 3.52 -14.51
CA ALA A 53 -2.10 4.51 -13.99
C ALA A 53 -2.82 5.78 -13.59
N PRO A 54 -3.49 6.42 -14.57
CA PRO A 54 -4.24 7.67 -14.33
C PRO A 54 -5.49 7.44 -13.49
N GLU A 55 -5.90 6.18 -13.38
CA GLU A 55 -7.09 5.84 -12.60
C GLU A 55 -6.75 5.77 -11.10
N TYR A 56 -5.57 5.28 -10.79
CA TYR A 56 -5.13 5.15 -9.40
C TYR A 56 -4.89 6.52 -8.79
N GLU A 57 -4.11 7.34 -9.48
CA GLU A 57 -3.79 8.68 -9.00
C GLU A 57 -5.05 9.37 -8.46
N LYS A 58 -6.16 9.19 -9.16
CA LYS A 58 -7.42 9.79 -8.74
C LYS A 58 -7.78 9.40 -7.32
N ILE A 59 -7.79 8.09 -7.06
CA ILE A 59 -8.11 7.58 -5.73
C ILE A 59 -7.25 8.24 -4.66
N ALA A 60 -6.01 8.55 -5.04
CA ALA A 60 -5.08 9.19 -4.12
C ALA A 60 -5.69 10.42 -3.47
N SER A 61 -6.05 11.40 -4.29
CA SER A 61 -6.65 12.63 -3.80
C SER A 61 -7.96 12.36 -3.08
N THR A 62 -8.68 11.34 -3.54
CA THR A 62 -9.95 10.96 -2.94
C THR A 62 -9.79 10.62 -1.46
N LEU A 63 -9.04 9.56 -1.19
CA LEU A 63 -8.79 9.12 0.18
C LEU A 63 -7.87 10.10 0.91
N LYS A 64 -7.03 10.79 0.15
CA LYS A 64 -6.10 11.76 0.71
C LYS A 64 -6.82 12.72 1.65
N ASP A 65 -8.08 13.01 1.34
CA ASP A 65 -8.88 13.92 2.16
C ASP A 65 -9.60 13.15 3.27
N ASN A 66 -9.99 11.93 2.98
CA ASN A 66 -10.69 11.09 3.95
C ASN A 66 -10.11 11.30 5.35
N ASP A 67 -10.95 11.09 6.36
CA ASP A 67 -10.54 11.25 7.75
C ASP A 67 -10.61 9.92 8.50
N PRO A 68 -9.47 9.49 9.05
CA PRO A 68 -8.21 10.24 8.96
C PRO A 68 -7.63 10.23 7.55
N PRO A 69 -6.61 11.07 7.33
CA PRO A 69 -5.95 11.18 6.02
C PRO A 69 -5.14 9.93 5.67
N ILE A 70 -5.46 9.33 4.53
CA ILE A 70 -4.77 8.13 4.08
C ILE A 70 -3.79 8.45 2.95
N ALA A 71 -2.70 7.69 2.88
CA ALA A 71 -1.69 7.89 1.85
C ALA A 71 -1.69 6.74 0.86
N VAL A 72 -1.75 7.06 -0.43
CA VAL A 72 -1.76 6.05 -1.48
C VAL A 72 -0.38 5.92 -2.13
N ALA A 73 0.05 4.68 -2.33
CA ALA A 73 1.35 4.41 -2.94
C ALA A 73 1.36 3.07 -3.64
N LYS A 74 2.40 2.83 -4.44
CA LYS A 74 2.54 1.57 -5.16
C LYS A 74 3.96 1.04 -5.07
N ILE A 75 4.14 -0.24 -5.41
CA ILE A 75 5.45 -0.86 -5.37
C ILE A 75 5.66 -1.79 -6.56
N ASP A 76 6.88 -1.77 -7.11
CA ASP A 76 7.21 -2.61 -8.25
C ASP A 76 7.64 -4.00 -7.80
N ALA A 77 6.67 -4.84 -7.47
CA ALA A 77 6.95 -6.20 -7.02
C ALA A 77 8.10 -6.81 -7.81
N THR A 78 8.08 -6.62 -9.13
CA THR A 78 9.13 -7.16 -9.99
C THR A 78 10.51 -6.82 -9.46
N SER A 79 10.68 -5.58 -9.02
CA SER A 79 11.96 -5.12 -8.48
C SER A 79 12.12 -5.54 -7.03
N ALA A 80 11.02 -5.52 -6.29
CA ALA A 80 11.04 -5.91 -4.88
C ALA A 80 10.59 -7.36 -4.70
N SER A 81 11.56 -8.26 -4.57
CA SER A 81 11.26 -9.67 -4.40
C SER A 81 10.78 -9.96 -2.99
N MET A 82 11.44 -9.35 -2.00
CA MET A 82 11.08 -9.54 -0.60
C MET A 82 9.63 -9.13 -0.36
N LEU A 83 9.34 -7.84 -0.58
CA LEU A 83 8.00 -7.32 -0.38
C LEU A 83 6.97 -8.16 -1.13
N ALA A 84 7.29 -8.49 -2.39
CA ALA A 84 6.40 -9.28 -3.22
C ALA A 84 5.95 -10.55 -2.49
N SER A 85 6.91 -11.31 -1.99
CA SER A 85 6.62 -12.55 -1.28
C SER A 85 5.84 -12.27 0.01
N LYS A 86 6.17 -11.15 0.65
CA LYS A 86 5.50 -10.76 1.89
C LYS A 86 3.99 -10.88 1.75
N PHE A 87 3.43 -10.19 0.77
CA PHE A 87 1.99 -10.22 0.54
C PHE A 87 1.64 -11.24 -0.54
N ASP A 88 2.44 -12.29 -0.63
CA ASP A 88 2.22 -13.35 -1.61
C ASP A 88 1.75 -12.76 -2.93
N VAL A 89 2.35 -11.65 -3.33
CA VAL A 89 1.99 -10.99 -4.58
C VAL A 89 2.44 -11.82 -5.79
N SER A 90 1.49 -12.52 -6.39
CA SER A 90 1.78 -13.36 -7.55
C SER A 90 0.93 -12.94 -8.75
N GLY A 91 0.65 -11.65 -8.85
CA GLY A 91 -0.15 -11.15 -9.95
C GLY A 91 -0.26 -9.63 -9.94
N TYR A 92 -0.85 -9.09 -10.99
CA TYR A 92 -1.02 -7.64 -11.10
C TYR A 92 -2.04 -7.29 -12.18
N PRO A 93 -2.72 -6.14 -12.00
CA PRO A 93 -2.49 -5.26 -10.85
C PRO A 93 -3.00 -5.87 -9.55
N THR A 94 -2.38 -5.47 -8.44
CA THR A 94 -2.77 -5.97 -7.12
C THR A 94 -2.75 -4.86 -6.08
N ILE A 95 -3.77 -4.83 -5.24
CA ILE A 95 -3.87 -3.81 -4.19
C ILE A 95 -4.00 -4.47 -2.82
N LYS A 96 -3.27 -3.92 -1.85
CA LYS A 96 -3.32 -4.44 -0.48
C LYS A 96 -3.41 -3.31 0.53
N ILE A 97 -3.66 -3.67 1.79
CA ILE A 97 -3.78 -2.67 2.85
C ILE A 97 -2.90 -3.04 4.04
N LEU A 98 -2.13 -2.08 4.52
CA LEU A 98 -1.25 -2.30 5.67
C LEU A 98 -1.81 -1.66 6.93
N LYS A 99 -2.27 -2.50 7.85
CA LYS A 99 -2.83 -2.02 9.11
C LYS A 99 -1.89 -2.30 10.28
N LYS A 100 -1.22 -1.25 10.74
CA LYS A 100 -0.28 -1.38 11.86
C LYS A 100 0.66 -2.57 11.65
N GLY A 101 0.93 -2.88 10.38
CA GLY A 101 1.82 -3.99 10.06
C GLY A 101 1.06 -5.27 9.78
N GLN A 102 -0.23 -5.15 9.52
CA GLN A 102 -1.08 -6.31 9.24
C GLN A 102 -1.53 -6.31 7.77
N ALA A 103 -1.06 -7.29 7.02
CA ALA A 103 -1.41 -7.41 5.61
C ALA A 103 -2.87 -7.84 5.44
N VAL A 104 -3.68 -6.96 4.89
CA VAL A 104 -5.09 -7.25 4.67
C VAL A 104 -5.40 -7.43 3.19
N ASP A 105 -5.68 -8.66 2.79
CA ASP A 105 -5.99 -8.95 1.40
C ASP A 105 -7.22 -8.17 0.94
N TYR A 106 -7.02 -7.28 -0.03
CA TYR A 106 -8.11 -6.46 -0.55
C TYR A 106 -9.11 -7.32 -1.32
N ASP A 107 -10.38 -7.20 -0.96
CA ASP A 107 -11.44 -7.96 -1.62
C ASP A 107 -12.42 -7.02 -2.33
N GLY A 108 -12.09 -6.65 -3.56
CA GLY A 108 -12.95 -5.76 -4.32
C GLY A 108 -12.72 -5.87 -5.81
N SER A 109 -13.09 -4.83 -6.55
CA SER A 109 -12.92 -4.82 -8.00
C SER A 109 -11.99 -3.69 -8.43
N ARG A 110 -10.95 -3.45 -7.65
CA ARG A 110 -9.99 -2.40 -7.95
C ARG A 110 -10.69 -1.17 -8.53
N THR A 111 -11.81 -0.80 -7.93
CA THR A 111 -12.57 0.35 -8.39
C THR A 111 -12.54 1.48 -7.37
N GLN A 112 -12.32 2.70 -7.86
CA GLN A 112 -12.27 3.87 -6.98
C GLN A 112 -13.36 3.81 -5.92
N GLU A 113 -14.43 3.09 -6.22
CA GLU A 113 -15.54 2.96 -5.30
C GLU A 113 -15.24 1.92 -4.22
N GLU A 114 -14.89 0.72 -4.65
CA GLU A 114 -14.57 -0.36 -3.72
C GLU A 114 -13.27 -0.08 -2.98
N ILE A 115 -12.17 0.01 -3.71
CA ILE A 115 -10.87 0.28 -3.12
C ILE A 115 -10.99 1.30 -1.98
N VAL A 116 -11.73 2.37 -2.23
CA VAL A 116 -11.92 3.41 -1.23
C VAL A 116 -12.85 2.94 -0.12
N ALA A 117 -13.92 2.26 -0.50
CA ALA A 117 -14.89 1.75 0.46
C ALA A 117 -14.22 0.84 1.49
N LYS A 118 -13.15 0.18 1.06
CA LYS A 118 -12.41 -0.73 1.94
C LYS A 118 -11.36 0.02 2.73
N VAL A 119 -10.51 0.77 2.02
CA VAL A 119 -9.46 1.55 2.67
C VAL A 119 -10.03 2.53 3.67
N ARG A 120 -11.32 2.81 3.55
CA ARG A 120 -11.99 3.75 4.45
C ARG A 120 -12.60 3.01 5.65
N GLU A 121 -13.03 1.77 5.41
CA GLU A 121 -13.62 0.97 6.48
C GLU A 121 -12.54 0.39 7.40
N VAL A 122 -11.41 0.01 6.80
CA VAL A 122 -10.31 -0.55 7.57
C VAL A 122 -9.68 0.50 8.49
N SER A 123 -9.34 1.65 7.91
CA SER A 123 -8.73 2.73 8.67
C SER A 123 -9.41 2.89 10.04
N GLN A 124 -10.72 2.77 10.04
CA GLN A 124 -11.49 2.90 11.28
C GLN A 124 -10.85 2.09 12.40
N PRO A 125 -10.85 2.65 13.62
CA PRO A 125 -10.28 2.00 14.80
C PRO A 125 -11.09 0.79 15.25
N ASP A 126 -12.37 0.78 14.89
CA ASP A 126 -13.26 -0.33 15.26
C ASP A 126 -13.01 -1.54 14.36
N TRP A 127 -12.81 -1.29 13.07
CA TRP A 127 -12.57 -2.36 12.12
C TRP A 127 -11.62 -3.40 12.69
N THR A 128 -11.78 -4.66 12.26
CA THR A 128 -10.94 -5.74 12.75
C THR A 128 -10.60 -6.71 11.62
N PRO A 129 -9.45 -7.38 11.74
CA PRO A 129 -8.99 -8.36 10.74
C PRO A 129 -9.84 -9.61 10.72
N PRO A 130 -9.93 -10.25 9.54
CA PRO A 130 -10.71 -11.47 9.36
C PRO A 130 -10.08 -12.67 10.05
N PRO A 131 -10.90 -13.69 10.34
CA PRO A 131 -10.45 -14.92 11.00
C PRO A 131 -9.55 -15.76 10.11
N GLU A 132 -9.32 -15.28 8.90
CA GLU A 132 -8.48 -16.00 7.94
C GLU A 132 -7.05 -16.14 8.47
N VAL A 133 -6.82 -17.19 9.26
CA VAL A 133 -5.49 -17.43 9.83
C VAL A 133 -4.57 -18.08 8.81
N THR A 134 -3.69 -17.28 8.22
CA THR A 134 -2.75 -17.78 7.22
C THR A 134 -1.37 -18.02 7.85
N SER A 135 -0.47 -18.60 7.07
CA SER A 135 0.88 -18.89 7.54
C SER A 135 1.92 -18.35 6.56
N GLY A 136 2.99 -17.77 7.10
CA GLY A 136 4.04 -17.24 6.25
C GLY A 136 5.39 -17.20 6.95
N PRO A 137 6.09 -18.33 6.93
CA PRO A 137 7.42 -18.45 7.57
C PRO A 137 8.48 -17.64 6.84
N SER A 138 9.67 -17.56 7.44
CA SER A 138 10.78 -16.83 6.85
C SER A 138 11.98 -17.73 6.61
N SER A 139 12.50 -17.71 5.40
CA SER A 139 13.65 -18.53 5.03
C SER A 139 14.43 -17.90 3.89
N GLY A 140 15.75 -17.91 4.03
CA GLY A 140 16.61 -17.34 3.00
C GLY A 140 17.96 -16.91 3.53
N GLY A 1 2.81 11.26 26.54
CA GLY A 1 3.53 11.84 25.42
C GLY A 1 4.75 11.04 25.03
N SER A 2 4.95 10.85 23.73
CA SER A 2 6.10 10.09 23.23
C SER A 2 6.37 10.44 21.77
N SER A 3 7.59 10.89 21.49
CA SER A 3 7.99 11.26 20.13
C SER A 3 9.49 11.13 19.95
N GLY A 4 9.94 11.21 18.70
CA GLY A 4 11.35 11.09 18.41
C GLY A 4 11.62 10.70 16.98
N SER A 5 12.51 11.44 16.32
CA SER A 5 12.85 11.16 14.92
C SER A 5 14.26 11.66 14.60
N SER A 6 15.00 10.86 13.84
CA SER A 6 16.36 11.21 13.46
C SER A 6 16.36 12.28 12.37
N GLY A 7 17.40 13.12 12.36
CA GLY A 7 17.50 14.16 11.37
C GLY A 7 18.43 13.79 10.23
N ASP A 8 18.19 12.65 9.61
CA ASP A 8 19.00 12.18 8.50
C ASP A 8 18.22 12.23 7.19
N ASP A 9 18.87 12.71 6.14
CA ASP A 9 18.24 12.81 4.83
C ASP A 9 18.47 11.54 4.02
N ASP A 10 18.31 10.39 4.67
CA ASP A 10 18.50 9.10 4.02
C ASP A 10 17.15 8.47 3.66
N LEU A 11 16.14 8.78 4.46
CA LEU A 11 14.80 8.25 4.23
C LEU A 11 13.98 9.18 3.36
N GLU A 12 14.16 9.06 2.04
CA GLU A 12 13.43 9.90 1.10
C GLU A 12 12.36 9.10 0.36
N VAL A 13 11.39 9.80 -0.21
CA VAL A 13 10.30 9.16 -0.94
C VAL A 13 9.82 10.03 -2.08
N LYS A 14 9.56 9.40 -3.23
CA LYS A 14 9.09 10.13 -4.41
C LYS A 14 7.57 10.06 -4.51
N GLU A 15 7.01 10.76 -5.49
CA GLU A 15 5.58 10.78 -5.71
C GLU A 15 5.23 11.20 -7.13
N GLU A 16 4.24 10.54 -7.72
CA GLU A 16 3.82 10.84 -9.08
C GLU A 16 2.31 11.06 -9.15
N ASN A 17 1.91 12.33 -9.24
CA ASN A 17 0.49 12.67 -9.31
C ASN A 17 -0.24 12.24 -8.04
N GLY A 18 0.45 12.37 -6.90
CA GLY A 18 -0.15 12.00 -5.64
C GLY A 18 0.21 10.59 -5.22
N VAL A 19 0.60 9.76 -6.18
CA VAL A 19 0.97 8.39 -5.91
C VAL A 19 2.42 8.30 -5.45
N TRP A 20 2.61 8.13 -4.13
CA TRP A 20 3.95 8.02 -3.56
C TRP A 20 4.64 6.75 -4.04
N VAL A 21 5.97 6.81 -4.12
CA VAL A 21 6.76 5.66 -4.57
C VAL A 21 7.48 5.00 -3.39
N LEU A 22 6.90 3.91 -2.89
CA LEU A 22 7.49 3.18 -1.78
C LEU A 22 8.45 2.11 -2.27
N ASN A 23 9.33 1.66 -1.38
CA ASN A 23 10.30 0.62 -1.72
C ASN A 23 10.83 -0.07 -0.47
N ASP A 24 11.46 -1.23 -0.65
CA ASP A 24 12.00 -1.98 0.46
C ASP A 24 12.89 -1.10 1.34
N GLY A 25 13.28 0.05 0.80
CA GLY A 25 14.13 0.96 1.55
C GLY A 25 13.33 1.92 2.41
N ASN A 26 12.16 2.32 1.90
CA ASN A 26 11.30 3.25 2.64
C ASN A 26 9.94 2.61 2.92
N PHE A 27 9.87 1.29 2.78
CA PHE A 27 8.63 0.55 3.03
C PHE A 27 8.24 0.63 4.50
N ASP A 28 9.08 0.06 5.36
CA ASP A 28 8.82 0.05 6.79
C ASP A 28 8.89 1.46 7.36
N ASN A 29 9.92 2.20 6.96
CA ASN A 29 10.11 3.57 7.44
C ASN A 29 8.86 4.40 7.19
N PHE A 30 8.30 4.29 5.99
CA PHE A 30 7.10 5.03 5.63
C PHE A 30 5.91 4.58 6.47
N VAL A 31 5.58 3.30 6.40
CA VAL A 31 4.47 2.74 7.16
C VAL A 31 4.80 2.65 8.63
N ALA A 32 5.98 3.12 9.01
CA ALA A 32 6.42 3.10 10.40
C ALA A 32 5.43 3.84 11.29
N ASP A 33 5.11 5.08 10.93
CA ASP A 33 4.18 5.89 11.70
C ASP A 33 2.90 6.16 10.90
N LYS A 34 2.35 5.11 10.30
CA LYS A 34 1.14 5.25 9.51
C LYS A 34 0.15 4.13 9.84
N ASP A 35 -0.84 4.45 10.66
CA ASP A 35 -1.86 3.48 11.05
C ASP A 35 -2.27 2.62 9.87
N THR A 36 -2.61 3.26 8.76
CA THR A 36 -3.02 2.56 7.56
C THR A 36 -2.25 3.04 6.33
N VAL A 37 -1.83 2.09 5.49
CA VAL A 37 -1.08 2.41 4.29
C VAL A 37 -1.57 1.59 3.10
N LEU A 38 -1.97 2.29 2.04
CA LEU A 38 -2.46 1.63 0.83
C LEU A 38 -1.31 1.33 -0.12
N LEU A 39 -0.98 0.06 -0.27
CA LEU A 39 0.10 -0.36 -1.16
C LEU A 39 -0.45 -0.99 -2.43
N GLU A 40 0.05 -0.56 -3.59
CA GLU A 40 -0.40 -1.09 -4.86
C GLU A 40 0.79 -1.55 -5.71
N PHE A 41 0.78 -2.82 -6.08
CA PHE A 41 1.86 -3.39 -6.89
C PHE A 41 1.53 -3.27 -8.38
N TYR A 42 2.54 -2.92 -9.17
CA TYR A 42 2.37 -2.79 -10.62
C TYR A 42 3.62 -3.25 -11.36
N ALA A 43 3.48 -3.41 -12.67
CA ALA A 43 4.59 -3.84 -13.50
C ALA A 43 4.68 -3.03 -14.79
N PRO A 44 5.90 -2.69 -15.21
CA PRO A 44 6.14 -1.91 -16.43
C PRO A 44 5.81 -2.69 -17.69
N TRP A 45 5.79 -4.02 -17.58
CA TRP A 45 5.49 -4.88 -18.72
C TRP A 45 3.98 -5.12 -18.83
N CYS A 46 3.29 -5.05 -17.70
CA CYS A 46 1.84 -5.26 -17.68
C CYS A 46 1.12 -4.11 -18.37
N GLY A 47 0.57 -4.39 -19.54
CA GLY A 47 -0.15 -3.36 -20.28
C GLY A 47 -1.40 -2.89 -19.56
N HIS A 48 -2.22 -3.84 -19.12
CA HIS A 48 -3.45 -3.50 -18.41
C HIS A 48 -3.22 -2.39 -17.41
N CYS A 49 -2.11 -2.47 -16.68
CA CYS A 49 -1.77 -1.45 -15.69
C CYS A 49 -1.87 -0.05 -16.28
N LYS A 50 -1.31 0.12 -17.47
CA LYS A 50 -1.33 1.42 -18.14
C LYS A 50 -2.72 2.04 -18.09
N GLN A 51 -3.74 1.20 -18.23
CA GLN A 51 -5.13 1.66 -18.19
C GLN A 51 -5.54 2.02 -16.76
N PHE A 52 -5.02 1.27 -15.80
CA PHE A 52 -5.34 1.51 -14.39
C PHE A 52 -4.36 2.50 -13.77
N ALA A 53 -3.45 3.01 -14.60
CA ALA A 53 -2.46 3.98 -14.14
C ALA A 53 -3.13 5.28 -13.70
N PRO A 54 -3.83 5.93 -14.65
CA PRO A 54 -4.52 7.20 -14.39
C PRO A 54 -5.73 7.02 -13.49
N GLU A 55 -6.11 5.77 -13.26
CA GLU A 55 -7.26 5.46 -12.40
C GLU A 55 -6.85 5.44 -10.93
N TYR A 56 -5.67 4.90 -10.66
CA TYR A 56 -5.17 4.80 -9.30
C TYR A 56 -4.84 6.19 -8.75
N GLU A 57 -4.15 6.99 -9.55
CA GLU A 57 -3.76 8.34 -9.14
C GLU A 57 -4.97 9.10 -8.60
N LYS A 58 -6.11 8.94 -9.26
CA LYS A 58 -7.33 9.61 -8.84
C LYS A 58 -7.62 9.37 -7.37
N ILE A 59 -7.64 8.11 -6.98
CA ILE A 59 -7.89 7.73 -5.58
C ILE A 59 -6.86 8.36 -4.66
N ALA A 60 -5.62 8.45 -5.12
CA ALA A 60 -4.55 9.03 -4.33
C ALA A 60 -5.02 10.26 -3.57
N SER A 61 -5.61 11.21 -4.29
CA SER A 61 -6.12 12.43 -3.68
C SER A 61 -7.36 12.15 -2.84
N THR A 62 -8.30 11.39 -3.41
CA THR A 62 -9.53 11.06 -2.73
C THR A 62 -9.26 10.64 -1.30
N LEU A 63 -8.51 9.55 -1.13
CA LEU A 63 -8.17 9.05 0.20
C LEU A 63 -7.33 10.05 0.97
N LYS A 64 -6.47 10.78 0.26
CA LYS A 64 -5.62 11.78 0.87
C LYS A 64 -6.38 12.56 1.94
N ASP A 65 -7.49 13.17 1.54
CA ASP A 65 -8.31 13.96 2.45
C ASP A 65 -9.11 13.04 3.38
N ASN A 66 -9.58 11.93 2.84
CA ASN A 66 -10.37 10.98 3.61
C ASN A 66 -9.88 10.92 5.05
N ASP A 67 -10.81 10.62 5.96
CA ASP A 67 -10.47 10.54 7.38
C ASP A 67 -10.59 9.10 7.88
N PRO A 68 -9.49 8.58 8.45
CA PRO A 68 -8.24 9.33 8.59
C PRO A 68 -7.56 9.57 7.25
N PRO A 69 -6.60 10.50 7.24
CA PRO A 69 -5.84 10.85 6.03
C PRO A 69 -4.90 9.73 5.59
N ILE A 70 -5.33 8.96 4.60
CA ILE A 70 -4.52 7.85 4.09
C ILE A 70 -3.58 8.33 2.99
N ALA A 71 -2.49 7.60 2.80
CA ALA A 71 -1.51 7.94 1.77
C ALA A 71 -1.36 6.81 0.76
N VAL A 72 -1.77 7.07 -0.48
CA VAL A 72 -1.68 6.07 -1.54
C VAL A 72 -0.29 6.06 -2.17
N ALA A 73 0.36 4.89 -2.15
CA ALA A 73 1.69 4.75 -2.71
C ALA A 73 1.82 3.44 -3.49
N LYS A 74 2.54 3.49 -4.60
CA LYS A 74 2.74 2.31 -5.43
C LYS A 74 4.13 1.73 -5.23
N ILE A 75 4.28 0.44 -5.52
CA ILE A 75 5.57 -0.24 -5.37
C ILE A 75 5.83 -1.18 -6.53
N ASP A 76 7.03 -1.10 -7.09
CA ASP A 76 7.41 -1.95 -8.21
C ASP A 76 7.82 -3.34 -7.73
N ALA A 77 6.85 -4.23 -7.61
CA ALA A 77 7.10 -5.59 -7.15
C ALA A 77 8.34 -6.17 -7.83
N THR A 78 8.42 -6.01 -9.15
CA THR A 78 9.55 -6.52 -9.91
C THR A 78 10.87 -6.19 -9.22
N SER A 79 10.98 -4.99 -8.69
CA SER A 79 12.19 -4.55 -7.99
C SER A 79 12.17 -5.01 -6.54
N ALA A 80 11.01 -4.93 -5.91
CA ALA A 80 10.85 -5.33 -4.52
C ALA A 80 10.58 -6.83 -4.41
N SER A 81 11.63 -7.60 -4.13
CA SER A 81 11.50 -9.05 -4.00
C SER A 81 10.85 -9.42 -2.67
N MET A 82 11.49 -9.01 -1.57
CA MET A 82 10.98 -9.29 -0.24
C MET A 82 9.52 -8.89 -0.12
N LEU A 83 9.24 -7.60 -0.31
CA LEU A 83 7.88 -7.09 -0.22
C LEU A 83 6.93 -7.91 -1.09
N ALA A 84 7.34 -8.17 -2.33
CA ALA A 84 6.53 -8.94 -3.25
C ALA A 84 6.08 -10.26 -2.63
N SER A 85 7.04 -11.00 -2.09
CA SER A 85 6.75 -12.28 -1.47
C SER A 85 5.88 -12.10 -0.22
N LYS A 86 6.16 -11.05 0.53
CA LYS A 86 5.40 -10.76 1.74
C LYS A 86 3.89 -10.90 1.50
N PHE A 87 3.39 -10.16 0.51
CA PHE A 87 1.97 -10.20 0.18
C PHE A 87 1.72 -11.17 -0.98
N ASP A 88 2.55 -12.20 -1.07
CA ASP A 88 2.42 -13.20 -2.13
C ASP A 88 1.93 -12.56 -3.42
N VAL A 89 2.49 -11.40 -3.74
CA VAL A 89 2.12 -10.68 -4.96
C VAL A 89 2.44 -11.50 -6.20
N SER A 90 1.45 -12.22 -6.71
CA SER A 90 1.64 -13.05 -7.89
C SER A 90 0.73 -12.58 -9.03
N GLY A 91 0.59 -11.27 -9.15
CA GLY A 91 -0.24 -10.71 -10.21
C GLY A 91 -0.29 -9.19 -10.16
N TYR A 92 -0.90 -8.60 -11.18
CA TYR A 92 -1.00 -7.14 -11.26
C TYR A 92 -2.08 -6.73 -12.26
N PRO A 93 -2.78 -5.63 -11.95
CA PRO A 93 -2.53 -4.85 -10.73
C PRO A 93 -2.98 -5.60 -9.48
N THR A 94 -2.45 -5.17 -8.33
CA THR A 94 -2.78 -5.81 -7.05
C THR A 94 -2.78 -4.78 -5.92
N ILE A 95 -3.96 -4.53 -5.37
CA ILE A 95 -4.09 -3.57 -4.27
C ILE A 95 -4.11 -4.28 -2.92
N LYS A 96 -3.42 -3.71 -1.94
CA LYS A 96 -3.37 -4.28 -0.61
C LYS A 96 -3.57 -3.21 0.46
N ILE A 97 -3.76 -3.63 1.71
CA ILE A 97 -3.94 -2.71 2.81
C ILE A 97 -3.09 -3.08 4.01
N LEU A 98 -2.19 -2.19 4.40
CA LEU A 98 -1.31 -2.43 5.53
C LEU A 98 -1.88 -1.82 6.82
N LYS A 99 -2.31 -2.69 7.73
CA LYS A 99 -2.88 -2.24 8.99
C LYS A 99 -1.91 -2.50 10.15
N LYS A 100 -1.33 -1.44 10.68
CA LYS A 100 -0.38 -1.55 11.79
C LYS A 100 0.61 -2.67 11.53
N GLY A 101 0.83 -3.00 10.26
CA GLY A 101 1.76 -4.05 9.92
C GLY A 101 1.05 -5.34 9.53
N GLN A 102 -0.23 -5.24 9.23
CA GLN A 102 -1.03 -6.41 8.85
C GLN A 102 -1.35 -6.36 7.36
N ALA A 103 -1.06 -7.46 6.66
CA ALA A 103 -1.33 -7.55 5.23
C ALA A 103 -2.76 -8.01 4.97
N VAL A 104 -3.58 -7.11 4.44
CA VAL A 104 -4.98 -7.43 4.14
C VAL A 104 -5.22 -7.45 2.63
N ASP A 105 -5.59 -8.61 2.10
CA ASP A 105 -5.85 -8.75 0.68
C ASP A 105 -7.14 -8.03 0.30
N TYR A 106 -7.09 -7.29 -0.80
CA TYR A 106 -8.26 -6.55 -1.28
C TYR A 106 -9.20 -7.47 -2.05
N ASP A 107 -8.71 -8.00 -3.16
CA ASP A 107 -9.52 -8.90 -3.99
C ASP A 107 -10.90 -8.32 -4.23
N GLY A 108 -10.97 -7.03 -4.55
CA GLY A 108 -12.24 -6.38 -4.78
C GLY A 108 -12.28 -5.64 -6.11
N SER A 109 -13.44 -5.11 -6.44
CA SER A 109 -13.61 -4.37 -7.70
C SER A 109 -12.72 -3.13 -7.73
N ARG A 110 -11.88 -3.05 -8.75
CA ARG A 110 -10.97 -1.90 -8.89
C ARG A 110 -11.74 -0.63 -9.21
N THR A 111 -12.34 -0.04 -8.19
CA THR A 111 -13.12 1.19 -8.36
C THR A 111 -12.83 2.17 -7.23
N GLN A 112 -12.81 3.46 -7.57
CA GLN A 112 -12.57 4.50 -6.58
C GLN A 112 -13.49 4.34 -5.38
N GLU A 113 -14.71 3.88 -5.63
CA GLU A 113 -15.69 3.69 -4.58
C GLU A 113 -15.31 2.53 -3.67
N GLU A 114 -15.17 1.35 -4.27
CA GLU A 114 -14.81 0.16 -3.52
C GLU A 114 -13.43 0.30 -2.89
N ILE A 115 -12.41 0.38 -3.74
CA ILE A 115 -11.03 0.53 -3.27
C ILE A 115 -10.97 1.45 -2.05
N VAL A 116 -11.58 2.62 -2.17
CA VAL A 116 -11.59 3.59 -1.08
C VAL A 116 -12.52 3.14 0.05
N ALA A 117 -13.63 2.51 -0.33
CA ALA A 117 -14.60 2.03 0.64
C ALA A 117 -13.99 0.97 1.55
N LYS A 118 -13.02 0.24 1.02
CA LYS A 118 -12.35 -0.81 1.79
C LYS A 118 -11.24 -0.22 2.67
N VAL A 119 -10.33 0.53 2.05
CA VAL A 119 -9.23 1.15 2.77
C VAL A 119 -9.75 2.09 3.86
N ARG A 120 -10.86 2.75 3.57
CA ARG A 120 -11.46 3.69 4.52
C ARG A 120 -12.12 2.94 5.67
N GLU A 121 -12.87 1.89 5.34
CA GLU A 121 -13.56 1.10 6.36
C GLU A 121 -12.56 0.31 7.20
N VAL A 122 -11.46 -0.12 6.57
CA VAL A 122 -10.43 -0.87 7.26
C VAL A 122 -9.70 -0.01 8.29
N SER A 123 -9.19 1.13 7.85
CA SER A 123 -8.47 2.04 8.72
C SER A 123 -9.17 2.16 10.07
N GLN A 124 -10.50 2.16 10.04
CA GLN A 124 -11.29 2.28 11.26
C GLN A 124 -10.81 1.27 12.31
N PRO A 125 -10.81 1.71 13.58
CA PRO A 125 -10.38 0.87 14.70
C PRO A 125 -11.36 -0.26 14.99
N ASP A 126 -12.62 -0.06 14.61
CA ASP A 126 -13.66 -1.06 14.83
C ASP A 126 -13.54 -2.18 13.81
N TRP A 127 -13.26 -1.83 12.55
CA TRP A 127 -13.12 -2.81 11.49
C TRP A 127 -12.17 -3.93 11.89
N THR A 128 -12.45 -5.14 11.44
CA THR A 128 -11.62 -6.29 11.74
C THR A 128 -11.38 -7.14 10.51
N PRO A 129 -10.21 -7.82 10.48
CA PRO A 129 -9.83 -8.69 9.37
C PRO A 129 -10.68 -9.95 9.28
N PRO A 130 -10.89 -10.44 8.05
CA PRO A 130 -11.69 -11.65 7.82
C PRO A 130 -10.99 -12.92 8.31
N PRO A 131 -11.74 -13.75 9.06
CA PRO A 131 -11.21 -15.00 9.60
C PRO A 131 -10.95 -16.04 8.53
N GLU A 132 -9.73 -16.05 8.00
CA GLU A 132 -9.35 -17.00 6.96
C GLU A 132 -8.03 -17.68 7.30
N VAL A 133 -8.09 -18.64 8.20
CA VAL A 133 -6.91 -19.38 8.62
C VAL A 133 -5.67 -18.49 8.58
N THR A 134 -5.74 -17.35 9.27
CA THR A 134 -4.63 -16.42 9.30
C THR A 134 -3.86 -16.54 10.62
N SER A 135 -4.59 -16.70 11.72
CA SER A 135 -3.98 -16.83 13.03
C SER A 135 -2.81 -17.82 13.00
N GLY A 136 -1.69 -17.42 13.59
CA GLY A 136 -0.52 -18.28 13.62
C GLY A 136 0.77 -17.50 13.49
N PRO A 137 1.72 -17.76 14.40
CA PRO A 137 3.02 -17.07 14.40
C PRO A 137 3.89 -17.50 13.22
N SER A 138 3.35 -18.35 12.36
CA SER A 138 4.08 -18.82 11.20
C SER A 138 4.99 -17.74 10.64
N SER A 139 4.40 -16.62 10.25
CA SER A 139 5.15 -15.49 9.70
C SER A 139 6.42 -15.25 10.50
N GLY A 140 6.29 -15.21 11.82
CA GLY A 140 7.43 -14.98 12.69
C GLY A 140 7.33 -13.69 13.46
N GLY A 1 1.98 19.17 22.41
CA GLY A 1 2.57 19.61 21.16
C GLY A 1 2.78 18.46 20.19
N SER A 2 2.53 18.71 18.91
CA SER A 2 2.69 17.69 17.89
C SER A 2 4.11 17.72 17.32
N SER A 3 4.60 18.91 17.02
CA SER A 3 5.93 19.09 16.46
C SER A 3 6.98 18.41 17.35
N GLY A 4 8.19 18.28 16.82
CA GLY A 4 9.25 17.65 17.58
C GLY A 4 9.62 16.28 17.03
N SER A 5 10.28 16.26 15.88
CA SER A 5 10.69 15.01 15.26
C SER A 5 11.89 15.23 14.32
N SER A 6 12.91 14.39 14.47
CA SER A 6 14.10 14.49 13.65
C SER A 6 14.00 13.59 12.42
N GLY A 7 14.98 13.69 11.53
CA GLY A 7 14.98 12.88 10.33
C GLY A 7 16.23 13.08 9.49
N ASP A 8 16.98 12.01 9.29
CA ASP A 8 18.22 12.07 8.51
C ASP A 8 17.90 12.18 7.02
N ASP A 9 18.83 12.75 6.26
CA ASP A 9 18.66 12.92 4.83
C ASP A 9 19.01 11.64 4.09
N ASP A 10 18.30 10.57 4.39
CA ASP A 10 18.54 9.28 3.75
C ASP A 10 17.24 8.63 3.32
N LEU A 11 16.26 8.60 4.22
CA LEU A 11 14.96 8.00 3.92
C LEU A 11 14.08 8.98 3.15
N GLU A 12 14.12 8.88 1.83
CA GLU A 12 13.33 9.75 0.97
C GLU A 12 12.34 8.94 0.13
N VAL A 13 11.24 9.58 -0.26
CA VAL A 13 10.22 8.92 -1.07
C VAL A 13 9.62 9.88 -2.09
N LYS A 14 9.51 9.43 -3.34
CA LYS A 14 8.94 10.25 -4.40
C LYS A 14 7.43 10.07 -4.48
N GLU A 15 6.81 10.73 -5.46
CA GLU A 15 5.36 10.65 -5.64
C GLU A 15 4.97 11.02 -7.07
N GLU A 16 3.98 10.32 -7.61
CA GLU A 16 3.51 10.58 -8.96
C GLU A 16 2.04 10.93 -8.97
N ASN A 17 1.74 12.23 -8.99
CA ASN A 17 0.36 12.70 -8.99
C ASN A 17 -0.36 12.28 -7.71
N GLY A 18 0.38 12.18 -6.62
CA GLY A 18 -0.20 11.79 -5.35
C GLY A 18 0.17 10.38 -4.95
N VAL A 19 0.52 9.56 -5.93
CA VAL A 19 0.90 8.17 -5.68
C VAL A 19 2.35 8.07 -5.26
N TRP A 20 2.59 7.92 -3.97
CA TRP A 20 3.95 7.81 -3.44
C TRP A 20 4.62 6.53 -3.93
N VAL A 21 5.93 6.61 -4.15
CA VAL A 21 6.69 5.46 -4.63
C VAL A 21 7.43 4.78 -3.48
N LEU A 22 6.87 3.67 -3.00
CA LEU A 22 7.47 2.92 -1.91
C LEU A 22 8.39 1.82 -2.43
N ASN A 23 9.30 1.36 -1.58
CA ASN A 23 10.23 0.31 -1.96
C ASN A 23 10.79 -0.39 -0.73
N ASP A 24 11.37 -1.57 -0.94
CA ASP A 24 11.95 -2.34 0.16
C ASP A 24 12.89 -1.47 0.99
N GLY A 25 13.32 -0.36 0.42
CA GLY A 25 14.21 0.54 1.13
C GLY A 25 13.47 1.53 2.01
N ASN A 26 12.34 2.03 1.52
CA ASN A 26 11.54 2.99 2.27
C ASN A 26 10.20 2.39 2.66
N PHE A 27 10.10 1.05 2.58
CA PHE A 27 8.87 0.36 2.93
C PHE A 27 8.58 0.49 4.43
N ASP A 28 9.42 -0.12 5.24
CA ASP A 28 9.25 -0.08 6.69
C ASP A 28 9.46 1.34 7.21
N ASN A 29 10.44 2.05 6.65
CA ASN A 29 10.75 3.41 7.06
C ASN A 29 9.52 4.31 6.89
N PHE A 30 8.75 4.07 5.84
CA PHE A 30 7.56 4.86 5.57
C PHE A 30 6.42 4.44 6.48
N VAL A 31 6.00 3.18 6.38
CA VAL A 31 4.92 2.66 7.20
C VAL A 31 5.30 2.63 8.68
N ALA A 32 6.55 2.97 8.96
CA ALA A 32 7.05 2.98 10.32
C ALA A 32 6.16 3.82 11.22
N ASP A 33 5.86 5.04 10.79
CA ASP A 33 5.01 5.94 11.56
C ASP A 33 3.68 6.17 10.84
N LYS A 34 3.05 5.09 10.40
CA LYS A 34 1.78 5.18 9.70
C LYS A 34 0.79 4.14 10.23
N ASP A 35 -0.40 4.59 10.58
CA ASP A 35 -1.43 3.69 11.09
C ASP A 35 -2.00 2.81 9.99
N THR A 36 -2.17 3.39 8.79
CA THR A 36 -2.70 2.65 7.66
C THR A 36 -2.11 3.17 6.35
N VAL A 37 -1.49 2.27 5.60
CA VAL A 37 -0.88 2.64 4.32
C VAL A 37 -1.36 1.72 3.20
N LEU A 38 -1.90 2.31 2.14
CA LEU A 38 -2.39 1.54 1.00
C LEU A 38 -1.26 1.23 0.03
N LEU A 39 -0.97 -0.05 -0.13
CA LEU A 39 0.09 -0.48 -1.04
C LEU A 39 -0.49 -1.14 -2.28
N GLU A 40 -0.01 -0.74 -3.45
CA GLU A 40 -0.48 -1.30 -4.71
C GLU A 40 0.68 -1.77 -5.57
N PHE A 41 0.73 -3.07 -5.83
CA PHE A 41 1.79 -3.65 -6.64
C PHE A 41 1.45 -3.59 -8.13
N TYR A 42 2.46 -3.42 -8.96
CA TYR A 42 2.27 -3.34 -10.40
C TYR A 42 3.41 -4.01 -11.15
N ALA A 43 3.30 -4.08 -12.46
CA ALA A 43 4.33 -4.69 -13.29
C ALA A 43 4.62 -3.84 -14.53
N PRO A 44 5.91 -3.70 -14.87
CA PRO A 44 6.35 -2.91 -16.02
C PRO A 44 5.98 -3.57 -17.35
N TRP A 45 5.89 -4.90 -17.33
CA TRP A 45 5.56 -5.66 -18.53
C TRP A 45 4.04 -5.86 -18.64
N CYS A 46 3.29 -5.12 -17.82
CA CYS A 46 1.84 -5.22 -17.83
C CYS A 46 1.21 -3.93 -18.34
N GLY A 47 0.19 -4.07 -19.18
CA GLY A 47 -0.48 -2.90 -19.73
C GLY A 47 -1.55 -2.36 -18.80
N HIS A 48 -2.14 -3.25 -17.99
CA HIS A 48 -3.19 -2.85 -17.05
C HIS A 48 -2.74 -1.66 -16.22
N CYS A 49 -1.45 -1.61 -15.91
CA CYS A 49 -0.89 -0.52 -15.12
C CYS A 49 -1.08 0.82 -15.81
N LYS A 50 -1.01 0.81 -17.13
CA LYS A 50 -1.17 2.03 -17.92
C LYS A 50 -2.62 2.52 -17.85
N GLN A 51 -3.53 1.73 -18.40
CA GLN A 51 -4.94 2.08 -18.40
C GLN A 51 -5.44 2.39 -16.99
N PHE A 52 -4.76 1.82 -16.00
CA PHE A 52 -5.13 2.03 -14.61
C PHE A 52 -4.32 3.18 -14.00
N ALA A 53 -3.12 3.39 -14.52
CA ALA A 53 -2.25 4.45 -14.03
C ALA A 53 -3.07 5.66 -13.59
N PRO A 54 -3.87 6.21 -14.53
CA PRO A 54 -4.71 7.38 -14.26
C PRO A 54 -5.86 7.06 -13.32
N GLU A 55 -6.36 5.82 -13.39
CA GLU A 55 -7.46 5.39 -12.54
C GLU A 55 -7.06 5.42 -11.06
N TYR A 56 -5.89 4.84 -10.77
CA TYR A 56 -5.39 4.79 -9.40
C TYR A 56 -5.21 6.20 -8.84
N GLU A 57 -4.42 7.01 -9.54
CA GLU A 57 -4.16 8.37 -9.12
C GLU A 57 -5.42 9.04 -8.58
N LYS A 58 -6.50 8.94 -9.35
CA LYS A 58 -7.77 9.53 -8.97
C LYS A 58 -8.09 9.20 -7.51
N ILE A 59 -7.91 7.95 -7.13
CA ILE A 59 -8.17 7.50 -5.77
C ILE A 59 -7.24 8.19 -4.78
N ALA A 60 -5.99 8.35 -5.17
CA ALA A 60 -4.99 9.00 -4.31
C ALA A 60 -5.57 10.26 -3.66
N SER A 61 -5.94 11.23 -4.48
CA SER A 61 -6.50 12.48 -3.99
C SER A 61 -7.67 12.22 -3.06
N THR A 62 -8.65 11.45 -3.55
CA THR A 62 -9.83 11.12 -2.77
C THR A 62 -9.46 10.77 -1.33
N LEU A 63 -8.76 9.66 -1.16
CA LEU A 63 -8.34 9.21 0.17
C LEU A 63 -7.44 10.26 0.83
N LYS A 64 -6.67 10.97 0.02
CA LYS A 64 -5.76 11.99 0.52
C LYS A 64 -6.45 12.86 1.58
N ASP A 65 -7.59 13.41 1.21
CA ASP A 65 -8.35 14.25 2.12
C ASP A 65 -9.19 13.41 3.09
N ASN A 66 -9.62 12.25 2.61
CA ASN A 66 -10.42 11.34 3.43
C ASN A 66 -9.93 11.34 4.88
N ASP A 67 -10.87 11.10 5.81
CA ASP A 67 -10.53 11.06 7.22
C ASP A 67 -10.80 9.68 7.82
N PRO A 68 -9.77 9.08 8.43
CA PRO A 68 -8.45 9.72 8.54
C PRO A 68 -7.73 9.79 7.19
N PRO A 69 -6.71 10.67 7.12
CA PRO A 69 -5.93 10.87 5.90
C PRO A 69 -5.04 9.67 5.58
N ILE A 70 -5.38 8.96 4.51
CA ILE A 70 -4.61 7.79 4.11
C ILE A 70 -3.49 8.17 3.14
N ALA A 71 -2.52 7.28 2.98
CA ALA A 71 -1.40 7.52 2.08
C ALA A 71 -1.31 6.44 1.00
N VAL A 72 -1.71 6.80 -0.22
CA VAL A 72 -1.67 5.86 -1.32
C VAL A 72 -0.28 5.79 -1.95
N ALA A 73 0.24 4.58 -2.06
CA ALA A 73 1.57 4.38 -2.64
C ALA A 73 1.57 3.19 -3.59
N LYS A 74 2.67 3.03 -4.34
CA LYS A 74 2.81 1.94 -5.29
C LYS A 74 4.19 1.33 -5.22
N ILE A 75 4.28 0.03 -5.52
CA ILE A 75 5.55 -0.67 -5.49
C ILE A 75 5.66 -1.66 -6.65
N ASP A 76 6.86 -1.75 -7.23
CA ASP A 76 7.10 -2.65 -8.35
C ASP A 76 7.58 -4.01 -7.85
N ALA A 77 6.64 -4.87 -7.47
CA ALA A 77 6.97 -6.20 -6.99
C ALA A 77 8.17 -6.78 -7.74
N THR A 78 8.06 -6.80 -9.07
CA THR A 78 9.13 -7.34 -9.91
C THR A 78 10.49 -6.92 -9.39
N SER A 79 10.62 -5.67 -8.99
CA SER A 79 11.88 -5.14 -8.47
C SER A 79 12.06 -5.51 -7.00
N ALA A 80 10.97 -5.42 -6.25
CA ALA A 80 11.00 -5.75 -4.82
C ALA A 80 10.59 -7.20 -4.58
N SER A 81 11.58 -8.08 -4.49
CA SER A 81 11.33 -9.50 -4.26
C SER A 81 10.80 -9.73 -2.85
N MET A 82 11.58 -9.36 -1.86
CA MET A 82 11.18 -9.53 -0.46
C MET A 82 9.73 -9.11 -0.26
N LEU A 83 9.45 -7.83 -0.48
CA LEU A 83 8.10 -7.29 -0.33
C LEU A 83 7.10 -8.12 -1.13
N ALA A 84 7.45 -8.44 -2.37
CA ALA A 84 6.58 -9.23 -3.23
C ALA A 84 6.14 -10.52 -2.53
N SER A 85 7.10 -11.28 -2.04
CA SER A 85 6.81 -12.54 -1.36
C SER A 85 6.04 -12.29 -0.07
N LYS A 86 6.42 -11.24 0.65
CA LYS A 86 5.77 -10.89 1.91
C LYS A 86 4.25 -10.93 1.76
N PHE A 87 3.74 -10.16 0.81
CA PHE A 87 2.30 -10.11 0.56
C PHE A 87 1.89 -11.11 -0.52
N ASP A 88 2.65 -12.19 -0.63
CA ASP A 88 2.38 -13.23 -1.62
C ASP A 88 1.82 -12.60 -2.90
N VAL A 89 2.45 -11.51 -3.35
CA VAL A 89 2.01 -10.83 -4.56
C VAL A 89 2.14 -11.74 -5.78
N SER A 90 1.03 -12.39 -6.14
CA SER A 90 1.03 -13.29 -7.28
C SER A 90 0.13 -12.75 -8.40
N GLY A 91 0.17 -11.43 -8.60
CA GLY A 91 -0.64 -10.81 -9.62
C GLY A 91 -0.42 -9.31 -9.70
N TYR A 92 -0.89 -8.70 -10.79
CA TYR A 92 -0.74 -7.27 -10.98
C TYR A 92 -1.71 -6.76 -12.05
N PRO A 93 -2.33 -5.59 -11.78
CA PRO A 93 -2.10 -4.84 -10.55
C PRO A 93 -2.68 -5.54 -9.33
N THR A 94 -2.21 -5.15 -8.14
CA THR A 94 -2.69 -5.73 -6.90
C THR A 94 -2.74 -4.69 -5.79
N ILE A 95 -3.96 -4.37 -5.33
CA ILE A 95 -4.14 -3.40 -4.27
C ILE A 95 -4.28 -4.08 -2.92
N LYS A 96 -3.55 -3.56 -1.92
CA LYS A 96 -3.59 -4.12 -0.58
C LYS A 96 -3.70 -3.01 0.47
N ILE A 97 -3.75 -3.40 1.74
CA ILE A 97 -3.85 -2.45 2.82
C ILE A 97 -2.98 -2.86 4.00
N LEU A 98 -2.14 -1.93 4.46
CA LEU A 98 -1.25 -2.20 5.59
C LEU A 98 -1.77 -1.54 6.87
N LYS A 99 -2.30 -2.34 7.76
CA LYS A 99 -2.83 -1.84 9.03
C LYS A 99 -1.84 -2.07 10.17
N LYS A 100 -1.22 -1.00 10.63
CA LYS A 100 -0.25 -1.09 11.72
C LYS A 100 0.71 -2.26 11.50
N GLY A 101 0.89 -2.64 10.24
CA GLY A 101 1.78 -3.73 9.92
C GLY A 101 1.04 -5.01 9.58
N GLN A 102 -0.25 -4.89 9.31
CA GLN A 102 -1.07 -6.04 8.98
C GLN A 102 -1.36 -6.07 7.48
N ALA A 103 -1.25 -7.26 6.89
CA ALA A 103 -1.49 -7.44 5.46
C ALA A 103 -2.94 -7.85 5.21
N VAL A 104 -3.70 -6.96 4.59
CA VAL A 104 -5.10 -7.22 4.28
C VAL A 104 -5.31 -7.41 2.78
N ASP A 105 -5.61 -8.64 2.38
CA ASP A 105 -5.83 -8.96 0.98
C ASP A 105 -7.17 -8.39 0.50
N TYR A 106 -7.11 -7.38 -0.35
CA TYR A 106 -8.31 -6.75 -0.88
C TYR A 106 -9.13 -7.74 -1.71
N ASP A 107 -10.44 -7.73 -1.51
CA ASP A 107 -11.33 -8.62 -2.24
C ASP A 107 -12.58 -7.88 -2.71
N GLY A 108 -12.62 -7.59 -4.01
CA GLY A 108 -13.76 -6.89 -4.57
C GLY A 108 -13.48 -6.33 -5.95
N SER A 109 -14.43 -5.58 -6.49
CA SER A 109 -14.28 -4.99 -7.81
C SER A 109 -13.31 -3.81 -7.77
N ARG A 110 -12.47 -3.73 -8.79
CA ARG A 110 -11.48 -2.65 -8.88
C ARG A 110 -12.15 -1.35 -9.32
N THR A 111 -12.46 -0.49 -8.35
CA THR A 111 -13.09 0.79 -8.63
C THR A 111 -12.91 1.76 -7.48
N GLN A 112 -12.80 3.05 -7.81
CA GLN A 112 -12.63 4.08 -6.79
C GLN A 112 -13.59 3.87 -5.63
N GLU A 113 -14.83 3.56 -5.95
CA GLU A 113 -15.85 3.34 -4.92
C GLU A 113 -15.46 2.18 -4.02
N GLU A 114 -15.19 1.02 -4.62
CA GLU A 114 -14.81 -0.16 -3.87
C GLU A 114 -13.50 0.07 -3.11
N ILE A 115 -12.42 0.25 -3.85
CA ILE A 115 -11.11 0.48 -3.25
C ILE A 115 -11.21 1.44 -2.06
N VAL A 116 -11.80 2.60 -2.30
CA VAL A 116 -11.97 3.59 -1.24
C VAL A 116 -12.89 3.08 -0.14
N ALA A 117 -13.93 2.36 -0.54
CA ALA A 117 -14.90 1.82 0.41
C ALA A 117 -14.20 0.91 1.42
N LYS A 118 -13.33 0.04 0.93
CA LYS A 118 -12.60 -0.88 1.79
C LYS A 118 -11.50 -0.16 2.56
N VAL A 119 -10.54 0.39 1.83
CA VAL A 119 -9.43 1.12 2.44
C VAL A 119 -9.93 2.12 3.47
N ARG A 120 -11.11 2.68 3.21
CA ARG A 120 -11.70 3.67 4.11
C ARG A 120 -12.26 2.99 5.37
N GLU A 121 -13.02 1.92 5.16
CA GLU A 121 -13.62 1.19 6.27
C GLU A 121 -12.54 0.53 7.13
N VAL A 122 -11.43 0.16 6.49
CA VAL A 122 -10.33 -0.48 7.20
C VAL A 122 -9.61 0.52 8.10
N SER A 123 -9.32 1.70 7.56
CA SER A 123 -8.63 2.74 8.31
C SER A 123 -9.21 2.87 9.71
N GLN A 124 -10.53 2.79 9.81
CA GLN A 124 -11.21 2.91 11.09
C GLN A 124 -10.57 2.00 12.13
N PRO A 125 -10.48 2.48 13.38
CA PRO A 125 -9.89 1.73 14.49
C PRO A 125 -10.75 0.54 14.91
N ASP A 126 -12.05 0.63 14.61
CA ASP A 126 -12.98 -0.45 14.95
C ASP A 126 -12.80 -1.64 14.02
N TRP A 127 -12.59 -1.36 12.74
CA TRP A 127 -12.41 -2.42 11.75
C TRP A 127 -11.39 -3.44 12.23
N THR A 128 -11.54 -4.68 11.78
CA THR A 128 -10.63 -5.75 12.16
C THR A 128 -10.46 -6.75 11.03
N PRO A 129 -9.27 -7.39 10.99
CA PRO A 129 -8.95 -8.38 9.96
C PRO A 129 -9.75 -9.66 10.11
N PRO A 130 -10.07 -10.30 8.97
CA PRO A 130 -10.85 -11.55 8.95
C PRO A 130 -10.05 -12.73 9.51
N PRO A 131 -10.77 -13.67 10.14
CA PRO A 131 -10.14 -14.86 10.73
C PRO A 131 -9.63 -15.83 9.67
N GLU A 132 -9.55 -15.35 8.43
CA GLU A 132 -9.06 -16.17 7.33
C GLU A 132 -7.57 -16.45 7.46
N VAL A 133 -7.21 -17.24 8.47
CA VAL A 133 -5.81 -17.58 8.72
C VAL A 133 -4.88 -16.46 8.27
N THR A 134 -5.13 -15.25 8.79
CA THR A 134 -4.32 -14.09 8.45
C THR A 134 -2.84 -14.36 8.73
N SER A 135 -1.98 -13.74 7.92
CA SER A 135 -0.54 -13.91 8.08
C SER A 135 0.22 -12.93 7.19
N GLY A 136 1.32 -12.39 7.72
CA GLY A 136 2.11 -11.44 6.96
C GLY A 136 3.60 -11.65 7.16
N PRO A 137 4.20 -10.88 8.08
CA PRO A 137 5.63 -10.96 8.38
C PRO A 137 5.99 -12.25 9.09
N SER A 138 7.18 -12.78 8.80
CA SER A 138 7.64 -14.01 9.42
C SER A 138 7.36 -14.02 10.92
N SER A 139 7.23 -15.21 11.48
CA SER A 139 6.95 -15.35 12.91
C SER A 139 8.24 -15.24 13.72
N GLY A 140 9.04 -14.22 13.43
CA GLY A 140 10.28 -14.03 14.13
C GLY A 140 11.41 -14.89 13.59
N GLY A 1 6.03 21.80 29.32
CA GLY A 1 5.90 20.63 28.47
C GLY A 1 7.11 20.42 27.60
N SER A 2 7.93 19.43 27.94
CA SER A 2 9.14 19.12 27.18
C SER A 2 8.82 18.22 25.99
N SER A 3 9.61 18.34 24.93
CA SER A 3 9.40 17.54 23.73
C SER A 3 10.62 17.62 22.81
N GLY A 4 10.64 16.77 21.79
CA GLY A 4 11.75 16.76 20.85
C GLY A 4 11.50 17.66 19.66
N SER A 5 12.58 18.20 19.09
CA SER A 5 12.47 19.08 17.93
C SER A 5 12.57 18.28 16.63
N SER A 6 13.68 17.57 16.46
CA SER A 6 13.90 16.78 15.27
C SER A 6 15.19 15.95 15.39
N GLY A 7 15.47 15.15 14.37
CA GLY A 7 16.66 14.33 14.38
C GLY A 7 17.30 14.20 13.02
N ASP A 8 18.31 13.35 12.91
CA ASP A 8 19.02 13.15 11.65
C ASP A 8 18.50 11.90 10.93
N ASP A 9 17.83 12.10 9.80
CA ASP A 9 17.28 11.01 9.03
C ASP A 9 17.01 11.42 7.59
N ASP A 10 16.93 10.46 6.69
CA ASP A 10 16.67 10.73 5.29
C ASP A 10 15.45 9.96 4.79
N LEU A 11 15.62 8.66 4.58
CA LEU A 11 14.53 7.82 4.12
C LEU A 11 13.52 8.63 3.33
N GLU A 12 13.99 9.33 2.30
CA GLU A 12 13.11 10.14 1.46
C GLU A 12 12.25 9.27 0.57
N VAL A 13 11.16 9.84 0.06
CA VAL A 13 10.24 9.12 -0.82
C VAL A 13 9.69 10.03 -1.91
N LYS A 14 9.45 9.45 -3.08
CA LYS A 14 8.92 10.20 -4.21
C LYS A 14 7.40 10.07 -4.30
N GLU A 15 6.80 10.82 -5.21
CA GLU A 15 5.35 10.78 -5.39
C GLU A 15 4.98 11.06 -6.84
N GLU A 16 3.95 10.36 -7.32
CA GLU A 16 3.50 10.53 -8.70
C GLU A 16 2.00 10.85 -8.73
N ASN A 17 1.68 12.13 -8.82
CA ASN A 17 0.29 12.57 -8.86
C ASN A 17 -0.45 12.18 -7.58
N GLY A 18 0.28 12.15 -6.47
CA GLY A 18 -0.31 11.78 -5.20
C GLY A 18 0.05 10.38 -4.76
N VAL A 19 0.47 9.55 -5.73
CA VAL A 19 0.85 8.18 -5.43
C VAL A 19 2.30 8.09 -4.99
N TRP A 20 2.50 7.90 -3.69
CA TRP A 20 3.85 7.80 -3.13
C TRP A 20 4.57 6.56 -3.67
N VAL A 21 5.90 6.63 -3.73
CA VAL A 21 6.70 5.52 -4.21
C VAL A 21 7.48 4.86 -3.08
N LEU A 22 6.94 3.77 -2.56
CA LEU A 22 7.59 3.04 -1.46
C LEU A 22 8.49 1.93 -2.00
N ASN A 23 9.35 1.40 -1.14
CA ASN A 23 10.26 0.34 -1.53
C ASN A 23 10.87 -0.33 -0.29
N ASP A 24 11.37 -1.55 -0.48
CA ASP A 24 11.98 -2.29 0.62
C ASP A 24 12.89 -1.39 1.44
N GLY A 25 13.36 -0.30 0.83
CA GLY A 25 14.24 0.62 1.52
C GLY A 25 13.49 1.55 2.44
N ASN A 26 12.36 2.08 1.96
CA ASN A 26 11.55 3.00 2.75
C ASN A 26 10.16 2.40 3.02
N PHE A 27 10.07 1.08 2.93
CA PHE A 27 8.81 0.40 3.17
C PHE A 27 8.46 0.40 4.66
N ASP A 28 9.38 -0.11 5.47
CA ASP A 28 9.17 -0.16 6.92
C ASP A 28 9.27 1.23 7.53
N ASN A 29 10.30 1.97 7.12
CA ASN A 29 10.51 3.32 7.63
C ASN A 29 9.29 4.20 7.39
N PHE A 30 8.77 4.16 6.17
CA PHE A 30 7.60 4.96 5.82
C PHE A 30 6.39 4.57 6.67
N VAL A 31 5.98 3.31 6.56
CA VAL A 31 4.85 2.81 7.33
C VAL A 31 5.10 2.94 8.83
N ALA A 32 6.36 3.05 9.20
CA ALA A 32 6.74 3.18 10.60
C ALA A 32 5.85 4.19 11.32
N ASP A 33 5.68 5.36 10.73
CA ASP A 33 4.86 6.41 11.30
C ASP A 33 3.53 6.53 10.56
N LYS A 34 2.90 5.40 10.28
CA LYS A 34 1.63 5.38 9.58
C LYS A 34 0.73 4.28 10.11
N ASP A 35 -0.51 4.64 10.44
CA ASP A 35 -1.48 3.68 10.96
C ASP A 35 -2.03 2.80 9.85
N THR A 36 -2.32 3.42 8.70
CA THR A 36 -2.86 2.69 7.56
C THR A 36 -2.29 3.24 6.25
N VAL A 37 -1.53 2.40 5.55
CA VAL A 37 -0.93 2.79 4.28
C VAL A 37 -1.36 1.85 3.16
N LEU A 38 -1.91 2.42 2.09
CA LEU A 38 -2.36 1.64 0.94
C LEU A 38 -1.21 1.35 -0.01
N LEU A 39 -1.09 0.10 -0.45
CA LEU A 39 -0.03 -0.30 -1.37
C LEU A 39 -0.61 -0.94 -2.62
N GLU A 40 0.02 -0.68 -3.76
CA GLU A 40 -0.43 -1.23 -5.03
C GLU A 40 0.75 -1.68 -5.88
N PHE A 41 0.80 -2.97 -6.17
CA PHE A 41 1.88 -3.53 -6.98
C PHE A 41 1.53 -3.49 -8.46
N TYR A 42 2.53 -3.26 -9.30
CA TYR A 42 2.33 -3.20 -10.74
C TYR A 42 3.55 -3.74 -11.49
N ALA A 43 3.42 -3.89 -12.80
CA ALA A 43 4.50 -4.39 -13.63
C ALA A 43 4.75 -3.47 -14.82
N PRO A 44 6.04 -3.17 -15.08
CA PRO A 44 6.44 -2.30 -16.19
C PRO A 44 6.21 -2.95 -17.55
N TRP A 45 6.27 -4.28 -17.58
CA TRP A 45 6.07 -5.02 -18.82
C TRP A 45 4.59 -5.36 -19.02
N CYS A 46 3.74 -4.82 -18.15
CA CYS A 46 2.32 -5.07 -18.23
C CYS A 46 1.58 -3.85 -18.78
N GLY A 47 0.63 -4.09 -19.68
CA GLY A 47 -0.12 -3.00 -20.27
C GLY A 47 -1.39 -2.69 -19.50
N HIS A 48 -1.90 -3.69 -18.78
CA HIS A 48 -3.12 -3.52 -18.00
C HIS A 48 -2.97 -2.38 -17.00
N CYS A 49 -1.76 -2.21 -16.47
CA CYS A 49 -1.49 -1.15 -15.50
C CYS A 49 -1.66 0.21 -16.14
N LYS A 50 -1.39 0.30 -17.44
CA LYS A 50 -1.52 1.55 -18.17
C LYS A 50 -2.92 2.14 -18.02
N GLN A 51 -3.92 1.28 -17.99
CA GLN A 51 -5.30 1.70 -17.85
C GLN A 51 -5.60 2.11 -16.40
N PHE A 52 -5.00 1.40 -15.46
CA PHE A 52 -5.20 1.67 -14.05
C PHE A 52 -4.31 2.83 -13.59
N ALA A 53 -3.30 3.14 -14.40
CA ALA A 53 -2.37 4.22 -14.07
C ALA A 53 -3.13 5.48 -13.65
N PRO A 54 -3.95 6.00 -14.56
CA PRO A 54 -4.75 7.21 -14.31
C PRO A 54 -5.86 6.97 -13.29
N GLU A 55 -6.49 5.81 -13.38
CA GLU A 55 -7.57 5.47 -12.46
C GLU A 55 -7.10 5.52 -11.01
N TYR A 56 -5.90 5.00 -10.78
CA TYR A 56 -5.33 5.00 -9.43
C TYR A 56 -5.14 6.42 -8.91
N GLU A 57 -4.37 7.21 -9.64
CA GLU A 57 -4.11 8.59 -9.25
C GLU A 57 -5.35 9.22 -8.62
N LYS A 58 -6.48 9.05 -9.28
CA LYS A 58 -7.74 9.60 -8.81
C LYS A 58 -7.99 9.20 -7.36
N ILE A 59 -7.82 7.91 -7.07
CA ILE A 59 -8.03 7.40 -5.72
C ILE A 59 -7.08 8.06 -4.72
N ALA A 60 -5.82 8.17 -5.09
CA ALA A 60 -4.81 8.79 -4.24
C ALA A 60 -5.37 10.05 -3.58
N SER A 61 -5.70 11.04 -4.39
CA SER A 61 -6.24 12.30 -3.88
C SER A 61 -7.40 12.04 -2.93
N THR A 62 -8.41 11.32 -3.41
CA THR A 62 -9.58 11.01 -2.61
C THR A 62 -9.19 10.55 -1.21
N LEU A 63 -8.48 9.42 -1.15
CA LEU A 63 -8.03 8.87 0.13
C LEU A 63 -7.09 9.85 0.85
N LYS A 64 -6.42 10.70 0.07
CA LYS A 64 -5.50 11.68 0.63
C LYS A 64 -6.19 12.52 1.69
N ASP A 65 -7.18 13.30 1.28
CA ASP A 65 -7.91 14.16 2.20
C ASP A 65 -9.08 13.40 2.82
N ASN A 66 -8.91 12.10 3.02
CA ASN A 66 -9.96 11.27 3.61
C ASN A 66 -9.82 11.22 5.13
N ASP A 67 -10.85 10.69 5.79
CA ASP A 67 -10.84 10.58 7.24
C ASP A 67 -11.05 9.13 7.68
N PRO A 68 -10.01 8.54 8.29
CA PRO A 68 -8.74 9.23 8.55
C PRO A 68 -7.96 9.49 7.26
N PRO A 69 -6.94 10.34 7.36
CA PRO A 69 -6.09 10.70 6.22
C PRO A 69 -5.20 9.54 5.78
N ILE A 70 -5.65 8.81 4.75
CA ILE A 70 -4.90 7.68 4.24
C ILE A 70 -3.87 8.12 3.20
N ALA A 71 -2.81 7.33 3.05
CA ALA A 71 -1.76 7.65 2.09
C ALA A 71 -1.59 6.52 1.07
N VAL A 72 -1.87 6.81 -0.19
CA VAL A 72 -1.75 5.82 -1.25
C VAL A 72 -0.33 5.80 -1.83
N ALA A 73 0.14 4.61 -2.17
CA ALA A 73 1.48 4.46 -2.73
C ALA A 73 1.57 3.22 -3.61
N LYS A 74 2.49 3.24 -4.57
CA LYS A 74 2.67 2.11 -5.47
C LYS A 74 4.05 1.50 -5.30
N ILE A 75 4.16 0.21 -5.61
CA ILE A 75 5.44 -0.49 -5.48
C ILE A 75 5.68 -1.40 -6.69
N ASP A 76 6.90 -1.37 -7.21
CA ASP A 76 7.26 -2.18 -8.37
C ASP A 76 7.77 -3.55 -7.92
N ALA A 77 6.84 -4.47 -7.70
CA ALA A 77 7.20 -5.83 -7.28
C ALA A 77 8.46 -6.31 -7.98
N THR A 78 8.50 -6.15 -9.30
CA THR A 78 9.65 -6.57 -10.09
C THR A 78 10.95 -6.13 -9.43
N SER A 79 10.98 -4.91 -8.91
CA SER A 79 12.18 -4.38 -8.25
C SER A 79 12.25 -4.88 -6.81
N ALA A 80 11.12 -4.91 -6.13
CA ALA A 80 11.06 -5.35 -4.75
C ALA A 80 10.69 -6.83 -4.66
N SER A 81 11.68 -7.68 -4.42
CA SER A 81 11.46 -9.11 -4.32
C SER A 81 10.94 -9.49 -2.93
N MET A 82 11.71 -9.15 -1.91
CA MET A 82 11.31 -9.45 -0.54
C MET A 82 9.87 -9.03 -0.28
N LEU A 83 9.58 -7.75 -0.52
CA LEU A 83 8.24 -7.22 -0.31
C LEU A 83 7.20 -8.02 -1.11
N ALA A 84 7.48 -8.19 -2.40
CA ALA A 84 6.58 -8.93 -3.28
C ALA A 84 6.15 -10.25 -2.63
N SER A 85 7.12 -11.00 -2.11
CA SER A 85 6.84 -12.28 -1.47
C SER A 85 5.99 -12.08 -0.22
N LYS A 86 6.26 -11.00 0.51
CA LYS A 86 5.51 -10.70 1.73
C LYS A 86 4.02 -10.85 1.51
N PHE A 87 3.50 -10.12 0.53
CA PHE A 87 2.07 -10.17 0.22
C PHE A 87 1.79 -11.17 -0.90
N ASP A 88 2.61 -12.22 -0.96
CA ASP A 88 2.46 -13.25 -1.98
C ASP A 88 1.99 -12.64 -3.30
N VAL A 89 2.56 -11.49 -3.66
CA VAL A 89 2.20 -10.82 -4.90
C VAL A 89 2.55 -11.66 -6.11
N SER A 90 1.58 -12.41 -6.61
CA SER A 90 1.79 -13.26 -7.78
C SER A 90 0.88 -12.85 -8.92
N GLY A 91 0.77 -11.54 -9.15
CA GLY A 91 -0.07 -11.03 -10.21
C GLY A 91 -0.16 -9.52 -10.22
N TYR A 92 -0.72 -8.97 -11.29
CA TYR A 92 -0.86 -7.52 -11.41
C TYR A 92 -1.94 -7.16 -12.43
N PRO A 93 -2.65 -6.06 -12.18
CA PRO A 93 -2.42 -5.21 -11.00
C PRO A 93 -2.85 -5.90 -9.71
N THR A 94 -2.30 -5.46 -8.59
CA THR A 94 -2.62 -6.03 -7.29
C THR A 94 -2.63 -4.96 -6.21
N ILE A 95 -3.81 -4.74 -5.61
CA ILE A 95 -3.96 -3.74 -4.56
C ILE A 95 -4.03 -4.39 -3.19
N LYS A 96 -3.30 -3.82 -2.23
CA LYS A 96 -3.28 -4.36 -0.88
C LYS A 96 -3.33 -3.22 0.15
N ILE A 97 -3.64 -3.57 1.40
CA ILE A 97 -3.72 -2.58 2.46
C ILE A 97 -2.87 -2.99 3.66
N LEU A 98 -2.18 -2.03 4.25
CA LEU A 98 -1.32 -2.29 5.40
C LEU A 98 -1.89 -1.64 6.66
N LYS A 99 -2.33 -2.48 7.60
CA LYS A 99 -2.89 -1.98 8.85
C LYS A 99 -1.94 -2.26 10.02
N LYS A 100 -1.26 -1.23 10.48
CA LYS A 100 -0.32 -1.36 11.60
C LYS A 100 0.60 -2.57 11.39
N GLY A 101 0.83 -2.93 10.14
CA GLY A 101 1.69 -4.06 9.84
C GLY A 101 0.91 -5.32 9.55
N GLN A 102 -0.39 -5.16 9.26
CA GLN A 102 -1.25 -6.30 8.97
C GLN A 102 -1.68 -6.30 7.51
N ALA A 103 -1.18 -7.26 6.75
CA ALA A 103 -1.53 -7.37 5.34
C ALA A 103 -2.99 -7.76 5.16
N VAL A 104 -3.77 -6.87 4.57
CA VAL A 104 -5.19 -7.13 4.34
C VAL A 104 -5.48 -7.33 2.86
N ASP A 105 -5.50 -8.59 2.43
CA ASP A 105 -5.76 -8.91 1.03
C ASP A 105 -7.05 -8.25 0.55
N TYR A 106 -6.92 -7.37 -0.44
CA TYR A 106 -8.08 -6.66 -0.98
C TYR A 106 -8.84 -7.54 -1.96
N ASP A 107 -9.98 -8.05 -1.52
CA ASP A 107 -10.81 -8.91 -2.36
C ASP A 107 -12.04 -8.15 -2.86
N GLY A 108 -11.92 -7.54 -4.03
CA GLY A 108 -13.03 -6.79 -4.59
C GLY A 108 -12.73 -6.28 -6.00
N SER A 109 -13.69 -5.57 -6.57
CA SER A 109 -13.52 -5.02 -7.92
C SER A 109 -12.61 -3.80 -7.90
N ARG A 110 -11.86 -3.61 -8.99
CA ARG A 110 -10.95 -2.49 -9.10
C ARG A 110 -11.70 -1.20 -9.44
N THR A 111 -12.27 -0.57 -8.43
CA THR A 111 -13.02 0.67 -8.64
C THR A 111 -12.72 1.68 -7.54
N GLN A 112 -12.92 2.96 -7.86
CA GLN A 112 -12.66 4.03 -6.89
C GLN A 112 -13.62 3.94 -5.72
N GLU A 113 -14.89 3.68 -6.02
CA GLU A 113 -15.91 3.57 -4.98
C GLU A 113 -15.60 2.43 -4.02
N GLU A 114 -15.14 1.30 -4.58
CA GLU A 114 -14.81 0.14 -3.77
C GLU A 114 -13.47 0.33 -3.06
N ILE A 115 -12.39 0.39 -3.83
CA ILE A 115 -11.05 0.57 -3.28
C ILE A 115 -11.06 1.59 -2.14
N VAL A 116 -11.73 2.72 -2.38
CA VAL A 116 -11.82 3.77 -1.37
C VAL A 116 -12.70 3.35 -0.20
N ALA A 117 -13.81 2.69 -0.51
CA ALA A 117 -14.73 2.23 0.52
C ALA A 117 -14.03 1.32 1.51
N LYS A 118 -13.28 0.34 0.99
CA LYS A 118 -12.56 -0.59 1.84
C LYS A 118 -11.45 0.11 2.60
N VAL A 119 -10.47 0.65 1.88
CA VAL A 119 -9.35 1.35 2.49
C VAL A 119 -9.83 2.33 3.55
N ARG A 120 -11.03 2.88 3.34
CA ARG A 120 -11.60 3.84 4.28
C ARG A 120 -12.12 3.13 5.53
N GLU A 121 -12.89 2.06 5.32
CA GLU A 121 -13.45 1.30 6.45
C GLU A 121 -12.34 0.65 7.26
N VAL A 122 -11.29 0.19 6.57
CA VAL A 122 -10.16 -0.45 7.24
C VAL A 122 -9.37 0.56 8.06
N SER A 123 -8.93 1.62 7.42
CA SER A 123 -8.15 2.65 8.09
C SER A 123 -8.70 2.93 9.49
N GLN A 124 -10.01 2.84 9.63
CA GLN A 124 -10.67 3.07 10.91
C GLN A 124 -10.04 2.20 12.00
N PRO A 125 -9.92 2.79 13.21
CA PRO A 125 -9.34 2.08 14.37
C PRO A 125 -10.24 0.97 14.88
N ASP A 126 -11.53 1.10 14.63
CA ASP A 126 -12.50 0.10 15.08
C ASP A 126 -12.46 -1.14 14.17
N TRP A 127 -12.32 -0.90 12.87
CA TRP A 127 -12.27 -2.00 11.91
C TRP A 127 -11.25 -3.04 12.34
N THR A 128 -11.57 -4.32 12.10
CA THR A 128 -10.68 -5.41 12.46
C THR A 128 -10.63 -6.46 11.36
N PRO A 129 -9.50 -7.20 11.29
CA PRO A 129 -9.30 -8.24 10.29
C PRO A 129 -10.20 -9.45 10.53
N PRO A 130 -10.67 -10.06 9.42
CA PRO A 130 -11.54 -11.24 9.49
C PRO A 130 -10.80 -12.48 9.98
N PRO A 131 -11.58 -13.49 10.44
CA PRO A 131 -11.01 -14.75 10.94
C PRO A 131 -10.39 -15.59 9.84
N GLU A 132 -10.43 -15.07 8.62
CA GLU A 132 -9.86 -15.78 7.47
C GLU A 132 -8.34 -15.62 7.43
N VAL A 133 -7.66 -16.48 8.18
CA VAL A 133 -6.19 -16.44 8.23
C VAL A 133 -5.59 -17.44 7.25
N THR A 134 -4.57 -17.00 6.52
CA THR A 134 -3.90 -17.85 5.54
C THR A 134 -3.56 -19.22 6.15
N SER A 135 -3.61 -20.25 5.32
CA SER A 135 -3.33 -21.60 5.77
C SER A 135 -1.90 -22.00 5.39
N GLY A 136 -1.54 -21.79 4.14
CA GLY A 136 -0.20 -22.13 3.68
C GLY A 136 0.88 -21.60 4.60
N PRO A 137 2.12 -22.09 4.40
CA PRO A 137 3.27 -21.69 5.21
C PRO A 137 3.69 -20.25 4.95
N SER A 138 4.59 -19.74 5.78
CA SER A 138 5.07 -18.36 5.64
C SER A 138 6.55 -18.34 5.27
N SER A 139 7.34 -19.15 5.97
CA SER A 139 8.77 -19.22 5.71
C SER A 139 9.06 -19.98 4.42
N GLY A 140 10.26 -19.78 3.88
CA GLY A 140 10.64 -20.46 2.65
C GLY A 140 10.80 -19.50 1.50
#